data_7Z9R
#
_entry.id   7Z9R
#
_cell.length_a   1.00
_cell.length_b   1.00
_cell.length_c   1.00
_cell.angle_alpha   90.00
_cell.angle_beta   90.00
_cell.angle_gamma   90.00
#
_symmetry.space_group_name_H-M   'P 1'
#
loop_
_entity.id
_entity.type
_entity.pdbx_description
1 polymer 'Spike glycoprotein,Fibritin'
2 polymer 'Nanobody H11-H4 Q98R H100E'
3 branched 2-acetamido-2-deoxy-beta-D-glucopyranose-(1-4)-2-acetamido-2-deoxy-beta-D-glucopyranose
4 non-polymer 2-acetamido-2-deoxy-beta-D-glucopyranose
#
loop_
_entity_poly.entity_id
_entity_poly.type
_entity_poly.pdbx_seq_one_letter_code
_entity_poly.pdbx_strand_id
1 'polypeptide(L)'
;MFVFLVLLPLVSSQCVNLTTRTQLPPAYTNSFTRGVYYPDKVFRSSVLHSTQDLFLPFFSNVTWFHAIHVSGTNGTKRFD
NPVLPFNDGVYFASTEKSNIIRGWIFGTTLDSKTQSLLIVNNATNVVIKVCEFQFCNDPFLGVYYHKNNKSWMESEFRVY
SSANNCTFEYVSQPFLMDLEGKQGNFKNLREFVFKNIDGYFKIYSKHTPINLVRDLPQGFSALEPLVDLPIGINITRFQT
LLALHRSYLTPGDSSSGWTAGAAAYYVGYLQPRTFLLKYNENGTITDAVDCALDPLSETKCTLKSFTVEKGIYQTSNFRV
QPTESIVRFPNITNLCPFGEVFNATRFASVYAWNRKRISNCVADYSVLYNSASFSTFKCYGVSPTKLNDLCFTNVYADSF
VIRGDEVRQIAPGQTGKIADYNYKLPDDFTGCVIAWNSNNLDSKVGGNYNYLYRLFRKSNLKPFERDISTEIYQAGSTPC
NGVEGFNCYFPLQSYGFQPTNGVGYQPYRVVVLSFELLHAPATVCGPKKSTNLVKNKCVNFNFNGLTGTGVLTESNKKFL
PFQQFGRDIADTTDAVRDPQTLEILDITPCSFGGVSVITPGTNTSNQVAVLYQDVNCTEVPVAIHADQLTPTWRVYSTGS
NVFQTRAGCLIGAEHVNNSYECDIPIGAGICASYQTQTNSPGSASSVASQSIIAYTMSLGAENSVAYSNNSIAIPTNFTI
SVTTEILPVSMTKTSVDCTMYICGDSTECSNLLLQYGSFCTQLNRALTGIAVEQDKNTQEVFAQVKQIYKTPPIKDFGGF
NFSQILPDPSKPSKRSFIEDLLFNKVTLADAGFIKQYGDCLGDIAARDLICAQKFNGLTVLPPLLTDEMIAQYTSALLAG
TITSGWTFGAGAALQIPFAMQMAYRFNGIGVTQNVLYENQKLIANQFNSAIGKIQDSLSSTASALGKLQDVVNQNAQALN
TLVKQLSSNFGAISSVLNDILSRLDPPEAEVQIDRLITGRLQSLQTYVTQQLIRAAEIRASANLAATKMSECVLGQSKRV
DFCGKGYHLMSFPQSAPHGVVFLHVTYVPAQEKNFTTAPAICHDGKAHFPREGVFVSNGTHWFVTQRNFYEPQIITTDNT
FVSGNCDVVIGIVNNTVYDPLQPELDSFKEELDKYFKNHTSPDVDLGDISGINASVVNIQKEIDRLNEVAKNLNESLIDL
QELGKYEQGSGYIPEAPRDGQAYVRKDGEWVLLSTFLSLLNDIFEAQKIEWHEKHHHHHH
;
A,B,C
2 'polypeptide(L)'
;QVQLVESGGGLMQAGGSLRLSCAVSGRTFSTAAMGWFRQAPGKEREFVAAIRWSGGSAYYADSVKGRFTISRDKAKNTVY
LQMNSLKYEDTAVYYCARTEYVSYLLSDYATWPYDYWGQGTQVTVSS
;
Y,X,Z
#
loop_
_chem_comp.id
_chem_comp.type
_chem_comp.name
_chem_comp.formula
NAG D-saccharide, beta linking 2-acetamido-2-deoxy-beta-D-glucopyranose 'C8 H15 N O6'
#
# COMPACT_ATOMS: atom_id res chain seq x y z
N PRO A 26 -42.09 14.42 -39.27
CA PRO A 26 -40.88 15.14 -38.84
C PRO A 26 -41.14 16.16 -37.72
N ALA A 27 -42.39 16.25 -37.28
CA ALA A 27 -42.84 17.21 -36.27
C ALA A 27 -42.13 16.98 -34.94
N TYR A 28 -41.90 18.07 -34.20
CA TYR A 28 -41.25 18.02 -32.90
C TYR A 28 -42.20 18.45 -31.79
N THR A 29 -42.40 17.56 -30.81
CA THR A 29 -42.97 17.88 -29.50
C THR A 29 -41.95 17.49 -28.42
N ASN A 30 -42.33 17.51 -27.14
CA ASN A 30 -41.38 17.50 -26.04
C ASN A 30 -41.41 16.22 -25.18
N SER A 31 -40.25 15.56 -24.98
CA SER A 31 -40.14 14.48 -24.00
C SER A 31 -39.78 15.06 -22.64
N PHE A 32 -40.78 15.62 -21.94
CA PHE A 32 -40.54 16.39 -20.73
C PHE A 32 -39.79 15.59 -19.67
N THR A 33 -40.35 14.43 -19.29
CA THR A 33 -39.78 13.54 -18.30
C THR A 33 -40.09 12.09 -18.64
N ARG A 34 -40.52 11.85 -19.88
CA ARG A 34 -40.91 10.53 -20.33
C ARG A 34 -39.68 9.69 -20.71
N GLY A 35 -39.86 8.37 -20.62
CA GLY A 35 -38.77 7.44 -20.94
C GLY A 35 -38.04 6.92 -19.70
N VAL A 36 -38.80 6.79 -18.61
CA VAL A 36 -38.28 6.29 -17.35
C VAL A 36 -38.87 4.90 -17.10
N TYR A 37 -37.99 3.93 -16.82
CA TYR A 37 -38.35 2.55 -16.57
C TYR A 37 -37.49 2.07 -15.41
N TYR A 38 -37.89 0.99 -14.73
CA TYR A 38 -37.10 0.39 -13.65
C TYR A 38 -35.90 -0.34 -14.24
N PRO A 39 -34.66 0.09 -13.94
CA PRO A 39 -33.47 -0.52 -14.52
C PRO A 39 -33.23 -2.02 -14.37
N ASP A 40 -33.52 -2.60 -13.19
CA ASP A 40 -33.31 -4.02 -12.94
C ASP A 40 -34.39 -4.59 -12.03
N LYS A 41 -34.18 -5.85 -11.61
CA LYS A 41 -35.16 -6.59 -10.83
C LYS A 41 -35.00 -6.32 -9.34
N VAL A 42 -34.09 -5.40 -8.93
CA VAL A 42 -33.87 -5.08 -7.53
C VAL A 42 -35.01 -4.23 -6.95
N PHE A 43 -35.42 -4.54 -5.72
CA PHE A 43 -36.42 -3.74 -5.00
C PHE A 43 -35.73 -2.76 -4.05
N ARG A 44 -36.01 -1.45 -4.23
CA ARG A 44 -35.41 -0.42 -3.40
C ARG A 44 -36.53 0.50 -2.88
N SER A 45 -36.47 0.83 -1.58
CA SER A 45 -37.53 1.59 -0.95
C SER A 45 -36.96 2.82 -0.25
N SER A 46 -37.62 3.98 -0.41
CA SER A 46 -37.18 5.24 0.18
C SER A 46 -35.67 5.50 0.07
N VAL A 47 -35.03 5.04 -1.01
CA VAL A 47 -33.62 5.29 -1.28
C VAL A 47 -33.48 5.87 -2.69
N LEU A 48 -32.55 6.80 -2.87
CA LEU A 48 -32.28 7.41 -4.15
C LEU A 48 -31.13 6.64 -4.79
N HIS A 49 -31.31 6.17 -6.02
CA HIS A 49 -30.33 5.28 -6.64
C HIS A 49 -29.85 5.89 -7.96
N SER A 50 -28.53 5.90 -8.17
CA SER A 50 -27.94 6.51 -9.36
C SER A 50 -27.55 5.40 -10.33
N THR A 51 -27.99 5.52 -11.60
CA THR A 51 -27.78 4.45 -12.58
C THR A 51 -27.28 4.98 -13.93
N GLN A 52 -26.26 4.31 -14.49
CA GLN A 52 -25.85 4.57 -15.86
C GLN A 52 -26.49 3.57 -16.82
N ASP A 53 -27.53 4.04 -17.54
CA ASP A 53 -28.23 3.19 -18.48
C ASP A 53 -28.75 4.00 -19.66
N LEU A 54 -29.41 3.31 -20.59
CA LEU A 54 -30.00 3.92 -21.76
C LEU A 54 -31.37 4.47 -21.40
N PHE A 55 -31.46 5.78 -21.24
CA PHE A 55 -32.71 6.44 -20.89
C PHE A 55 -32.92 7.52 -21.95
N LEU A 56 -34.17 7.79 -22.33
CA LEU A 56 -34.43 8.88 -23.26
C LEU A 56 -34.08 10.24 -22.63
N PRO A 57 -33.47 11.17 -23.38
CA PRO A 57 -33.15 12.50 -22.84
C PRO A 57 -34.41 13.19 -22.36
N PHE A 58 -34.39 13.76 -21.14
CA PHE A 58 -35.53 14.58 -20.71
C PHE A 58 -35.47 15.87 -21.51
N PHE A 59 -36.62 16.46 -21.82
CA PHE A 59 -36.70 17.74 -22.52
C PHE A 59 -35.99 17.80 -23.87
N SER A 60 -35.89 16.66 -24.58
CA SER A 60 -35.49 16.67 -25.98
C SER A 60 -36.74 16.55 -26.86
N ASN A 61 -36.55 16.18 -28.14
CA ASN A 61 -37.63 16.15 -29.11
C ASN A 61 -38.03 14.71 -29.40
N VAL A 62 -39.34 14.45 -29.54
CA VAL A 62 -39.82 13.17 -30.04
C VAL A 62 -40.47 13.44 -31.40
N THR A 63 -40.01 12.74 -32.45
CA THR A 63 -40.55 12.96 -33.78
C THR A 63 -41.98 12.43 -33.82
N TRP A 64 -42.90 13.18 -34.46
CA TRP A 64 -44.32 12.86 -34.39
C TRP A 64 -44.79 12.34 -35.75
N PHE A 65 -45.40 11.15 -35.75
CA PHE A 65 -45.91 10.57 -36.99
C PHE A 65 -47.35 10.13 -36.77
N HIS A 66 -48.18 10.31 -37.82
CA HIS A 66 -49.58 9.90 -37.86
C HIS A 66 -49.77 8.91 -39.00
N ASN A 81 -46.66 5.31 -42.75
CA ASN A 81 -45.78 4.50 -41.79
C ASN A 81 -44.21 4.39 -41.91
N PRO A 82 -43.33 5.41 -41.56
CA PRO A 82 -41.95 5.40 -42.04
C PRO A 82 -40.94 4.42 -41.44
N VAL A 83 -39.94 4.03 -42.25
CA VAL A 83 -38.85 3.20 -41.76
C VAL A 83 -37.89 4.01 -40.87
N LEU A 84 -37.65 3.51 -39.63
CA LEU A 84 -36.81 4.21 -38.68
C LEU A 84 -35.63 3.35 -38.24
N PRO A 85 -34.38 3.85 -38.36
CA PRO A 85 -33.22 3.08 -37.88
C PRO A 85 -33.23 2.93 -36.36
N PHE A 86 -32.96 1.72 -35.85
CA PHE A 86 -32.82 1.48 -34.42
C PHE A 86 -31.35 1.66 -34.08
N ASN A 87 -30.90 2.87 -33.72
CA ASN A 87 -29.47 3.05 -33.49
C ASN A 87 -29.14 2.59 -32.08
N ASP A 88 -29.92 3.07 -31.11
CA ASP A 88 -29.83 2.67 -29.71
C ASP A 88 -31.21 2.10 -29.39
N GLY A 89 -31.53 1.90 -28.10
CA GLY A 89 -32.90 1.58 -27.72
C GLY A 89 -33.86 2.62 -28.27
N VAL A 90 -35.12 2.23 -28.53
CA VAL A 90 -36.08 3.22 -29.02
C VAL A 90 -37.26 3.36 -28.07
N TYR A 91 -37.73 4.59 -27.88
CA TYR A 91 -38.93 4.88 -27.13
C TYR A 91 -40.14 5.04 -28.05
N PHE A 92 -41.18 4.22 -27.86
CA PHE A 92 -42.36 4.32 -28.70
C PHE A 92 -43.52 4.77 -27.81
N ALA A 93 -44.28 5.76 -28.28
CA ALA A 93 -45.40 6.27 -27.49
C ALA A 93 -46.63 6.43 -28.36
N SER A 94 -47.68 5.62 -28.11
CA SER A 94 -48.85 5.61 -28.96
C SER A 94 -50.06 6.24 -28.29
N THR A 95 -50.66 7.23 -28.97
CA THR A 95 -51.92 7.79 -28.50
C THR A 95 -53.05 7.12 -29.30
N GLU A 96 -53.90 6.36 -28.61
CA GLU A 96 -54.87 5.54 -29.32
C GLU A 96 -56.32 6.02 -29.17
N LYS A 97 -56.99 6.06 -30.34
CA LYS A 97 -58.45 6.23 -30.42
C LYS A 97 -59.23 4.90 -30.48
N SER A 98 -58.79 3.98 -31.36
CA SER A 98 -59.47 2.71 -31.62
C SER A 98 -58.50 1.52 -31.74
N ASN A 99 -57.33 1.62 -31.09
CA ASN A 99 -56.25 0.64 -31.14
C ASN A 99 -55.89 0.25 -32.58
N ILE A 100 -55.58 1.26 -33.41
CA ILE A 100 -55.22 1.01 -34.80
C ILE A 100 -53.90 0.24 -34.90
N ILE A 101 -52.82 0.88 -34.41
CA ILE A 101 -51.49 0.29 -34.44
C ILE A 101 -51.41 -0.75 -33.34
N ARG A 102 -50.85 -1.94 -33.66
CA ARG A 102 -50.67 -3.00 -32.68
C ARG A 102 -49.51 -3.93 -33.05
N GLY A 103 -48.54 -3.49 -33.86
CA GLY A 103 -47.46 -4.39 -34.22
C GLY A 103 -46.18 -3.65 -34.57
N TRP A 104 -45.06 -4.39 -34.58
CA TRP A 104 -43.74 -3.85 -34.87
C TRP A 104 -42.90 -4.91 -35.60
N ILE A 105 -42.05 -4.48 -36.54
CA ILE A 105 -41.03 -5.34 -37.13
C ILE A 105 -39.67 -4.75 -36.74
N PHE A 106 -38.75 -5.61 -36.31
CA PHE A 106 -37.44 -5.19 -35.84
C PHE A 106 -36.38 -6.07 -36.49
N GLY A 107 -35.77 -5.59 -37.58
CA GLY A 107 -34.70 -6.32 -38.24
C GLY A 107 -33.77 -5.39 -39.02
N THR A 108 -32.54 -5.81 -39.23
CA THR A 108 -31.53 -4.98 -39.88
C THR A 108 -31.98 -4.54 -41.27
N THR A 109 -32.51 -5.49 -42.04
CA THR A 109 -32.94 -5.29 -43.42
C THR A 109 -34.46 -5.42 -43.55
N LEU A 110 -35.15 -5.89 -42.50
CA LEU A 110 -36.59 -6.11 -42.51
C LEU A 110 -37.05 -6.94 -43.72
N ASP A 111 -36.21 -7.86 -44.22
CA ASP A 111 -36.52 -8.61 -45.43
C ASP A 111 -36.33 -10.12 -45.23
N SER A 112 -36.91 -10.92 -46.13
CA SER A 112 -36.87 -12.38 -46.07
C SER A 112 -35.46 -12.92 -45.77
N LYS A 113 -34.38 -12.33 -46.30
CA LYS A 113 -33.05 -12.95 -46.26
C LYS A 113 -32.46 -13.23 -44.86
N THR A 114 -32.72 -12.35 -43.88
CA THR A 114 -32.23 -12.53 -42.50
C THR A 114 -33.42 -12.66 -41.56
N GLN A 115 -33.28 -13.35 -40.41
CA GLN A 115 -34.46 -13.52 -39.58
C GLN A 115 -34.79 -12.22 -38.84
N SER A 116 -36.04 -11.73 -38.94
CA SER A 116 -36.42 -10.44 -38.39
C SER A 116 -37.52 -10.61 -37.35
N LEU A 117 -37.45 -9.86 -36.24
CA LEU A 117 -38.43 -9.97 -35.17
C LEU A 117 -39.78 -9.38 -35.60
N LEU A 118 -40.87 -10.10 -35.33
CA LEU A 118 -42.20 -9.67 -35.76
C LEU A 118 -43.16 -9.82 -34.59
N ILE A 119 -43.69 -8.69 -34.08
CA ILE A 119 -44.62 -8.70 -32.95
C ILE A 119 -45.98 -8.18 -33.43
N VAL A 120 -47.02 -8.99 -33.18
CA VAL A 120 -48.38 -8.62 -33.56
C VAL A 120 -49.37 -8.84 -32.42
N ASN A 121 -50.13 -7.81 -32.07
CA ASN A 121 -51.23 -7.90 -31.12
C ASN A 121 -52.53 -7.88 -31.93
N ASN A 122 -53.53 -8.68 -31.55
CA ASN A 122 -54.87 -8.60 -32.11
C ASN A 122 -55.91 -8.64 -31.00
N ALA A 123 -55.65 -7.89 -29.90
CA ALA A 123 -56.50 -7.73 -28.73
C ALA A 123 -56.58 -8.97 -27.81
N THR A 124 -55.94 -10.10 -28.17
CA THR A 124 -56.00 -11.33 -27.37
C THR A 124 -54.59 -11.88 -27.15
N ASN A 125 -53.83 -12.05 -28.24
CA ASN A 125 -52.53 -12.71 -28.20
C ASN A 125 -51.46 -11.83 -28.85
N VAL A 126 -50.28 -11.76 -28.21
CA VAL A 126 -49.14 -11.04 -28.75
C VAL A 126 -48.21 -12.05 -29.41
N VAL A 127 -48.43 -12.32 -30.72
CA VAL A 127 -47.65 -13.33 -31.43
C VAL A 127 -46.29 -12.74 -31.78
N ILE A 128 -45.25 -13.26 -31.12
CA ILE A 128 -43.90 -12.77 -31.37
C ILE A 128 -43.09 -13.88 -32.01
N LYS A 129 -42.53 -13.59 -33.20
CA LYS A 129 -41.83 -14.59 -34.01
C LYS A 129 -40.52 -13.98 -34.51
N VAL A 130 -39.50 -14.83 -34.72
CA VAL A 130 -38.16 -14.34 -35.05
C VAL A 130 -37.65 -14.91 -36.37
N CYS A 131 -38.56 -15.46 -37.20
CA CYS A 131 -38.15 -16.17 -38.41
C CYS A 131 -37.88 -15.20 -39.57
N GLU A 132 -37.25 -15.71 -40.63
CA GLU A 132 -37.01 -14.96 -41.86
C GLU A 132 -38.31 -14.89 -42.68
N PHE A 133 -39.27 -14.09 -42.22
CA PHE A 133 -40.56 -14.00 -42.90
C PHE A 133 -40.46 -13.00 -44.05
N GLN A 134 -41.03 -13.36 -45.21
CA GLN A 134 -41.13 -12.39 -46.30
C GLN A 134 -42.07 -11.29 -45.84
N PHE A 135 -41.60 -10.04 -45.90
CA PHE A 135 -42.38 -8.91 -45.41
C PHE A 135 -42.81 -8.08 -46.62
N CYS A 136 -44.06 -7.60 -46.60
CA CYS A 136 -44.64 -6.82 -47.69
C CYS A 136 -43.86 -5.53 -47.99
N ASN A 137 -44.08 -4.95 -49.19
CA ASN A 137 -43.63 -3.59 -49.50
C ASN A 137 -44.28 -2.65 -48.49
N ASP A 138 -45.63 -2.68 -48.44
CA ASP A 138 -46.42 -2.01 -47.40
C ASP A 138 -47.23 -2.91 -46.43
N PRO A 139 -46.62 -3.60 -45.40
CA PRO A 139 -47.39 -4.55 -44.60
C PRO A 139 -48.47 -3.87 -43.75
N PHE A 140 -49.68 -4.42 -43.82
CA PHE A 140 -50.77 -3.90 -42.99
C PHE A 140 -51.17 -4.89 -41.90
N ASN A 164 -39.70 -18.75 -42.30
CA ASN A 164 -39.19 -20.11 -41.95
C ASN A 164 -37.98 -20.00 -41.02
N ASN A 165 -37.39 -21.14 -40.65
CA ASN A 165 -36.28 -21.20 -39.71
C ASN A 165 -36.60 -20.39 -38.45
N CYS A 166 -37.76 -20.66 -37.88
CA CYS A 166 -38.27 -19.92 -36.73
C CYS A 166 -38.10 -20.70 -35.43
N THR A 167 -36.92 -20.63 -34.80
CA THR A 167 -36.63 -21.46 -33.63
C THR A 167 -37.48 -21.05 -32.42
N PHE A 168 -37.60 -19.75 -32.18
CA PHE A 168 -38.33 -19.23 -31.03
C PHE A 168 -39.75 -18.81 -31.43
N GLU A 169 -40.70 -19.01 -30.51
CA GLU A 169 -42.09 -18.62 -30.69
C GLU A 169 -42.76 -18.32 -29.35
N TYR A 170 -43.62 -17.29 -29.30
CA TYR A 170 -44.39 -17.04 -28.07
C TYR A 170 -45.77 -16.45 -28.40
N VAL A 171 -46.76 -16.87 -27.59
CA VAL A 171 -48.14 -16.43 -27.73
C VAL A 171 -48.67 -16.02 -26.36
N SER A 172 -49.30 -14.84 -26.28
CA SER A 172 -49.91 -14.37 -25.04
C SER A 172 -51.19 -15.17 -24.71
N PHE A 186 -57.81 11.05 -28.40
CA PHE A 186 -56.97 9.89 -28.00
C PHE A 186 -56.86 9.88 -26.48
N LYS A 187 -57.38 8.81 -25.87
CA LYS A 187 -57.41 8.65 -24.43
C LYS A 187 -56.43 7.56 -23.95
N ASN A 188 -56.24 6.53 -24.77
CA ASN A 188 -55.33 5.45 -24.43
C ASN A 188 -53.89 5.86 -24.76
N LEU A 189 -53.12 6.11 -23.69
CA LEU A 189 -51.71 6.38 -23.90
C LEU A 189 -50.92 5.13 -23.55
N ARG A 190 -50.12 4.68 -24.51
CA ARG A 190 -49.35 3.46 -24.35
C ARG A 190 -47.91 3.79 -24.68
N GLU A 191 -47.04 3.60 -23.69
CA GLU A 191 -45.62 3.88 -23.80
C GLU A 191 -44.81 2.60 -23.67
N PHE A 192 -43.87 2.41 -24.61
CA PHE A 192 -43.04 1.22 -24.62
C PHE A 192 -41.59 1.63 -24.79
N VAL A 193 -40.70 0.80 -24.23
CA VAL A 193 -39.29 0.93 -24.48
C VAL A 193 -38.77 -0.44 -24.92
N PHE A 194 -38.07 -0.44 -26.06
CA PHE A 194 -37.47 -1.63 -26.61
C PHE A 194 -35.96 -1.40 -26.69
N LYS A 195 -35.21 -2.33 -26.09
CA LYS A 195 -33.76 -2.18 -26.06
C LYS A 195 -33.10 -3.55 -26.11
N ASN A 196 -31.78 -3.51 -26.37
CA ASN A 196 -30.91 -4.68 -26.31
C ASN A 196 -29.72 -4.43 -25.37
N TYR A 200 -29.58 -9.37 -26.15
CA TYR A 200 -30.94 -9.83 -26.58
C TYR A 200 -31.97 -8.71 -26.43
N PHE A 201 -33.26 -9.08 -26.25
CA PHE A 201 -34.34 -8.09 -26.35
C PHE A 201 -35.07 -7.88 -25.03
N LYS A 202 -35.35 -6.59 -24.71
CA LYS A 202 -36.05 -6.21 -23.48
C LYS A 202 -37.16 -5.22 -23.80
N ILE A 203 -38.36 -5.48 -23.27
CA ILE A 203 -39.55 -4.69 -23.55
C ILE A 203 -40.20 -4.25 -22.24
N TYR A 204 -40.19 -2.94 -21.98
CA TYR A 204 -40.95 -2.32 -20.89
C TYR A 204 -42.12 -1.56 -21.47
N SER A 205 -43.19 -1.41 -20.67
CA SER A 205 -44.37 -0.72 -21.15
C SER A 205 -45.18 -0.14 -19.99
N LYS A 206 -46.08 0.78 -20.33
CA LYS A 206 -47.01 1.36 -19.38
C LYS A 206 -48.22 1.93 -20.11
N HIS A 207 -49.39 1.72 -19.50
CA HIS A 207 -50.66 2.13 -20.07
C HIS A 207 -51.35 3.12 -19.13
N THR A 208 -51.90 4.20 -19.68
CA THR A 208 -52.53 5.23 -18.89
C THR A 208 -53.69 5.86 -19.67
N PRO A 209 -54.71 6.40 -18.95
CA PRO A 209 -55.70 7.30 -19.56
C PRO A 209 -55.21 8.74 -19.61
N ILE A 210 -55.66 9.48 -20.63
CA ILE A 210 -55.25 10.87 -20.78
C ILE A 210 -56.41 11.77 -21.24
N ASN A 211 -56.25 13.08 -21.02
CA ASN A 211 -57.23 14.10 -21.37
C ASN A 211 -57.69 13.94 -22.82
N ASP A 215 -48.91 18.10 -27.16
CA ASP A 215 -49.51 16.83 -27.68
C ASP A 215 -49.02 15.62 -26.89
N LEU A 216 -47.87 15.74 -26.20
CA LEU A 216 -47.39 14.70 -25.31
C LEU A 216 -47.72 15.11 -23.87
N PRO A 217 -48.41 14.27 -23.07
CA PRO A 217 -48.83 14.66 -21.73
C PRO A 217 -47.75 15.14 -20.75
N GLN A 218 -48.10 16.14 -19.95
CA GLN A 218 -47.23 16.66 -18.89
C GLN A 218 -47.25 15.74 -17.67
N GLY A 219 -46.06 15.38 -17.18
CA GLY A 219 -45.95 14.59 -15.94
C GLY A 219 -44.80 13.58 -15.83
N PHE A 220 -44.97 12.63 -14.90
CA PHE A 220 -43.95 11.62 -14.63
C PHE A 220 -44.59 10.29 -14.26
N SER A 221 -44.07 9.22 -14.85
CA SER A 221 -44.56 7.85 -14.68
C SER A 221 -43.48 6.86 -15.10
N ALA A 222 -43.43 5.71 -14.41
CA ALA A 222 -42.42 4.70 -14.67
C ALA A 222 -43.01 3.55 -15.48
N LEU A 223 -42.16 2.87 -16.24
CA LEU A 223 -42.57 1.72 -17.04
C LEU A 223 -42.07 0.45 -16.36
N GLU A 224 -43.01 -0.48 -16.14
CA GLU A 224 -42.69 -1.79 -15.59
C GLU A 224 -42.30 -2.74 -16.72
N PRO A 225 -41.20 -3.55 -16.63
CA PRO A 225 -40.86 -4.50 -17.68
C PRO A 225 -41.96 -5.52 -17.86
N LEU A 226 -42.16 -5.89 -19.14
CA LEU A 226 -43.17 -6.89 -19.50
C LEU A 226 -42.55 -8.14 -20.12
N VAL A 227 -41.54 -7.96 -20.99
CA VAL A 227 -41.02 -9.10 -21.73
C VAL A 227 -39.50 -9.05 -21.81
N ASP A 228 -38.92 -10.26 -21.78
CA ASP A 228 -37.50 -10.49 -21.96
C ASP A 228 -37.33 -11.63 -22.96
N LEU A 229 -36.95 -11.27 -24.20
CA LEU A 229 -36.81 -12.27 -25.26
C LEU A 229 -35.33 -12.55 -25.46
N PRO A 230 -34.85 -13.79 -25.17
CA PRO A 230 -33.43 -14.14 -25.38
C PRO A 230 -33.20 -14.61 -26.82
N ILE A 231 -33.42 -13.71 -27.78
CA ILE A 231 -33.47 -14.08 -29.20
C ILE A 231 -32.14 -13.76 -29.89
N GLY A 232 -31.45 -12.73 -29.39
CA GLY A 232 -30.18 -12.28 -29.93
C GLY A 232 -30.27 -11.89 -31.40
N ILE A 233 -31.44 -11.41 -31.83
CA ILE A 233 -31.62 -11.01 -33.23
C ILE A 233 -30.94 -9.66 -33.47
N ASN A 234 -30.12 -9.56 -34.52
CA ASN A 234 -29.49 -8.29 -34.90
C ASN A 234 -30.58 -7.33 -35.39
N ILE A 235 -30.69 -6.13 -34.78
CA ILE A 235 -31.71 -5.15 -35.13
C ILE A 235 -31.03 -3.79 -35.23
N THR A 236 -31.06 -3.21 -36.43
CA THR A 236 -30.49 -1.90 -36.69
C THR A 236 -31.53 -0.98 -37.32
N ARG A 237 -32.79 -1.44 -37.42
CA ARG A 237 -33.86 -0.76 -38.15
C ARG A 237 -35.19 -1.39 -37.73
N PHE A 238 -36.29 -0.63 -37.80
CA PHE A 238 -37.59 -1.18 -37.43
C PHE A 238 -38.71 -0.42 -38.14
N GLN A 239 -39.93 -0.94 -38.05
CA GLN A 239 -41.10 -0.33 -38.66
C GLN A 239 -42.34 -0.61 -37.79
N THR A 240 -43.43 0.14 -38.05
CA THR A 240 -44.67 0.00 -37.31
C THR A 240 -45.76 -0.66 -38.16
N LEU A 241 -46.65 -1.37 -37.49
CA LEU A 241 -47.77 -2.08 -38.11
C LEU A 241 -49.10 -1.59 -37.55
N LEU A 242 -49.82 -0.87 -38.42
CA LEU A 242 -51.12 -0.30 -38.11
C LEU A 242 -52.22 -1.34 -38.37
N ALA A 263 -55.01 7.67 -35.11
CA ALA A 263 -53.95 7.20 -34.20
C ALA A 263 -52.66 7.98 -34.44
N ALA A 264 -52.11 8.52 -33.34
CA ALA A 264 -50.83 9.21 -33.40
C ALA A 264 -49.78 8.45 -32.60
N TYR A 265 -48.51 8.61 -33.00
CA TYR A 265 -47.44 8.02 -32.21
C TYR A 265 -46.21 8.91 -32.26
N TYR A 266 -45.28 8.61 -31.36
CA TYR A 266 -44.05 9.36 -31.20
C TYR A 266 -42.90 8.38 -31.07
N VAL A 267 -41.76 8.83 -31.61
CA VAL A 267 -40.53 8.06 -31.53
C VAL A 267 -39.42 8.89 -30.88
N GLY A 268 -38.77 8.27 -29.89
CA GLY A 268 -37.57 8.78 -29.28
C GLY A 268 -36.46 7.74 -29.24
N TYR A 269 -35.22 8.21 -29.13
CA TYR A 269 -34.06 7.35 -29.14
C TYR A 269 -33.33 7.49 -27.81
N LEU A 270 -33.03 6.34 -27.21
CA LEU A 270 -32.38 6.33 -25.90
C LEU A 270 -30.91 6.71 -26.06
N GLN A 271 -30.32 7.12 -24.94
CA GLN A 271 -28.92 7.47 -24.88
C GLN A 271 -28.35 7.00 -23.55
N PRO A 272 -27.04 6.72 -23.48
CA PRO A 272 -26.41 6.27 -22.23
C PRO A 272 -26.19 7.43 -21.25
N ARG A 273 -27.23 7.73 -20.46
CA ARG A 273 -27.19 8.89 -19.59
C ARG A 273 -27.41 8.49 -18.15
N THR A 274 -26.66 9.13 -17.26
CA THR A 274 -26.75 8.85 -15.84
C THR A 274 -27.99 9.53 -15.26
N PHE A 275 -28.76 8.79 -14.48
CA PHE A 275 -29.98 9.31 -13.89
C PHE A 275 -29.99 9.05 -12.40
N LEU A 276 -30.67 9.93 -11.68
CA LEU A 276 -30.98 9.72 -10.28
C LEU A 276 -32.49 9.45 -10.18
N LEU A 277 -32.84 8.31 -9.57
CA LEU A 277 -34.23 7.91 -9.45
C LEU A 277 -34.62 7.86 -7.98
N LYS A 278 -35.82 8.36 -7.70
CA LYS A 278 -36.37 8.37 -6.34
C LYS A 278 -37.35 7.21 -6.19
N TYR A 279 -37.14 6.37 -5.19
CA TYR A 279 -38.03 5.27 -4.88
C TYR A 279 -38.84 5.66 -3.64
N ASN A 280 -40.16 5.46 -3.69
CA ASN A 280 -41.05 5.82 -2.57
C ASN A 280 -41.22 4.72 -1.53
N GLU A 281 -42.16 4.92 -0.59
CA GLU A 281 -42.54 3.92 0.41
C GLU A 281 -42.65 2.50 -0.19
N ASN A 282 -43.30 2.43 -1.35
CA ASN A 282 -43.59 1.17 -2.01
C ASN A 282 -42.69 0.80 -3.18
N GLY A 283 -41.48 1.37 -3.23
CA GLY A 283 -40.50 1.02 -4.24
C GLY A 283 -40.85 1.50 -5.66
N THR A 284 -41.86 2.38 -5.74
CA THR A 284 -42.29 2.94 -7.01
C THR A 284 -41.46 4.19 -7.32
N ILE A 285 -41.07 4.34 -8.58
CA ILE A 285 -40.30 5.49 -9.00
C ILE A 285 -41.24 6.69 -9.16
N THR A 286 -40.91 7.78 -8.47
CA THR A 286 -41.82 8.93 -8.41
C THR A 286 -41.21 10.18 -9.04
N ASP A 287 -39.87 10.26 -9.08
CA ASP A 287 -39.21 11.42 -9.64
C ASP A 287 -37.81 11.04 -10.08
N ALA A 288 -37.24 11.85 -10.99
CA ALA A 288 -35.93 11.56 -11.54
C ALA A 288 -35.20 12.85 -11.87
N VAL A 289 -33.89 12.70 -12.05
CA VAL A 289 -33.01 13.79 -12.42
C VAL A 289 -32.06 13.29 -13.52
N ASP A 290 -31.98 14.06 -14.60
CA ASP A 290 -31.04 13.78 -15.66
C ASP A 290 -29.73 14.51 -15.37
N CYS A 291 -28.68 13.74 -15.06
CA CYS A 291 -27.46 14.30 -14.48
C CYS A 291 -26.65 15.12 -15.48
N ALA A 292 -27.14 15.21 -16.72
CA ALA A 292 -26.41 15.91 -17.77
C ALA A 292 -27.29 16.91 -18.53
N LEU A 293 -28.56 17.04 -18.13
CA LEU A 293 -29.43 18.03 -18.73
C LEU A 293 -28.88 19.44 -18.56
N ASP A 294 -28.68 19.88 -17.31
CA ASP A 294 -28.25 21.25 -17.07
C ASP A 294 -27.37 21.31 -15.83
N PRO A 295 -26.70 22.45 -15.56
CA PRO A 295 -25.77 22.54 -14.44
C PRO A 295 -26.45 22.22 -13.11
N LEU A 296 -27.69 22.69 -12.96
CA LEU A 296 -28.46 22.40 -11.75
C LEU A 296 -28.61 20.89 -11.51
N SER A 297 -28.82 20.13 -12.59
CA SER A 297 -28.99 18.70 -12.48
C SER A 297 -27.67 18.02 -12.11
N GLU A 298 -26.55 18.54 -12.63
CA GLU A 298 -25.24 18.05 -12.26
C GLU A 298 -25.05 18.22 -10.75
N THR A 299 -25.47 19.38 -10.24
CA THR A 299 -25.40 19.68 -8.83
C THR A 299 -26.23 18.68 -8.03
N LYS A 300 -27.48 18.47 -8.48
CA LYS A 300 -28.39 17.55 -7.80
C LYS A 300 -27.79 16.15 -7.73
N CYS A 301 -27.15 15.73 -8.82
CA CYS A 301 -26.59 14.39 -8.90
C CYS A 301 -25.34 14.28 -8.03
N THR A 302 -24.56 15.36 -7.93
CA THR A 302 -23.37 15.37 -7.10
C THR A 302 -23.74 15.20 -5.62
N LEU A 303 -24.77 15.93 -5.20
CA LEU A 303 -25.20 15.93 -3.82
C LEU A 303 -26.09 14.73 -3.50
N LYS A 304 -26.58 14.01 -4.53
CA LYS A 304 -27.54 12.93 -4.35
C LYS A 304 -28.78 13.46 -3.64
N SER A 305 -29.34 14.55 -4.17
CA SER A 305 -30.50 15.18 -3.57
C SER A 305 -31.32 15.90 -4.63
N PHE A 306 -32.59 16.10 -4.32
CA PHE A 306 -33.51 16.82 -5.16
C PHE A 306 -33.64 18.29 -4.72
N THR A 307 -33.01 18.64 -3.59
CA THR A 307 -33.11 19.97 -3.02
C THR A 307 -31.70 20.49 -2.73
N VAL A 308 -31.29 21.48 -3.51
CA VAL A 308 -30.01 22.12 -3.30
C VAL A 308 -30.30 23.38 -2.50
N GLU A 309 -29.77 23.45 -1.28
CA GLU A 309 -29.86 24.71 -0.54
C GLU A 309 -28.78 25.65 -1.06
N LYS A 310 -28.97 26.95 -0.84
CA LYS A 310 -28.12 28.00 -1.39
C LYS A 310 -26.63 27.76 -1.14
N GLY A 311 -25.80 28.03 -2.14
CA GLY A 311 -24.35 27.93 -1.99
C GLY A 311 -23.67 27.77 -3.33
N ILE A 312 -22.37 27.45 -3.29
CA ILE A 312 -21.59 27.19 -4.48
C ILE A 312 -21.00 25.79 -4.36
N TYR A 313 -21.19 24.99 -5.41
CA TYR A 313 -20.83 23.58 -5.38
C TYR A 313 -19.93 23.24 -6.54
N GLN A 314 -18.85 22.52 -6.24
CA GLN A 314 -17.93 22.05 -7.26
C GLN A 314 -18.48 20.75 -7.84
N THR A 315 -18.79 20.76 -9.14
CA THR A 315 -19.48 19.65 -9.77
C THR A 315 -18.56 18.80 -10.65
N SER A 316 -17.81 19.46 -11.54
CA SER A 316 -17.07 18.70 -12.53
C SER A 316 -15.69 19.31 -12.78
N ASN A 317 -15.05 18.78 -13.82
CA ASN A 317 -13.74 19.25 -14.21
C ASN A 317 -13.73 19.49 -15.72
N PHE A 318 -13.56 20.77 -16.08
CA PHE A 318 -13.36 21.16 -17.46
C PHE A 318 -11.95 20.79 -17.92
N ARG A 319 -11.83 20.19 -19.11
CA ARG A 319 -10.54 19.76 -19.64
C ARG A 319 -10.58 19.81 -21.17
N VAL A 320 -9.69 20.62 -21.79
CA VAL A 320 -9.56 20.68 -23.24
C VAL A 320 -9.04 19.34 -23.75
N GLN A 321 -9.68 18.85 -24.80
CA GLN A 321 -9.23 17.61 -25.42
C GLN A 321 -8.20 17.89 -26.51
N PRO A 322 -7.15 17.04 -26.66
CA PRO A 322 -6.20 17.22 -27.75
C PRO A 322 -6.89 16.96 -29.09
N THR A 323 -6.57 17.81 -30.08
CA THR A 323 -7.26 17.78 -31.36
C THR A 323 -6.64 16.74 -32.29
N GLU A 324 -5.34 16.53 -32.17
CA GLU A 324 -4.60 15.67 -33.07
C GLU A 324 -3.37 15.16 -32.34
N SER A 325 -2.75 14.16 -32.96
CA SER A 325 -1.54 13.53 -32.50
C SER A 325 -0.36 13.90 -33.39
N ILE A 326 0.74 14.32 -32.73
CA ILE A 326 1.98 14.65 -33.41
C ILE A 326 3.02 13.59 -33.07
N VAL A 327 3.66 13.06 -34.11
CA VAL A 327 4.77 12.13 -33.94
C VAL A 327 5.99 12.70 -34.67
N ARG A 328 7.11 12.85 -33.94
CA ARG A 328 8.35 13.35 -34.51
C ARG A 328 9.51 12.41 -34.18
N PHE A 329 10.30 12.09 -35.21
CA PHE A 329 11.52 11.30 -35.05
C PHE A 329 12.61 11.92 -35.91
N PRO A 330 13.91 11.63 -35.67
CA PRO A 330 14.97 12.19 -36.49
C PRO A 330 14.83 11.73 -37.95
N ASN A 331 15.43 12.50 -38.86
CA ASN A 331 15.42 12.17 -40.28
C ASN A 331 15.90 10.74 -40.50
N ILE A 332 15.21 10.03 -41.40
CA ILE A 332 15.59 8.69 -41.82
C ILE A 332 16.85 8.74 -42.68
N THR A 333 17.80 7.85 -42.37
CA THR A 333 19.06 7.65 -43.10
C THR A 333 19.82 6.39 -42.64
N ASN A 334 20.95 6.14 -43.31
CA ASN A 334 21.83 4.99 -43.08
C ASN A 334 20.98 3.73 -43.10
N LEU A 335 20.47 3.45 -44.28
CA LEU A 335 19.65 2.28 -44.53
C LEU A 335 20.47 1.02 -44.30
N CYS A 336 19.78 -0.10 -44.12
CA CYS A 336 20.44 -1.40 -44.06
C CYS A 336 20.82 -1.79 -45.49
N PRO A 337 21.94 -2.52 -45.71
CA PRO A 337 22.38 -2.88 -47.07
C PRO A 337 21.57 -4.02 -47.70
N PHE A 338 20.29 -3.72 -48.00
CA PHE A 338 19.41 -4.71 -48.61
C PHE A 338 19.74 -4.94 -50.08
N GLY A 339 20.18 -3.87 -50.75
CA GLY A 339 20.62 -3.90 -52.14
C GLY A 339 21.71 -4.95 -52.36
N GLU A 340 22.66 -5.03 -51.42
CA GLU A 340 23.79 -5.92 -51.49
C GLU A 340 23.32 -7.37 -51.63
N VAL A 341 22.29 -7.76 -50.87
CA VAL A 341 21.89 -9.16 -50.82
C VAL A 341 21.00 -9.48 -52.03
N PHE A 342 19.93 -8.69 -52.21
CA PHE A 342 18.91 -9.00 -53.19
C PHE A 342 19.40 -8.74 -54.62
N ASN A 343 20.20 -7.67 -54.77
CA ASN A 343 20.67 -7.25 -56.09
C ASN A 343 22.08 -7.78 -56.38
N ALA A 344 22.54 -8.76 -55.60
CA ALA A 344 23.84 -9.39 -55.82
C ALA A 344 23.91 -10.02 -57.22
N THR A 345 25.02 -9.77 -57.92
CA THR A 345 25.25 -10.30 -59.26
C THR A 345 25.28 -11.82 -59.24
N ARG A 346 26.05 -12.40 -58.31
CA ARG A 346 26.20 -13.84 -58.15
C ARG A 346 25.70 -14.28 -56.76
N PHE A 347 25.09 -15.48 -56.72
CA PHE A 347 24.58 -16.09 -55.50
C PHE A 347 25.40 -17.33 -55.17
N ALA A 348 25.22 -17.83 -53.93
CA ALA A 348 25.95 -19.00 -53.45
C ALA A 348 25.13 -20.27 -53.68
N SER A 349 25.83 -21.41 -53.75
CA SER A 349 25.18 -22.72 -53.86
C SER A 349 24.37 -23.02 -52.60
N VAL A 350 23.38 -23.90 -52.75
CA VAL A 350 22.54 -24.31 -51.64
C VAL A 350 23.36 -25.00 -50.56
N TYR A 351 24.37 -25.81 -50.95
CA TYR A 351 25.20 -26.51 -49.98
C TYR A 351 26.10 -25.53 -49.23
N ALA A 352 26.45 -24.41 -49.88
CA ALA A 352 27.32 -23.38 -49.30
C ALA A 352 26.62 -22.03 -49.27
N TRP A 353 25.35 -22.02 -48.83
CA TRP A 353 24.56 -20.81 -48.78
C TRP A 353 25.30 -19.71 -48.01
N ASN A 354 25.31 -18.50 -48.58
CA ASN A 354 25.93 -17.34 -47.94
C ASN A 354 25.05 -16.81 -46.82
N ARG A 355 25.70 -16.19 -45.83
CA ARG A 355 25.03 -15.57 -44.70
C ARG A 355 25.53 -14.14 -44.54
N LYS A 356 24.65 -13.18 -44.85
CA LYS A 356 24.93 -11.77 -44.63
C LYS A 356 24.37 -11.36 -43.27
N ARG A 357 25.17 -10.64 -42.49
CA ARG A 357 24.75 -10.16 -41.18
C ARG A 357 24.37 -8.68 -41.27
N ILE A 358 23.20 -8.34 -40.74
CA ILE A 358 22.68 -6.97 -40.73
C ILE A 358 22.55 -6.53 -39.29
N SER A 359 23.19 -5.39 -38.97
CA SER A 359 23.21 -4.84 -37.63
C SER A 359 23.51 -3.34 -37.70
N ASN A 360 22.95 -2.58 -36.76
CA ASN A 360 23.22 -1.15 -36.60
C ASN A 360 22.83 -0.41 -37.88
N CYS A 361 21.53 -0.44 -38.19
CA CYS A 361 20.99 0.25 -39.35
C CYS A 361 19.46 0.23 -39.30
N VAL A 362 18.84 1.05 -40.17
CA VAL A 362 17.39 1.10 -40.28
C VAL A 362 16.94 0.12 -41.36
N ALA A 363 16.18 -0.89 -40.95
CA ALA A 363 15.66 -1.90 -41.85
C ALA A 363 14.35 -1.42 -42.48
N ASP A 364 14.44 -1.09 -43.76
CA ASP A 364 13.28 -0.68 -44.54
C ASP A 364 12.67 -1.90 -45.24
N TYR A 365 11.61 -2.44 -44.65
CA TYR A 365 10.93 -3.61 -45.18
C TYR A 365 9.86 -3.24 -46.21
N SER A 366 9.47 -1.96 -46.28
CA SER A 366 8.44 -1.50 -47.20
C SER A 366 8.85 -1.79 -48.65
N VAL A 367 10.11 -1.51 -48.96
CA VAL A 367 10.67 -1.69 -50.29
C VAL A 367 10.47 -3.13 -50.76
N LEU A 368 10.33 -4.07 -49.81
CA LEU A 368 10.33 -5.49 -50.14
C LEU A 368 8.92 -6.04 -50.28
N TYR A 369 8.09 -5.94 -49.22
CA TYR A 369 6.77 -6.59 -49.26
C TYR A 369 5.81 -5.91 -50.23
N ASN A 370 6.16 -4.70 -50.66
CA ASN A 370 5.38 -3.95 -51.63
C ASN A 370 5.91 -4.11 -53.05
N SER A 371 7.12 -4.67 -53.19
CA SER A 371 7.76 -4.87 -54.49
C SER A 371 7.05 -5.98 -55.26
N ALA A 372 7.04 -5.81 -56.58
CA ALA A 372 6.36 -6.71 -57.50
C ALA A 372 7.35 -7.62 -58.24
N SER A 373 8.55 -7.80 -57.68
CA SER A 373 9.61 -8.61 -58.29
C SER A 373 9.86 -9.89 -57.51
N PHE A 374 8.98 -10.22 -56.56
CA PHE A 374 9.10 -11.42 -55.74
C PHE A 374 7.91 -12.34 -55.97
N SER A 375 8.21 -13.61 -56.22
CA SER A 375 7.17 -14.62 -56.41
C SER A 375 6.69 -15.16 -55.06
N THR A 376 7.63 -15.41 -54.14
CA THR A 376 7.33 -15.91 -52.81
C THR A 376 7.86 -14.91 -51.78
N PHE A 377 6.99 -14.56 -50.84
CA PHE A 377 7.33 -13.69 -49.73
C PHE A 377 6.69 -14.19 -48.45
N LYS A 378 6.93 -15.46 -48.14
CA LYS A 378 6.27 -16.10 -47.01
C LYS A 378 6.89 -15.63 -45.69
N CYS A 379 6.08 -15.56 -44.64
CA CYS A 379 6.56 -15.19 -43.31
C CYS A 379 5.77 -16.01 -42.29
N TYR A 380 6.47 -16.52 -41.26
CA TYR A 380 5.84 -17.34 -40.24
C TYR A 380 5.90 -16.65 -38.89
N GLY A 381 4.74 -16.58 -38.23
CA GLY A 381 4.62 -16.08 -36.87
C GLY A 381 5.07 -14.64 -36.74
N VAL A 382 5.04 -13.92 -37.86
CA VAL A 382 5.44 -12.52 -37.93
C VAL A 382 4.93 -11.94 -39.24
N SER A 383 4.52 -10.66 -39.19
CA SER A 383 4.06 -9.95 -40.37
C SER A 383 5.16 -9.03 -40.88
N PRO A 384 5.38 -8.94 -42.22
CA PRO A 384 6.40 -8.05 -42.75
C PRO A 384 6.19 -6.59 -42.39
N THR A 385 4.90 -6.21 -42.32
CA THR A 385 4.51 -4.84 -42.01
C THR A 385 4.88 -4.51 -40.56
N LYS A 386 4.68 -5.48 -39.66
CA LYS A 386 4.93 -5.28 -38.25
C LYS A 386 6.42 -5.11 -37.94
N LEU A 387 7.29 -5.54 -38.87
CA LEU A 387 8.74 -5.49 -38.64
C LEU A 387 9.21 -4.05 -38.49
N ASN A 388 8.54 -3.13 -39.20
CA ASN A 388 8.87 -1.72 -39.09
C ASN A 388 8.69 -1.18 -37.67
N ASP A 389 7.86 -1.87 -36.88
CA ASP A 389 7.58 -1.48 -35.51
C ASP A 389 8.46 -2.26 -34.52
N LEU A 390 9.36 -3.10 -35.04
CA LEU A 390 10.17 -3.97 -34.19
C LEU A 390 11.66 -3.70 -34.40
N CYS A 391 12.43 -3.98 -33.35
CA CYS A 391 13.88 -3.88 -33.40
C CYS A 391 14.46 -5.25 -33.05
N PHE A 392 15.62 -5.56 -33.65
CA PHE A 392 16.27 -6.85 -33.44
C PHE A 392 17.78 -6.65 -33.33
N THR A 393 18.42 -7.52 -32.56
CA THR A 393 19.86 -7.42 -32.34
C THR A 393 20.59 -7.61 -33.66
N ASN A 394 20.23 -8.70 -34.36
CA ASN A 394 20.89 -9.07 -35.59
C ASN A 394 19.85 -9.65 -36.55
N VAL A 395 20.10 -9.44 -37.85
CA VAL A 395 19.25 -10.01 -38.88
C VAL A 395 20.14 -10.66 -39.92
N TYR A 396 19.94 -11.97 -40.09
CA TYR A 396 20.74 -12.74 -41.03
C TYR A 396 19.93 -12.99 -42.29
N ALA A 397 20.50 -12.55 -43.42
CA ALA A 397 19.99 -12.87 -44.74
C ALA A 397 20.82 -14.02 -45.31
N ASP A 398 20.22 -15.22 -45.32
CA ASP A 398 20.84 -16.38 -45.95
C ASP A 398 20.42 -16.43 -47.40
N SER A 399 21.41 -16.35 -48.30
CA SER A 399 21.19 -16.30 -49.74
C SER A 399 21.68 -17.58 -50.39
N PHE A 400 20.88 -18.12 -51.31
CA PHE A 400 21.27 -19.28 -52.11
C PHE A 400 20.32 -19.44 -53.29
N VAL A 401 20.74 -20.25 -54.25
CA VAL A 401 19.96 -20.55 -55.45
C VAL A 401 19.54 -22.02 -55.41
N ILE A 402 18.25 -22.24 -55.74
CA ILE A 402 17.68 -23.56 -55.87
C ILE A 402 16.74 -23.57 -57.08
N ARG A 403 16.41 -24.76 -57.56
CA ARG A 403 15.46 -24.90 -58.65
C ARG A 403 14.04 -24.65 -58.12
N GLY A 404 13.11 -24.35 -59.04
CA GLY A 404 11.73 -24.00 -58.73
C GLY A 404 11.02 -25.00 -57.81
N ASP A 405 11.08 -26.28 -58.19
CA ASP A 405 10.34 -27.32 -57.48
C ASP A 405 10.91 -27.56 -56.08
N GLU A 406 12.12 -27.06 -55.80
CA GLU A 406 12.75 -27.21 -54.50
C GLU A 406 12.46 -26.01 -53.59
N VAL A 407 11.77 -24.99 -54.11
CA VAL A 407 11.45 -23.78 -53.36
C VAL A 407 10.56 -24.10 -52.16
N ARG A 408 9.75 -25.14 -52.28
CA ARG A 408 8.83 -25.59 -51.23
C ARG A 408 9.59 -26.16 -50.02
N GLN A 409 10.82 -26.65 -50.21
CA GLN A 409 11.58 -27.27 -49.13
C GLN A 409 12.06 -26.24 -48.09
N ILE A 410 12.05 -24.95 -48.47
CA ILE A 410 12.51 -23.90 -47.58
C ILE A 410 11.31 -23.42 -46.78
N ALA A 411 11.03 -24.15 -45.69
CA ALA A 411 9.91 -23.93 -44.81
C ALA A 411 10.03 -24.86 -43.60
N PRO A 412 9.40 -24.53 -42.46
CA PRO A 412 9.35 -25.44 -41.32
C PRO A 412 8.65 -26.75 -41.67
N GLY A 413 9.20 -27.84 -41.16
CA GLY A 413 8.64 -29.19 -41.30
C GLY A 413 8.61 -29.65 -42.76
N GLN A 414 9.74 -29.41 -43.44
CA GLN A 414 9.93 -29.88 -44.81
C GLN A 414 11.06 -30.89 -44.85
N THR A 415 10.97 -31.82 -45.81
CA THR A 415 11.97 -32.85 -45.99
C THR A 415 12.39 -32.91 -47.46
N GLY A 416 13.58 -33.48 -47.69
CA GLY A 416 14.10 -33.63 -49.03
C GLY A 416 15.60 -33.39 -49.07
N LYS A 417 16.17 -33.47 -50.26
CA LYS A 417 17.60 -33.25 -50.46
C LYS A 417 18.00 -31.91 -49.85
N ILE A 418 17.28 -30.85 -50.22
CA ILE A 418 17.63 -29.51 -49.81
C ILE A 418 17.32 -29.35 -48.32
N ALA A 419 16.14 -29.84 -47.88
CA ALA A 419 15.73 -29.70 -46.50
C ALA A 419 16.67 -30.42 -45.52
N ASP A 420 17.38 -31.45 -46.01
CA ASP A 420 18.11 -32.36 -45.15
C ASP A 420 19.63 -32.19 -45.24
N TYR A 421 20.16 -32.06 -46.46
CA TYR A 421 21.60 -32.11 -46.69
C TYR A 421 22.21 -30.75 -47.02
N ASN A 422 21.37 -29.76 -47.38
CA ASN A 422 21.87 -28.49 -47.87
C ASN A 422 21.46 -27.34 -46.95
N TYR A 423 20.15 -27.22 -46.67
CA TYR A 423 19.63 -26.13 -45.87
C TYR A 423 18.39 -26.59 -45.12
N LYS A 424 18.39 -26.35 -43.81
CA LYS A 424 17.31 -26.76 -42.94
C LYS A 424 16.80 -25.56 -42.15
N LEU A 425 15.47 -25.47 -42.02
CA LEU A 425 14.84 -24.49 -41.15
C LEU A 425 14.26 -25.17 -39.92
N PRO A 426 14.19 -24.46 -38.76
CA PRO A 426 13.61 -25.05 -37.56
C PRO A 426 12.09 -25.17 -37.65
N ASP A 427 11.53 -26.04 -36.82
CA ASP A 427 10.10 -26.27 -36.74
C ASP A 427 9.37 -25.04 -36.19
N ASP A 428 10.10 -24.18 -35.48
CA ASP A 428 9.54 -22.98 -34.86
C ASP A 428 10.16 -21.72 -35.48
N PHE A 429 10.48 -21.78 -36.78
CA PHE A 429 11.06 -20.65 -37.49
C PHE A 429 10.09 -19.46 -37.45
N THR A 430 10.64 -18.28 -37.13
CA THR A 430 9.85 -17.07 -37.00
C THR A 430 10.49 -15.93 -37.79
N GLY A 431 10.86 -16.22 -39.04
CA GLY A 431 11.46 -15.23 -39.92
C GLY A 431 10.64 -15.04 -41.18
N CYS A 432 11.33 -14.80 -42.32
CA CYS A 432 10.68 -14.72 -43.62
C CYS A 432 11.52 -15.44 -44.68
N VAL A 433 10.85 -15.90 -45.75
CA VAL A 433 11.50 -16.55 -46.87
C VAL A 433 11.01 -15.86 -48.14
N ILE A 434 11.96 -15.34 -48.91
CA ILE A 434 11.69 -14.62 -50.14
C ILE A 434 12.38 -15.35 -51.28
N ALA A 435 11.69 -15.47 -52.40
CA ALA A 435 12.19 -16.22 -53.54
C ALA A 435 11.63 -15.63 -54.83
N TRP A 436 12.48 -15.57 -55.85
CA TRP A 436 12.10 -15.08 -57.17
C TRP A 436 12.92 -15.79 -58.24
N ASN A 437 12.31 -15.96 -59.42
CA ASN A 437 12.94 -16.60 -60.56
C ASN A 437 14.20 -15.84 -60.96
N SER A 438 15.22 -16.62 -61.34
CA SER A 438 16.50 -16.09 -61.78
C SER A 438 16.95 -16.77 -63.07
N ASN A 439 15.99 -17.15 -63.93
CA ASN A 439 16.31 -17.80 -65.19
C ASN A 439 17.15 -16.90 -66.09
N ASN A 440 16.85 -15.59 -66.08
CA ASN A 440 17.56 -14.62 -66.89
C ASN A 440 19.00 -14.44 -66.40
N LEU A 441 19.26 -14.72 -65.12
CA LEU A 441 20.57 -14.48 -64.51
C LEU A 441 21.38 -15.77 -64.31
N ASP A 442 20.73 -16.82 -63.80
CA ASP A 442 21.40 -18.04 -63.36
C ASP A 442 21.24 -19.16 -64.39
N SER A 443 21.08 -18.80 -65.65
CA SER A 443 21.03 -19.78 -66.72
C SER A 443 21.69 -19.22 -67.96
N LYS A 444 22.23 -20.13 -68.77
CA LYS A 444 22.91 -19.75 -70.00
C LYS A 444 22.74 -20.88 -71.01
N VAL A 445 22.89 -20.51 -72.29
CA VAL A 445 22.91 -21.48 -73.37
C VAL A 445 24.11 -22.40 -73.16
N GLY A 446 23.83 -23.68 -72.95
CA GLY A 446 24.85 -24.67 -72.63
C GLY A 446 24.61 -25.36 -71.28
N GLY A 447 23.99 -24.63 -70.35
CA GLY A 447 23.68 -25.16 -69.03
C GLY A 447 24.67 -24.67 -67.98
N ASN A 448 24.16 -23.94 -66.99
CA ASN A 448 25.00 -23.40 -65.93
C ASN A 448 25.15 -24.46 -64.84
N TYR A 449 26.41 -24.87 -64.59
CA TYR A 449 26.71 -25.89 -63.60
C TYR A 449 27.49 -25.33 -62.42
N ASN A 450 27.50 -24.00 -62.28
CA ASN A 450 28.22 -23.34 -61.22
C ASN A 450 27.50 -23.50 -59.88
N TYR A 451 26.19 -23.79 -59.93
CA TYR A 451 25.38 -24.02 -58.75
C TYR A 451 25.34 -25.52 -58.43
N LEU A 452 25.73 -25.87 -57.21
CA LEU A 452 25.85 -27.25 -56.78
C LEU A 452 24.90 -27.51 -55.62
N TYR A 453 24.73 -28.80 -55.30
CA TYR A 453 23.92 -29.23 -54.18
C TYR A 453 24.49 -30.54 -53.64
N ARG A 454 24.39 -30.70 -52.31
CA ARG A 454 24.85 -31.89 -51.63
C ARG A 454 23.85 -33.02 -51.86
N LEU A 455 24.37 -34.15 -52.35
CA LEU A 455 23.55 -35.30 -52.72
C LEU A 455 23.61 -36.41 -51.67
N PHE A 456 24.73 -36.47 -50.94
CA PHE A 456 24.96 -37.52 -49.95
C PHE A 456 25.46 -36.91 -48.65
N ARG A 457 25.02 -37.52 -47.54
CA ARG A 457 25.40 -37.10 -46.20
C ARG A 457 25.03 -38.23 -45.23
N LYS A 458 25.82 -38.36 -44.17
CA LYS A 458 25.64 -39.41 -43.18
C LYS A 458 24.44 -39.16 -42.29
N SER A 459 23.98 -37.90 -42.18
CA SER A 459 22.84 -37.54 -41.36
C SER A 459 22.21 -36.24 -41.85
N ASN A 460 21.00 -35.95 -41.37
CA ASN A 460 20.29 -34.72 -41.71
C ASN A 460 20.97 -33.53 -41.05
N LEU A 461 20.81 -32.35 -41.67
CA LEU A 461 21.31 -31.11 -41.11
C LEU A 461 20.42 -30.64 -39.97
N LYS A 462 21.03 -29.84 -39.09
CA LYS A 462 20.35 -29.18 -37.99
C LYS A 462 19.88 -27.80 -38.45
N PRO A 463 18.93 -27.15 -37.73
CA PRO A 463 18.47 -25.81 -38.10
C PRO A 463 19.62 -24.83 -38.27
N PHE A 464 19.69 -24.22 -39.47
CA PHE A 464 20.72 -23.24 -39.84
C PHE A 464 22.12 -23.83 -39.69
N GLU A 465 22.27 -25.07 -40.19
CA GLU A 465 23.56 -25.73 -40.24
C GLU A 465 24.07 -25.71 -41.67
N ARG A 466 25.38 -25.47 -41.80
CA ARG A 466 26.03 -25.35 -43.10
C ARG A 466 27.15 -26.38 -43.19
N ASP A 467 27.00 -27.29 -44.16
CA ASP A 467 28.01 -28.30 -44.45
C ASP A 467 28.59 -28.03 -45.83
N ILE A 468 29.87 -27.69 -45.85
CA ILE A 468 30.58 -27.37 -47.08
C ILE A 468 31.68 -28.41 -47.36
N SER A 469 31.67 -29.52 -46.62
CA SER A 469 32.69 -30.57 -46.77
C SER A 469 32.55 -31.26 -48.12
N THR A 470 33.70 -31.67 -48.67
CA THR A 470 33.75 -32.38 -49.95
C THR A 470 34.33 -33.79 -49.77
N GLU A 471 34.26 -34.33 -48.54
CA GLU A 471 34.74 -35.68 -48.25
C GLU A 471 34.00 -36.70 -49.13
N ILE A 472 34.75 -37.69 -49.64
CA ILE A 472 34.16 -38.77 -50.43
C ILE A 472 33.24 -39.58 -49.53
N TYR A 473 31.99 -39.70 -49.99
CA TYR A 473 30.94 -40.38 -49.25
C TYR A 473 31.14 -41.89 -49.32
N GLN A 474 31.22 -42.52 -48.13
CA GLN A 474 31.40 -43.96 -48.04
C GLN A 474 30.02 -44.61 -47.97
N ALA A 475 29.49 -45.04 -49.12
CA ALA A 475 28.17 -45.63 -49.21
C ALA A 475 28.14 -47.05 -48.65
N GLY A 476 29.29 -47.73 -48.72
CA GLY A 476 29.39 -49.11 -48.27
C GLY A 476 30.26 -49.24 -47.03
N SER A 477 30.76 -50.48 -46.81
CA SER A 477 31.56 -50.81 -45.66
C SER A 477 33.05 -50.62 -45.94
N THR A 478 33.41 -50.45 -47.21
CA THR A 478 34.81 -50.33 -47.60
C THR A 478 35.25 -48.87 -47.48
N PRO A 479 36.29 -48.56 -46.66
CA PRO A 479 36.80 -47.19 -46.57
C PRO A 479 37.28 -46.72 -47.94
N CYS A 480 36.98 -45.45 -48.25
CA CYS A 480 37.32 -44.87 -49.53
C CYS A 480 38.76 -44.34 -49.52
N ASN A 481 39.21 -43.82 -48.38
CA ASN A 481 40.55 -43.27 -48.20
C ASN A 481 40.82 -42.19 -49.25
N GLY A 482 39.82 -41.32 -49.45
CA GLY A 482 39.88 -40.20 -50.39
C GLY A 482 40.01 -40.65 -51.85
N VAL A 483 39.48 -41.83 -52.17
CA VAL A 483 39.50 -42.39 -53.51
C VAL A 483 38.07 -42.73 -53.91
N GLU A 484 37.66 -42.24 -55.08
CA GLU A 484 36.31 -42.48 -55.59
C GLU A 484 36.28 -43.82 -56.32
N GLY A 485 35.08 -44.41 -56.36
CA GLY A 485 34.86 -45.67 -57.05
C GLY A 485 33.54 -46.30 -56.63
N PHE A 486 33.55 -47.63 -56.51
CA PHE A 486 32.36 -48.36 -56.08
C PHE A 486 32.06 -48.04 -54.63
N ASN A 487 30.84 -47.56 -54.36
CA ASN A 487 30.38 -47.13 -53.04
C ASN A 487 31.25 -45.99 -52.50
N CYS A 488 31.83 -45.20 -53.41
CA CYS A 488 32.66 -44.06 -53.05
C CYS A 488 32.41 -42.96 -54.06
N TYR A 489 31.50 -42.03 -53.68
CA TYR A 489 31.03 -41.00 -54.59
C TYR A 489 31.33 -39.62 -54.02
N PHE A 490 31.33 -38.64 -54.91
CA PHE A 490 31.49 -37.26 -54.51
C PHE A 490 30.16 -36.73 -53.97
N PRO A 491 30.14 -36.08 -52.79
CA PRO A 491 28.86 -35.71 -52.16
C PRO A 491 28.05 -34.64 -52.89
N LEU A 492 28.69 -33.88 -53.78
CA LEU A 492 28.04 -32.78 -54.49
C LEU A 492 27.69 -33.16 -55.93
N GLN A 493 26.69 -32.45 -56.50
CA GLN A 493 26.33 -32.56 -57.91
C GLN A 493 25.77 -31.24 -58.41
N SER A 494 25.98 -30.97 -59.71
CA SER A 494 25.64 -29.71 -60.35
C SER A 494 24.15 -29.63 -60.68
N TYR A 495 23.69 -28.40 -60.91
CA TYR A 495 22.33 -28.13 -61.39
C TYR A 495 22.33 -27.96 -62.91
N GLY A 496 21.30 -28.49 -63.56
CA GLY A 496 21.11 -28.25 -64.99
C GLY A 496 20.25 -27.01 -65.27
N PHE A 497 20.84 -25.81 -65.11
CA PHE A 497 20.11 -24.58 -65.35
C PHE A 497 20.32 -24.12 -66.78
N GLN A 498 19.28 -24.28 -67.61
CA GLN A 498 19.28 -23.79 -68.97
C GLN A 498 18.12 -22.81 -69.17
N PRO A 499 18.22 -21.87 -70.14
CA PRO A 499 17.15 -20.90 -70.41
C PRO A 499 15.85 -21.56 -70.82
N THR A 500 15.94 -22.75 -71.42
CA THR A 500 14.78 -23.45 -71.97
C THR A 500 14.19 -24.45 -70.97
N ASN A 501 14.79 -24.55 -69.78
CA ASN A 501 14.36 -25.51 -68.76
C ASN A 501 12.98 -25.15 -68.23
N GLY A 502 12.26 -26.18 -67.75
CA GLY A 502 10.97 -26.01 -67.10
C GLY A 502 11.05 -25.08 -65.88
N VAL A 503 9.91 -24.45 -65.58
CA VAL A 503 9.84 -23.50 -64.47
C VAL A 503 10.28 -24.17 -63.16
N GLY A 504 9.87 -25.43 -62.97
CA GLY A 504 10.25 -26.21 -61.81
C GLY A 504 11.77 -26.41 -61.72
N TYR A 505 12.41 -26.53 -62.88
CA TYR A 505 13.84 -26.81 -62.97
C TYR A 505 14.67 -25.55 -63.20
N GLN A 506 13.98 -24.42 -63.47
CA GLN A 506 14.67 -23.15 -63.66
C GLN A 506 15.22 -22.65 -62.33
N PRO A 507 16.31 -21.85 -62.35
CA PRO A 507 16.89 -21.33 -61.12
C PRO A 507 16.00 -20.28 -60.44
N TYR A 508 16.08 -20.24 -59.11
CA TYR A 508 15.38 -19.30 -58.27
C TYR A 508 16.31 -18.84 -57.15
N ARG A 509 16.41 -17.52 -56.99
CA ARG A 509 17.20 -16.93 -55.92
C ARG A 509 16.33 -16.78 -54.69
N VAL A 510 16.90 -17.18 -53.54
CA VAL A 510 16.18 -17.29 -52.30
C VAL A 510 16.98 -16.60 -51.20
N VAL A 511 16.28 -15.74 -50.45
CA VAL A 511 16.82 -15.07 -49.28
C VAL A 511 15.93 -15.38 -48.07
N VAL A 512 16.56 -15.86 -47.00
CA VAL A 512 15.87 -16.17 -45.76
C VAL A 512 16.30 -15.15 -44.71
N LEU A 513 15.31 -14.44 -44.16
CA LEU A 513 15.57 -13.43 -43.14
C LEU A 513 15.24 -14.01 -41.77
N SER A 514 16.29 -14.14 -40.94
CA SER A 514 16.17 -14.64 -39.58
C SER A 514 16.52 -13.51 -38.63
N PHE A 515 15.71 -13.41 -37.58
CA PHE A 515 15.84 -12.34 -36.61
C PHE A 515 16.36 -12.90 -35.29
N GLU A 516 17.22 -12.12 -34.63
CA GLU A 516 17.89 -12.56 -33.41
C GLU A 516 17.67 -11.53 -32.30
N LEU A 517 17.52 -12.05 -31.08
CA LEU A 517 17.32 -11.22 -29.90
C LEU A 517 18.19 -11.77 -28.78
N LEU A 518 19.39 -11.19 -28.65
CA LEU A 518 20.36 -11.64 -27.67
C LEU A 518 20.20 -10.82 -26.39
N HIS A 519 21.11 -11.03 -25.44
CA HIS A 519 21.22 -10.17 -24.27
C HIS A 519 22.06 -8.95 -24.66
N ALA A 520 21.55 -8.19 -25.63
CA ALA A 520 22.29 -7.15 -26.30
C ALA A 520 21.30 -6.14 -26.86
N PRO A 521 21.71 -4.89 -27.22
CA PRO A 521 20.76 -3.91 -27.73
C PRO A 521 20.30 -4.26 -29.14
N ALA A 522 19.04 -3.97 -29.41
CA ALA A 522 18.47 -4.09 -30.75
C ALA A 522 18.93 -2.89 -31.60
N THR A 523 19.77 -3.20 -32.58
CA THR A 523 20.42 -2.22 -33.44
C THR A 523 19.79 -2.17 -34.83
N VAL A 524 18.82 -3.05 -35.08
CA VAL A 524 18.13 -3.11 -36.36
C VAL A 524 16.67 -2.76 -36.16
N CYS A 525 16.31 -1.50 -36.41
CA CYS A 525 14.96 -1.03 -36.20
C CYS A 525 14.35 -0.61 -37.54
N GLY A 526 13.02 -0.48 -37.58
CA GLY A 526 12.35 -0.05 -38.79
C GLY A 526 12.26 1.48 -38.90
N PRO A 527 11.65 2.01 -39.97
CA PRO A 527 11.58 3.46 -40.20
C PRO A 527 10.82 4.33 -39.19
N LYS A 528 9.65 3.88 -38.72
CA LYS A 528 8.80 4.63 -37.80
C LYS A 528 8.68 6.11 -38.20
N LYS A 529 8.19 6.36 -39.41
CA LYS A 529 8.22 7.70 -40.01
C LYS A 529 7.34 8.70 -39.25
N SER A 530 7.79 9.97 -39.22
CA SER A 530 7.20 11.05 -38.44
C SER A 530 6.16 11.81 -39.26
N THR A 531 5.45 12.74 -38.59
CA THR A 531 4.38 13.54 -39.20
C THR A 531 4.76 15.02 -39.19
N ASN A 532 3.78 15.88 -39.50
CA ASN A 532 3.96 17.32 -39.49
C ASN A 532 3.82 17.87 -38.07
N LEU A 533 4.35 19.08 -37.87
CA LEU A 533 4.33 19.74 -36.58
C LEU A 533 3.27 20.85 -36.58
N VAL A 534 2.47 20.86 -35.51
CA VAL A 534 1.44 21.86 -35.29
C VAL A 534 1.76 22.53 -33.95
N LYS A 535 1.73 23.87 -33.93
CA LYS A 535 2.05 24.63 -32.73
C LYS A 535 0.78 25.28 -32.17
N ASN A 536 0.87 25.75 -30.92
CA ASN A 536 -0.13 26.61 -30.30
C ASN A 536 -1.50 25.92 -30.26
N LYS A 537 -1.51 24.60 -30.02
CA LYS A 537 -2.75 23.85 -29.84
C LYS A 537 -2.50 22.71 -28.87
N CYS A 538 -3.59 22.26 -28.22
CA CYS A 538 -3.57 21.09 -27.35
C CYS A 538 -3.50 19.84 -28.22
N VAL A 539 -2.39 19.10 -28.09
CA VAL A 539 -2.11 17.95 -28.93
C VAL A 539 -1.52 16.82 -28.09
N ASN A 540 -1.63 15.61 -28.63
CA ASN A 540 -0.98 14.44 -28.06
C ASN A 540 0.33 14.21 -28.83
N PHE A 541 1.45 14.62 -28.22
CA PHE A 541 2.74 14.59 -28.89
C PHE A 541 3.56 13.38 -28.45
N ASN A 542 4.35 12.87 -29.40
CA ASN A 542 5.24 11.75 -29.19
C ASN A 542 6.57 12.05 -29.87
N PHE A 543 7.58 12.33 -29.05
CA PHE A 543 8.93 12.61 -29.53
C PHE A 543 9.79 11.37 -29.21
N ASN A 544 11.06 11.40 -29.62
CA ASN A 544 11.90 10.24 -29.87
C ASN A 544 11.60 9.06 -28.94
N GLY A 545 11.57 9.36 -27.64
CA GLY A 545 11.33 8.33 -26.65
C GLY A 545 10.22 8.69 -25.67
N LEU A 546 9.62 9.88 -25.84
CA LEU A 546 8.74 10.40 -24.81
C LEU A 546 7.38 10.77 -25.40
N THR A 547 6.39 10.82 -24.52
CA THR A 547 5.04 11.15 -24.90
C THR A 547 4.49 12.19 -23.93
N GLY A 548 3.44 12.88 -24.37
CA GLY A 548 2.65 13.70 -23.48
C GLY A 548 1.52 14.37 -24.23
N THR A 549 0.81 15.22 -23.48
CA THR A 549 -0.29 16.02 -24.02
C THR A 549 -0.08 17.45 -23.55
N GLY A 550 -0.11 18.37 -24.51
CA GLY A 550 0.14 19.75 -24.16
C GLY A 550 0.12 20.65 -25.39
N VAL A 551 0.58 21.88 -25.17
CA VAL A 551 0.67 22.91 -26.19
C VAL A 551 2.14 23.21 -26.41
N LEU A 552 2.54 23.12 -27.68
CA LEU A 552 3.92 23.34 -28.07
C LEU A 552 4.06 24.76 -28.60
N THR A 553 5.00 25.49 -28.00
CA THR A 553 5.25 26.88 -28.36
C THR A 553 6.74 27.07 -28.57
N GLU A 554 7.09 27.95 -29.50
CA GLU A 554 8.48 28.30 -29.73
C GLU A 554 9.01 28.95 -28.46
N SER A 555 10.16 28.45 -28.00
CA SER A 555 10.74 28.78 -26.71
C SER A 555 11.86 29.81 -26.86
N ASN A 556 12.41 30.25 -25.72
CA ASN A 556 13.56 31.15 -25.69
C ASN A 556 14.73 30.49 -24.97
N LYS A 557 14.62 29.19 -24.66
CA LYS A 557 15.61 28.48 -23.87
C LYS A 557 16.84 28.20 -24.74
N LYS A 558 17.98 27.89 -24.08
CA LYS A 558 19.20 27.52 -24.77
C LYS A 558 19.69 26.17 -24.29
N PHE A 559 19.16 25.12 -24.93
CA PHE A 559 19.64 23.77 -24.71
C PHE A 559 21.09 23.67 -25.18
N LEU A 560 21.83 22.76 -24.54
CA LEU A 560 23.14 22.39 -25.02
C LEU A 560 23.03 21.43 -26.21
N PRO A 561 24.07 21.33 -27.06
CA PRO A 561 24.02 20.50 -28.26
C PRO A 561 23.57 19.06 -28.03
N PHE A 562 23.85 18.51 -26.84
CA PHE A 562 23.56 17.12 -26.55
C PHE A 562 22.25 16.95 -25.77
N GLN A 563 21.71 18.04 -25.23
CA GLN A 563 20.46 18.01 -24.47
C GLN A 563 19.29 17.92 -25.45
N GLN A 564 18.30 17.11 -25.06
CA GLN A 564 17.14 16.80 -25.89
C GLN A 564 15.84 17.31 -25.28
N PHE A 565 15.59 16.94 -24.01
CA PHE A 565 14.36 17.33 -23.37
C PHE A 565 14.70 17.93 -22.02
N GLY A 566 14.08 19.09 -21.78
CA GLY A 566 14.21 19.84 -20.55
C GLY A 566 13.28 19.33 -19.45
N ARG A 567 13.61 19.74 -18.23
CA ARG A 567 12.91 19.27 -17.06
C ARG A 567 12.68 20.48 -16.17
N ASP A 568 11.65 20.34 -15.33
CA ASP A 568 11.27 21.36 -14.38
C ASP A 568 11.91 21.02 -13.03
N ILE A 569 11.50 21.73 -11.98
CA ILE A 569 11.94 21.43 -10.62
C ILE A 569 11.40 20.06 -10.21
N ALA A 570 10.14 19.78 -10.58
CA ALA A 570 9.43 18.61 -10.10
C ALA A 570 9.57 17.48 -11.12
N ASP A 571 10.77 17.31 -11.67
CA ASP A 571 11.10 16.26 -12.64
C ASP A 571 9.98 16.13 -13.68
N THR A 572 9.56 17.30 -14.17
CA THR A 572 8.47 17.41 -15.11
C THR A 572 9.05 17.92 -16.43
N THR A 573 8.60 17.31 -17.53
CA THR A 573 9.08 17.68 -18.86
C THR A 573 8.43 19.01 -19.24
N ASP A 574 9.24 20.04 -19.47
CA ASP A 574 8.72 21.37 -19.71
C ASP A 574 9.10 21.87 -21.11
N ALA A 575 10.16 21.29 -21.68
CA ALA A 575 10.65 21.70 -23.00
C ALA A 575 11.28 20.50 -23.68
N VAL A 576 11.22 20.51 -25.02
CA VAL A 576 11.89 19.47 -25.80
C VAL A 576 12.63 20.11 -26.96
N ARG A 577 13.44 19.30 -27.65
CA ARG A 577 14.10 19.64 -28.90
C ARG A 577 13.51 18.75 -29.98
N ASP A 578 12.97 19.38 -31.04
CA ASP A 578 12.39 18.62 -32.14
C ASP A 578 13.50 17.83 -32.84
N PRO A 579 13.39 16.50 -33.03
CA PRO A 579 14.50 15.73 -33.57
C PRO A 579 14.90 16.12 -34.99
N GLN A 580 13.93 16.59 -35.79
CA GLN A 580 14.22 16.91 -37.19
C GLN A 580 14.80 18.32 -37.33
N THR A 581 14.12 19.25 -36.67
CA THR A 581 14.57 20.63 -36.64
C THR A 581 15.08 20.98 -35.25
N LEU A 582 16.31 21.48 -35.19
CA LEU A 582 16.93 21.72 -33.89
C LEU A 582 16.51 23.09 -33.36
N GLU A 583 15.21 23.25 -33.11
CA GLU A 583 14.66 24.35 -32.34
C GLU A 583 14.01 23.78 -31.08
N ILE A 584 13.79 24.63 -30.07
CA ILE A 584 13.37 24.17 -28.76
C ILE A 584 11.93 24.64 -28.52
N LEU A 585 11.11 23.75 -27.96
CA LEU A 585 9.69 24.01 -27.78
C LEU A 585 9.34 23.85 -26.31
N ASP A 586 8.66 24.88 -25.79
CA ASP A 586 8.08 24.89 -24.47
C ASP A 586 6.73 24.18 -24.49
N ILE A 587 6.50 23.34 -23.45
CA ILE A 587 5.29 22.56 -23.32
C ILE A 587 4.47 23.20 -22.20
N THR A 588 3.28 23.66 -22.55
CA THR A 588 2.34 24.16 -21.57
C THR A 588 1.19 23.16 -21.46
N PRO A 589 0.85 22.66 -20.25
CA PRO A 589 -0.28 21.72 -20.12
C PRO A 589 -1.59 22.31 -20.63
N CYS A 590 -2.40 21.45 -21.28
CA CYS A 590 -3.69 21.83 -21.82
C CYS A 590 -4.61 22.41 -20.74
N SER A 591 -5.26 23.53 -21.08
CA SER A 591 -6.10 24.27 -20.14
C SER A 591 -7.13 23.34 -19.50
N PHE A 592 -7.25 23.42 -18.18
CA PHE A 592 -8.25 22.67 -17.42
C PHE A 592 -8.63 23.47 -16.18
N GLY A 593 -9.65 23.00 -15.46
CA GLY A 593 -10.00 23.61 -14.18
C GLY A 593 -11.31 23.07 -13.59
N GLY A 594 -11.51 23.33 -12.30
CA GLY A 594 -12.77 22.97 -11.65
C GLY A 594 -13.95 23.69 -12.30
N VAL A 595 -15.12 23.03 -12.25
CA VAL A 595 -16.36 23.62 -12.70
C VAL A 595 -17.35 23.56 -11.55
N SER A 596 -17.68 24.76 -11.06
CA SER A 596 -18.54 24.94 -9.92
C SER A 596 -19.85 25.60 -10.32
N VAL A 597 -20.91 25.33 -9.58
CA VAL A 597 -22.22 25.89 -9.85
C VAL A 597 -22.61 26.82 -8.71
N ILE A 598 -22.98 28.05 -9.08
CA ILE A 598 -23.52 29.02 -8.13
C ILE A 598 -25.03 29.02 -8.24
N THR A 599 -25.69 28.79 -7.11
CA THR A 599 -27.14 28.70 -7.13
C THR A 599 -27.69 29.19 -5.81
N PRO A 600 -28.80 29.95 -5.85
CA PRO A 600 -29.65 30.05 -4.66
C PRO A 600 -30.38 28.73 -4.44
N GLY A 601 -31.09 28.63 -3.31
CA GLY A 601 -31.85 27.43 -3.02
C GLY A 601 -32.86 27.15 -4.12
N THR A 602 -33.01 25.87 -4.49
CA THR A 602 -34.02 25.45 -5.43
C THR A 602 -35.41 25.92 -4.99
N ASN A 603 -35.58 26.06 -3.68
CA ASN A 603 -36.82 26.57 -3.10
C ASN A 603 -37.09 27.98 -3.62
N THR A 604 -36.04 28.70 -3.99
CA THR A 604 -36.14 30.07 -4.49
C THR A 604 -36.19 30.09 -6.02
N SER A 605 -35.18 29.53 -6.67
CA SER A 605 -35.11 29.56 -8.13
C SER A 605 -34.31 28.37 -8.64
N ASN A 606 -34.59 28.03 -9.90
CA ASN A 606 -33.89 26.99 -10.62
C ASN A 606 -32.83 27.59 -11.56
N GLN A 607 -32.68 28.92 -11.54
CA GLN A 607 -31.74 29.64 -12.38
C GLN A 607 -30.37 29.71 -11.70
N VAL A 608 -29.29 29.41 -12.45
CA VAL A 608 -27.97 29.27 -11.85
C VAL A 608 -26.91 30.03 -12.64
N ALA A 609 -25.67 30.01 -12.11
CA ALA A 609 -24.48 30.49 -12.79
C ALA A 609 -23.38 29.45 -12.69
N VAL A 610 -22.36 29.58 -13.53
CA VAL A 610 -21.29 28.60 -13.60
C VAL A 610 -19.94 29.31 -13.48
N LEU A 611 -19.04 28.66 -12.75
CA LEU A 611 -17.69 29.17 -12.58
C LEU A 611 -16.69 28.14 -13.08
N TYR A 612 -15.91 28.52 -14.09
CA TYR A 612 -14.78 27.74 -14.54
C TYR A 612 -13.52 28.32 -13.90
N GLN A 613 -12.87 27.52 -13.05
CA GLN A 613 -11.87 28.03 -12.14
C GLN A 613 -10.52 28.19 -12.82
N ASP A 614 -9.85 29.32 -12.53
CA ASP A 614 -8.48 29.61 -12.92
C ASP A 614 -8.28 29.37 -14.41
N VAL A 615 -9.25 29.76 -15.24
CA VAL A 615 -9.10 29.67 -16.69
C VAL A 615 -9.50 31.02 -17.26
N ASN A 616 -9.50 31.12 -18.59
CA ASN A 616 -9.95 32.32 -19.27
C ASN A 616 -11.40 32.12 -19.70
N CYS A 617 -11.99 33.06 -20.42
CA CYS A 617 -13.34 32.95 -20.95
C CYS A 617 -13.34 32.54 -22.41
N THR A 618 -12.16 32.17 -22.94
CA THR A 618 -11.95 31.91 -24.35
C THR A 618 -12.05 30.41 -24.67
N GLU A 619 -11.48 29.56 -23.81
CA GLU A 619 -11.33 28.13 -24.09
C GLU A 619 -12.66 27.39 -24.17
N VAL A 620 -13.72 28.01 -23.67
CA VAL A 620 -15.00 27.37 -23.49
C VAL A 620 -15.76 27.37 -24.83
N ASN A 641 -23.07 37.83 -21.57
CA ASN A 641 -23.32 37.77 -20.10
C ASN A 641 -22.20 36.98 -19.42
N VAL A 642 -20.98 37.50 -19.55
CA VAL A 642 -19.78 36.77 -19.15
C VAL A 642 -18.86 37.72 -18.40
N PHE A 643 -18.17 37.19 -17.38
CA PHE A 643 -17.36 38.00 -16.50
C PHE A 643 -16.07 37.28 -16.13
N GLN A 644 -14.94 37.90 -16.47
CA GLN A 644 -13.63 37.31 -16.20
C GLN A 644 -13.11 37.89 -14.88
N THR A 645 -12.62 37.01 -14.01
CA THR A 645 -12.22 37.40 -12.66
C THR A 645 -10.93 36.68 -12.26
N ARG A 646 -10.35 37.11 -11.14
CA ARG A 646 -9.15 36.49 -10.58
C ARG A 646 -9.36 35.00 -10.30
N ALA A 647 -10.64 34.59 -10.24
CA ALA A 647 -11.06 33.24 -9.90
C ALA A 647 -11.31 32.39 -11.15
N GLY A 648 -11.72 33.06 -12.24
CA GLY A 648 -11.91 32.37 -13.50
C GLY A 648 -13.04 33.00 -14.29
N CYS A 649 -13.72 32.19 -15.11
CA CYS A 649 -14.78 32.65 -15.97
C CYS A 649 -16.13 32.36 -15.33
N LEU A 650 -16.93 33.44 -15.19
CA LEU A 650 -18.22 33.36 -14.56
C LEU A 650 -19.29 33.64 -15.62
N ILE A 651 -20.27 32.74 -15.68
CA ILE A 651 -21.24 32.72 -16.76
C ILE A 651 -22.62 32.65 -16.12
N GLY A 652 -23.51 33.53 -16.57
CA GLY A 652 -24.89 33.50 -16.14
C GLY A 652 -25.18 34.54 -15.06
N ALA A 653 -24.18 35.36 -14.71
CA ALA A 653 -24.32 36.35 -13.66
C ALA A 653 -24.01 37.73 -14.24
N GLU A 654 -24.80 38.73 -13.84
CA GLU A 654 -24.60 40.09 -14.30
C GLU A 654 -23.55 40.81 -13.43
N HIS A 655 -22.64 41.52 -14.09
CA HIS A 655 -21.65 42.30 -13.38
C HIS A 655 -22.29 43.60 -12.92
N VAL A 656 -22.10 43.94 -11.64
CA VAL A 656 -22.77 45.11 -11.08
C VAL A 656 -21.75 45.99 -10.35
N ASN A 657 -21.93 47.31 -10.49
CA ASN A 657 -21.11 48.29 -9.80
C ASN A 657 -21.45 48.40 -8.33
N ASN A 658 -22.74 48.28 -7.99
CA ASN A 658 -23.15 48.37 -6.59
C ASN A 658 -22.51 47.26 -5.78
N SER A 659 -22.05 47.60 -4.58
CA SER A 659 -21.37 46.67 -3.68
C SER A 659 -22.30 46.30 -2.54
N TYR A 660 -22.30 45.01 -2.18
CA TYR A 660 -23.17 44.50 -1.14
C TYR A 660 -22.31 43.69 -0.19
N GLU A 661 -22.86 43.31 0.96
CA GLU A 661 -22.23 42.31 1.80
C GLU A 661 -22.40 40.96 1.10
N CYS A 662 -21.43 40.06 1.30
CA CYS A 662 -21.29 38.82 0.56
C CYS A 662 -22.37 37.79 0.92
N ASP A 663 -23.00 37.19 -0.10
CA ASP A 663 -23.97 36.13 0.12
C ASP A 663 -23.41 34.76 -0.27
N ILE A 664 -22.94 34.64 -1.50
CA ILE A 664 -22.34 33.41 -1.99
C ILE A 664 -20.93 33.77 -2.42
N PRO A 665 -19.90 33.35 -1.66
CA PRO A 665 -18.53 33.75 -1.99
C PRO A 665 -18.03 33.06 -3.25
N ILE A 666 -17.26 33.82 -4.04
CA ILE A 666 -16.59 33.28 -5.22
C ILE A 666 -15.08 33.33 -5.03
N GLY A 667 -14.56 34.55 -4.79
CA GLY A 667 -13.15 34.74 -4.48
C GLY A 667 -12.63 36.06 -5.04
N ALA A 668 -11.45 36.44 -4.55
CA ALA A 668 -10.81 37.69 -4.96
C ALA A 668 -11.73 38.88 -4.66
N GLY A 669 -12.55 38.73 -3.61
CA GLY A 669 -13.49 39.73 -3.14
C GLY A 669 -14.74 39.81 -4.01
N ILE A 670 -14.91 38.83 -4.89
CA ILE A 670 -16.11 38.74 -5.70
C ILE A 670 -17.05 37.76 -5.02
N CYS A 671 -18.27 38.23 -4.80
CA CYS A 671 -19.34 37.38 -4.32
C CYS A 671 -20.50 37.51 -5.30
N ALA A 672 -21.51 36.64 -5.08
CA ALA A 672 -22.69 36.66 -5.91
C ALA A 672 -23.94 36.46 -5.07
N SER A 673 -25.08 36.84 -5.65
CA SER A 673 -26.36 36.69 -4.98
C SER A 673 -27.48 36.80 -5.99
N TYR A 674 -28.69 36.46 -5.51
CA TYR A 674 -29.88 36.44 -6.34
C TYR A 674 -30.79 37.58 -5.91
N GLN A 675 -31.02 38.51 -6.84
CA GLN A 675 -31.66 39.78 -6.53
C GLN A 675 -32.46 40.25 -7.73
N THR A 676 -33.35 41.22 -7.50
CA THR A 676 -34.22 41.79 -8.54
C THR A 676 -33.39 42.49 -9.63
N SER A 689 -37.76 39.55 -13.56
CA SER A 689 -37.15 40.69 -12.82
C SER A 689 -35.90 40.23 -12.08
N GLN A 690 -35.99 39.03 -11.49
CA GLN A 690 -34.93 38.55 -10.62
C GLN A 690 -33.90 37.77 -11.44
N SER A 691 -32.63 37.89 -11.02
CA SER A 691 -31.50 37.26 -11.67
C SER A 691 -30.30 37.21 -10.72
N ILE A 692 -29.28 36.47 -11.12
CA ILE A 692 -28.05 36.34 -10.34
C ILE A 692 -27.07 37.42 -10.75
N ILE A 693 -26.40 37.99 -9.73
CA ILE A 693 -25.49 39.09 -9.95
C ILE A 693 -24.21 38.81 -9.16
N ALA A 694 -23.12 39.29 -9.74
CA ALA A 694 -21.80 39.24 -9.13
C ALA A 694 -21.33 40.66 -8.87
N TYR A 695 -20.52 40.80 -7.81
CA TYR A 695 -20.08 42.12 -7.39
C TYR A 695 -18.91 41.98 -6.44
N THR A 696 -18.13 43.05 -6.40
CA THR A 696 -17.12 43.24 -5.38
C THR A 696 -17.83 43.52 -4.06
N MET A 697 -17.50 42.74 -3.03
CA MET A 697 -18.18 42.81 -1.76
C MET A 697 -17.82 44.06 -0.98
N SER A 698 -18.77 44.55 -0.20
CA SER A 698 -18.64 45.72 0.63
C SER A 698 -18.18 45.31 2.03
N LEU A 699 -17.11 45.96 2.50
CA LEU A 699 -16.60 45.67 3.82
C LEU A 699 -17.52 46.21 4.91
N GLY A 700 -18.17 47.35 4.62
CA GLY A 700 -19.02 48.06 5.55
C GLY A 700 -19.19 49.53 5.12
N ALA A 701 -20.08 50.23 5.82
CA ALA A 701 -20.37 51.63 5.52
C ALA A 701 -19.17 52.51 5.87
N GLU A 702 -18.77 53.37 4.92
CA GLU A 702 -17.66 54.28 5.15
C GLU A 702 -18.06 55.36 6.16
N ASN A 703 -17.15 55.66 7.11
CA ASN A 703 -17.39 56.64 8.15
C ASN A 703 -16.05 57.26 8.58
N SER A 704 -16.10 58.56 8.91
CA SER A 704 -15.01 59.23 9.61
C SER A 704 -15.54 59.89 10.89
N VAL A 705 -14.84 59.69 12.01
CA VAL A 705 -15.20 60.30 13.28
C VAL A 705 -14.58 61.69 13.32
N ALA A 706 -15.32 62.67 13.87
CA ALA A 706 -14.86 64.05 13.95
C ALA A 706 -13.94 64.21 15.16
N TYR A 707 -12.71 63.70 15.07
CA TYR A 707 -11.72 63.81 16.13
C TYR A 707 -11.14 65.23 16.16
N SER A 708 -11.06 65.82 17.35
CA SER A 708 -10.38 67.09 17.55
C SER A 708 -9.78 67.11 18.94
N ASN A 709 -8.77 67.97 19.11
CA ASN A 709 -7.96 67.99 20.31
C ASN A 709 -8.74 68.46 21.54
N ASN A 710 -9.98 68.90 21.36
CA ASN A 710 -10.76 69.44 22.47
C ASN A 710 -12.21 68.96 22.42
N SER A 711 -12.47 67.81 21.80
CA SER A 711 -13.83 67.32 21.65
C SER A 711 -13.92 65.88 22.13
N ILE A 712 -15.02 65.59 22.86
CA ILE A 712 -15.31 64.24 23.28
C ILE A 712 -16.79 63.93 23.12
N ALA A 713 -17.08 62.71 22.68
CA ALA A 713 -18.44 62.22 22.55
C ALA A 713 -18.76 61.30 23.73
N ILE A 714 -19.83 61.62 24.47
CA ILE A 714 -20.15 60.85 25.67
C ILE A 714 -21.58 60.33 25.55
N PRO A 715 -21.87 59.09 25.97
CA PRO A 715 -23.25 58.60 25.99
C PRO A 715 -24.11 59.22 27.09
N THR A 716 -25.35 59.52 26.70
CA THR A 716 -26.38 60.05 27.59
C THR A 716 -27.36 58.95 27.98
N ASN A 717 -27.19 57.73 27.46
CA ASN A 717 -28.18 56.68 27.62
C ASN A 717 -27.55 55.33 27.31
N PHE A 718 -28.36 54.25 27.24
CA PHE A 718 -27.83 52.89 27.04
C PHE A 718 -28.92 51.93 26.60
N THR A 719 -28.51 50.67 26.37
CA THR A 719 -29.40 49.58 26.02
C THR A 719 -28.86 48.28 26.60
N ILE A 720 -29.75 47.30 26.73
CA ILE A 720 -29.39 45.97 27.18
C ILE A 720 -29.52 45.02 25.99
N SER A 721 -28.39 44.52 25.53
CA SER A 721 -28.40 43.54 24.45
C SER A 721 -28.31 42.14 25.03
N VAL A 722 -28.99 41.20 24.37
CA VAL A 722 -28.83 39.79 24.68
C VAL A 722 -28.39 39.05 23.42
N THR A 723 -27.18 38.51 23.44
CA THR A 723 -26.60 37.87 22.27
C THR A 723 -26.53 36.38 22.50
N THR A 724 -26.67 35.62 21.40
CA THR A 724 -26.64 34.18 21.44
C THR A 724 -25.30 33.67 20.89
N GLU A 725 -24.60 32.87 21.70
CA GLU A 725 -23.38 32.21 21.30
C GLU A 725 -23.56 30.70 21.45
N ILE A 726 -23.47 29.99 20.33
CA ILE A 726 -23.66 28.54 20.32
C ILE A 726 -22.31 27.85 20.18
N LEU A 727 -22.04 26.86 21.03
CA LEU A 727 -20.77 26.15 21.03
C LEU A 727 -20.99 24.64 21.07
N PRO A 728 -20.41 23.88 20.12
CA PRO A 728 -20.57 22.42 20.16
C PRO A 728 -19.70 21.84 21.26
N VAL A 729 -20.19 20.74 21.85
CA VAL A 729 -19.52 20.16 23.00
C VAL A 729 -19.09 18.72 22.73
N SER A 730 -19.97 17.94 22.13
CA SER A 730 -19.76 16.50 22.05
C SER A 730 -20.14 16.00 20.66
N MET A 731 -19.69 14.80 20.32
CA MET A 731 -20.01 14.13 19.08
C MET A 731 -20.88 12.91 19.39
N THR A 732 -21.16 12.12 18.36
CA THR A 732 -21.86 10.86 18.53
C THR A 732 -20.84 9.77 18.85
N LYS A 733 -21.13 8.93 19.85
CA LYS A 733 -20.18 7.92 20.31
C LYS A 733 -20.24 6.70 19.40
N THR A 734 -19.57 6.79 18.25
CA THR A 734 -19.65 5.74 17.24
C THR A 734 -18.49 4.77 17.39
N SER A 735 -18.82 3.50 17.68
CA SER A 735 -17.83 2.44 17.77
C SER A 735 -18.04 1.45 16.63
N VAL A 736 -16.91 0.86 16.16
CA VAL A 736 -16.94 -0.08 15.06
C VAL A 736 -16.21 -1.36 15.45
N ASP A 737 -16.81 -2.51 15.08
CA ASP A 737 -16.17 -3.80 15.16
C ASP A 737 -15.42 -4.09 13.86
N CYS A 738 -14.12 -3.78 13.84
CA CYS A 738 -13.30 -3.90 12.64
C CYS A 738 -13.46 -5.27 11.99
N THR A 739 -13.50 -6.33 12.82
CA THR A 739 -13.58 -7.70 12.30
C THR A 739 -14.87 -7.89 11.52
N MET A 740 -15.99 -7.49 12.17
CA MET A 740 -17.30 -7.67 11.58
C MET A 740 -17.48 -6.76 10.36
N TYR A 741 -16.81 -5.61 10.37
CA TYR A 741 -16.90 -4.69 9.24
C TYR A 741 -16.16 -5.25 8.03
N ILE A 742 -14.99 -5.83 8.28
CA ILE A 742 -14.18 -6.35 7.18
C ILE A 742 -14.63 -7.76 6.80
N CYS A 743 -14.82 -8.63 7.80
CA CYS A 743 -15.20 -10.00 7.54
C CYS A 743 -16.50 -10.31 8.26
N GLY A 744 -17.66 -10.24 7.57
CA GLY A 744 -18.93 -10.48 8.24
C GLY A 744 -19.17 -11.96 8.46
N ASP A 745 -19.17 -12.44 9.72
CA ASP A 745 -19.43 -13.83 10.08
C ASP A 745 -18.69 -14.83 9.15
N SER A 746 -17.45 -14.50 8.78
CA SER A 746 -16.63 -15.34 7.92
C SER A 746 -15.37 -15.74 8.69
N THR A 747 -15.11 -17.06 8.71
CA THR A 747 -13.97 -17.60 9.41
C THR A 747 -12.74 -17.53 8.50
N GLU A 748 -12.91 -17.86 7.22
CA GLU A 748 -11.83 -17.79 6.26
C GLU A 748 -11.22 -16.37 6.27
N CYS A 749 -12.10 -15.38 6.20
CA CYS A 749 -11.69 -13.98 6.13
C CYS A 749 -10.96 -13.53 7.41
N SER A 750 -11.48 -13.94 8.57
CA SER A 750 -10.90 -13.56 9.84
C SER A 750 -9.50 -14.14 10.02
N ASN A 751 -9.33 -15.40 9.62
CA ASN A 751 -8.03 -16.05 9.73
C ASN A 751 -7.01 -15.37 8.84
N LEU A 752 -7.43 -14.85 7.70
CA LEU A 752 -6.54 -14.06 6.86
C LEU A 752 -6.21 -12.73 7.53
N LEU A 753 -7.24 -12.12 8.15
CA LEU A 753 -7.09 -10.82 8.77
C LEU A 753 -6.06 -10.86 9.90
N LEU A 754 -6.02 -11.98 10.64
CA LEU A 754 -5.09 -12.15 11.75
C LEU A 754 -3.65 -11.90 11.31
N GLN A 755 -3.37 -12.10 10.03
CA GLN A 755 -2.00 -12.00 9.51
C GLN A 755 -1.53 -10.54 9.46
N TYR A 756 -2.47 -9.59 9.57
CA TYR A 756 -2.12 -8.18 9.53
C TYR A 756 -1.87 -7.61 10.92
N GLY A 757 -2.05 -8.42 11.97
CA GLY A 757 -1.55 -8.04 13.30
C GLY A 757 -2.57 -7.25 14.11
N SER A 758 -2.19 -6.03 14.51
CA SER A 758 -2.90 -5.31 15.54
C SER A 758 -3.87 -4.29 14.96
N PHE A 759 -4.00 -4.22 13.62
CA PHE A 759 -4.78 -3.14 13.00
C PHE A 759 -6.18 -3.04 13.61
N CYS A 760 -6.78 -4.22 13.84
CA CYS A 760 -8.14 -4.28 14.34
C CYS A 760 -8.23 -3.67 15.75
N THR A 761 -7.28 -4.06 16.61
CA THR A 761 -7.29 -3.66 18.01
C THR A 761 -7.05 -2.15 18.18
N GLN A 762 -6.23 -1.57 17.29
CA GLN A 762 -5.87 -0.17 17.46
C GLN A 762 -6.99 0.72 16.95
N LEU A 763 -7.69 0.25 15.90
CA LEU A 763 -8.85 0.99 15.45
C LEU A 763 -9.88 1.01 16.58
N ASN A 764 -10.08 -0.17 17.20
CA ASN A 764 -11.01 -0.27 18.31
C ASN A 764 -10.60 0.65 19.45
N ARG A 765 -9.29 0.62 19.72
CA ARG A 765 -8.73 1.37 20.83
C ARG A 765 -8.92 2.87 20.61
N ALA A 766 -8.62 3.33 19.38
CA ALA A 766 -8.73 4.73 19.04
C ALA A 766 -10.17 5.22 19.23
N LEU A 767 -11.11 4.43 18.72
CA LEU A 767 -12.49 4.86 18.78
C LEU A 767 -13.03 4.86 20.20
N THR A 768 -12.57 3.89 21.00
CA THR A 768 -12.92 3.88 22.41
C THR A 768 -12.46 5.18 23.07
N GLY A 769 -11.22 5.59 22.78
CA GLY A 769 -10.67 6.84 23.28
C GLY A 769 -11.59 8.03 22.97
N ILE A 770 -12.03 8.08 21.71
CA ILE A 770 -12.89 9.16 21.25
C ILE A 770 -14.19 9.21 22.07
N ALA A 771 -14.81 8.04 22.24
CA ALA A 771 -16.09 7.93 22.93
C ALA A 771 -15.99 8.43 24.36
N VAL A 772 -14.91 8.01 25.05
CA VAL A 772 -14.69 8.43 26.42
C VAL A 772 -14.48 9.95 26.48
N GLU A 773 -13.69 10.47 25.54
CA GLU A 773 -13.37 11.89 25.50
C GLU A 773 -14.66 12.73 25.42
N GLN A 774 -15.65 12.24 24.67
CA GLN A 774 -16.89 12.96 24.52
C GLN A 774 -17.59 13.18 25.87
N ASP A 775 -17.65 12.12 26.67
CA ASP A 775 -18.34 12.16 27.95
C ASP A 775 -17.66 13.16 28.89
N LYS A 776 -16.33 13.17 28.90
CA LYS A 776 -15.59 14.06 29.78
C LYS A 776 -15.75 15.51 29.34
N ASN A 777 -15.86 15.74 28.01
CA ASN A 777 -16.12 17.08 27.51
C ASN A 777 -17.41 17.60 28.15
N THR A 778 -18.45 16.77 28.09
CA THR A 778 -19.75 17.16 28.62
C THR A 778 -19.66 17.47 30.11
N GLN A 779 -18.96 16.58 30.81
CA GLN A 779 -18.74 16.72 32.24
C GLN A 779 -18.11 18.07 32.57
N GLU A 780 -17.02 18.39 31.86
CA GLU A 780 -16.30 19.64 32.08
C GLU A 780 -17.21 20.84 31.86
N VAL A 781 -18.02 20.83 30.80
CA VAL A 781 -18.83 21.98 30.43
C VAL A 781 -19.96 22.19 31.43
N PHE A 782 -20.72 21.14 31.76
CA PHE A 782 -21.94 21.32 32.56
C PHE A 782 -21.75 21.06 34.07
N ALA A 783 -21.01 20.01 34.44
CA ALA A 783 -20.84 19.63 35.83
C ALA A 783 -19.76 20.51 36.48
N GLN A 784 -20.02 21.82 36.53
CA GLN A 784 -19.07 22.80 37.08
C GLN A 784 -19.48 23.14 38.51
N VAL A 785 -20.66 22.65 38.94
CA VAL A 785 -21.22 22.99 40.23
C VAL A 785 -21.48 21.74 41.07
N LYS A 786 -21.11 21.85 42.35
CA LYS A 786 -21.18 20.74 43.31
C LYS A 786 -22.63 20.43 43.65
N GLN A 787 -23.40 21.49 43.91
CA GLN A 787 -24.76 21.38 44.38
C GLN A 787 -25.75 21.77 43.28
N ILE A 788 -26.98 21.30 43.48
CA ILE A 788 -28.04 21.55 42.52
C ILE A 788 -28.95 22.59 43.15
N TYR A 789 -28.69 23.85 42.81
CA TYR A 789 -29.54 24.90 43.34
C TYR A 789 -30.90 24.86 42.65
N LYS A 790 -31.92 25.31 43.40
CA LYS A 790 -33.26 25.46 42.86
C LYS A 790 -33.78 26.85 43.17
N THR A 791 -34.61 27.37 42.27
CA THR A 791 -35.16 28.70 42.42
C THR A 791 -36.32 28.65 43.41
N PRO A 792 -36.61 29.76 44.10
CA PRO A 792 -37.79 29.83 44.96
C PRO A 792 -39.04 29.98 44.10
N PRO A 793 -40.24 29.67 44.64
CA PRO A 793 -41.49 29.87 43.92
C PRO A 793 -41.92 31.32 43.71
N ILE A 794 -41.61 32.20 44.67
CA ILE A 794 -41.91 33.62 44.52
C ILE A 794 -40.93 34.23 43.53
N LYS A 795 -41.48 34.82 42.47
CA LYS A 795 -40.74 35.27 41.31
C LYS A 795 -40.82 36.78 41.17
N ASP A 796 -40.41 37.53 42.22
CA ASP A 796 -40.22 38.96 42.13
C ASP A 796 -38.73 39.21 42.01
N PHE A 797 -38.24 39.41 40.78
CA PHE A 797 -36.82 39.60 40.55
C PHE A 797 -36.63 41.05 40.14
N GLY A 798 -37.33 41.95 40.85
CA GLY A 798 -37.27 43.38 40.63
C GLY A 798 -37.71 43.75 39.22
N GLY A 799 -38.60 42.92 38.66
CA GLY A 799 -39.18 43.21 37.36
C GLY A 799 -38.49 42.47 36.22
N PHE A 800 -37.37 41.82 36.53
CA PHE A 800 -36.75 40.91 35.58
C PHE A 800 -37.62 39.66 35.43
N ASN A 801 -37.70 39.18 34.20
CA ASN A 801 -38.50 38.02 33.89
C ASN A 801 -37.56 36.93 33.37
N PHE A 802 -37.61 35.75 34.01
CA PHE A 802 -36.78 34.63 33.57
C PHE A 802 -37.55 33.39 33.15
N SER A 803 -38.86 33.58 32.91
CA SER A 803 -39.73 32.45 32.68
C SER A 803 -39.34 31.73 31.39
N GLN A 804 -38.75 32.47 30.45
CA GLN A 804 -38.44 31.91 29.15
C GLN A 804 -37.13 31.11 29.18
N ILE A 805 -36.40 31.13 30.30
CA ILE A 805 -35.15 30.38 30.37
C ILE A 805 -35.18 29.40 31.53
N LEU A 806 -36.04 29.67 32.53
CA LEU A 806 -36.15 28.73 33.65
C LEU A 806 -36.93 27.50 33.20
N PRO A 807 -36.78 26.35 33.89
CA PRO A 807 -37.48 25.14 33.45
C PRO A 807 -38.98 25.26 33.59
N ASP A 808 -39.71 24.69 32.62
CA ASP A 808 -41.16 24.67 32.62
C ASP A 808 -41.64 23.41 33.32
N PRO A 809 -42.09 23.50 34.60
CA PRO A 809 -42.45 22.29 35.37
C PRO A 809 -43.56 21.45 34.75
N SER A 810 -44.41 22.10 33.94
CA SER A 810 -45.60 21.50 33.39
C SER A 810 -45.28 20.48 32.30
N LYS A 811 -44.05 20.51 31.77
CA LYS A 811 -43.65 19.70 30.63
C LYS A 811 -43.02 18.38 31.10
N PRO A 812 -43.04 17.28 30.29
CA PRO A 812 -42.44 16.01 30.70
C PRO A 812 -40.93 16.16 30.93
N SER A 813 -40.21 16.70 29.95
CA SER A 813 -38.79 16.98 30.13
C SER A 813 -38.64 18.29 30.88
N LYS A 814 -37.68 18.35 31.83
CA LYS A 814 -37.59 19.50 32.73
C LYS A 814 -36.76 20.59 32.05
N ARG A 815 -37.32 21.16 30.98
CA ARG A 815 -36.57 22.08 30.12
C ARG A 815 -37.29 23.41 29.94
N SER A 816 -36.51 24.44 29.55
CA SER A 816 -37.06 25.76 29.33
C SER A 816 -37.63 25.88 27.92
N PHE A 817 -38.36 26.98 27.75
CA PHE A 817 -38.98 27.30 26.48
C PHE A 817 -37.92 27.28 25.38
N ILE A 818 -36.82 27.98 25.67
CA ILE A 818 -35.77 28.19 24.70
C ILE A 818 -35.04 26.87 24.41
N GLU A 819 -34.86 26.07 25.46
CA GLU A 819 -34.22 24.78 25.29
C GLU A 819 -35.05 23.89 24.34
N ASP A 820 -36.38 23.96 24.49
CA ASP A 820 -37.26 23.21 23.62
C ASP A 820 -37.13 23.67 22.18
N LEU A 821 -37.08 24.99 22.00
CA LEU A 821 -36.89 25.51 20.66
C LEU A 821 -35.60 24.97 20.04
N LEU A 822 -34.50 24.99 20.83
CA LEU A 822 -33.20 24.57 20.34
C LEU A 822 -33.22 23.08 19.96
N PHE A 823 -33.90 22.26 20.79
CA PHE A 823 -33.97 20.84 20.51
C PHE A 823 -34.80 20.56 19.25
N ASN A 824 -35.77 21.45 18.98
CA ASN A 824 -36.64 21.27 17.83
C ASN A 824 -36.05 21.87 16.55
N LYS A 825 -34.98 22.67 16.68
CA LYS A 825 -34.34 23.27 15.52
C LYS A 825 -33.12 22.48 15.05
N VAL A 826 -32.97 21.23 15.51
CA VAL A 826 -31.84 20.41 15.13
C VAL A 826 -32.34 19.01 14.76
N THR A 827 -31.70 18.42 13.73
CA THR A 827 -32.02 17.09 13.26
C THR A 827 -30.97 16.08 13.75
N LYS A 854 -24.68 0.11 9.49
CA LYS A 854 -25.83 -0.05 10.43
C LYS A 854 -25.73 -1.37 11.17
N PHE A 855 -25.76 -2.47 10.41
CA PHE A 855 -25.63 -3.81 10.95
C PHE A 855 -24.30 -4.45 10.51
N ASN A 856 -23.36 -3.60 10.12
CA ASN A 856 -22.04 -4.03 9.67
C ASN A 856 -20.99 -3.65 10.71
N GLY A 857 -21.41 -3.77 11.98
CA GLY A 857 -20.56 -3.61 13.16
C GLY A 857 -20.54 -2.19 13.73
N LEU A 858 -21.37 -1.32 13.12
CA LEU A 858 -21.37 0.09 13.46
C LEU A 858 -22.42 0.32 14.52
N THR A 859 -21.97 0.75 15.69
CA THR A 859 -22.85 0.91 16.83
C THR A 859 -22.70 2.32 17.37
N VAL A 860 -23.79 2.77 17.99
CA VAL A 860 -23.83 4.08 18.59
C VAL A 860 -23.98 3.91 20.10
N LEU A 861 -22.92 4.30 20.80
CA LEU A 861 -22.93 4.23 22.24
C LEU A 861 -23.72 5.40 22.78
N PRO A 862 -24.60 5.18 23.77
CA PRO A 862 -25.41 6.27 24.32
C PRO A 862 -24.56 7.14 25.25
N PRO A 863 -24.85 8.45 25.42
CA PRO A 863 -24.06 9.27 26.34
C PRO A 863 -24.37 8.94 27.80
N LEU A 864 -23.38 9.20 28.68
CA LEU A 864 -23.59 9.05 30.12
C LEU A 864 -24.70 9.98 30.59
N LEU A 865 -24.68 11.25 30.14
CA LEU A 865 -25.62 12.22 30.67
C LEU A 865 -26.79 12.41 29.72
N THR A 866 -28.01 12.07 30.17
CA THR A 866 -29.21 12.30 29.39
C THR A 866 -29.51 13.79 29.28
N ASP A 867 -30.28 14.16 28.25
CA ASP A 867 -30.69 15.54 28.03
C ASP A 867 -31.30 16.14 29.29
N GLU A 868 -32.04 15.32 30.04
CA GLU A 868 -32.70 15.73 31.27
C GLU A 868 -31.68 16.12 32.33
N MET A 869 -30.56 15.40 32.37
CA MET A 869 -29.54 15.67 33.37
C MET A 869 -28.79 16.94 33.01
N ILE A 870 -28.53 17.12 31.71
CA ILE A 870 -27.93 18.35 31.25
C ILE A 870 -28.83 19.51 31.63
N ALA A 871 -30.15 19.33 31.46
CA ALA A 871 -31.11 20.36 31.80
C ALA A 871 -31.08 20.67 33.29
N GLN A 872 -30.91 19.63 34.11
CA GLN A 872 -30.84 19.85 35.54
C GLN A 872 -29.59 20.66 35.89
N TYR A 873 -28.47 20.35 35.23
CA TYR A 873 -27.25 21.10 35.48
C TYR A 873 -27.44 22.57 35.10
N THR A 874 -28.06 22.80 33.95
CA THR A 874 -28.27 24.16 33.49
C THR A 874 -29.18 24.92 34.44
N SER A 875 -30.22 24.23 34.94
CA SER A 875 -31.12 24.82 35.91
C SER A 875 -30.36 25.23 37.17
N ALA A 876 -29.47 24.35 37.65
CA ALA A 876 -28.68 24.65 38.82
C ALA A 876 -27.82 25.90 38.60
N LEU A 877 -27.12 25.94 37.46
CA LEU A 877 -26.25 27.07 37.16
C LEU A 877 -27.06 28.36 37.10
N LEU A 878 -28.24 28.27 36.48
CA LEU A 878 -29.07 29.44 36.27
C LEU A 878 -29.59 29.98 37.60
N ALA A 879 -30.04 29.05 38.44
CA ALA A 879 -30.54 29.44 39.76
C ALA A 879 -29.46 30.09 40.61
N GLY A 880 -28.25 29.53 40.53
CA GLY A 880 -27.14 30.14 41.25
C GLY A 880 -26.83 31.55 40.75
N THR A 881 -26.77 31.68 39.43
CA THR A 881 -26.47 32.95 38.82
C THR A 881 -27.51 34.00 39.20
N ILE A 882 -28.74 33.55 39.41
CA ILE A 882 -29.83 34.45 39.75
C ILE A 882 -29.78 34.85 41.22
N THR A 883 -29.76 33.85 42.10
CA THR A 883 -29.99 34.10 43.52
C THR A 883 -28.73 34.56 44.26
N SER A 884 -27.56 34.16 43.75
CA SER A 884 -26.33 34.39 44.47
C SER A 884 -25.27 35.08 43.61
N GLY A 885 -25.56 35.30 42.32
CA GLY A 885 -24.61 35.99 41.46
C GLY A 885 -23.43 35.11 41.13
N TRP A 886 -22.24 35.57 41.52
CA TRP A 886 -21.00 34.88 41.22
C TRP A 886 -20.48 34.11 42.43
N THR A 887 -21.19 34.17 43.56
CA THR A 887 -20.66 33.58 44.79
C THR A 887 -20.69 32.05 44.74
N PHE A 888 -21.62 31.47 43.96
CA PHE A 888 -21.78 30.03 43.95
C PHE A 888 -20.68 29.35 43.14
N GLY A 889 -19.83 30.15 42.50
CA GLY A 889 -18.68 29.67 41.76
C GLY A 889 -17.47 29.59 42.68
N ALA A 890 -17.30 30.67 43.44
CA ALA A 890 -16.19 30.78 44.39
C ALA A 890 -16.36 29.75 45.50
N GLY A 891 -17.59 29.61 46.00
CA GLY A 891 -17.81 28.75 47.14
C GLY A 891 -19.30 28.62 47.45
N ALA A 892 -19.65 28.73 48.74
CA ALA A 892 -21.03 28.65 49.19
C ALA A 892 -21.87 29.77 48.58
N ALA A 893 -23.10 29.45 48.15
CA ALA A 893 -23.95 30.43 47.52
C ALA A 893 -24.46 31.43 48.56
N LEU A 894 -24.15 32.71 48.36
CA LEU A 894 -24.61 33.76 49.26
C LEU A 894 -25.73 34.55 48.59
N GLN A 895 -26.97 34.43 49.08
CA GLN A 895 -28.11 35.03 48.39
C GLN A 895 -27.98 36.55 48.44
N ILE A 896 -28.53 37.22 47.40
CA ILE A 896 -28.58 38.66 47.29
C ILE A 896 -29.75 39.04 46.38
N PRO A 897 -30.53 40.13 46.63
CA PRO A 897 -31.54 40.60 45.67
C PRO A 897 -30.96 40.84 44.27
N PHE A 898 -31.74 40.51 43.24
CA PHE A 898 -31.27 40.60 41.87
C PHE A 898 -30.88 42.03 41.49
N ALA A 899 -31.66 43.01 41.97
CA ALA A 899 -31.40 44.42 41.74
C ALA A 899 -29.99 44.79 42.18
N MET A 900 -29.66 44.43 43.43
CA MET A 900 -28.37 44.78 43.99
C MET A 900 -27.24 44.04 43.26
N GLN A 901 -27.52 42.80 42.81
CA GLN A 901 -26.57 42.07 41.97
C GLN A 901 -26.24 42.88 40.71
N MET A 902 -27.27 43.37 40.03
CA MET A 902 -27.12 44.15 38.81
C MET A 902 -26.33 45.43 39.08
N ALA A 903 -26.44 45.93 40.31
CA ALA A 903 -25.73 47.16 40.67
C ALA A 903 -24.23 46.91 40.62
N TYR A 904 -23.83 45.75 41.11
CA TYR A 904 -22.41 45.42 41.08
C TYR A 904 -21.97 45.07 39.67
N ARG A 905 -22.85 44.44 38.87
CA ARG A 905 -22.53 44.22 37.47
C ARG A 905 -22.29 45.55 36.76
N PHE A 906 -22.99 46.59 37.24
CA PHE A 906 -22.84 47.91 36.65
C PHE A 906 -21.55 48.54 37.13
N ASN A 907 -21.36 48.51 38.44
CA ASN A 907 -20.16 49.00 39.06
C ASN A 907 -18.94 48.31 38.47
N GLY A 908 -19.15 47.09 37.94
CA GLY A 908 -18.07 46.32 37.35
C GLY A 908 -17.67 46.84 35.96
N ILE A 909 -18.54 47.63 35.31
CA ILE A 909 -18.26 48.12 33.96
C ILE A 909 -18.02 49.62 33.95
N GLY A 910 -17.85 50.19 35.16
CA GLY A 910 -17.53 51.60 35.34
C GLY A 910 -18.74 52.53 35.26
N VAL A 911 -19.93 51.94 35.49
CA VAL A 911 -21.14 52.73 35.61
C VAL A 911 -21.60 52.67 37.06
N THR A 912 -21.92 53.83 37.64
CA THR A 912 -22.24 53.93 39.05
C THR A 912 -23.60 53.30 39.38
N GLN A 913 -23.81 52.96 40.67
CA GLN A 913 -24.97 52.22 41.14
C GLN A 913 -26.27 52.94 40.78
N ASN A 914 -26.32 54.23 41.11
CA ASN A 914 -27.53 55.02 40.99
C ASN A 914 -28.20 54.83 39.61
N VAL A 915 -27.40 54.79 38.54
CA VAL A 915 -27.92 54.67 37.18
C VAL A 915 -28.92 53.51 37.09
N LEU A 916 -28.52 52.35 37.65
CA LEU A 916 -29.38 51.18 37.63
C LEU A 916 -30.70 51.45 38.37
N TYR A 917 -30.59 51.91 39.61
CA TYR A 917 -31.75 52.05 40.50
C TYR A 917 -32.72 53.06 39.89
N GLU A 918 -32.17 54.16 39.37
CA GLU A 918 -32.96 55.23 38.79
C GLU A 918 -33.56 54.80 37.45
N ASN A 919 -32.97 53.79 36.80
CA ASN A 919 -33.46 53.31 35.51
C ASN A 919 -33.81 51.82 35.60
N GLN A 920 -34.37 51.41 36.73
CA GLN A 920 -34.66 50.00 36.97
C GLN A 920 -35.74 49.47 36.02
N LYS A 921 -36.86 50.18 35.92
CA LYS A 921 -37.97 49.67 35.13
C LYS A 921 -37.58 49.56 33.67
N LEU A 922 -36.88 50.58 33.17
CA LEU A 922 -36.42 50.63 31.79
C LEU A 922 -35.50 49.44 31.50
N ILE A 923 -34.58 49.18 32.44
CA ILE A 923 -33.62 48.11 32.26
C ILE A 923 -34.34 46.78 32.19
N ALA A 924 -35.28 46.57 33.10
CA ALA A 924 -35.99 45.30 33.15
C ALA A 924 -36.76 45.08 31.85
N ASN A 925 -37.38 46.15 31.35
CA ASN A 925 -38.20 46.05 30.17
C ASN A 925 -37.33 45.72 28.95
N GLN A 926 -36.16 46.36 28.88
CA GLN A 926 -35.22 46.10 27.78
C GLN A 926 -34.80 44.63 27.81
N PHE A 927 -34.56 44.13 29.03
CA PHE A 927 -34.07 42.77 29.22
C PHE A 927 -35.12 41.79 28.68
N ASN A 928 -36.37 42.01 29.11
CA ASN A 928 -37.48 41.15 28.74
C ASN A 928 -37.71 41.18 27.24
N SER A 929 -37.64 42.38 26.67
CA SER A 929 -37.82 42.57 25.23
C SER A 929 -36.76 41.80 24.45
N ALA A 930 -35.53 41.82 24.97
CA ALA A 930 -34.42 41.14 24.31
C ALA A 930 -34.67 39.63 24.31
N ILE A 931 -35.18 39.15 25.45
CA ILE A 931 -35.46 37.72 25.57
C ILE A 931 -36.54 37.32 24.56
N GLY A 932 -37.55 38.17 24.39
CA GLY A 932 -38.61 37.94 23.40
C GLY A 932 -38.05 37.86 21.99
N LYS A 933 -37.12 38.76 21.71
CA LYS A 933 -36.46 38.77 20.42
C LYS A 933 -35.68 37.48 20.19
N ILE A 934 -35.09 36.93 21.25
CA ILE A 934 -34.36 35.68 21.17
C ILE A 934 -35.31 34.56 20.76
N GLN A 935 -36.48 34.54 21.41
CA GLN A 935 -37.51 33.57 21.08
C GLN A 935 -37.80 33.61 19.59
N ASP A 936 -38.04 34.83 19.09
CA ASP A 936 -38.42 35.04 17.70
C ASP A 936 -37.31 34.57 16.76
N SER A 937 -36.06 34.93 17.07
CA SER A 937 -34.93 34.58 16.23
C SER A 937 -34.78 33.07 16.07
N LEU A 938 -34.90 32.36 17.21
CA LEU A 938 -34.70 30.93 17.22
C LEU A 938 -35.88 30.20 16.57
N SER A 939 -37.10 30.75 16.74
CA SER A 939 -38.31 30.14 16.20
C SER A 939 -38.37 30.29 14.68
N SER A 940 -37.90 31.43 14.15
CA SER A 940 -38.06 31.74 12.74
C SER A 940 -37.12 30.91 11.87
N THR A 941 -35.82 31.05 12.12
CA THR A 941 -34.78 30.46 11.28
C THR A 941 -34.04 29.39 12.08
N ALA A 942 -33.67 28.32 11.39
CA ALA A 942 -32.93 27.22 11.96
C ALA A 942 -31.41 27.38 11.76
N SER A 943 -31.02 28.08 10.69
CA SER A 943 -29.62 28.27 10.32
C SER A 943 -28.75 28.72 11.50
N ALA A 944 -29.37 29.38 12.49
CA ALA A 944 -28.69 29.90 13.67
C ALA A 944 -27.84 28.81 14.34
N LEU A 945 -28.35 27.57 14.32
CA LEU A 945 -27.72 26.46 15.02
C LEU A 945 -26.79 25.65 14.13
N GLY A 946 -26.37 26.24 13.00
CA GLY A 946 -25.45 25.60 12.05
C GLY A 946 -24.27 24.93 12.73
N LYS A 947 -23.63 25.63 13.67
CA LYS A 947 -22.45 25.13 14.34
C LYS A 947 -22.67 23.72 14.89
N LEU A 948 -23.89 23.46 15.35
CA LEU A 948 -24.23 22.13 15.83
C LEU A 948 -24.53 21.22 14.64
N GLN A 949 -25.49 21.62 13.81
CA GLN A 949 -25.97 20.80 12.72
C GLN A 949 -24.79 20.29 11.89
N ASP A 950 -23.92 21.22 11.49
CA ASP A 950 -22.73 20.91 10.73
C ASP A 950 -22.08 19.63 11.26
N VAL A 951 -21.78 19.66 12.56
CA VAL A 951 -21.08 18.57 13.21
C VAL A 951 -21.74 17.26 12.83
N VAL A 952 -23.03 17.18 13.15
CA VAL A 952 -23.78 15.97 12.91
C VAL A 952 -23.56 15.54 11.46
N ASN A 953 -23.85 16.45 10.53
CA ASN A 953 -23.75 16.14 9.13
C ASN A 953 -22.41 15.48 8.80
N GLN A 954 -21.32 16.11 9.24
CA GLN A 954 -20.00 15.60 8.95
C GLN A 954 -19.95 14.11 9.30
N ASN A 955 -20.27 13.80 10.56
CA ASN A 955 -20.20 12.44 11.06
C ASN A 955 -21.02 11.50 10.17
N ALA A 956 -22.25 11.94 9.89
CA ALA A 956 -23.12 11.17 9.02
C ALA A 956 -22.40 10.80 7.73
N GLN A 957 -21.83 11.79 7.06
CA GLN A 957 -21.11 11.54 5.83
C GLN A 957 -20.02 10.50 6.04
N ALA A 958 -19.21 10.73 7.09
CA ALA A 958 -18.07 9.86 7.36
C ALA A 958 -18.53 8.41 7.56
N LEU A 959 -19.78 8.25 7.96
CA LEU A 959 -20.29 6.91 8.13
C LEU A 959 -20.83 6.37 6.81
N ASN A 960 -21.65 7.17 6.13
CA ASN A 960 -22.22 6.72 4.87
C ASN A 960 -21.10 6.28 3.96
N THR A 961 -20.09 7.15 3.80
CA THR A 961 -18.91 6.81 3.03
C THR A 961 -18.41 5.42 3.39
N LEU A 962 -18.14 5.21 4.68
CA LEU A 962 -17.64 3.94 5.18
C LEU A 962 -18.52 2.79 4.71
N VAL A 963 -19.83 2.91 4.91
CA VAL A 963 -20.78 1.88 4.53
C VAL A 963 -20.72 1.65 3.00
N LYS A 964 -20.60 2.73 2.24
CA LYS A 964 -20.59 2.63 0.80
C LYS A 964 -19.33 1.94 0.30
N GLN A 965 -18.24 2.02 1.06
CA GLN A 965 -17.01 1.35 0.66
C GLN A 965 -17.10 -0.16 0.80
N LEU A 966 -18.17 -0.67 1.41
CA LEU A 966 -18.38 -2.11 1.50
C LEU A 966 -18.81 -2.67 0.14
N SER A 967 -19.49 -1.83 -0.65
CA SER A 967 -20.07 -2.28 -1.90
C SER A 967 -19.04 -2.33 -3.03
N SER A 968 -17.76 -2.02 -2.72
CA SER A 968 -16.71 -1.97 -3.74
C SER A 968 -15.99 -3.30 -3.90
N ASN A 969 -15.27 -3.46 -5.01
CA ASN A 969 -14.59 -4.70 -5.35
C ASN A 969 -13.10 -4.60 -5.06
N PHE A 970 -12.53 -3.42 -5.27
CA PHE A 970 -11.11 -3.17 -5.06
C PHE A 970 -10.25 -4.11 -5.90
N GLY A 971 -10.78 -4.48 -7.07
CA GLY A 971 -10.08 -5.36 -7.98
C GLY A 971 -10.51 -6.82 -7.86
N ALA A 972 -11.37 -7.13 -6.88
CA ALA A 972 -11.85 -8.49 -6.67
C ALA A 972 -12.99 -8.82 -7.62
N ILE A 973 -13.38 -10.09 -7.63
CA ILE A 973 -14.41 -10.54 -8.56
C ILE A 973 -15.80 -10.19 -8.06
N SER A 974 -15.92 -9.85 -6.77
CA SER A 974 -17.19 -9.38 -6.25
C SER A 974 -16.97 -8.55 -4.98
N SER A 975 -17.96 -7.70 -4.69
CA SER A 975 -17.98 -6.91 -3.47
C SER A 975 -18.58 -7.69 -2.30
N VAL A 976 -19.02 -8.92 -2.54
CA VAL A 976 -19.56 -9.79 -1.50
C VAL A 976 -18.53 -10.87 -1.16
N LEU A 977 -18.55 -11.31 0.09
CA LEU A 977 -17.58 -12.27 0.58
C LEU A 977 -18.09 -13.70 0.41
N ASN A 978 -19.37 -13.90 0.79
CA ASN A 978 -20.03 -15.18 0.66
C ASN A 978 -20.04 -15.64 -0.79
N ASP A 979 -20.23 -14.69 -1.73
CA ASP A 979 -20.24 -15.01 -3.15
C ASP A 979 -18.91 -15.61 -3.58
N ILE A 980 -17.80 -15.04 -3.11
CA ILE A 980 -16.48 -15.54 -3.41
C ILE A 980 -16.31 -16.93 -2.79
N LEU A 981 -16.74 -17.06 -1.53
CA LEU A 981 -16.61 -18.33 -0.83
C LEU A 981 -17.42 -19.42 -1.53
N SER A 982 -18.56 -19.04 -2.14
CA SER A 982 -19.45 -19.98 -2.81
C SER A 982 -19.10 -20.19 -4.28
N ARG A 983 -18.01 -19.59 -4.77
CA ARG A 983 -17.64 -19.67 -6.17
C ARG A 983 -16.24 -20.25 -6.33
N LEU A 984 -15.35 -19.94 -5.40
CA LEU A 984 -13.96 -20.36 -5.52
C LEU A 984 -13.56 -21.29 -4.38
N ASP A 985 -12.45 -22.01 -4.62
CA ASP A 985 -11.74 -22.77 -3.59
C ASP A 985 -10.86 -21.84 -2.78
N PRO A 986 -10.49 -22.22 -1.53
CA PRO A 986 -9.55 -21.43 -0.72
C PRO A 986 -8.32 -20.88 -1.44
N PRO A 987 -7.60 -21.65 -2.30
CA PRO A 987 -6.38 -21.16 -2.94
C PRO A 987 -6.47 -19.81 -3.64
N GLU A 988 -7.67 -19.48 -4.15
CA GLU A 988 -7.90 -18.28 -4.92
C GLU A 988 -8.86 -17.32 -4.24
N ALA A 989 -9.82 -17.89 -3.48
CA ALA A 989 -10.65 -17.08 -2.59
C ALA A 989 -9.75 -16.30 -1.64
N GLU A 990 -8.60 -16.88 -1.26
CA GLU A 990 -7.61 -16.19 -0.44
C GLU A 990 -7.18 -14.88 -1.08
N VAL A 991 -6.86 -14.92 -2.37
CA VAL A 991 -6.36 -13.75 -3.08
C VAL A 991 -7.46 -12.68 -3.14
N GLN A 992 -8.65 -13.11 -3.52
CA GLN A 992 -9.77 -12.18 -3.63
C GLN A 992 -10.07 -11.54 -2.28
N ILE A 993 -10.04 -12.36 -1.23
CA ILE A 993 -10.36 -11.91 0.11
C ILE A 993 -9.27 -10.97 0.60
N ASP A 994 -8.03 -11.22 0.15
CA ASP A 994 -6.93 -10.34 0.50
C ASP A 994 -7.16 -8.96 -0.08
N ARG A 995 -7.66 -8.92 -1.32
CA ARG A 995 -7.95 -7.66 -1.98
C ARG A 995 -9.05 -6.93 -1.21
N LEU A 996 -10.11 -7.67 -0.84
CA LEU A 996 -11.24 -7.08 -0.13
C LEU A 996 -10.79 -6.53 1.24
N ILE A 997 -9.98 -7.33 1.94
CA ILE A 997 -9.52 -6.96 3.26
C ILE A 997 -8.69 -5.70 3.18
N THR A 998 -7.75 -5.68 2.23
CA THR A 998 -6.86 -4.54 2.09
C THR A 998 -7.72 -3.28 1.92
N GLY A 999 -8.67 -3.36 0.98
CA GLY A 999 -9.52 -2.23 0.64
C GLY A 999 -10.26 -1.69 1.86
N ARG A 1000 -10.90 -2.61 2.57
CA ARG A 1000 -11.77 -2.19 3.65
C ARG A 1000 -10.98 -1.72 4.85
N LEU A 1001 -9.82 -2.34 5.10
CA LEU A 1001 -8.97 -1.94 6.19
C LEU A 1001 -8.46 -0.54 5.94
N GLN A 1002 -8.10 -0.25 4.68
CA GLN A 1002 -7.66 1.09 4.33
C GLN A 1002 -8.78 2.08 4.59
N SER A 1003 -10.00 1.70 4.19
CA SER A 1003 -11.17 2.54 4.36
C SER A 1003 -11.43 2.83 5.85
N LEU A 1004 -11.30 1.79 6.70
CA LEU A 1004 -11.49 1.96 8.13
C LEU A 1004 -10.43 2.90 8.71
N GLN A 1005 -9.18 2.74 8.26
CA GLN A 1005 -8.09 3.56 8.78
C GLN A 1005 -8.39 5.02 8.46
N THR A 1006 -8.85 5.27 7.23
CA THR A 1006 -9.18 6.62 6.80
C THR A 1006 -10.26 7.21 7.71
N TYR A 1007 -11.33 6.43 7.94
CA TYR A 1007 -12.44 6.89 8.78
C TYR A 1007 -11.94 7.27 10.17
N VAL A 1008 -11.14 6.38 10.77
CA VAL A 1008 -10.67 6.61 12.13
C VAL A 1008 -9.80 7.85 12.18
N THR A 1009 -8.89 8.02 11.22
CA THR A 1009 -8.03 9.18 11.13
C THR A 1009 -8.85 10.48 11.10
N GLN A 1010 -9.84 10.53 10.22
CA GLN A 1010 -10.72 11.68 10.11
C GLN A 1010 -11.42 11.98 11.44
N GLN A 1011 -11.90 10.92 12.10
CA GLN A 1011 -12.63 11.06 13.36
C GLN A 1011 -11.70 11.61 14.44
N LEU A 1012 -10.43 11.21 14.43
CA LEU A 1012 -9.46 11.60 15.44
C LEU A 1012 -9.29 13.12 15.55
N ILE A 1013 -9.08 13.78 14.41
CA ILE A 1013 -8.87 15.23 14.36
C ILE A 1013 -10.18 15.99 14.53
N ARG A 1014 -11.29 15.36 14.10
CA ARG A 1014 -12.62 15.93 14.32
C ARG A 1014 -12.88 15.93 15.82
N ALA A 1015 -12.43 14.89 16.50
CA ALA A 1015 -12.57 14.80 17.95
C ALA A 1015 -11.68 15.82 18.63
N ALA A 1016 -10.50 16.06 18.03
CA ALA A 1016 -9.58 17.06 18.54
C ALA A 1016 -10.24 18.44 18.61
N GLU A 1017 -10.88 18.85 17.50
CA GLU A 1017 -11.47 20.18 17.43
C GLU A 1017 -12.68 20.30 18.35
N ILE A 1018 -13.45 19.21 18.47
CA ILE A 1018 -14.62 19.23 19.33
C ILE A 1018 -14.19 19.38 20.78
N ARG A 1019 -13.09 18.73 21.16
CA ARG A 1019 -12.58 18.90 22.51
C ARG A 1019 -12.13 20.34 22.71
N ALA A 1020 -11.54 20.93 21.66
CA ALA A 1020 -11.12 22.32 21.75
C ALA A 1020 -12.35 23.19 21.96
N SER A 1021 -13.40 22.87 21.19
CA SER A 1021 -14.63 23.63 21.29
C SER A 1021 -15.20 23.55 22.70
N ALA A 1022 -15.09 22.34 23.28
CA ALA A 1022 -15.68 22.10 24.58
C ALA A 1022 -14.89 22.81 25.68
N ASN A 1023 -13.57 22.84 25.55
CA ASN A 1023 -12.73 23.53 26.51
C ASN A 1023 -13.08 25.02 26.49
N LEU A 1024 -13.28 25.56 25.28
CA LEU A 1024 -13.66 26.95 25.20
C LEU A 1024 -15.00 27.19 25.90
N ALA A 1025 -15.94 26.27 25.68
CA ALA A 1025 -17.26 26.41 26.26
C ALA A 1025 -17.20 26.38 27.79
N ALA A 1026 -16.36 25.49 28.32
CA ALA A 1026 -16.21 25.41 29.76
C ALA A 1026 -15.61 26.71 30.31
N THR A 1027 -14.60 27.22 29.60
CA THR A 1027 -13.98 28.46 30.04
C THR A 1027 -15.02 29.57 30.05
N LYS A 1028 -15.92 29.56 29.06
CA LYS A 1028 -16.96 30.58 28.97
C LYS A 1028 -17.92 30.45 30.13
N MET A 1029 -18.30 29.21 30.45
CA MET A 1029 -19.24 29.02 31.55
C MET A 1029 -18.60 29.44 32.88
N SER A 1030 -17.28 29.38 32.95
CA SER A 1030 -16.60 29.81 34.16
C SER A 1030 -16.46 31.33 34.25
N GLU A 1031 -15.86 31.94 33.21
CA GLU A 1031 -15.48 33.35 33.22
C GLU A 1031 -16.66 34.26 32.92
N CYS A 1032 -17.74 33.67 32.40
CA CYS A 1032 -18.83 34.44 31.84
C CYS A 1032 -20.11 34.23 32.66
N VAL A 1033 -20.44 32.97 33.01
CA VAL A 1033 -21.66 32.67 33.74
C VAL A 1033 -21.42 32.81 35.25
N LEU A 1034 -20.44 32.04 35.74
CA LEU A 1034 -20.10 32.05 37.14
C LEU A 1034 -19.45 33.36 37.59
N GLY A 1035 -19.16 34.26 36.63
CA GLY A 1035 -18.57 35.53 36.99
C GLY A 1035 -18.93 36.65 36.01
N GLN A 1036 -18.08 37.68 35.94
CA GLN A 1036 -18.27 38.81 35.04
C GLN A 1036 -16.92 39.14 34.43
N SER A 1037 -16.77 38.85 33.12
CA SER A 1037 -15.45 38.96 32.51
C SER A 1037 -15.24 40.36 31.98
N LYS A 1038 -14.01 40.86 32.15
CA LYS A 1038 -13.61 42.11 31.54
C LYS A 1038 -12.75 41.87 30.32
N ARG A 1039 -12.72 40.63 29.82
CA ARG A 1039 -12.23 40.36 28.48
C ARG A 1039 -13.29 40.84 27.47
N VAL A 1040 -12.80 41.52 26.44
CA VAL A 1040 -13.67 42.14 25.47
C VAL A 1040 -14.02 41.16 24.36
N ASP A 1041 -15.30 41.09 23.99
CA ASP A 1041 -15.75 40.24 22.91
C ASP A 1041 -15.61 38.77 23.23
N PHE A 1042 -15.23 38.44 24.46
CA PHE A 1042 -15.26 37.05 24.88
C PHE A 1042 -16.69 36.66 25.26
N CYS A 1043 -17.48 37.66 25.66
CA CYS A 1043 -18.81 37.41 26.23
C CYS A 1043 -19.86 38.29 25.55
N GLY A 1044 -19.84 38.28 24.20
CA GLY A 1044 -20.71 39.09 23.36
C GLY A 1044 -20.17 40.50 23.12
N LYS A 1045 -20.59 41.13 22.00
CA LYS A 1045 -20.21 42.51 21.71
C LYS A 1045 -20.95 43.46 22.65
N GLY A 1046 -20.21 44.08 23.58
CA GLY A 1046 -20.78 44.99 24.55
C GLY A 1046 -20.05 44.92 25.89
N TYR A 1047 -20.54 45.70 26.86
CA TYR A 1047 -19.98 45.64 28.20
C TYR A 1047 -20.65 44.49 28.93
N HIS A 1048 -19.89 43.43 29.25
CA HIS A 1048 -20.47 42.21 29.79
C HIS A 1048 -21.13 42.42 31.15
N LEU A 1049 -22.43 42.10 31.26
CA LEU A 1049 -23.11 42.12 32.54
C LEU A 1049 -23.22 40.72 33.12
N MET A 1050 -23.76 39.75 32.36
CA MET A 1050 -23.78 38.36 32.79
C MET A 1050 -24.10 37.46 31.62
N SER A 1051 -24.26 36.16 31.89
CA SER A 1051 -24.65 35.22 30.84
C SER A 1051 -25.43 34.05 31.43
N PHE A 1052 -26.29 33.41 30.62
CA PHE A 1052 -27.14 32.32 31.06
C PHE A 1052 -26.93 31.10 30.17
N PRO A 1053 -26.68 29.90 30.75
CA PRO A 1053 -26.47 28.70 29.95
C PRO A 1053 -27.74 27.92 29.64
N GLN A 1054 -27.86 27.43 28.40
CA GLN A 1054 -29.01 26.66 27.95
C GLN A 1054 -28.49 25.50 27.12
N SER A 1055 -28.92 24.29 27.49
CA SER A 1055 -28.45 23.07 26.83
C SER A 1055 -28.94 23.05 25.39
N ALA A 1056 -28.39 22.10 24.62
CA ALA A 1056 -28.87 21.79 23.29
C ALA A 1056 -28.20 20.49 22.86
N PRO A 1057 -28.78 19.79 21.86
CA PRO A 1057 -28.17 18.57 21.35
C PRO A 1057 -26.69 18.71 21.04
N HIS A 1058 -25.86 18.04 21.84
CA HIS A 1058 -24.42 17.97 21.60
C HIS A 1058 -23.77 19.34 21.72
N GLY A 1059 -24.29 20.22 22.57
CA GLY A 1059 -23.72 21.56 22.66
C GLY A 1059 -24.35 22.40 23.77
N VAL A 1060 -23.87 23.66 23.87
CA VAL A 1060 -24.34 24.59 24.87
C VAL A 1060 -24.60 25.94 24.19
N VAL A 1061 -25.58 26.71 24.71
CA VAL A 1061 -25.95 28.01 24.14
C VAL A 1061 -25.84 29.05 25.26
N PHE A 1062 -25.27 30.23 24.98
CA PHE A 1062 -25.04 31.23 26.03
C PHE A 1062 -25.80 32.51 25.68
N LEU A 1063 -26.64 32.98 26.61
CA LEU A 1063 -27.40 34.21 26.43
C LEU A 1063 -26.67 35.34 27.16
N HIS A 1064 -25.79 36.08 26.46
CA HIS A 1064 -24.97 37.09 27.12
C HIS A 1064 -25.75 38.38 27.30
N VAL A 1065 -25.89 38.85 28.55
CA VAL A 1065 -26.52 40.13 28.83
C VAL A 1065 -25.40 41.17 28.85
N THR A 1066 -25.51 42.22 28.00
CA THR A 1066 -24.44 43.20 27.88
C THR A 1066 -25.02 44.62 27.85
N TYR A 1067 -24.18 45.58 28.24
CA TYR A 1067 -24.54 46.98 28.30
C TYR A 1067 -23.93 47.69 27.11
N VAL A 1068 -24.81 48.26 26.27
CA VAL A 1068 -24.34 48.93 25.06
C VAL A 1068 -24.75 50.39 25.15
N PRO A 1069 -23.80 51.35 25.27
CA PRO A 1069 -24.18 52.76 25.28
C PRO A 1069 -24.79 53.18 23.94
N ALA A 1070 -25.81 54.02 23.97
CA ALA A 1070 -26.71 54.17 22.83
C ALA A 1070 -26.80 55.61 22.34
N GLN A 1071 -27.04 56.58 23.25
CA GLN A 1071 -27.33 57.93 22.78
C GLN A 1071 -26.18 58.84 23.19
N GLU A 1072 -25.62 59.56 22.22
CA GLU A 1072 -24.33 60.22 22.44
C GLU A 1072 -24.45 61.71 22.15
N LYS A 1073 -23.60 62.50 22.80
CA LYS A 1073 -23.56 63.94 22.62
C LYS A 1073 -22.11 64.42 22.51
N ASN A 1074 -21.90 65.46 21.69
CA ASN A 1074 -20.65 66.21 21.59
C ASN A 1074 -20.49 67.11 22.79
N PHE A 1075 -19.25 67.20 23.34
CA PHE A 1075 -18.91 68.16 24.38
C PHE A 1075 -17.47 68.61 24.18
N THR A 1076 -17.21 69.89 24.47
CA THR A 1076 -15.84 70.36 24.62
C THR A 1076 -15.23 69.75 25.88
N THR A 1077 -13.93 69.43 25.83
CA THR A 1077 -13.28 68.81 26.95
C THR A 1077 -11.96 69.49 27.27
N ALA A 1078 -11.37 69.08 28.40
CA ALA A 1078 -10.08 69.59 28.83
C ALA A 1078 -9.48 68.65 29.85
N PRO A 1079 -8.17 68.38 29.78
CA PRO A 1079 -7.56 67.36 30.65
C PRO A 1079 -7.37 67.83 32.07
N ALA A 1080 -7.39 69.14 32.30
CA ALA A 1080 -7.24 69.69 33.63
C ALA A 1080 -7.78 71.12 33.66
N ILE A 1081 -7.96 71.68 34.87
CA ILE A 1081 -8.41 73.06 35.05
C ILE A 1081 -7.49 73.79 36.02
N CYS A 1082 -7.42 75.12 35.90
CA CYS A 1082 -6.67 75.94 36.83
C CYS A 1082 -7.61 76.67 37.76
N HIS A 1083 -7.29 76.66 39.05
CA HIS A 1083 -8.07 77.37 40.04
C HIS A 1083 -7.27 78.51 40.67
N ASP A 1084 -6.12 78.16 41.26
CA ASP A 1084 -5.27 79.12 41.93
C ASP A 1084 -3.81 78.88 41.57
N GLY A 1085 -3.60 78.72 40.27
CA GLY A 1085 -2.29 78.37 39.73
C GLY A 1085 -2.04 76.87 39.78
N LYS A 1086 -2.83 76.16 40.59
CA LYS A 1086 -2.72 74.73 40.75
C LYS A 1086 -3.57 74.02 39.69
N ALA A 1087 -3.24 72.76 39.44
CA ALA A 1087 -3.90 71.96 38.42
C ALA A 1087 -4.75 70.88 39.06
N HIS A 1088 -6.01 70.84 38.64
CA HIS A 1088 -6.96 69.87 39.16
C HIS A 1088 -7.25 68.82 38.09
N PHE A 1089 -7.06 67.58 38.49
CA PHE A 1089 -7.44 66.46 37.66
C PHE A 1089 -8.65 65.78 38.29
N PRO A 1090 -9.51 65.17 37.46
CA PRO A 1090 -10.67 64.46 37.98
C PRO A 1090 -10.29 63.14 38.67
N ARG A 1091 -11.03 62.79 39.72
CA ARG A 1091 -10.75 61.56 40.44
C ARG A 1091 -11.32 60.37 39.68
N GLU A 1092 -12.64 60.41 39.43
CA GLU A 1092 -13.33 59.37 38.68
C GLU A 1092 -14.18 60.07 37.61
N GLY A 1093 -13.63 60.17 36.40
CA GLY A 1093 -14.31 60.78 35.28
C GLY A 1093 -13.48 61.79 34.49
N VAL A 1094 -14.20 62.67 33.79
CA VAL A 1094 -13.58 63.61 32.89
C VAL A 1094 -14.33 64.93 32.91
N PHE A 1095 -13.57 65.97 32.60
CA PHE A 1095 -14.10 67.32 32.55
C PHE A 1095 -14.72 67.59 31.19
N VAL A 1096 -15.87 68.25 31.21
CA VAL A 1096 -16.60 68.55 29.99
C VAL A 1096 -17.19 69.94 30.07
N SER A 1097 -17.58 70.43 28.91
CA SER A 1097 -18.20 71.73 28.80
C SER A 1097 -19.21 71.67 27.67
N ASN A 1098 -20.40 72.21 27.96
CA ASN A 1098 -21.44 72.29 26.94
C ASN A 1098 -21.33 73.60 26.14
N GLY A 1099 -20.39 74.46 26.54
CA GLY A 1099 -20.18 75.73 25.88
C GLY A 1099 -20.00 76.87 26.87
N THR A 1100 -20.63 76.75 28.04
CA THR A 1100 -20.70 77.85 28.99
C THR A 1100 -20.14 77.46 30.35
N HIS A 1101 -20.60 76.32 30.86
CA HIS A 1101 -20.22 75.83 32.17
C HIS A 1101 -19.40 74.55 32.02
N TRP A 1102 -18.50 74.34 33.00
CA TRP A 1102 -17.75 73.11 33.08
C TRP A 1102 -18.34 72.16 34.12
N PHE A 1103 -18.27 70.86 33.82
CA PHE A 1103 -18.63 69.83 34.76
C PHE A 1103 -17.62 68.70 34.73
N VAL A 1104 -17.85 67.75 35.63
CA VAL A 1104 -17.09 66.53 35.65
C VAL A 1104 -18.09 65.38 35.70
N THR A 1105 -17.86 64.37 34.84
CA THR A 1105 -18.81 63.27 34.74
C THR A 1105 -18.05 61.97 34.54
N GLN A 1106 -18.72 60.89 34.95
CA GLN A 1106 -18.30 59.50 34.71
C GLN A 1106 -18.26 59.19 33.21
N ARG A 1107 -17.37 58.30 32.81
CA ARG A 1107 -16.94 58.31 31.41
C ARG A 1107 -17.81 57.40 30.54
N ASN A 1108 -18.73 56.63 31.14
CA ASN A 1108 -19.59 55.74 30.37
C ASN A 1108 -21.06 56.12 30.45
N PHE A 1109 -21.37 57.28 31.03
CA PHE A 1109 -22.73 57.76 31.17
C PHE A 1109 -22.72 59.24 31.54
N TYR A 1110 -23.49 60.06 30.81
CA TYR A 1110 -23.48 61.49 31.04
C TYR A 1110 -24.30 61.81 32.29
N GLU A 1111 -23.61 62.07 33.39
CA GLU A 1111 -24.22 62.44 34.66
C GLU A 1111 -23.42 63.62 35.21
N PRO A 1112 -23.61 64.82 34.64
CA PRO A 1112 -22.76 65.98 34.98
C PRO A 1112 -22.88 66.36 36.46
N GLN A 1113 -21.76 66.74 37.05
CA GLN A 1113 -21.72 67.17 38.45
C GLN A 1113 -20.87 68.43 38.57
N ILE A 1114 -21.01 69.11 39.71
CA ILE A 1114 -20.27 70.33 39.97
C ILE A 1114 -18.82 69.99 40.32
N ILE A 1115 -17.90 70.81 39.82
CA ILE A 1115 -16.48 70.53 40.03
C ILE A 1115 -16.07 71.02 41.41
N THR A 1116 -15.51 70.11 42.21
CA THR A 1116 -15.16 70.42 43.59
C THR A 1116 -13.83 69.80 43.92
N THR A 1117 -13.46 69.87 45.20
CA THR A 1117 -12.28 69.20 45.71
C THR A 1117 -12.57 67.75 46.08
N ASP A 1118 -13.85 67.40 46.16
CA ASP A 1118 -14.26 66.02 46.41
C ASP A 1118 -14.26 65.20 45.12
N ASN A 1119 -14.33 65.90 43.98
CA ASN A 1119 -14.37 65.30 42.67
C ASN A 1119 -13.01 65.32 42.00
N THR A 1120 -12.02 66.00 42.58
CA THR A 1120 -10.74 66.19 41.90
C THR A 1120 -9.60 66.11 42.90
N PHE A 1121 -8.39 66.03 42.37
CA PHE A 1121 -7.19 66.08 43.17
C PHE A 1121 -6.21 67.00 42.48
N VAL A 1122 -5.29 67.50 43.30
CA VAL A 1122 -4.34 68.51 42.88
C VAL A 1122 -2.96 67.92 42.73
N SER A 1123 -2.22 68.44 41.75
CA SER A 1123 -0.85 68.04 41.45
C SER A 1123 -0.20 69.10 40.58
N GLY A 1124 0.83 69.75 41.12
CA GLY A 1124 1.65 70.70 40.38
C GLY A 1124 0.92 72.00 40.09
N ASN A 1125 1.27 72.64 38.96
CA ASN A 1125 0.67 73.90 38.56
C ASN A 1125 0.31 73.83 37.07
N CYS A 1126 0.01 75.01 36.50
CA CYS A 1126 -0.58 75.13 35.19
C CYS A 1126 0.44 75.48 34.10
N ASP A 1127 1.73 75.50 34.46
CA ASP A 1127 2.75 75.84 33.47
C ASP A 1127 3.34 74.59 32.84
N VAL A 1128 2.70 73.43 33.09
CA VAL A 1128 3.19 72.16 32.59
C VAL A 1128 2.13 71.56 31.67
N VAL A 1129 0.91 71.45 32.19
CA VAL A 1129 -0.12 70.69 31.51
C VAL A 1129 -0.45 71.36 30.17
N ILE A 1130 -0.77 70.51 29.19
CA ILE A 1130 -1.04 70.93 27.83
C ILE A 1130 -2.53 70.85 27.61
N GLY A 1131 -3.09 71.93 27.07
CA GLY A 1131 -4.52 72.06 26.84
C GLY A 1131 -5.31 72.43 28.10
N ILE A 1132 -4.58 72.84 29.15
CA ILE A 1132 -5.25 73.16 30.39
C ILE A 1132 -6.11 74.41 30.20
N VAL A 1133 -7.16 74.51 31.03
CA VAL A 1133 -8.12 75.59 30.92
C VAL A 1133 -8.44 76.14 32.29
N ASN A 1134 -9.36 77.09 32.32
CA ASN A 1134 -9.68 77.82 33.54
C ASN A 1134 -11.14 77.57 33.87
N ASN A 1135 -11.37 77.41 35.17
CA ASN A 1135 -12.70 77.38 35.74
C ASN A 1135 -12.55 77.60 37.25
N THR A 1136 -13.67 77.71 37.95
CA THR A 1136 -13.71 77.77 39.40
C THR A 1136 -14.01 76.39 39.97
N VAL A 1137 -13.21 75.96 40.95
CA VAL A 1137 -13.48 74.76 41.71
C VAL A 1137 -14.14 75.16 43.03
N TYR A 1138 -15.31 74.59 43.27
CA TYR A 1138 -16.09 74.98 44.43
C TYR A 1138 -15.64 74.15 45.62
N ASP A 1139 -15.34 74.83 46.73
CA ASP A 1139 -14.97 74.14 47.96
C ASP A 1139 -16.19 74.07 48.88
N PRO A 1140 -16.72 72.87 49.19
CA PRO A 1140 -17.92 72.77 50.02
C PRO A 1140 -17.76 73.28 51.43
N LEU A 1141 -16.50 73.35 51.88
CA LEU A 1141 -16.23 73.63 53.28
C LEU A 1141 -16.42 75.11 53.64
N GLN A 1142 -16.05 76.02 52.73
CA GLN A 1142 -16.11 77.45 52.98
C GLN A 1142 -17.52 77.91 53.36
N PRO A 1143 -18.59 77.60 52.58
CA PRO A 1143 -19.94 78.05 52.94
C PRO A 1143 -20.38 77.62 54.34
N GLU A 1144 -19.94 76.42 54.73
CA GLU A 1144 -20.27 75.84 56.02
C GLU A 1144 -19.66 76.62 57.19
N LEU A 1145 -18.40 77.06 57.05
CA LEU A 1145 -17.69 77.78 58.10
C LEU A 1145 -18.37 79.12 58.37
N ASP A 1146 -18.39 80.00 57.35
CA ASP A 1146 -18.97 81.33 57.48
C ASP A 1146 -20.43 81.25 57.96
N SER A 1147 -21.12 80.16 57.58
CA SER A 1147 -22.44 79.86 58.13
C SER A 1147 -22.25 79.47 59.59
N ALA B 27 -17.16 -42.32 38.00
CA ALA B 27 -16.71 -41.22 38.91
C ALA B 27 -16.16 -40.04 38.11
N TYR B 28 -16.43 -38.83 38.60
CA TYR B 28 -15.96 -37.60 37.97
C TYR B 28 -15.40 -36.67 39.03
N THR B 29 -14.38 -35.89 38.66
CA THR B 29 -13.74 -34.95 39.56
C THR B 29 -13.43 -33.64 38.83
N ASN B 30 -12.94 -32.68 39.61
CA ASN B 30 -12.74 -31.33 39.15
C ASN B 30 -11.28 -31.13 38.74
N SER B 31 -11.09 -30.64 37.50
CA SER B 31 -9.79 -30.20 37.03
C SER B 31 -9.56 -28.75 37.42
N PHE B 32 -9.16 -28.53 38.68
CA PHE B 32 -9.14 -27.18 39.23
C PHE B 32 -8.32 -26.22 38.37
N THR B 33 -7.02 -26.51 38.29
CA THR B 33 -6.01 -25.66 37.68
C THR B 33 -4.90 -26.54 37.11
N ARG B 34 -5.24 -27.78 36.75
CA ARG B 34 -4.23 -28.72 36.25
C ARG B 34 -4.42 -28.93 34.76
N GLY B 35 -3.33 -29.25 34.06
CA GLY B 35 -3.36 -29.38 32.61
C GLY B 35 -2.64 -28.22 31.92
N VAL B 36 -1.65 -27.66 32.64
CA VAL B 36 -0.80 -26.62 32.12
C VAL B 36 0.60 -27.21 31.86
N TYR B 37 1.11 -26.97 30.65
CA TYR B 37 2.43 -27.40 30.25
C TYR B 37 3.11 -26.25 29.51
N TYR B 38 4.44 -26.26 29.48
CA TYR B 38 5.23 -25.31 28.69
C TYR B 38 4.98 -25.57 27.22
N PRO B 39 4.23 -24.68 26.53
CA PRO B 39 3.76 -24.99 25.18
C PRO B 39 4.88 -25.07 24.15
N ASP B 40 6.04 -24.49 24.49
CA ASP B 40 7.19 -24.46 23.61
C ASP B 40 8.46 -24.40 24.43
N LYS B 41 9.59 -24.53 23.72
CA LYS B 41 10.92 -24.66 24.29
C LYS B 41 11.55 -23.28 24.58
N VAL B 42 10.75 -22.23 24.54
CA VAL B 42 11.22 -20.86 24.70
C VAL B 42 11.20 -20.50 26.19
N PHE B 43 12.24 -19.79 26.64
CA PHE B 43 12.32 -19.27 27.99
C PHE B 43 11.77 -17.85 28.04
N ARG B 44 10.97 -17.56 29.06
CA ARG B 44 10.46 -16.21 29.31
C ARG B 44 10.46 -15.99 30.82
N SER B 45 10.76 -14.78 31.29
CA SER B 45 10.80 -14.49 32.72
C SER B 45 10.01 -13.22 33.02
N SER B 46 9.29 -13.23 34.17
CA SER B 46 8.61 -12.04 34.69
C SER B 46 7.73 -11.41 33.61
N VAL B 47 6.79 -12.19 33.09
CA VAL B 47 5.99 -11.80 31.93
C VAL B 47 4.70 -12.61 31.94
N LEU B 48 3.65 -12.03 31.34
CA LEU B 48 2.42 -12.77 31.09
C LEU B 48 2.32 -12.98 29.58
N HIS B 49 2.29 -14.24 29.16
CA HIS B 49 2.26 -14.57 27.75
C HIS B 49 0.95 -15.31 27.42
N SER B 50 0.29 -14.84 26.37
CA SER B 50 -0.93 -15.46 25.88
C SER B 50 -0.58 -16.42 24.73
N THR B 51 -1.10 -17.64 24.81
CA THR B 51 -0.82 -18.68 23.84
C THR B 51 -2.09 -19.50 23.60
N GLN B 52 -2.35 -19.82 22.33
CA GLN B 52 -3.46 -20.71 21.98
C GLN B 52 -2.88 -22.08 21.70
N ASP B 53 -3.36 -23.07 22.43
CA ASP B 53 -2.92 -24.45 22.26
C ASP B 53 -3.91 -25.38 22.93
N LEU B 54 -3.58 -26.67 22.90
CA LEU B 54 -4.42 -27.70 23.47
C LEU B 54 -4.13 -27.83 24.95
N PHE B 55 -5.05 -27.34 25.76
CA PHE B 55 -4.92 -27.42 27.20
C PHE B 55 -6.15 -28.12 27.76
N LEU B 56 -6.06 -28.49 29.03
CA LEU B 56 -7.20 -28.99 29.75
C LEU B 56 -7.98 -27.81 30.31
N PRO B 57 -9.26 -27.61 29.93
CA PRO B 57 -10.05 -26.49 30.44
C PRO B 57 -10.14 -26.55 31.97
N PHE B 58 -9.93 -25.40 32.61
CA PHE B 58 -9.96 -25.32 34.07
C PHE B 58 -11.35 -25.65 34.58
N PHE B 59 -11.39 -26.31 35.75
CA PHE B 59 -12.63 -26.67 36.42
C PHE B 59 -13.52 -27.49 35.50
N SER B 60 -12.93 -28.52 34.88
CA SER B 60 -13.65 -29.38 33.95
C SER B 60 -13.89 -30.74 34.60
N ASN B 61 -14.71 -31.58 33.96
CA ASN B 61 -14.94 -32.92 34.45
C ASN B 61 -13.86 -33.86 33.92
N VAL B 62 -13.18 -34.52 34.87
CA VAL B 62 -12.20 -35.53 34.55
C VAL B 62 -12.71 -36.85 35.08
N THR B 63 -12.67 -37.85 34.21
CA THR B 63 -13.12 -39.20 34.57
C THR B 63 -12.14 -39.80 35.58
N TRP B 64 -12.68 -40.46 36.61
CA TRP B 64 -11.89 -41.03 37.69
C TRP B 64 -12.05 -42.55 37.66
N PHE B 65 -10.92 -43.25 37.61
CA PHE B 65 -10.92 -44.69 37.60
C PHE B 65 -10.10 -45.21 38.77
N HIS B 66 -10.73 -46.10 39.53
CA HIS B 66 -10.12 -46.74 40.70
C HIS B 66 -9.48 -48.06 40.28
N ALA B 67 -8.63 -48.63 41.15
CA ALA B 67 -7.82 -49.80 40.83
C ALA B 67 -7.84 -50.81 41.98
N ILE B 68 -9.00 -50.89 42.66
CA ILE B 68 -9.23 -51.82 43.76
C ILE B 68 -10.53 -52.58 43.50
N HIS B 69 -10.54 -53.84 43.96
CA HIS B 69 -11.66 -54.77 43.91
C HIS B 69 -12.07 -55.10 42.48
N PRO B 82 -9.57 -50.93 30.88
CA PRO B 82 -10.61 -50.33 29.99
C PRO B 82 -10.04 -49.37 28.93
N VAL B 83 -10.62 -49.38 27.72
CA VAL B 83 -10.11 -48.60 26.61
C VAL B 83 -10.86 -47.27 26.54
N LEU B 84 -10.12 -46.16 26.35
CA LEU B 84 -10.67 -44.81 26.41
C LEU B 84 -10.30 -44.07 25.12
N PRO B 85 -11.25 -43.35 24.46
CA PRO B 85 -10.99 -42.74 23.14
C PRO B 85 -10.80 -41.23 22.99
N PHE B 86 -9.70 -40.82 22.33
CA PHE B 86 -9.39 -39.40 22.13
C PHE B 86 -9.08 -39.07 20.68
N ASN B 87 -9.48 -37.86 20.26
CA ASN B 87 -9.22 -37.37 18.93
C ASN B 87 -8.28 -36.16 18.98
N ASP B 88 -8.24 -35.47 20.12
CA ASP B 88 -7.53 -34.20 20.22
C ASP B 88 -6.25 -34.33 21.03
N GLY B 89 -6.37 -34.89 22.23
CA GLY B 89 -5.26 -34.99 23.16
C GLY B 89 -5.74 -35.46 24.52
N VAL B 90 -4.82 -35.93 25.36
CA VAL B 90 -5.18 -36.54 26.64
C VAL B 90 -4.31 -35.98 27.73
N TYR B 91 -4.95 -35.67 28.87
CA TYR B 91 -4.29 -35.41 30.13
C TYR B 91 -4.52 -36.61 31.03
N PHE B 92 -3.43 -37.32 31.32
CA PHE B 92 -3.49 -38.43 32.23
C PHE B 92 -2.86 -38.05 33.56
N ALA B 93 -3.47 -38.48 34.67
CA ALA B 93 -2.85 -38.33 35.96
C ALA B 93 -3.01 -39.58 36.79
N SER B 94 -2.07 -39.82 37.68
CA SER B 94 -2.16 -40.95 38.59
C SER B 94 -1.58 -40.57 39.96
N THR B 95 -2.24 -41.03 41.02
CA THR B 95 -1.73 -40.96 42.37
C THR B 95 -1.24 -42.35 42.77
N GLU B 96 0.02 -42.40 43.22
CA GLU B 96 0.71 -43.65 43.49
C GLU B 96 1.26 -43.67 44.91
N LYS B 97 1.22 -44.88 45.51
CA LYS B 97 1.76 -45.19 46.82
C LYS B 97 2.81 -46.29 46.69
N SER B 98 2.65 -47.16 45.67
CA SER B 98 3.47 -48.36 45.52
C SER B 98 3.84 -48.66 44.06
N ASN B 99 3.72 -47.66 43.18
CA ASN B 99 4.04 -47.76 41.75
C ASN B 99 3.36 -48.94 41.07
N ILE B 100 2.03 -49.02 41.22
CA ILE B 100 1.24 -50.08 40.61
C ILE B 100 1.14 -49.82 39.11
N ILE B 101 0.71 -48.61 38.74
CA ILE B 101 0.52 -48.23 37.35
C ILE B 101 1.89 -48.12 36.67
N ARG B 102 1.99 -48.68 35.45
CA ARG B 102 3.30 -48.85 34.83
C ARG B 102 3.33 -48.36 33.39
N GLY B 103 2.23 -48.52 32.64
CA GLY B 103 2.35 -48.41 31.20
C GLY B 103 1.09 -47.85 30.52
N TRP B 104 1.23 -47.58 29.22
CA TRP B 104 0.16 -47.09 28.37
C TRP B 104 0.19 -47.78 27.01
N ILE B 105 -0.98 -47.95 26.43
CA ILE B 105 -1.15 -48.46 25.08
C ILE B 105 -1.90 -47.41 24.29
N PHE B 106 -1.49 -47.16 23.03
CA PHE B 106 -2.19 -46.22 22.17
C PHE B 106 -2.45 -46.87 20.81
N GLY B 107 -3.54 -46.47 20.15
CA GLY B 107 -3.79 -46.90 18.79
C GLY B 107 -5.27 -46.79 18.42
N THR B 108 -5.68 -47.61 17.44
CA THR B 108 -7.06 -47.65 16.98
C THR B 108 -7.77 -48.91 17.46
N THR B 109 -7.16 -50.08 17.21
CA THR B 109 -7.75 -51.35 17.59
C THR B 109 -6.98 -51.99 18.75
N LEU B 110 -5.68 -51.70 18.84
CA LEU B 110 -4.82 -52.06 19.97
C LEU B 110 -4.81 -53.57 20.25
N ASP B 111 -4.88 -54.42 19.23
CA ASP B 111 -4.86 -55.86 19.39
C ASP B 111 -4.21 -56.46 18.14
N SER B 112 -2.88 -56.67 18.15
CA SER B 112 -2.14 -57.31 17.06
C SER B 112 -2.51 -56.74 15.69
N LYS B 113 -2.52 -55.41 15.60
CA LYS B 113 -2.80 -54.70 14.35
C LYS B 113 -2.44 -53.22 14.53
N SER B 116 0.24 -48.89 16.37
CA SER B 116 -0.09 -49.01 17.81
C SER B 116 1.18 -48.95 18.65
N LEU B 117 1.10 -48.28 19.81
CA LEU B 117 2.23 -47.90 20.62
C LEU B 117 2.10 -48.53 22.01
N LEU B 118 3.25 -48.95 22.55
CA LEU B 118 3.33 -49.49 23.88
C LEU B 118 4.46 -48.80 24.63
N ILE B 119 4.13 -48.32 25.84
CA ILE B 119 5.09 -47.80 26.80
C ILE B 119 4.92 -48.57 28.11
N VAL B 120 6.04 -48.97 28.72
CA VAL B 120 6.03 -49.75 29.96
C VAL B 120 7.17 -49.22 30.84
N ASN B 121 7.01 -49.31 32.16
CA ASN B 121 8.10 -49.20 33.11
C ASN B 121 8.16 -50.49 33.91
N ASN B 122 9.15 -51.35 33.61
CA ASN B 122 9.33 -52.59 34.34
C ASN B 122 10.08 -52.29 35.65
N ALA B 123 9.47 -51.44 36.49
CA ALA B 123 9.97 -51.00 37.78
C ALA B 123 11.11 -49.98 37.68
N THR B 124 12.21 -50.31 36.99
CA THR B 124 13.37 -49.42 36.92
C THR B 124 13.69 -48.93 35.50
N ASN B 125 13.10 -49.56 34.47
CA ASN B 125 13.49 -49.21 33.10
C ASN B 125 12.28 -48.88 32.24
N VAL B 126 12.28 -47.70 31.59
CA VAL B 126 11.24 -47.37 30.65
C VAL B 126 11.53 -48.07 29.32
N VAL B 127 10.49 -48.66 28.74
CA VAL B 127 10.61 -49.39 27.48
C VAL B 127 9.50 -48.92 26.54
N ILE B 128 9.88 -48.46 25.35
CA ILE B 128 8.96 -47.88 24.39
C ILE B 128 9.17 -48.60 23.06
N LYS B 129 8.10 -49.15 22.48
CA LYS B 129 8.09 -49.73 21.15
C LYS B 129 6.79 -49.35 20.45
N VAL B 130 6.69 -49.68 19.15
CA VAL B 130 5.53 -49.37 18.33
C VAL B 130 5.07 -50.61 17.57
N CYS B 131 5.37 -51.80 18.10
CA CYS B 131 4.94 -53.04 17.47
C CYS B 131 3.46 -53.34 17.66
N GLU B 132 2.92 -54.18 16.77
CA GLU B 132 1.56 -54.68 16.90
C GLU B 132 1.54 -55.85 17.90
N PHE B 133 1.74 -55.57 19.20
CA PHE B 133 1.78 -56.62 20.22
C PHE B 133 0.40 -57.24 20.44
N GLN B 134 0.43 -58.48 20.90
CA GLN B 134 -0.78 -59.24 21.22
C GLN B 134 -1.23 -58.95 22.65
N PHE B 135 -2.31 -58.20 22.80
CA PHE B 135 -2.91 -57.93 24.10
C PHE B 135 -4.18 -58.78 24.18
N CYS B 136 -4.64 -59.10 25.39
CA CYS B 136 -5.80 -59.97 25.62
C CYS B 136 -7.09 -59.22 25.97
N ASN B 137 -8.08 -59.96 26.51
CA ASN B 137 -9.34 -59.41 26.98
C ASN B 137 -9.04 -58.32 28.03
N ASP B 138 -8.29 -58.71 29.08
CA ASP B 138 -7.77 -57.80 30.08
C ASP B 138 -6.23 -57.75 30.10
N PRO B 139 -5.50 -56.89 29.31
CA PRO B 139 -4.03 -56.87 29.36
C PRO B 139 -3.54 -56.40 30.72
N PHE B 140 -2.43 -56.99 31.20
CA PHE B 140 -1.96 -56.67 32.53
C PHE B 140 -0.48 -56.99 32.72
N LEU B 141 -0.01 -56.75 33.95
CA LEU B 141 1.34 -57.09 34.37
C LEU B 141 1.26 -57.78 35.73
N GLY B 142 2.17 -58.73 35.95
CA GLY B 142 2.28 -59.49 37.20
C GLY B 142 3.10 -58.77 38.27
N VAL B 143 3.34 -59.46 39.38
CA VAL B 143 4.03 -58.88 40.53
C VAL B 143 5.14 -59.86 40.99
N CYS B 166 7.12 -52.81 14.00
CA CYS B 166 8.15 -52.34 14.96
C CYS B 166 9.08 -51.30 14.30
N THR B 167 8.61 -50.06 14.19
CA THR B 167 9.35 -48.96 13.58
C THR B 167 10.20 -48.20 14.61
N PHE B 168 10.09 -48.53 15.90
CA PHE B 168 10.83 -47.83 16.94
C PHE B 168 11.00 -48.73 18.16
N GLU B 169 12.15 -48.57 18.86
CA GLU B 169 12.36 -49.14 20.18
C GLU B 169 13.36 -48.28 20.96
N TYR B 170 13.03 -47.98 22.22
CA TYR B 170 13.95 -47.33 23.16
C TYR B 170 13.82 -47.95 24.55
N VAL B 171 14.94 -47.94 25.29
CA VAL B 171 15.01 -48.36 26.68
C VAL B 171 15.83 -47.34 27.48
N SER B 172 15.32 -46.93 28.65
CA SER B 172 16.03 -46.03 29.55
C SER B 172 17.03 -46.82 30.39
N PHE B 186 -2.39 -41.06 49.01
CA PHE B 186 -1.21 -41.38 48.17
C PHE B 186 -0.05 -40.46 48.52
N LYS B 187 1.13 -40.76 47.97
CA LYS B 187 2.36 -40.08 48.35
C LYS B 187 2.93 -39.26 47.18
N ASN B 188 2.86 -39.81 45.97
CA ASN B 188 3.43 -39.14 44.80
C ASN B 188 2.37 -39.07 43.72
N LEU B 189 2.39 -37.97 42.96
CA LEU B 189 1.49 -37.71 41.87
C LEU B 189 2.30 -37.60 40.60
N ARG B 190 1.85 -38.31 39.57
CA ARG B 190 2.47 -38.29 38.27
C ARG B 190 1.43 -37.87 37.23
N GLU B 191 1.70 -36.70 36.61
CA GLU B 191 0.82 -36.13 35.62
C GLU B 191 1.52 -36.06 34.26
N PHE B 192 0.80 -36.53 33.23
CA PHE B 192 1.33 -36.60 31.88
C PHE B 192 0.35 -35.98 30.91
N VAL B 193 0.89 -35.45 29.82
CA VAL B 193 0.09 -34.98 28.71
C VAL B 193 0.60 -35.64 27.44
N PHE B 194 -0.31 -36.30 26.73
CA PHE B 194 0.02 -36.95 25.48
C PHE B 194 -0.83 -36.33 24.39
N LYS B 195 -0.17 -35.87 23.32
CA LYS B 195 -0.90 -35.35 22.18
C LYS B 195 -0.16 -35.72 20.91
N ASN B 196 -0.90 -36.28 19.94
CA ASN B 196 -0.33 -36.66 18.64
C ASN B 196 -0.82 -35.67 17.59
N ILE B 197 0.06 -34.73 17.21
CA ILE B 197 -0.25 -33.69 16.25
C ILE B 197 0.64 -33.88 15.02
N ASP B 198 0.03 -33.90 13.83
CA ASP B 198 0.74 -34.04 12.56
C ASP B 198 1.63 -35.28 12.61
N GLY B 199 1.16 -36.34 13.30
CA GLY B 199 1.92 -37.56 13.51
C GLY B 199 3.06 -37.34 14.52
N TYR B 200 2.97 -36.25 15.31
CA TYR B 200 3.94 -36.03 16.38
C TYR B 200 3.46 -36.40 17.80
N PHE B 201 4.05 -37.46 18.40
CA PHE B 201 3.59 -37.89 19.71
C PHE B 201 4.37 -37.13 20.78
N LYS B 202 3.78 -36.04 21.27
CA LYS B 202 4.43 -35.17 22.24
C LYS B 202 3.97 -35.58 23.63
N ILE B 203 4.96 -35.79 24.49
CA ILE B 203 4.78 -36.31 25.84
C ILE B 203 5.43 -35.35 26.82
N TYR B 204 4.60 -34.70 27.63
CA TYR B 204 5.02 -33.87 28.75
C TYR B 204 4.66 -34.61 30.03
N SER B 205 5.39 -34.30 31.12
CA SER B 205 5.17 -34.99 32.38
C SER B 205 5.67 -34.16 33.55
N LYS B 206 5.23 -34.56 34.74
CA LYS B 206 5.66 -33.93 35.99
C LYS B 206 5.37 -34.88 37.13
N HIS B 207 6.36 -34.97 38.03
CA HIS B 207 6.24 -35.74 39.26
C HIS B 207 6.29 -34.79 40.44
N THR B 208 5.39 -35.01 41.41
CA THR B 208 5.32 -34.14 42.56
C THR B 208 4.90 -34.94 43.78
N PRO B 209 5.49 -34.67 44.97
CA PRO B 209 5.04 -35.31 46.19
C PRO B 209 3.70 -34.74 46.64
N ILE B 210 2.89 -35.60 47.27
CA ILE B 210 1.53 -35.28 47.68
C ILE B 210 1.25 -36.01 48.99
N ASN B 211 0.24 -35.50 49.73
CA ASN B 211 -0.30 -36.17 50.91
C ASN B 211 -1.82 -36.04 50.87
N LEU B 212 -2.44 -36.95 50.13
CA LEU B 212 -3.88 -36.93 49.90
C LEU B 212 -4.27 -38.28 49.33
N VAL B 213 -5.40 -38.79 49.82
CA VAL B 213 -5.91 -40.10 49.46
C VAL B 213 -7.25 -39.97 48.71
N ARG B 214 -7.75 -38.74 48.53
CA ARG B 214 -9.08 -38.53 47.97
C ARG B 214 -9.05 -38.39 46.44
N ASP B 215 -8.46 -37.30 45.95
CA ASP B 215 -8.51 -36.95 44.54
C ASP B 215 -7.34 -36.02 44.24
N LEU B 216 -7.39 -35.33 43.10
CA LEU B 216 -6.30 -34.46 42.68
C LEU B 216 -6.19 -33.30 43.65
N PRO B 217 -4.99 -33.04 44.23
CA PRO B 217 -4.78 -31.86 45.06
C PRO B 217 -5.04 -30.55 44.32
N GLN B 218 -5.68 -29.60 45.02
CA GLN B 218 -6.00 -28.30 44.44
C GLN B 218 -4.78 -27.40 44.50
N GLY B 219 -4.48 -26.75 43.37
CA GLY B 219 -3.25 -25.98 43.23
C GLY B 219 -2.78 -25.93 41.78
N PHE B 220 -1.49 -25.63 41.60
CA PHE B 220 -0.96 -25.34 40.27
C PHE B 220 0.50 -25.76 40.19
N SER B 221 0.84 -26.44 39.08
CA SER B 221 2.17 -26.89 38.72
C SER B 221 2.20 -27.24 37.23
N ALA B 222 3.32 -26.96 36.58
CA ALA B 222 3.40 -27.06 35.12
C ALA B 222 4.13 -28.34 34.70
N LEU B 223 3.77 -28.87 33.54
CA LEU B 223 4.37 -30.10 33.03
C LEU B 223 5.37 -29.78 31.93
N GLU B 224 6.61 -30.25 32.10
CA GLU B 224 7.66 -29.98 31.13
C GLU B 224 7.67 -31.09 30.05
N PRO B 225 7.89 -30.75 28.77
CA PRO B 225 8.11 -31.77 27.74
C PRO B 225 9.28 -32.68 28.04
N LEU B 226 9.08 -33.97 27.72
CA LEU B 226 10.11 -34.99 27.81
C LEU B 226 10.40 -35.62 26.45
N VAL B 227 9.35 -35.91 25.66
CA VAL B 227 9.55 -36.71 24.45
C VAL B 227 8.74 -36.18 23.27
N ASP B 228 9.29 -36.34 22.06
CA ASP B 228 8.59 -36.13 20.81
C ASP B 228 8.89 -37.29 19.85
N LEU B 229 7.98 -38.26 19.74
CA LEU B 229 8.17 -39.39 18.85
C LEU B 229 7.54 -39.20 17.45
N PRO B 230 8.29 -39.28 16.32
CA PRO B 230 7.69 -39.07 15.01
C PRO B 230 7.06 -40.34 14.44
N ILE B 231 6.07 -40.91 15.13
CA ILE B 231 5.48 -42.18 14.76
C ILE B 231 4.70 -42.10 13.45
N GLY B 232 4.18 -40.91 13.16
CA GLY B 232 3.29 -40.71 12.01
C GLY B 232 2.05 -41.60 12.09
N ILE B 233 1.64 -41.96 13.32
CA ILE B 233 0.55 -42.91 13.51
C ILE B 233 -0.68 -42.24 14.14
N ASN B 234 -1.84 -42.37 13.47
CA ASN B 234 -3.12 -41.91 13.99
C ASN B 234 -3.49 -42.69 15.25
N ILE B 235 -3.93 -41.97 16.30
CA ILE B 235 -4.37 -42.60 17.54
C ILE B 235 -5.78 -42.14 17.92
N THR B 236 -6.68 -43.12 18.10
CA THR B 236 -8.09 -42.87 18.32
C THR B 236 -8.53 -43.32 19.72
N ARG B 237 -7.76 -44.25 20.31
CA ARG B 237 -8.05 -44.82 21.62
C ARG B 237 -6.73 -45.13 22.32
N PHE B 238 -6.82 -45.39 23.62
CA PHE B 238 -5.69 -45.77 24.45
C PHE B 238 -6.17 -46.52 25.69
N GLN B 239 -5.23 -47.07 26.45
CA GLN B 239 -5.50 -47.82 27.67
C GLN B 239 -4.32 -47.71 28.62
N THR B 240 -4.56 -48.01 29.90
CA THR B 240 -3.55 -47.99 30.94
C THR B 240 -3.24 -49.41 31.40
N LEU B 241 -2.00 -49.59 31.88
CA LEU B 241 -1.49 -50.86 32.36
C LEU B 241 -0.93 -50.66 33.76
N LEU B 242 -1.46 -51.39 34.73
CA LEU B 242 -0.96 -51.40 36.09
C LEU B 242 -0.33 -52.77 36.44
N ALA B 263 -4.36 -47.72 43.38
CA ALA B 263 -3.71 -46.66 42.58
C ALA B 263 -4.72 -46.25 41.53
N ALA B 264 -5.39 -45.13 41.80
CA ALA B 264 -6.38 -44.62 40.87
C ALA B 264 -5.73 -43.63 39.90
N TYR B 265 -6.38 -43.45 38.76
CA TYR B 265 -5.96 -42.47 37.78
C TYR B 265 -7.15 -41.63 37.29
N TYR B 266 -6.83 -40.57 36.57
CA TYR B 266 -7.81 -39.61 36.08
C TYR B 266 -7.48 -39.29 34.63
N VAL B 267 -8.54 -39.10 33.84
CA VAL B 267 -8.40 -38.77 32.44
C VAL B 267 -9.18 -37.50 32.12
N GLY B 268 -8.50 -36.59 31.40
CA GLY B 268 -9.13 -35.43 30.80
C GLY B 268 -8.74 -35.30 29.33
N TYR B 269 -9.52 -34.51 28.60
CA TYR B 269 -9.33 -34.35 27.17
C TYR B 269 -9.03 -32.89 26.88
N LEU B 270 -7.98 -32.68 26.09
CA LEU B 270 -7.55 -31.35 25.76
C LEU B 270 -8.47 -30.72 24.74
N GLN B 271 -8.43 -29.39 24.70
CA GLN B 271 -9.18 -28.62 23.74
C GLN B 271 -8.31 -27.42 23.34
N PRO B 272 -8.54 -26.85 22.15
CA PRO B 272 -7.84 -25.64 21.72
C PRO B 272 -8.33 -24.38 22.41
N ARG B 273 -7.76 -24.10 23.59
CA ARG B 273 -8.22 -22.99 24.40
C ARG B 273 -7.07 -22.04 24.67
N THR B 274 -7.35 -20.75 24.56
CA THR B 274 -6.35 -19.72 24.74
C THR B 274 -6.08 -19.54 26.23
N PHE B 275 -4.80 -19.48 26.60
CA PHE B 275 -4.41 -19.36 28.00
C PHE B 275 -3.43 -18.21 28.17
N LEU B 276 -3.46 -17.63 29.36
CA LEU B 276 -2.46 -16.66 29.77
C LEU B 276 -1.60 -17.31 30.86
N LEU B 277 -0.28 -17.31 30.64
CA LEU B 277 0.64 -17.97 31.55
C LEU B 277 1.59 -16.95 32.14
N LYS B 278 1.86 -17.12 33.44
CA LYS B 278 2.64 -16.16 34.21
C LYS B 278 4.00 -16.78 34.48
N TYR B 279 5.03 -16.26 33.80
CA TYR B 279 6.39 -16.70 34.05
C TYR B 279 7.02 -15.75 35.07
N ASN B 280 7.61 -16.33 36.12
CA ASN B 280 8.16 -15.58 37.25
C ASN B 280 9.63 -15.13 37.05
N GLU B 281 10.24 -14.73 38.18
CA GLU B 281 11.63 -14.29 38.19
C GLU B 281 12.55 -15.32 37.53
N ASN B 282 12.32 -16.61 37.81
CA ASN B 282 13.23 -17.64 37.33
C ASN B 282 12.82 -18.28 36.00
N GLY B 283 11.73 -17.80 35.39
CA GLY B 283 11.27 -18.38 34.13
C GLY B 283 10.33 -19.56 34.30
N THR B 284 9.84 -19.78 35.51
CA THR B 284 8.95 -20.86 35.83
C THR B 284 7.52 -20.36 35.71
N ILE B 285 6.65 -21.21 35.17
CA ILE B 285 5.22 -20.94 35.16
C ILE B 285 4.64 -21.16 36.56
N THR B 286 3.98 -20.13 37.09
CA THR B 286 3.48 -20.13 38.45
C THR B 286 1.95 -19.99 38.51
N ASP B 287 1.34 -19.42 37.47
CA ASP B 287 -0.10 -19.21 37.47
C ASP B 287 -0.59 -19.07 36.04
N ALA B 288 -1.90 -19.23 35.83
CA ALA B 288 -2.49 -19.22 34.51
C ALA B 288 -3.94 -18.79 34.59
N VAL B 289 -4.47 -18.40 33.43
CA VAL B 289 -5.85 -18.00 33.26
C VAL B 289 -6.40 -18.64 31.99
N ASP B 290 -7.60 -19.22 32.11
CA ASP B 290 -8.33 -19.71 30.96
C ASP B 290 -9.19 -18.58 30.38
N CYS B 291 -8.84 -18.13 29.17
CA CYS B 291 -9.44 -16.96 28.55
C CYS B 291 -10.91 -17.19 28.18
N ALA B 292 -11.47 -18.38 28.45
CA ALA B 292 -12.85 -18.62 28.08
C ALA B 292 -13.68 -19.23 29.22
N LEU B 293 -13.06 -19.41 30.39
CA LEU B 293 -13.76 -19.97 31.53
C LEU B 293 -14.96 -19.09 31.92
N ASP B 294 -14.70 -17.82 32.27
CA ASP B 294 -15.75 -16.94 32.76
C ASP B 294 -15.50 -15.50 32.31
N PRO B 295 -16.46 -14.58 32.44
CA PRO B 295 -16.28 -13.23 31.92
C PRO B 295 -15.05 -12.54 32.54
N LEU B 296 -14.84 -12.77 33.82
CA LEU B 296 -13.66 -12.22 34.48
C LEU B 296 -12.35 -12.66 33.82
N SER B 297 -12.29 -13.92 33.39
CA SER B 297 -11.10 -14.44 32.75
C SER B 297 -10.91 -13.81 31.37
N GLU B 298 -12.01 -13.55 30.65
CA GLU B 298 -11.93 -12.86 29.38
C GLU B 298 -11.34 -11.48 29.59
N THR B 299 -11.76 -10.82 30.67
CA THR B 299 -11.23 -9.51 31.03
C THR B 299 -9.74 -9.60 31.28
N LYS B 300 -9.34 -10.57 32.10
CA LYS B 300 -7.93 -10.76 32.46
C LYS B 300 -7.08 -10.96 31.20
N CYS B 301 -7.62 -11.73 30.26
CA CYS B 301 -6.90 -12.10 29.05
C CYS B 301 -6.84 -10.90 28.11
N THR B 302 -7.87 -10.05 28.09
CA THR B 302 -7.89 -8.88 27.24
C THR B 302 -6.81 -7.90 27.68
N LEU B 303 -6.73 -7.69 29.00
CA LEU B 303 -5.81 -6.72 29.57
C LEU B 303 -4.40 -7.28 29.72
N LYS B 304 -4.24 -8.61 29.56
CA LYS B 304 -2.96 -9.29 29.78
C LYS B 304 -2.50 -9.01 31.22
N SER B 305 -3.40 -9.23 32.18
CA SER B 305 -3.07 -8.98 33.58
C SER B 305 -3.92 -9.87 34.48
N PHE B 306 -3.43 -10.07 35.71
CA PHE B 306 -4.12 -10.82 36.74
C PHE B 306 -4.80 -9.86 37.71
N THR B 307 -4.62 -8.54 37.51
CA THR B 307 -4.93 -7.53 38.52
C THR B 307 -5.86 -6.46 37.94
N VAL B 308 -7.01 -6.91 37.44
CA VAL B 308 -7.99 -6.03 36.82
C VAL B 308 -8.46 -4.99 37.84
N GLU B 309 -8.37 -3.70 37.47
CA GLU B 309 -8.75 -2.62 38.35
C GLU B 309 -10.23 -2.32 38.14
N LYS B 310 -10.83 -1.61 39.10
CA LYS B 310 -12.24 -1.25 39.04
C LYS B 310 -12.56 -0.48 37.76
N GLY B 311 -13.66 -0.82 37.10
CA GLY B 311 -13.97 -0.26 35.80
C GLY B 311 -14.93 -1.13 35.02
N ILE B 312 -15.21 -0.72 33.79
CA ILE B 312 -16.01 -1.48 32.86
C ILE B 312 -15.16 -1.69 31.61
N TYR B 313 -15.08 -2.95 31.15
CA TYR B 313 -14.20 -3.31 30.04
C TYR B 313 -15.00 -4.02 28.97
N GLN B 314 -14.79 -3.60 27.72
CA GLN B 314 -15.41 -4.24 26.58
C GLN B 314 -14.55 -5.43 26.17
N THR B 315 -15.12 -6.63 26.27
CA THR B 315 -14.34 -7.85 26.17
C THR B 315 -14.60 -8.59 24.87
N SER B 316 -15.87 -8.83 24.54
CA SER B 316 -16.13 -9.66 23.36
C SER B 316 -17.32 -9.15 22.57
N ASN B 317 -17.75 -9.98 21.61
CA ASN B 317 -18.95 -9.74 20.84
C ASN B 317 -19.81 -11.00 20.82
N PHE B 318 -20.96 -10.94 21.52
CA PHE B 318 -21.99 -11.97 21.52
C PHE B 318 -22.59 -12.12 20.13
N ARG B 319 -22.77 -13.39 19.71
CA ARG B 319 -23.36 -13.70 18.43
C ARG B 319 -24.09 -15.05 18.48
N VAL B 320 -25.38 -15.04 18.12
CA VAL B 320 -26.22 -16.22 18.01
C VAL B 320 -25.71 -17.06 16.85
N GLN B 321 -25.63 -18.36 17.07
CA GLN B 321 -25.25 -19.28 16.00
C GLN B 321 -26.49 -19.78 15.26
N PRO B 322 -26.44 -19.95 13.91
CA PRO B 322 -27.58 -20.52 13.18
C PRO B 322 -27.77 -21.99 13.55
N THR B 323 -29.03 -22.36 13.74
CA THR B 323 -29.37 -23.71 14.17
C THR B 323 -29.59 -24.63 12.96
N GLU B 324 -30.08 -24.05 11.85
CA GLU B 324 -30.52 -24.86 10.72
C GLU B 324 -29.88 -24.39 9.41
N SER B 325 -29.80 -25.33 8.46
CA SER B 325 -29.35 -25.06 7.11
C SER B 325 -30.54 -25.20 6.15
N ILE B 326 -30.92 -24.09 5.50
CA ILE B 326 -32.03 -24.08 4.57
C ILE B 326 -31.49 -23.89 3.16
N VAL B 327 -31.89 -24.81 2.28
CA VAL B 327 -31.50 -24.75 0.88
C VAL B 327 -32.75 -24.79 0.02
N ARG B 328 -32.96 -23.76 -0.84
CA ARG B 328 -34.13 -23.72 -1.71
C ARG B 328 -33.70 -23.41 -3.14
N PHE B 329 -34.15 -24.25 -4.08
CA PHE B 329 -33.96 -24.03 -5.49
C PHE B 329 -35.29 -24.27 -6.20
N PRO B 330 -35.52 -23.69 -7.40
CA PRO B 330 -36.77 -23.94 -8.13
C PRO B 330 -36.87 -25.42 -8.48
N ASN B 331 -38.08 -25.96 -8.30
CA ASN B 331 -38.36 -27.38 -8.40
C ASN B 331 -38.43 -27.80 -9.86
N ILE B 332 -37.32 -27.66 -10.58
CA ILE B 332 -37.20 -28.12 -11.96
C ILE B 332 -36.73 -29.57 -11.92
N THR B 333 -37.19 -30.35 -12.91
CA THR B 333 -36.71 -31.71 -13.16
C THR B 333 -36.62 -31.89 -14.67
N ASN B 334 -35.41 -31.67 -15.20
CA ASN B 334 -35.09 -31.65 -16.61
C ASN B 334 -33.59 -31.56 -16.75
N LEU B 335 -32.94 -32.61 -17.27
CA LEU B 335 -31.50 -32.56 -17.40
C LEU B 335 -31.10 -31.62 -18.53
N CYS B 336 -29.92 -30.98 -18.39
CA CYS B 336 -29.49 -30.06 -19.42
C CYS B 336 -28.84 -30.88 -20.55
N PRO B 337 -29.06 -30.54 -21.84
CA PRO B 337 -28.55 -31.34 -22.95
C PRO B 337 -27.06 -31.10 -23.24
N PHE B 338 -26.23 -31.52 -22.29
CA PHE B 338 -24.78 -31.28 -22.38
C PHE B 338 -24.15 -32.21 -23.41
N GLY B 339 -24.67 -33.44 -23.49
CA GLY B 339 -24.20 -34.45 -24.43
C GLY B 339 -24.29 -33.95 -25.87
N GLU B 340 -25.42 -33.30 -26.19
CA GLU B 340 -25.65 -32.75 -27.53
C GLU B 340 -24.46 -31.93 -28.00
N VAL B 341 -23.75 -31.33 -27.04
CA VAL B 341 -22.59 -30.52 -27.34
C VAL B 341 -21.30 -31.34 -27.28
N PHE B 342 -21.11 -32.08 -26.18
CA PHE B 342 -19.93 -32.90 -25.99
C PHE B 342 -19.93 -34.13 -26.91
N ASN B 343 -21.11 -34.72 -27.12
CA ASN B 343 -21.26 -35.95 -27.89
C ASN B 343 -21.64 -35.66 -29.34
N ALA B 344 -21.54 -34.37 -29.75
CA ALA B 344 -21.87 -33.95 -31.12
C ALA B 344 -21.05 -34.73 -32.14
N THR B 345 -21.72 -35.18 -33.21
CA THR B 345 -21.12 -35.90 -34.33
C THR B 345 -19.99 -35.09 -34.97
N ARG B 346 -20.33 -33.85 -35.36
CA ARG B 346 -19.44 -32.90 -36.02
C ARG B 346 -19.35 -31.61 -35.18
N PHE B 347 -18.19 -30.92 -35.28
CA PHE B 347 -17.98 -29.62 -34.65
C PHE B 347 -17.88 -28.54 -35.72
N ALA B 348 -17.96 -27.26 -35.30
CA ALA B 348 -17.83 -26.14 -36.24
C ALA B 348 -16.38 -25.65 -36.28
N SER B 349 -15.99 -25.00 -37.39
CA SER B 349 -14.70 -24.33 -37.47
C SER B 349 -14.62 -23.17 -36.48
N VAL B 350 -13.39 -22.88 -36.05
CA VAL B 350 -13.18 -21.90 -34.97
C VAL B 350 -13.70 -20.52 -35.38
N TYR B 351 -13.52 -20.17 -36.67
CA TYR B 351 -13.98 -18.90 -37.19
C TYR B 351 -15.51 -18.79 -37.16
N ALA B 352 -16.19 -19.94 -37.34
CA ALA B 352 -17.64 -19.99 -37.31
C ALA B 352 -18.12 -20.87 -36.15
N TRP B 353 -17.49 -20.68 -34.99
CA TRP B 353 -17.80 -21.39 -33.75
C TRP B 353 -19.30 -21.41 -33.48
N ASN B 354 -19.83 -22.59 -33.16
CA ASN B 354 -21.24 -22.74 -32.83
C ASN B 354 -21.50 -22.24 -31.40
N ARG B 355 -22.73 -21.80 -31.18
CA ARG B 355 -23.20 -21.41 -29.87
C ARG B 355 -24.51 -22.13 -29.56
N LYS B 356 -24.51 -22.84 -28.44
CA LYS B 356 -25.71 -23.48 -27.94
C LYS B 356 -26.13 -22.78 -26.65
N ARG B 357 -27.40 -22.39 -26.56
CA ARG B 357 -27.94 -21.79 -25.34
C ARG B 357 -28.59 -22.86 -24.47
N ILE B 358 -28.25 -22.84 -23.16
CA ILE B 358 -28.79 -23.76 -22.19
C ILE B 358 -29.62 -22.97 -21.19
N SER B 359 -30.87 -23.42 -21.00
CA SER B 359 -31.82 -22.73 -20.16
C SER B 359 -32.88 -23.72 -19.66
N ASN B 360 -33.42 -23.44 -18.47
CA ASN B 360 -34.59 -24.13 -17.93
C ASN B 360 -34.31 -25.62 -17.81
N CYS B 361 -33.27 -25.96 -17.04
CA CYS B 361 -32.87 -27.34 -16.83
C CYS B 361 -31.94 -27.46 -15.63
N VAL B 362 -31.75 -28.71 -15.17
CA VAL B 362 -30.83 -29.03 -14.09
C VAL B 362 -29.51 -29.50 -14.70
N ALA B 363 -28.41 -28.88 -14.24
CA ALA B 363 -27.08 -29.19 -14.74
C ALA B 363 -26.29 -30.02 -13.74
N ASP B 364 -26.09 -31.30 -14.08
CA ASP B 364 -25.22 -32.18 -13.32
C ASP B 364 -23.78 -32.08 -13.84
N TYR B 365 -23.03 -31.16 -13.25
CA TYR B 365 -21.68 -30.88 -13.72
C TYR B 365 -20.71 -31.99 -13.39
N SER B 366 -21.06 -32.90 -12.46
CA SER B 366 -20.21 -34.02 -12.10
C SER B 366 -19.74 -34.82 -13.32
N VAL B 367 -20.70 -35.10 -14.21
CA VAL B 367 -20.47 -35.89 -15.41
C VAL B 367 -19.30 -35.34 -16.23
N LEU B 368 -19.03 -34.03 -16.07
CA LEU B 368 -17.87 -33.40 -16.70
C LEU B 368 -16.63 -33.47 -15.82
N TYR B 369 -16.70 -32.99 -14.57
CA TYR B 369 -15.51 -32.83 -13.76
C TYR B 369 -15.14 -34.15 -13.06
N ASN B 370 -15.98 -35.18 -13.17
CA ASN B 370 -15.61 -36.52 -12.72
C ASN B 370 -15.07 -37.38 -13.87
N SER B 371 -15.34 -36.97 -15.10
CA SER B 371 -14.94 -37.73 -16.28
C SER B 371 -13.44 -37.60 -16.52
N ALA B 372 -12.84 -38.63 -17.12
CA ALA B 372 -11.43 -38.66 -17.47
C ALA B 372 -11.22 -38.44 -18.97
N SER B 373 -12.23 -37.92 -19.69
CA SER B 373 -12.16 -37.84 -21.15
C SER B 373 -11.51 -36.55 -21.64
N PHE B 374 -11.17 -35.65 -20.71
CA PHE B 374 -10.78 -34.29 -21.03
C PHE B 374 -9.35 -34.03 -20.60
N SER B 375 -8.58 -33.41 -21.50
CA SER B 375 -7.20 -33.04 -21.24
C SER B 375 -7.12 -31.71 -20.50
N THR B 376 -7.94 -30.73 -20.93
CA THR B 376 -7.95 -29.40 -20.34
C THR B 376 -9.35 -29.12 -19.81
N PHE B 377 -9.38 -28.71 -18.54
CA PHE B 377 -10.62 -28.38 -17.87
C PHE B 377 -10.31 -27.21 -16.93
N LYS B 378 -10.43 -25.98 -17.43
CA LYS B 378 -9.94 -24.81 -16.74
C LYS B 378 -11.12 -23.86 -16.46
N CYS B 379 -11.42 -23.66 -15.17
CA CYS B 379 -12.56 -22.84 -14.79
C CYS B 379 -12.10 -21.52 -14.17
N TYR B 380 -12.56 -20.40 -14.74
CA TYR B 380 -12.19 -19.06 -14.33
C TYR B 380 -13.33 -18.42 -13.54
N GLY B 381 -12.94 -17.84 -12.40
CA GLY B 381 -13.85 -17.12 -11.52
C GLY B 381 -14.97 -18.01 -10.99
N VAL B 382 -14.70 -19.31 -10.99
CA VAL B 382 -15.63 -20.33 -10.50
C VAL B 382 -14.87 -21.63 -10.27
N SER B 383 -15.28 -22.35 -9.23
CA SER B 383 -14.85 -23.71 -8.98
C SER B 383 -15.97 -24.70 -9.36
N PRO B 384 -15.63 -25.80 -10.09
CA PRO B 384 -16.65 -26.65 -10.68
C PRO B 384 -17.58 -27.29 -9.66
N THR B 385 -16.98 -27.61 -8.51
CA THR B 385 -17.64 -28.31 -7.41
C THR B 385 -18.84 -27.47 -6.94
N LYS B 386 -18.59 -26.16 -6.83
CA LYS B 386 -19.58 -25.22 -6.34
C LYS B 386 -20.71 -25.04 -7.36
N LEU B 387 -20.48 -25.39 -8.63
CA LEU B 387 -21.51 -25.21 -9.66
C LEU B 387 -22.78 -26.00 -9.31
N ASN B 388 -22.63 -27.08 -8.54
CA ASN B 388 -23.78 -27.87 -8.13
C ASN B 388 -24.74 -27.07 -7.25
N ASP B 389 -24.25 -26.00 -6.64
CA ASP B 389 -24.99 -25.22 -5.65
C ASP B 389 -25.46 -23.87 -6.20
N LEU B 390 -25.35 -23.70 -7.51
CA LEU B 390 -25.53 -22.40 -8.14
C LEU B 390 -26.61 -22.45 -9.21
N CYS B 391 -27.25 -21.29 -9.39
CA CYS B 391 -28.22 -21.09 -10.44
C CYS B 391 -27.77 -19.97 -11.36
N PHE B 392 -28.23 -20.01 -12.62
CA PHE B 392 -27.92 -19.00 -13.62
C PHE B 392 -29.11 -18.82 -14.53
N THR B 393 -29.26 -17.62 -15.10
CA THR B 393 -30.32 -17.30 -16.04
C THR B 393 -30.11 -18.05 -17.36
N ASN B 394 -28.86 -18.15 -17.78
CA ASN B 394 -28.53 -18.75 -19.06
C ASN B 394 -27.12 -19.30 -19.00
N VAL B 395 -26.86 -20.29 -19.86
CA VAL B 395 -25.51 -20.77 -20.07
C VAL B 395 -25.28 -20.81 -21.58
N TYR B 396 -24.05 -20.49 -21.99
CA TYR B 396 -23.68 -20.55 -23.40
C TYR B 396 -22.53 -21.53 -23.58
N ALA B 397 -22.79 -22.57 -24.38
CA ALA B 397 -21.78 -23.56 -24.73
C ALA B 397 -21.30 -23.26 -26.16
N ASP B 398 -20.11 -22.64 -26.25
CA ASP B 398 -19.50 -22.35 -27.53
C ASP B 398 -18.61 -23.52 -27.91
N SER B 399 -18.92 -24.16 -29.05
CA SER B 399 -18.21 -25.34 -29.51
C SER B 399 -17.44 -25.02 -30.79
N PHE B 400 -16.20 -25.53 -30.89
CA PHE B 400 -15.37 -25.42 -32.08
C PHE B 400 -14.19 -26.39 -31.99
N VAL B 401 -13.29 -26.32 -32.98
CA VAL B 401 -12.13 -27.20 -33.07
C VAL B 401 -10.91 -26.39 -33.49
N ILE B 402 -9.78 -26.69 -32.82
CA ILE B 402 -8.48 -26.08 -33.10
C ILE B 402 -7.38 -27.15 -33.06
N ARG B 403 -6.14 -26.78 -33.37
CA ARG B 403 -5.00 -27.66 -33.13
C ARG B 403 -4.50 -27.46 -31.70
N GLY B 404 -3.78 -28.48 -31.18
CA GLY B 404 -3.47 -28.58 -29.75
C GLY B 404 -2.75 -27.38 -29.16
N ASP B 405 -1.70 -26.92 -29.85
CA ASP B 405 -0.83 -25.87 -29.34
C ASP B 405 -1.57 -24.52 -29.23
N GLU B 406 -2.75 -24.42 -29.85
CA GLU B 406 -3.52 -23.19 -29.80
C GLU B 406 -4.56 -23.20 -28.68
N VAL B 407 -4.66 -24.32 -27.93
CA VAL B 407 -5.64 -24.43 -26.85
C VAL B 407 -5.38 -23.38 -25.77
N ARG B 408 -4.10 -23.05 -25.56
CA ARG B 408 -3.70 -22.02 -24.61
C ARG B 408 -4.30 -20.66 -24.99
N GLN B 409 -4.56 -20.43 -26.28
CA GLN B 409 -5.21 -19.21 -26.75
C GLN B 409 -6.67 -19.14 -26.34
N ILE B 410 -7.27 -20.27 -25.92
CA ILE B 410 -8.58 -20.22 -25.32
C ILE B 410 -8.44 -19.95 -23.83
N ALA B 411 -8.33 -18.66 -23.53
CA ALA B 411 -8.19 -18.13 -22.17
C ALA B 411 -8.28 -16.61 -22.20
N PRO B 412 -8.68 -15.96 -21.09
CA PRO B 412 -8.83 -14.49 -21.08
C PRO B 412 -7.49 -13.80 -21.34
N GLY B 413 -7.53 -12.79 -22.24
CA GLY B 413 -6.43 -11.91 -22.55
C GLY B 413 -5.24 -12.61 -23.19
N GLN B 414 -5.48 -13.60 -24.05
CA GLN B 414 -4.44 -14.25 -24.81
C GLN B 414 -4.37 -13.58 -26.18
N THR B 415 -3.23 -13.74 -26.85
CA THR B 415 -3.05 -13.24 -28.20
C THR B 415 -2.68 -14.37 -29.13
N GLY B 416 -2.71 -14.06 -30.44
CA GLY B 416 -2.52 -15.02 -31.50
C GLY B 416 -3.67 -15.01 -32.49
N LYS B 417 -3.50 -15.80 -33.55
CA LYS B 417 -4.47 -15.86 -34.63
C LYS B 417 -5.85 -16.20 -34.11
N ILE B 418 -5.94 -17.18 -33.21
CA ILE B 418 -7.23 -17.64 -32.73
C ILE B 418 -7.94 -16.56 -31.90
N ALA B 419 -7.26 -16.12 -30.85
CA ALA B 419 -7.84 -15.17 -29.91
C ALA B 419 -8.02 -13.78 -30.53
N ASP B 420 -7.34 -13.50 -31.65
CA ASP B 420 -7.44 -12.20 -32.28
C ASP B 420 -8.52 -12.18 -33.37
N TYR B 421 -8.52 -13.21 -34.23
CA TYR B 421 -9.29 -13.15 -35.47
C TYR B 421 -10.44 -14.18 -35.47
N ASN B 422 -10.43 -15.13 -34.54
CA ASN B 422 -11.41 -16.22 -34.60
C ASN B 422 -12.41 -16.20 -33.45
N TYR B 423 -11.87 -16.19 -32.22
CA TYR B 423 -12.71 -16.34 -31.04
C TYR B 423 -12.00 -15.69 -29.86
N LYS B 424 -12.59 -14.59 -29.39
CA LYS B 424 -11.96 -13.80 -28.34
C LYS B 424 -12.78 -13.92 -27.05
N LEU B 425 -12.06 -14.22 -25.97
CA LEU B 425 -12.70 -14.22 -24.66
C LEU B 425 -12.53 -12.85 -24.02
N PRO B 426 -13.49 -12.41 -23.18
CA PRO B 426 -13.32 -11.17 -22.43
C PRO B 426 -12.31 -11.34 -21.29
N ASP B 427 -11.72 -10.21 -20.87
CA ASP B 427 -10.71 -10.23 -19.82
C ASP B 427 -11.32 -10.62 -18.48
N ASP B 428 -12.64 -10.43 -18.34
CA ASP B 428 -13.34 -10.74 -17.09
C ASP B 428 -14.21 -11.98 -17.26
N PHE B 429 -13.72 -12.93 -18.06
CA PHE B 429 -14.49 -14.15 -18.33
C PHE B 429 -14.72 -14.93 -17.04
N THR B 430 -15.96 -15.40 -16.89
CA THR B 430 -16.35 -16.25 -15.79
C THR B 430 -17.00 -17.51 -16.36
N GLY B 431 -16.22 -18.59 -16.38
CA GLY B 431 -16.73 -19.85 -16.89
C GLY B 431 -15.61 -20.85 -17.10
N CYS B 432 -15.95 -21.92 -17.81
CA CYS B 432 -15.06 -23.08 -17.95
C CYS B 432 -14.69 -23.26 -19.41
N VAL B 433 -13.48 -23.78 -19.61
CA VAL B 433 -12.99 -24.15 -20.93
C VAL B 433 -12.56 -25.60 -20.84
N ILE B 434 -13.20 -26.41 -21.70
CA ILE B 434 -12.90 -27.82 -21.78
C ILE B 434 -12.37 -28.13 -23.17
N ALA B 435 -11.30 -28.93 -23.21
CA ALA B 435 -10.68 -29.30 -24.45
C ALA B 435 -10.16 -30.73 -24.35
N TRP B 436 -10.37 -31.48 -25.42
CA TRP B 436 -9.84 -32.84 -25.51
C TRP B 436 -9.40 -33.15 -26.93
N ASN B 437 -8.37 -34.00 -27.03
CA ASN B 437 -7.83 -34.41 -28.31
C ASN B 437 -8.90 -35.14 -29.11
N SER B 438 -8.93 -34.88 -30.43
CA SER B 438 -9.90 -35.49 -31.33
C SER B 438 -9.20 -36.05 -32.56
N ASN B 439 -7.96 -36.53 -32.40
CA ASN B 439 -7.20 -37.08 -33.51
C ASN B 439 -7.88 -38.30 -34.12
N ASN B 440 -8.52 -39.13 -33.29
CA ASN B 440 -9.23 -40.31 -33.76
C ASN B 440 -10.44 -39.95 -34.63
N LEU B 441 -11.01 -38.75 -34.41
CA LEU B 441 -12.25 -38.34 -35.08
C LEU B 441 -12.01 -37.33 -36.20
N ASP B 442 -11.20 -36.29 -35.95
CA ASP B 442 -11.12 -35.15 -36.87
C ASP B 442 -9.98 -35.25 -37.87
N SER B 443 -9.15 -36.29 -37.74
CA SER B 443 -7.99 -36.48 -38.60
C SER B 443 -8.22 -37.75 -39.39
N LYS B 444 -7.71 -37.74 -40.63
CA LYS B 444 -7.85 -38.91 -41.50
C LYS B 444 -6.60 -39.04 -42.35
N VAL B 445 -6.42 -40.24 -42.89
CA VAL B 445 -5.42 -40.54 -43.92
C VAL B 445 -5.57 -39.55 -45.07
N GLY B 446 -4.48 -38.81 -45.32
CA GLY B 446 -4.43 -37.86 -46.40
C GLY B 446 -4.65 -36.42 -45.97
N GLY B 447 -5.18 -36.21 -44.76
CA GLY B 447 -5.36 -34.85 -44.23
C GLY B 447 -6.81 -34.37 -44.33
N ASN B 448 -7.34 -33.97 -43.17
CA ASN B 448 -8.68 -33.43 -43.11
C ASN B 448 -8.58 -31.92 -43.22
N TYR B 449 -9.21 -31.34 -44.24
CA TYR B 449 -9.13 -29.90 -44.49
C TYR B 449 -10.48 -29.22 -44.32
N ASN B 450 -11.42 -29.89 -43.64
CA ASN B 450 -12.77 -29.36 -43.49
C ASN B 450 -12.81 -28.21 -42.48
N TYR B 451 -11.86 -28.23 -41.54
CA TYR B 451 -11.80 -27.27 -40.45
C TYR B 451 -10.88 -26.12 -40.84
N LEU B 452 -11.37 -24.89 -40.69
CA LEU B 452 -10.67 -23.69 -41.11
C LEU B 452 -10.35 -22.77 -39.93
N TYR B 453 -9.58 -21.73 -40.24
CA TYR B 453 -9.31 -20.63 -39.34
C TYR B 453 -9.10 -19.36 -40.17
N ARG B 454 -9.50 -18.22 -39.60
CA ARG B 454 -9.29 -16.91 -40.21
C ARG B 454 -7.84 -16.50 -40.00
N LEU B 455 -7.17 -16.15 -41.11
CA LEU B 455 -5.75 -15.86 -41.07
C LEU B 455 -5.46 -14.35 -41.08
N PHE B 456 -6.39 -13.56 -41.65
CA PHE B 456 -6.20 -12.12 -41.75
C PHE B 456 -7.47 -11.40 -41.31
N ARG B 457 -7.28 -10.22 -40.70
CA ARG B 457 -8.38 -9.33 -40.35
C ARG B 457 -7.83 -7.95 -40.05
N LYS B 458 -8.63 -6.94 -40.37
CA LYS B 458 -8.24 -5.54 -40.26
C LYS B 458 -8.14 -5.08 -38.81
N SER B 459 -8.76 -5.82 -37.87
CA SER B 459 -8.65 -5.53 -36.44
C SER B 459 -8.90 -6.78 -35.62
N ASN B 460 -8.54 -6.74 -34.33
CA ASN B 460 -8.82 -7.86 -33.43
C ASN B 460 -10.30 -7.95 -33.13
N LEU B 461 -10.77 -9.16 -32.82
CA LEU B 461 -12.17 -9.37 -32.51
C LEU B 461 -12.49 -8.87 -31.11
N LYS B 462 -13.74 -8.46 -30.94
CA LYS B 462 -14.26 -8.15 -29.62
C LYS B 462 -14.68 -9.45 -28.92
N PRO B 463 -14.80 -9.48 -27.58
CA PRO B 463 -15.20 -10.72 -26.90
C PRO B 463 -16.52 -11.27 -27.45
N PHE B 464 -16.52 -12.56 -27.77
CA PHE B 464 -17.65 -13.30 -28.29
C PHE B 464 -18.17 -12.70 -29.59
N GLU B 465 -17.34 -11.97 -30.33
CA GLU B 465 -17.66 -11.56 -31.68
C GLU B 465 -17.53 -12.77 -32.61
N ARG B 466 -18.43 -12.83 -33.62
CA ARG B 466 -18.39 -13.88 -34.61
C ARG B 466 -18.26 -13.28 -36.00
N ASP B 467 -17.14 -13.57 -36.67
CA ASP B 467 -16.87 -13.06 -38.01
C ASP B 467 -16.77 -14.24 -38.97
N ILE B 468 -17.76 -14.32 -39.87
CA ILE B 468 -17.81 -15.39 -40.86
C ILE B 468 -17.66 -14.80 -42.27
N SER B 469 -17.27 -13.52 -42.37
CA SER B 469 -17.10 -12.86 -43.67
C SER B 469 -15.95 -13.47 -44.46
N THR B 470 -16.10 -13.45 -45.80
CA THR B 470 -15.11 -14.00 -46.71
C THR B 470 -14.52 -12.92 -47.62
N GLU B 471 -14.60 -11.65 -47.19
CA GLU B 471 -14.06 -10.53 -47.97
C GLU B 471 -12.56 -10.73 -48.23
N ILE B 472 -12.12 -10.40 -49.45
CA ILE B 472 -10.70 -10.42 -49.80
C ILE B 472 -9.95 -9.41 -48.95
N TYR B 473 -8.91 -9.90 -48.27
CA TYR B 473 -8.11 -9.08 -47.37
C TYR B 473 -7.14 -8.23 -48.19
N GLN B 474 -7.21 -6.91 -47.99
CA GLN B 474 -6.32 -5.98 -48.67
C GLN B 474 -5.09 -5.75 -47.80
N ALA B 475 -4.03 -6.53 -48.09
CA ALA B 475 -2.79 -6.46 -47.32
C ALA B 475 -1.97 -5.20 -47.64
N GLY B 476 -2.16 -4.68 -48.85
CA GLY B 476 -1.42 -3.51 -49.31
C GLY B 476 -2.33 -2.31 -49.51
N SER B 477 -1.86 -1.38 -50.35
CA SER B 477 -2.54 -0.12 -50.59
C SER B 477 -3.48 -0.23 -51.80
N THR B 478 -3.35 -1.30 -52.58
CA THR B 478 -4.11 -1.46 -53.81
C THR B 478 -5.45 -2.13 -53.50
N PRO B 479 -6.61 -1.50 -53.83
CA PRO B 479 -7.91 -2.16 -53.68
C PRO B 479 -7.97 -3.48 -54.44
N CYS B 480 -8.55 -4.49 -53.79
CA CYS B 480 -8.65 -5.82 -54.37
C CYS B 480 -9.87 -5.92 -55.29
N ASN B 481 -10.96 -5.24 -54.91
CA ASN B 481 -12.24 -5.27 -55.62
C ASN B 481 -12.71 -6.71 -55.78
N GLY B 482 -12.58 -7.50 -54.71
CA GLY B 482 -12.93 -8.91 -54.66
C GLY B 482 -12.09 -9.78 -55.60
N VAL B 483 -10.87 -9.34 -55.92
CA VAL B 483 -9.97 -10.05 -56.80
C VAL B 483 -8.72 -10.42 -56.01
N GLU B 484 -8.40 -11.72 -56.02
CA GLU B 484 -7.23 -12.21 -55.31
C GLU B 484 -5.98 -12.01 -56.17
N GLY B 485 -4.84 -11.87 -55.49
CA GLY B 485 -3.57 -11.68 -56.16
C GLY B 485 -2.55 -11.06 -55.21
N PHE B 486 -1.72 -10.16 -55.74
CA PHE B 486 -0.65 -9.56 -54.95
C PHE B 486 -1.24 -8.68 -53.86
N ASN B 487 -0.94 -9.03 -52.60
CA ASN B 487 -1.48 -8.34 -51.43
C ASN B 487 -3.00 -8.43 -51.38
N CYS B 488 -3.57 -9.49 -51.97
CA CYS B 488 -5.01 -9.72 -51.97
C CYS B 488 -5.27 -11.21 -51.75
N TYR B 489 -5.53 -11.56 -50.50
CA TYR B 489 -5.57 -12.94 -50.07
C TYR B 489 -6.94 -13.25 -49.49
N PHE B 490 -7.31 -14.53 -49.61
CA PHE B 490 -8.52 -15.03 -49.00
C PHE B 490 -8.31 -15.15 -47.49
N PRO B 491 -9.23 -14.66 -46.64
CA PRO B 491 -8.96 -14.55 -45.21
C PRO B 491 -8.85 -15.88 -44.46
N LEU B 492 -9.41 -16.96 -45.02
CA LEU B 492 -9.45 -18.24 -44.32
C LEU B 492 -8.39 -19.22 -44.85
N GLN B 493 -7.99 -20.21 -44.02
CA GLN B 493 -7.12 -21.30 -44.42
C GLN B 493 -7.45 -22.58 -43.64
N SER B 494 -7.20 -23.73 -44.26
CA SER B 494 -7.50 -25.04 -43.69
C SER B 494 -6.47 -25.48 -42.67
N TYR B 495 -6.91 -26.38 -41.78
CA TYR B 495 -6.02 -27.08 -40.87
C TYR B 495 -5.57 -28.41 -41.48
N GLY B 496 -4.26 -28.70 -41.34
CA GLY B 496 -3.72 -29.97 -41.79
C GLY B 496 -3.79 -31.04 -40.70
N PHE B 497 -4.94 -31.75 -40.65
CA PHE B 497 -5.19 -32.75 -39.63
C PHE B 497 -4.97 -34.16 -40.20
N GLN B 498 -3.77 -34.70 -39.94
CA GLN B 498 -3.46 -36.08 -40.27
C GLN B 498 -3.20 -36.85 -38.98
N PRO B 499 -3.51 -38.17 -38.94
CA PRO B 499 -3.34 -38.96 -37.72
C PRO B 499 -1.88 -39.04 -37.25
N THR B 500 -0.95 -38.81 -38.18
CA THR B 500 0.48 -38.89 -37.93
C THR B 500 1.09 -37.55 -37.50
N ASN B 501 0.28 -36.49 -37.47
CA ASN B 501 0.75 -35.17 -37.06
C ASN B 501 1.11 -35.17 -35.57
N GLY B 502 2.06 -34.30 -35.20
CA GLY B 502 2.45 -34.08 -33.82
C GLY B 502 1.28 -33.63 -32.96
N VAL B 503 1.25 -34.08 -31.70
CA VAL B 503 0.17 -33.75 -30.76
C VAL B 503 -0.15 -32.24 -30.79
N GLY B 504 0.90 -31.43 -30.96
CA GLY B 504 0.77 -30.00 -31.16
C GLY B 504 -0.12 -29.62 -32.34
N TYR B 505 -0.11 -30.41 -33.40
CA TYR B 505 -0.83 -30.14 -34.64
C TYR B 505 -2.07 -31.01 -34.75
N GLN B 506 -2.29 -31.91 -33.80
CA GLN B 506 -3.45 -32.80 -33.85
C GLN B 506 -4.71 -32.01 -33.49
N PRO B 507 -5.90 -32.46 -33.97
CA PRO B 507 -7.14 -31.72 -33.69
C PRO B 507 -7.63 -31.91 -32.26
N TYR B 508 -8.10 -30.79 -31.68
CA TYR B 508 -8.68 -30.78 -30.35
C TYR B 508 -10.06 -30.11 -30.44
N ARG B 509 -11.05 -30.80 -29.85
CA ARG B 509 -12.39 -30.28 -29.70
C ARG B 509 -12.47 -29.45 -28.43
N VAL B 510 -13.14 -28.29 -28.56
CA VAL B 510 -13.21 -27.28 -27.51
C VAL B 510 -14.68 -26.91 -27.25
N VAL B 511 -15.02 -26.85 -25.96
CA VAL B 511 -16.31 -26.37 -25.47
C VAL B 511 -16.05 -25.30 -24.41
N VAL B 512 -16.75 -24.18 -24.53
CA VAL B 512 -16.56 -23.04 -23.62
C VAL B 512 -17.92 -22.82 -22.97
N LEU B 513 -17.96 -22.98 -21.65
CA LEU B 513 -19.18 -22.70 -20.89
C LEU B 513 -19.07 -21.32 -20.25
N SER B 514 -20.01 -20.43 -20.63
CA SER B 514 -20.15 -19.14 -19.99
C SER B 514 -21.47 -19.11 -19.24
N PHE B 515 -21.45 -18.51 -18.07
CA PHE B 515 -22.63 -18.44 -17.22
C PHE B 515 -23.13 -17.00 -17.16
N GLU B 516 -24.45 -16.85 -17.11
CA GLU B 516 -25.08 -15.56 -16.89
C GLU B 516 -25.18 -15.37 -15.38
N LEU B 517 -24.09 -14.89 -14.75
CA LEU B 517 -24.14 -14.50 -13.36
C LEU B 517 -24.76 -13.11 -13.29
N LEU B 518 -26.01 -12.97 -13.74
CA LEU B 518 -26.73 -11.74 -13.49
C LEU B 518 -27.65 -11.94 -12.29
N HIS B 519 -28.06 -10.82 -11.67
CA HIS B 519 -29.21 -10.86 -10.79
C HIS B 519 -30.44 -10.68 -11.67
N ALA B 520 -31.16 -11.79 -11.86
CA ALA B 520 -32.37 -11.98 -12.62
C ALA B 520 -32.81 -13.40 -12.27
N PRO B 521 -34.07 -13.82 -12.55
CA PRO B 521 -34.49 -15.21 -12.32
C PRO B 521 -33.66 -16.25 -13.08
N ALA B 522 -33.30 -17.31 -12.36
CA ALA B 522 -32.33 -18.28 -12.82
C ALA B 522 -33.04 -19.58 -13.21
N THR B 523 -32.75 -20.08 -14.41
CA THR B 523 -33.42 -21.26 -14.93
C THR B 523 -32.46 -22.44 -15.01
N VAL B 524 -31.15 -22.20 -14.79
CA VAL B 524 -30.15 -23.25 -14.88
C VAL B 524 -29.53 -23.42 -13.50
N CYS B 525 -29.96 -24.46 -12.79
CA CYS B 525 -29.48 -24.75 -11.45
C CYS B 525 -28.69 -26.05 -11.42
N GLY B 526 -28.12 -26.35 -10.26
CA GLY B 526 -27.39 -27.58 -10.05
C GLY B 526 -28.27 -28.68 -9.47
N PRO B 527 -27.72 -29.89 -9.23
CA PRO B 527 -28.47 -31.02 -8.69
C PRO B 527 -28.88 -30.91 -7.22
N LYS B 528 -28.30 -29.95 -6.47
CA LYS B 528 -28.51 -29.85 -5.03
C LYS B 528 -30.00 -29.80 -4.70
N LYS B 529 -30.44 -30.60 -3.71
CA LYS B 529 -31.84 -30.73 -3.35
C LYS B 529 -32.28 -29.57 -2.46
N SER B 530 -33.61 -29.31 -2.42
CA SER B 530 -34.21 -28.28 -1.58
C SER B 530 -34.82 -28.90 -0.33
N THR B 531 -35.05 -28.04 0.68
CA THR B 531 -35.66 -28.45 1.93
C THR B 531 -36.82 -27.53 2.27
N ASN B 532 -37.42 -27.78 3.44
CA ASN B 532 -38.49 -26.96 4.00
C ASN B 532 -37.93 -25.66 4.56
N LEU B 533 -38.83 -24.68 4.73
CA LEU B 533 -38.47 -23.35 5.16
C LEU B 533 -38.84 -23.15 6.62
N VAL B 534 -37.90 -22.58 7.37
CA VAL B 534 -38.09 -22.30 8.79
C VAL B 534 -38.05 -20.79 8.99
N LYS B 535 -39.09 -20.29 9.65
CA LYS B 535 -39.22 -18.86 9.87
C LYS B 535 -38.94 -18.51 11.34
N ASN B 536 -38.60 -17.23 11.55
CA ASN B 536 -38.42 -16.67 12.89
C ASN B 536 -37.33 -17.41 13.67
N LYS B 537 -36.26 -17.81 12.96
CA LYS B 537 -35.11 -18.39 13.62
C LYS B 537 -33.83 -18.00 12.89
N CYS B 538 -32.72 -18.00 13.62
CA CYS B 538 -31.40 -17.75 13.04
C CYS B 538 -30.96 -19.00 12.29
N VAL B 539 -30.80 -18.86 10.97
CA VAL B 539 -30.52 -19.99 10.09
C VAL B 539 -29.48 -19.60 9.05
N ASN B 540 -28.84 -20.63 8.51
CA ASN B 540 -27.93 -20.50 7.39
C ASN B 540 -28.72 -20.87 6.14
N PHE B 541 -29.11 -19.84 5.37
CA PHE B 541 -29.96 -20.01 4.22
C PHE B 541 -29.15 -19.93 2.92
N ASN B 542 -29.64 -20.64 1.90
CA ASN B 542 -29.15 -20.56 0.55
C ASN B 542 -30.33 -20.53 -0.42
N PHE B 543 -30.53 -19.39 -1.09
CA PHE B 543 -31.56 -19.26 -2.10
C PHE B 543 -30.92 -19.08 -3.47
N ASN B 544 -30.95 -20.14 -4.29
CA ASN B 544 -30.47 -20.11 -5.66
C ASN B 544 -29.00 -19.63 -5.69
N GLY B 545 -28.22 -20.06 -4.69
CA GLY B 545 -26.81 -19.73 -4.61
C GLY B 545 -26.53 -18.51 -3.73
N LEU B 546 -27.57 -17.71 -3.48
CA LEU B 546 -27.45 -16.56 -2.61
C LEU B 546 -27.41 -17.05 -1.17
N THR B 547 -26.19 -17.03 -0.62
CA THR B 547 -25.96 -17.62 0.70
C THR B 547 -25.99 -16.51 1.75
N GLY B 548 -26.30 -16.92 2.97
CA GLY B 548 -26.29 -15.96 4.07
C GLY B 548 -26.75 -16.60 5.37
N THR B 549 -26.74 -15.78 6.41
CA THR B 549 -27.23 -16.16 7.71
C THR B 549 -28.17 -15.07 8.21
N GLY B 550 -29.33 -15.48 8.72
CA GLY B 550 -30.27 -14.51 9.23
C GLY B 550 -31.56 -15.16 9.70
N VAL B 551 -32.55 -14.30 9.95
CA VAL B 551 -33.89 -14.68 10.37
C VAL B 551 -34.85 -14.30 9.26
N LEU B 552 -35.60 -15.30 8.82
CA LEU B 552 -36.52 -15.17 7.70
C LEU B 552 -37.92 -14.93 8.25
N THR B 553 -38.53 -13.81 7.82
CA THR B 553 -39.84 -13.42 8.29
C THR B 553 -40.72 -13.07 7.10
N GLU B 554 -42.03 -13.31 7.24
CA GLU B 554 -43.01 -12.85 6.28
C GLU B 554 -42.93 -11.32 6.21
N SER B 555 -42.79 -10.82 4.98
CA SER B 555 -42.58 -9.40 4.73
C SER B 555 -43.89 -8.74 4.31
N ASN B 556 -43.90 -7.40 4.34
CA ASN B 556 -45.02 -6.61 3.89
C ASN B 556 -44.62 -5.75 2.68
N LYS B 557 -43.48 -6.10 2.07
CA LYS B 557 -42.94 -5.27 0.98
C LYS B 557 -43.76 -5.47 -0.29
N LYS B 558 -43.98 -4.37 -1.02
CA LYS B 558 -44.85 -4.40 -2.17
C LYS B 558 -44.04 -4.77 -3.41
N PHE B 559 -43.49 -5.98 -3.39
CA PHE B 559 -42.70 -6.49 -4.49
C PHE B 559 -43.56 -6.60 -5.74
N LEU B 560 -42.91 -6.32 -6.88
CA LEU B 560 -43.61 -6.39 -8.15
C LEU B 560 -43.57 -7.84 -8.64
N PRO B 561 -44.49 -8.25 -9.55
CA PRO B 561 -44.53 -9.62 -10.06
C PRO B 561 -43.20 -10.14 -10.61
N PHE B 562 -42.33 -9.24 -11.09
CA PHE B 562 -41.08 -9.63 -11.72
C PHE B 562 -39.89 -9.52 -10.76
N GLN B 563 -40.04 -8.74 -9.66
CA GLN B 563 -38.89 -8.44 -8.82
C GLN B 563 -38.47 -9.65 -7.99
N GLN B 564 -37.20 -10.02 -8.13
CA GLN B 564 -36.73 -11.27 -7.54
C GLN B 564 -36.37 -11.10 -6.06
N PHE B 565 -35.49 -10.14 -5.76
CA PHE B 565 -35.18 -9.82 -4.38
C PHE B 565 -34.81 -8.35 -4.22
N GLY B 566 -34.70 -7.91 -2.95
CA GLY B 566 -34.47 -6.51 -2.61
C GLY B 566 -33.18 -6.29 -1.84
N ARG B 567 -32.76 -5.04 -1.82
CA ARG B 567 -31.55 -4.62 -1.14
C ARG B 567 -31.88 -3.41 -0.28
N ASP B 568 -31.00 -3.15 0.70
CA ASP B 568 -31.13 -1.95 1.51
C ASP B 568 -30.12 -0.91 1.02
N ILE B 569 -29.87 0.13 1.82
CA ILE B 569 -28.99 1.23 1.46
C ILE B 569 -27.56 0.73 1.20
N ALA B 570 -27.10 -0.26 1.97
CA ALA B 570 -25.71 -0.69 1.98
C ALA B 570 -25.34 -1.62 0.84
N ASP B 571 -26.27 -1.87 -0.10
CA ASP B 571 -26.09 -2.77 -1.24
C ASP B 571 -26.08 -4.23 -0.78
N THR B 572 -26.72 -4.49 0.38
CA THR B 572 -26.87 -5.83 0.92
C THR B 572 -28.32 -6.29 0.74
N THR B 573 -28.47 -7.59 0.48
CA THR B 573 -29.76 -8.23 0.40
C THR B 573 -30.53 -8.08 1.71
N ASP B 574 -31.82 -7.78 1.56
CA ASP B 574 -32.68 -7.49 2.69
C ASP B 574 -33.94 -8.33 2.63
N ALA B 575 -34.35 -8.74 1.44
CA ALA B 575 -35.60 -9.47 1.26
C ALA B 575 -35.50 -10.22 -0.06
N VAL B 576 -36.11 -11.40 -0.08
CA VAL B 576 -36.02 -12.30 -1.21
C VAL B 576 -37.42 -12.78 -1.58
N ARG B 577 -37.49 -13.42 -2.75
CA ARG B 577 -38.64 -14.15 -3.21
C ARG B 577 -38.28 -15.64 -3.23
N ASP B 578 -39.10 -16.44 -2.55
CA ASP B 578 -38.93 -17.88 -2.47
C ASP B 578 -38.90 -18.49 -3.88
N PRO B 579 -37.84 -19.25 -4.26
CA PRO B 579 -37.79 -19.83 -5.61
C PRO B 579 -38.93 -20.79 -5.90
N GLN B 580 -39.39 -21.50 -4.87
CA GLN B 580 -40.43 -22.51 -4.98
C GLN B 580 -41.81 -21.92 -4.75
N THR B 581 -41.92 -20.77 -4.08
CA THR B 581 -43.20 -20.17 -3.73
C THR B 581 -43.21 -18.68 -4.11
N LEU B 582 -44.32 -18.14 -4.60
CA LEU B 582 -44.45 -16.71 -4.80
C LEU B 582 -44.75 -15.99 -3.48
N GLU B 583 -43.84 -16.10 -2.51
CA GLU B 583 -43.90 -15.37 -1.25
C GLU B 583 -42.64 -14.51 -1.13
N ILE B 584 -42.73 -13.45 -0.31
CA ILE B 584 -41.60 -12.59 -0.03
C ILE B 584 -41.16 -12.78 1.42
N LEU B 585 -39.86 -12.82 1.66
CA LEU B 585 -39.29 -12.93 3.00
C LEU B 585 -38.20 -11.87 3.10
N ASP B 586 -38.30 -10.99 4.08
CA ASP B 586 -37.21 -10.09 4.43
C ASP B 586 -36.33 -10.76 5.47
N ILE B 587 -35.03 -10.56 5.36
CA ILE B 587 -34.00 -11.17 6.19
C ILE B 587 -33.52 -10.15 7.23
N THR B 588 -33.59 -10.52 8.51
CA THR B 588 -32.98 -9.72 9.55
C THR B 588 -31.74 -10.43 10.10
N PRO B 589 -30.54 -9.82 10.11
CA PRO B 589 -29.35 -10.51 10.62
C PRO B 589 -29.52 -10.94 12.08
N CYS B 590 -28.98 -12.12 12.42
CA CYS B 590 -29.08 -12.72 13.74
C CYS B 590 -28.57 -11.82 14.86
N SER B 591 -29.06 -12.06 16.09
CA SER B 591 -28.73 -11.22 17.23
C SER B 591 -27.20 -11.16 17.43
N PHE B 592 -26.68 -9.94 17.48
CA PHE B 592 -25.26 -9.71 17.74
C PHE B 592 -25.11 -8.47 18.62
N GLY B 593 -24.11 -8.45 19.51
CA GLY B 593 -23.90 -7.25 20.30
C GLY B 593 -22.62 -7.29 21.13
N GLY B 594 -22.00 -6.11 21.33
CA GLY B 594 -20.84 -5.99 22.18
C GLY B 594 -21.09 -6.48 23.61
N VAL B 595 -20.06 -7.05 24.23
CA VAL B 595 -20.16 -7.64 25.56
C VAL B 595 -19.08 -7.02 26.43
N SER B 596 -19.52 -6.29 27.45
CA SER B 596 -18.65 -5.64 28.40
C SER B 596 -18.79 -6.26 29.78
N VAL B 597 -17.74 -6.13 30.58
CA VAL B 597 -17.72 -6.70 31.92
C VAL B 597 -17.61 -5.55 32.92
N ILE B 598 -18.51 -5.55 33.90
CA ILE B 598 -18.47 -4.60 34.99
C ILE B 598 -17.90 -5.29 36.22
N THR B 599 -16.87 -4.69 36.79
CA THR B 599 -16.23 -5.29 37.93
C THR B 599 -15.66 -4.21 38.84
N PRO B 600 -15.73 -4.39 40.17
CA PRO B 600 -14.79 -3.71 41.07
C PRO B 600 -13.39 -4.29 40.90
N GLY B 601 -12.41 -3.77 41.64
CA GLY B 601 -11.06 -4.32 41.56
C GLY B 601 -11.05 -5.78 42.00
N THR B 602 -10.29 -6.62 41.29
CA THR B 602 -9.99 -7.97 41.75
C THR B 602 -9.38 -7.95 43.14
N ASN B 603 -8.70 -6.85 43.47
CA ASN B 603 -8.15 -6.59 44.79
C ASN B 603 -9.26 -6.67 45.84
N THR B 604 -10.51 -6.39 45.45
CA THR B 604 -11.64 -6.39 46.34
C THR B 604 -12.43 -7.70 46.20
N SER B 605 -12.89 -8.01 44.98
CA SER B 605 -13.77 -9.16 44.77
C SER B 605 -13.64 -9.67 43.34
N ASN B 606 -14.00 -10.94 43.17
CA ASN B 606 -14.02 -11.61 41.88
C ASN B 606 -15.43 -11.65 41.29
N GLN B 607 -16.41 -11.08 42.00
CA GLN B 607 -17.80 -11.14 41.57
C GLN B 607 -18.14 -9.96 40.64
N VAL B 608 -18.78 -10.25 39.49
CA VAL B 608 -18.85 -9.30 38.39
C VAL B 608 -20.27 -9.25 37.82
N ALA B 609 -20.47 -8.35 36.85
CA ALA B 609 -21.70 -8.23 36.08
C ALA B 609 -21.35 -8.13 34.60
N VAL B 610 -22.36 -8.37 33.75
CA VAL B 610 -22.14 -8.38 32.31
C VAL B 610 -23.15 -7.45 31.65
N LEU B 611 -22.67 -6.74 30.63
CA LEU B 611 -23.53 -5.87 29.86
C LEU B 611 -23.48 -6.29 28.39
N TYR B 612 -24.66 -6.62 27.87
CA TYR B 612 -24.83 -6.85 26.45
C TYR B 612 -25.39 -5.58 25.84
N GLN B 613 -24.63 -4.99 24.91
CA GLN B 613 -24.88 -3.63 24.48
C GLN B 613 -25.98 -3.56 23.43
N ASP B 614 -26.87 -2.57 23.58
CA ASP B 614 -27.96 -2.23 22.68
C ASP B 614 -28.70 -3.49 22.18
N VAL B 615 -29.04 -4.37 23.12
CA VAL B 615 -29.85 -5.52 22.80
C VAL B 615 -31.00 -5.55 23.79
N ASN B 616 -31.84 -6.58 23.65
CA ASN B 616 -32.96 -6.80 24.53
C ASN B 616 -32.62 -7.94 25.47
N CYS B 617 -33.33 -7.99 26.61
CA CYS B 617 -33.09 -9.03 27.61
C CYS B 617 -33.87 -10.30 27.26
N THR B 618 -33.72 -10.69 26.00
CA THR B 618 -34.48 -11.81 25.46
C THR B 618 -33.58 -12.92 24.94
N GLU B 619 -32.70 -12.60 23.97
CA GLU B 619 -31.90 -13.60 23.28
C GLU B 619 -30.83 -14.24 24.16
N VAL B 620 -30.54 -13.61 25.30
CA VAL B 620 -29.55 -14.14 26.24
C VAL B 620 -30.10 -15.37 26.97
N ASN B 641 -32.49 -11.68 38.24
CA ASN B 641 -31.50 -10.61 38.52
C ASN B 641 -31.03 -9.97 37.21
N VAL B 642 -31.99 -9.36 36.50
CA VAL B 642 -31.75 -8.81 35.19
C VAL B 642 -32.34 -7.41 35.10
N PHE B 643 -31.66 -6.53 34.38
CA PHE B 643 -32.06 -5.14 34.26
C PHE B 643 -31.88 -4.66 32.82
N GLN B 644 -33.00 -4.17 32.26
CA GLN B 644 -32.99 -3.57 30.94
C GLN B 644 -32.76 -2.06 31.06
N THR B 645 -31.85 -1.56 30.25
CA THR B 645 -31.47 -0.16 30.23
C THR B 645 -31.30 0.13 28.74
N ARG B 646 -31.35 1.41 28.36
CA ARG B 646 -31.18 1.82 26.98
C ARG B 646 -29.77 1.49 26.49
N ALA B 647 -28.89 1.09 27.41
CA ALA B 647 -27.53 0.68 27.12
C ALA B 647 -27.53 -0.78 26.72
N GLY B 648 -28.43 -1.54 27.32
CA GLY B 648 -28.70 -2.89 26.91
C GLY B 648 -29.13 -3.72 28.11
N CYS B 649 -28.73 -5.01 28.09
CA CYS B 649 -29.13 -5.96 29.10
C CYS B 649 -28.01 -6.14 30.10
N LEU B 650 -28.33 -5.91 31.37
CA LEU B 650 -27.36 -5.95 32.45
C LEU B 650 -27.71 -7.12 33.37
N ILE B 651 -26.69 -7.95 33.62
CA ILE B 651 -26.90 -9.22 34.29
C ILE B 651 -25.89 -9.32 35.42
N GLY B 652 -26.40 -9.63 36.60
CA GLY B 652 -25.56 -9.81 37.77
C GLY B 652 -25.55 -8.60 38.69
N ALA B 653 -26.32 -7.56 38.33
CA ALA B 653 -26.38 -6.35 39.15
C ALA B 653 -27.81 -6.10 39.58
N GLU B 654 -27.99 -5.72 40.85
CA GLU B 654 -29.31 -5.48 41.40
C GLU B 654 -29.76 -4.04 41.13
N HIS B 655 -31.02 -3.90 40.71
CA HIS B 655 -31.59 -2.59 40.48
C HIS B 655 -31.98 -1.96 41.81
N VAL B 656 -31.57 -0.71 42.02
CA VAL B 656 -31.81 -0.03 43.28
C VAL B 656 -32.44 1.34 43.04
N ASN B 657 -33.37 1.74 43.91
CA ASN B 657 -33.99 3.06 43.85
C ASN B 657 -33.05 4.16 44.30
N ASN B 658 -32.25 3.90 45.35
CA ASN B 658 -31.39 4.92 45.91
C ASN B 658 -30.37 5.38 44.87
N SER B 659 -30.13 6.69 44.82
CA SER B 659 -29.21 7.29 43.88
C SER B 659 -27.91 7.65 44.60
N TYR B 660 -26.79 7.41 43.90
CA TYR B 660 -25.48 7.70 44.44
C TYR B 660 -24.72 8.46 43.36
N GLU B 661 -23.57 9.02 43.75
CA GLU B 661 -22.64 9.54 42.75
C GLU B 661 -22.06 8.36 41.99
N CYS B 662 -21.69 8.60 40.73
CA CYS B 662 -21.32 7.56 39.79
C CYS B 662 -19.93 6.97 40.09
N ASP B 663 -19.86 5.64 40.21
CA ASP B 663 -18.61 4.94 40.48
C ASP B 663 -18.10 4.23 39.21
N ILE B 664 -18.94 3.37 38.66
CA ILE B 664 -18.61 2.68 37.41
C ILE B 664 -19.67 3.06 36.40
N PRO B 665 -19.36 3.93 35.42
CA PRO B 665 -20.38 4.38 34.49
C PRO B 665 -20.82 3.27 33.54
N ILE B 666 -22.12 3.26 33.26
CA ILE B 666 -22.71 2.30 32.33
C ILE B 666 -23.28 3.05 31.12
N GLY B 667 -24.22 3.97 31.39
CA GLY B 667 -24.75 4.86 30.38
C GLY B 667 -26.22 5.19 30.62
N ALA B 668 -26.70 6.22 29.94
CA ALA B 668 -28.09 6.66 30.05
C ALA B 668 -28.41 7.03 31.51
N GLY B 669 -27.37 7.50 32.21
CA GLY B 669 -27.45 7.94 33.60
C GLY B 669 -27.46 6.77 34.58
N ILE B 670 -27.16 5.58 34.06
CA ILE B 670 -27.04 4.40 34.89
C ILE B 670 -25.58 4.19 35.22
N CYS B 671 -25.29 4.10 36.51
CA CYS B 671 -23.96 3.74 36.95
C CYS B 671 -24.11 2.60 37.94
N ALA B 672 -22.99 1.91 38.17
CA ALA B 672 -22.94 0.76 39.06
C ALA B 672 -21.83 0.89 40.09
N SER B 673 -21.95 0.10 41.14
CA SER B 673 -20.94 0.04 42.19
C SER B 673 -21.09 -1.27 42.95
N TYR B 674 -20.15 -1.47 43.86
CA TYR B 674 -20.08 -2.68 44.66
C TYR B 674 -20.30 -2.28 46.11
N GLN B 675 -21.36 -2.81 46.69
CA GLN B 675 -21.84 -2.35 47.99
C GLN B 675 -22.41 -3.52 48.78
N THR B 676 -22.46 -3.32 50.11
CA THR B 676 -23.04 -4.29 51.03
C THR B 676 -24.57 -4.31 50.84
N GLN B 690 -22.18 -8.68 50.42
CA GLN B 690 -21.92 -7.66 49.37
C GLN B 690 -22.40 -8.18 48.01
N SER B 691 -22.63 -7.22 47.09
CA SER B 691 -23.06 -7.49 45.72
C SER B 691 -22.89 -6.22 44.87
N ILE B 692 -23.05 -6.40 43.56
CA ILE B 692 -23.00 -5.30 42.61
C ILE B 692 -24.41 -4.74 42.43
N ILE B 693 -24.49 -3.41 42.34
CA ILE B 693 -25.76 -2.70 42.18
C ILE B 693 -25.65 -1.68 41.06
N ALA B 694 -26.77 -1.46 40.40
CA ALA B 694 -26.92 -0.43 39.38
C ALA B 694 -28.00 0.54 39.84
N TYR B 695 -27.89 1.78 39.38
CA TYR B 695 -28.80 2.84 39.82
C TYR B 695 -28.70 4.02 38.88
N THR B 696 -29.77 4.83 38.88
CA THR B 696 -29.73 6.13 38.26
C THR B 696 -28.90 7.06 39.13
N MET B 697 -27.89 7.69 38.52
CA MET B 697 -26.89 8.46 39.25
C MET B 697 -27.47 9.76 39.78
N SER B 698 -26.94 10.19 40.92
CA SER B 698 -27.33 11.42 41.58
C SER B 698 -26.38 12.53 41.15
N LEU B 699 -26.94 13.66 40.72
CA LEU B 699 -26.13 14.79 40.31
C LEU B 699 -25.48 15.47 41.51
N GLY B 700 -26.18 15.47 42.64
CA GLY B 700 -25.65 15.95 43.91
C GLY B 700 -26.76 16.35 44.87
N ALA B 701 -26.38 16.96 45.99
CA ALA B 701 -27.33 17.36 47.03
C ALA B 701 -28.21 18.50 46.54
N GLU B 702 -29.54 18.30 46.64
CA GLU B 702 -30.48 19.35 46.27
C GLU B 702 -30.44 20.46 47.33
N ASN B 703 -30.47 21.73 46.90
CA ASN B 703 -30.23 22.85 47.80
C ASN B 703 -30.93 24.12 47.32
N SER B 704 -32.12 24.37 47.86
CA SER B 704 -32.79 25.65 47.68
C SER B 704 -32.06 26.74 48.45
N VAL B 705 -32.01 27.97 47.89
CA VAL B 705 -31.35 29.10 48.53
C VAL B 705 -32.44 30.09 48.96
N ALA B 706 -32.30 30.66 50.16
CA ALA B 706 -33.29 31.54 50.75
C ALA B 706 -33.22 32.95 50.14
N TYR B 707 -33.70 33.07 48.89
CA TYR B 707 -33.76 34.35 48.20
C TYR B 707 -34.92 35.18 48.73
N SER B 708 -34.66 36.46 49.02
CA SER B 708 -35.71 37.41 49.30
C SER B 708 -35.24 38.79 48.90
N ASN B 709 -36.21 39.65 48.64
CA ASN B 709 -35.93 40.98 48.12
C ASN B 709 -35.34 41.90 49.19
N ASN B 710 -35.14 41.43 50.41
CA ASN B 710 -34.56 42.27 51.44
C ASN B 710 -33.47 41.57 52.25
N SER B 711 -32.93 40.44 51.73
CA SER B 711 -31.99 39.67 52.54
C SER B 711 -30.70 39.41 51.77
N ILE B 712 -29.58 39.51 52.48
CA ILE B 712 -28.27 39.24 51.90
C ILE B 712 -27.43 38.43 52.89
N ALA B 713 -26.66 37.50 52.33
CA ALA B 713 -25.74 36.66 53.08
C ALA B 713 -24.32 37.22 52.90
N ILE B 714 -23.68 37.52 54.02
CA ILE B 714 -22.34 38.10 53.99
C ILE B 714 -21.41 37.22 54.80
N PRO B 715 -20.16 36.97 54.34
CA PRO B 715 -19.18 36.25 55.14
C PRO B 715 -18.63 37.07 56.31
N THR B 716 -18.49 36.39 57.45
CA THR B 716 -17.84 36.94 58.63
C THR B 716 -16.42 36.38 58.76
N ASN B 717 -16.05 35.41 57.91
CA ASN B 717 -14.76 34.75 58.06
C ASN B 717 -14.17 34.36 56.71
N PHE B 718 -13.10 33.56 56.71
CA PHE B 718 -12.51 33.05 55.49
C PHE B 718 -11.57 31.89 55.77
N THR B 719 -11.03 31.33 54.67
CA THR B 719 -10.05 30.26 54.71
C THR B 719 -9.08 30.44 53.55
N ILE B 720 -7.89 29.89 53.71
CA ILE B 720 -6.89 29.90 52.66
C ILE B 720 -6.76 28.49 52.12
N SER B 721 -7.25 28.30 50.90
CA SER B 721 -7.20 26.99 50.29
C SER B 721 -5.99 26.92 49.35
N VAL B 722 -5.41 25.72 49.30
CA VAL B 722 -4.36 25.45 48.33
C VAL B 722 -4.79 24.27 47.46
N THR B 723 -4.94 24.56 46.17
CA THR B 723 -5.32 23.55 45.19
C THR B 723 -4.14 23.16 44.32
N THR B 724 -4.19 21.92 43.86
CA THR B 724 -3.16 21.35 43.01
C THR B 724 -3.68 21.20 41.58
N GLU B 725 -2.96 21.76 40.61
CA GLU B 725 -3.32 21.63 39.20
C GLU B 725 -2.13 21.02 38.47
N ILE B 726 -2.32 19.84 37.87
CA ILE B 726 -1.25 19.17 37.14
C ILE B 726 -1.49 19.29 35.64
N LEU B 727 -0.43 19.62 34.89
CA LEU B 727 -0.54 19.84 33.45
C LEU B 727 0.65 19.21 32.75
N PRO B 728 0.42 18.33 31.74
CA PRO B 728 1.53 17.76 30.98
C PRO B 728 2.12 18.81 30.05
N VAL B 729 3.44 18.70 29.83
CA VAL B 729 4.13 19.69 29.04
C VAL B 729 4.81 19.08 27.82
N SER B 730 5.46 17.94 27.99
CA SER B 730 6.33 17.40 26.96
C SER B 730 6.14 15.89 26.89
N MET B 731 6.55 15.31 25.76
CA MET B 731 6.50 13.88 25.55
C MET B 731 7.92 13.32 25.55
N THR B 732 8.01 11.99 25.46
CA THR B 732 9.32 11.38 25.33
C THR B 732 9.75 11.53 23.87
N LYS B 733 10.82 12.28 23.61
CA LYS B 733 11.23 12.50 22.24
C LYS B 733 11.61 11.16 21.64
N THR B 734 10.92 10.75 20.58
CA THR B 734 11.16 9.44 20.00
C THR B 734 11.35 9.58 18.50
N SER B 735 12.49 9.10 17.99
CA SER B 735 12.81 9.12 16.57
C SER B 735 12.89 7.69 16.05
N VAL B 736 12.62 7.51 14.75
CA VAL B 736 12.62 6.17 14.17
C VAL B 736 13.30 6.20 12.81
N ASP B 737 14.17 5.23 12.56
CA ASP B 737 14.77 5.02 11.25
C ASP B 737 13.90 4.08 10.41
N CYS B 738 13.12 4.65 9.49
CA CYS B 738 12.26 3.90 8.59
C CYS B 738 12.99 2.72 7.94
N THR B 739 14.24 2.95 7.51
CA THR B 739 15.00 1.95 6.78
C THR B 739 15.24 0.68 7.57
N MET B 740 15.87 0.80 8.75
CA MET B 740 16.18 -0.38 9.58
C MET B 740 14.89 -0.98 10.16
N TYR B 741 13.85 -0.16 10.31
CA TYR B 741 12.56 -0.68 10.78
C TYR B 741 11.99 -1.61 9.72
N ILE B 742 12.04 -1.19 8.46
CA ILE B 742 11.46 -2.00 7.41
C ILE B 742 12.48 -3.04 6.91
N CYS B 743 13.65 -2.57 6.52
CA CYS B 743 14.60 -3.38 5.80
C CYS B 743 15.89 -3.49 6.58
N GLY B 744 15.79 -3.76 7.88
CA GLY B 744 16.95 -3.88 8.76
C GLY B 744 17.90 -5.00 8.34
N ASP B 745 19.15 -4.64 8.05
CA ASP B 745 20.21 -5.55 7.60
C ASP B 745 19.79 -6.33 6.35
N SER B 746 19.31 -5.60 5.32
CA SER B 746 18.92 -6.21 4.05
C SER B 746 19.04 -5.25 2.86
N THR B 747 19.87 -5.65 1.89
CA THR B 747 20.14 -4.82 0.73
C THR B 747 19.03 -5.00 -0.31
N GLU B 748 18.59 -6.25 -0.50
CA GLU B 748 17.53 -6.55 -1.44
C GLU B 748 16.29 -5.72 -1.08
N CYS B 749 15.93 -5.73 0.21
CA CYS B 749 14.78 -5.02 0.73
C CYS B 749 14.88 -3.51 0.50
N SER B 750 16.06 -2.94 0.77
CA SER B 750 16.27 -1.51 0.67
C SER B 750 16.14 -1.04 -0.78
N ASN B 751 16.71 -1.83 -1.71
CA ASN B 751 16.64 -1.49 -3.12
C ASN B 751 15.21 -1.50 -3.62
N LEU B 752 14.38 -2.40 -3.08
CA LEU B 752 12.96 -2.41 -3.40
C LEU B 752 12.28 -1.17 -2.81
N LEU B 753 12.66 -0.84 -1.57
CA LEU B 753 12.05 0.25 -0.85
C LEU B 753 12.26 1.58 -1.56
N LEU B 754 13.43 1.75 -2.20
CA LEU B 754 13.75 2.98 -2.92
C LEU B 754 12.67 3.33 -3.95
N GLN B 755 11.97 2.30 -4.43
CA GLN B 755 11.01 2.48 -5.50
C GLN B 755 9.75 3.20 -5.02
N TYR B 756 9.56 3.27 -3.70
CA TYR B 756 8.39 3.92 -3.13
C TYR B 756 8.63 5.39 -2.86
N GLY B 757 9.87 5.88 -3.02
CA GLY B 757 10.11 7.32 -3.03
C GLY B 757 10.31 7.92 -1.63
N SER B 758 9.46 8.88 -1.26
CA SER B 758 9.73 9.75 -0.13
C SER B 758 9.03 9.26 1.15
N PHE B 759 8.30 8.14 1.08
CA PHE B 759 7.56 7.67 2.24
C PHE B 759 8.51 7.41 3.40
N CYS B 760 9.75 7.00 3.11
CA CYS B 760 10.73 6.70 4.12
C CYS B 760 11.25 7.99 4.80
N THR B 761 11.30 9.10 4.06
CA THR B 761 11.99 10.30 4.48
C THR B 761 11.07 11.23 5.27
N GLN B 762 9.85 11.43 4.76
CA GLN B 762 8.95 12.39 5.37
C GLN B 762 8.51 11.96 6.76
N LEU B 763 8.54 10.65 7.01
CA LEU B 763 8.26 10.15 8.35
C LEU B 763 9.31 10.66 9.32
N ASN B 764 10.57 10.55 8.91
CA ASN B 764 11.70 11.00 9.71
C ASN B 764 11.56 12.49 9.99
N ARG B 765 11.17 13.23 8.94
CA ARG B 765 11.02 14.67 9.04
C ARG B 765 9.94 15.03 10.06
N ALA B 766 8.80 14.34 9.97
CA ALA B 766 7.68 14.59 10.88
C ALA B 766 8.12 14.37 12.34
N LEU B 767 8.80 13.26 12.57
CA LEU B 767 9.16 12.93 13.94
C LEU B 767 10.21 13.89 14.48
N THR B 768 11.11 14.35 13.62
CA THR B 768 12.07 15.38 14.00
C THR B 768 11.32 16.63 14.49
N GLY B 769 10.31 17.04 13.69
CA GLY B 769 9.46 18.17 14.04
C GLY B 769 8.85 18.00 15.42
N ILE B 770 8.37 16.80 15.71
CA ILE B 770 7.74 16.50 17.00
C ILE B 770 8.71 16.74 18.16
N ALA B 771 9.93 16.23 18.01
CA ALA B 771 10.92 16.32 19.07
C ALA B 771 11.28 17.78 19.36
N VAL B 772 11.46 18.55 18.28
CA VAL B 772 11.76 19.98 18.40
C VAL B 772 10.61 20.70 19.12
N GLU B 773 9.37 20.35 18.74
CA GLU B 773 8.20 20.95 19.36
C GLU B 773 8.20 20.70 20.87
N GLN B 774 8.59 19.49 21.29
CA GLN B 774 8.59 19.15 22.71
C GLN B 774 9.55 20.06 23.48
N ASP B 775 10.75 20.25 22.91
CA ASP B 775 11.74 21.10 23.54
C ASP B 775 11.23 22.54 23.67
N LYS B 776 10.56 22.99 22.59
CA LYS B 776 10.00 24.32 22.56
C LYS B 776 8.93 24.52 23.65
N ASN B 777 8.11 23.49 23.85
CA ASN B 777 7.05 23.52 24.85
C ASN B 777 7.69 23.77 26.20
N THR B 778 8.74 22.99 26.51
CA THR B 778 9.37 23.09 27.80
C THR B 778 9.93 24.49 28.02
N GLN B 779 10.58 25.01 26.97
CA GLN B 779 11.14 26.35 27.02
C GLN B 779 10.07 27.39 27.35
N GLU B 780 8.97 27.32 26.59
CA GLU B 780 7.88 28.27 26.70
C GLU B 780 7.32 28.28 28.11
N VAL B 781 7.28 27.10 28.75
CA VAL B 781 6.71 27.01 30.11
C VAL B 781 7.71 27.51 31.14
N PHE B 782 8.81 26.78 31.37
CA PHE B 782 9.69 27.07 32.50
C PHE B 782 10.59 28.28 32.25
N ALA B 783 11.18 28.40 31.04
CA ALA B 783 12.08 29.51 30.75
C ALA B 783 11.25 30.74 30.34
N GLN B 784 10.45 31.26 31.29
CA GLN B 784 9.65 32.45 31.06
C GLN B 784 10.36 33.68 31.61
N VAL B 785 11.17 33.46 32.66
CA VAL B 785 11.94 34.55 33.25
C VAL B 785 13.37 34.52 32.70
N LYS B 786 14.05 35.67 32.63
CA LYS B 786 15.36 35.83 32.04
C LYS B 786 16.45 35.67 33.11
N GLN B 787 16.19 36.19 34.32
CA GLN B 787 17.18 36.14 35.38
C GLN B 787 16.83 35.12 36.45
N ILE B 788 17.89 34.66 37.14
CA ILE B 788 17.75 33.54 38.05
C ILE B 788 17.78 34.11 39.45
N TYR B 789 16.59 34.39 39.97
CA TYR B 789 16.52 34.94 41.31
C TYR B 789 16.81 33.85 42.32
N LYS B 790 17.38 34.24 43.46
CA LYS B 790 17.60 33.31 44.56
C LYS B 790 17.10 33.96 45.85
N THR B 791 16.64 33.12 46.78
CA THR B 791 16.08 33.59 48.03
C THR B 791 17.18 34.01 48.98
N PRO B 792 16.89 34.97 49.89
CA PRO B 792 17.86 35.34 50.92
C PRO B 792 17.99 34.23 51.95
N PRO B 793 19.12 34.17 52.70
CA PRO B 793 19.36 33.07 53.63
C PRO B 793 18.38 33.02 54.81
N ILE B 794 17.78 34.18 55.11
CA ILE B 794 16.85 34.30 56.22
C ILE B 794 15.44 34.15 55.68
N LYS B 795 14.68 33.25 56.31
CA LYS B 795 13.34 32.92 55.86
C LYS B 795 12.30 33.61 56.73
N ASP B 796 12.40 34.93 56.78
CA ASP B 796 11.55 35.79 57.60
C ASP B 796 10.41 36.34 56.75
N PHE B 797 9.41 35.47 56.53
CA PHE B 797 8.35 35.77 55.59
C PHE B 797 7.04 36.04 56.32
N GLY B 798 7.15 36.72 57.47
CA GLY B 798 5.99 37.17 58.24
C GLY B 798 5.16 35.99 58.71
N GLY B 799 5.84 34.87 58.93
CA GLY B 799 5.22 33.68 59.47
C GLY B 799 4.76 32.68 58.40
N PHE B 800 4.80 33.12 57.14
CA PHE B 800 4.63 32.19 56.03
C PHE B 800 5.83 31.26 55.94
N ASN B 801 5.55 30.06 55.44
CA ASN B 801 6.50 28.98 55.51
C ASN B 801 6.61 28.33 54.15
N PHE B 802 7.81 28.37 53.54
CA PHE B 802 7.96 27.90 52.17
C PHE B 802 9.00 26.78 52.02
N SER B 803 9.43 26.22 53.14
CA SER B 803 10.53 25.27 53.11
C SER B 803 10.15 24.01 52.32
N GLN B 804 8.84 23.72 52.27
CA GLN B 804 8.38 22.51 51.64
C GLN B 804 8.26 22.68 50.11
N ILE B 805 8.48 23.90 49.60
CA ILE B 805 8.45 24.11 48.16
C ILE B 805 9.75 24.71 47.67
N LEU B 806 10.51 25.36 48.55
CA LEU B 806 11.81 25.89 48.16
C LEU B 806 12.81 24.75 48.01
N PRO B 807 13.90 24.94 47.24
CA PRO B 807 14.86 23.85 47.03
C PRO B 807 15.59 23.51 48.32
N ASP B 808 15.87 22.21 48.48
CA ASP B 808 16.67 21.70 49.58
C ASP B 808 18.13 21.62 49.13
N PRO B 809 19.01 22.57 49.57
CA PRO B 809 20.40 22.60 49.12
C PRO B 809 21.20 21.32 49.41
N SER B 810 20.76 20.57 50.42
CA SER B 810 21.48 19.40 50.92
C SER B 810 21.43 18.24 49.93
N LYS B 811 20.49 18.28 48.98
CA LYS B 811 20.23 17.17 48.07
C LYS B 811 21.00 17.34 46.77
N PRO B 812 21.33 16.27 45.99
CA PRO B 812 22.18 16.42 44.81
C PRO B 812 21.53 17.27 43.73
N SER B 813 20.30 16.93 43.34
CA SER B 813 19.52 17.83 42.49
C SER B 813 18.87 18.88 43.37
N LYS B 814 18.81 20.14 42.93
CA LYS B 814 18.31 21.22 43.75
C LYS B 814 16.79 21.22 43.68
N ARG B 815 16.19 20.24 44.37
CA ARG B 815 14.75 20.05 44.29
C ARG B 815 14.08 20.17 45.66
N SER B 816 12.82 20.61 45.64
CA SER B 816 12.03 20.76 46.86
C SER B 816 11.46 19.41 47.28
N PHE B 817 10.95 19.41 48.50
CA PHE B 817 10.34 18.23 49.09
C PHE B 817 9.28 17.69 48.13
N ILE B 818 8.42 18.61 47.69
CA ILE B 818 7.26 18.24 46.92
C ILE B 818 7.68 17.75 45.54
N GLU B 819 8.72 18.39 44.99
CA GLU B 819 9.24 17.96 43.70
C GLU B 819 9.76 16.53 43.76
N ASP B 820 10.43 16.19 44.88
CA ASP B 820 10.92 14.85 45.09
C ASP B 820 9.77 13.84 45.15
N LEU B 821 8.73 14.22 45.89
CA LEU B 821 7.57 13.35 45.97
C LEU B 821 7.00 13.09 44.57
N LEU B 822 6.87 14.16 43.76
CA LEU B 822 6.29 14.05 42.43
C LEU B 822 7.14 13.16 41.54
N PHE B 823 8.47 13.30 41.64
CA PHE B 823 9.37 12.48 40.82
C PHE B 823 9.32 11.02 41.23
N ASN B 824 9.01 10.77 42.51
CA ASN B 824 8.94 9.41 43.02
C ASN B 824 7.56 8.78 42.81
N LYS B 825 6.57 9.59 42.44
CA LYS B 825 5.22 9.09 42.19
C LYS B 825 4.95 8.88 40.70
N VAL B 826 6.01 8.88 39.88
CA VAL B 826 5.87 8.68 38.44
C VAL B 826 6.94 7.70 37.99
N THR B 827 6.57 6.80 37.07
CA THR B 827 7.40 5.70 36.61
C THR B 827 7.90 6.01 35.19
N PHE B 855 14.62 -1.26 19.68
CA PHE B 855 16.06 -1.50 19.37
C PHE B 855 16.31 -1.69 17.87
N ASN B 856 15.22 -1.82 17.11
CA ASN B 856 15.27 -1.89 15.66
C ASN B 856 15.06 -0.54 14.99
N GLY B 857 15.89 0.41 15.41
CA GLY B 857 15.96 1.76 14.85
C GLY B 857 15.13 2.78 15.62
N LEU B 858 14.67 2.37 16.80
CA LEU B 858 13.91 3.25 17.67
C LEU B 858 14.86 3.91 18.64
N THR B 859 15.02 5.23 18.50
CA THR B 859 15.89 5.98 19.37
C THR B 859 15.04 6.89 20.24
N VAL B 860 15.59 7.15 21.41
CA VAL B 860 15.01 8.12 22.33
C VAL B 860 16.01 9.25 22.49
N LEU B 861 15.68 10.39 21.90
CA LEU B 861 16.54 11.56 22.02
C LEU B 861 16.35 12.14 23.41
N PRO B 862 17.44 12.57 24.07
CA PRO B 862 17.32 13.14 25.42
C PRO B 862 16.79 14.57 25.33
N PRO B 863 15.97 15.06 26.30
CA PRO B 863 15.56 16.47 26.25
C PRO B 863 16.70 17.41 26.63
N LEU B 864 16.68 18.59 25.99
CA LEU B 864 17.74 19.56 26.13
C LEU B 864 17.88 19.99 27.59
N LEU B 865 16.77 20.28 28.26
CA LEU B 865 16.83 20.77 29.63
C LEU B 865 16.72 19.61 30.63
N THR B 866 17.77 19.40 31.43
CA THR B 866 17.72 18.38 32.49
C THR B 866 16.72 18.75 33.59
N ASP B 867 16.36 17.74 34.40
CA ASP B 867 15.43 17.96 35.50
C ASP B 867 15.95 19.04 36.44
N GLU B 868 17.26 19.06 36.65
CA GLU B 868 17.89 20.01 37.56
C GLU B 868 17.74 21.45 37.04
N MET B 869 17.76 21.61 35.72
CA MET B 869 17.62 22.92 35.10
C MET B 869 16.18 23.38 35.21
N ILE B 870 15.25 22.44 35.02
CA ILE B 870 13.85 22.78 35.22
C ILE B 870 13.66 23.25 36.65
N ALA B 871 14.30 22.53 37.59
CA ALA B 871 14.20 22.87 39.00
C ALA B 871 14.79 24.27 39.26
N GLN B 872 15.88 24.60 38.57
CA GLN B 872 16.45 25.92 38.73
C GLN B 872 15.51 27.00 38.23
N TYR B 873 14.86 26.74 37.11
CA TYR B 873 13.90 27.71 36.60
C TYR B 873 12.74 27.89 37.59
N THR B 874 12.25 26.78 38.14
CA THR B 874 11.14 26.86 39.08
C THR B 874 11.56 27.61 40.34
N SER B 875 12.78 27.36 40.80
CA SER B 875 13.31 28.07 41.95
C SER B 875 13.37 29.58 41.68
N ALA B 876 13.83 29.95 40.49
CA ALA B 876 13.88 31.35 40.12
C ALA B 876 12.49 31.98 40.16
N LEU B 877 11.52 31.32 39.54
CA LEU B 877 10.17 31.84 39.50
C LEU B 877 9.60 31.99 40.92
N LEU B 878 9.91 31.00 41.76
CA LEU B 878 9.35 30.96 43.11
C LEU B 878 9.95 32.09 43.94
N ALA B 879 11.25 32.28 43.82
CA ALA B 879 11.92 33.35 44.54
C ALA B 879 11.40 34.73 44.12
N GLY B 880 11.17 34.89 42.81
CA GLY B 880 10.60 36.13 42.32
C GLY B 880 9.21 36.38 42.90
N THR B 881 8.37 35.34 42.84
CA THR B 881 7.02 35.45 43.34
C THR B 881 7.01 35.80 44.83
N ILE B 882 8.04 35.35 45.55
CA ILE B 882 8.13 35.58 46.97
C ILE B 882 8.61 37.00 47.27
N THR B 883 9.74 37.39 46.69
CA THR B 883 10.45 38.60 47.11
C THR B 883 9.92 39.86 46.41
N SER B 884 9.36 39.67 45.22
CA SER B 884 9.00 40.81 44.40
C SER B 884 7.55 40.75 43.91
N GLY B 885 6.80 39.70 44.29
CA GLY B 885 5.41 39.57 43.89
C GLY B 885 5.26 39.38 42.38
N TRP B 886 4.62 40.35 41.74
CA TRP B 886 4.34 40.27 40.30
C TRP B 886 5.29 41.15 39.49
N THR B 887 6.22 41.85 40.13
CA THR B 887 7.01 42.84 39.42
C THR B 887 8.02 42.21 38.47
N PHE B 888 8.46 40.99 38.79
CA PHE B 888 9.54 40.35 38.08
C PHE B 888 9.07 39.77 36.75
N GLY B 889 7.76 39.84 36.51
CA GLY B 889 7.17 39.44 35.24
C GLY B 889 7.13 40.60 34.26
N ALA B 890 6.79 41.78 34.79
CA ALA B 890 6.73 43.00 34.01
C ALA B 890 8.16 43.41 33.64
N GLY B 891 8.95 43.74 34.67
CA GLY B 891 10.30 44.22 34.44
C GLY B 891 11.27 43.66 35.47
N ALA B 892 12.11 44.56 35.97
CA ALA B 892 13.04 44.27 37.05
C ALA B 892 12.29 43.90 38.32
N ALA B 893 12.84 42.94 39.07
CA ALA B 893 12.29 42.53 40.34
C ALA B 893 12.48 43.63 41.38
N LEU B 894 11.41 44.02 42.04
CA LEU B 894 11.46 45.08 43.05
C LEU B 894 11.17 44.47 44.42
N GLN B 895 12.07 44.60 45.40
CA GLN B 895 11.88 43.96 46.69
C GLN B 895 10.64 44.51 47.40
N ILE B 896 9.93 43.64 48.13
CA ILE B 896 8.70 44.01 48.84
C ILE B 896 8.46 43.02 49.98
N PRO B 897 8.10 43.45 51.22
CA PRO B 897 7.79 42.50 52.30
C PRO B 897 6.66 41.56 51.92
N PHE B 898 6.71 40.29 52.33
CA PHE B 898 5.70 39.33 51.94
C PHE B 898 4.31 39.69 52.48
N ALA B 899 4.28 40.23 53.71
CA ALA B 899 3.06 40.73 54.32
C ALA B 899 2.42 41.81 53.45
N MET B 900 3.26 42.77 53.02
CA MET B 900 2.80 43.85 52.17
C MET B 900 2.29 43.32 50.83
N GLN B 901 2.97 42.30 50.29
CA GLN B 901 2.55 41.67 49.05
C GLN B 901 1.12 41.12 49.19
N MET B 902 0.90 40.37 50.27
CA MET B 902 -0.41 39.75 50.49
C MET B 902 -1.50 40.80 50.66
N ALA B 903 -1.12 42.00 51.13
CA ALA B 903 -2.09 43.07 51.27
C ALA B 903 -2.59 43.49 49.89
N TYR B 904 -1.65 43.59 48.95
CA TYR B 904 -2.00 43.93 47.59
C TYR B 904 -2.87 42.83 46.97
N ARG B 905 -2.55 41.56 47.28
CA ARG B 905 -3.33 40.46 46.75
C ARG B 905 -4.74 40.54 47.31
N PHE B 906 -4.88 40.98 48.56
CA PHE B 906 -6.19 41.08 49.18
C PHE B 906 -7.01 42.21 48.57
N ASN B 907 -6.35 43.35 48.38
CA ASN B 907 -6.97 44.45 47.68
C ASN B 907 -7.40 44.02 46.27
N GLY B 908 -6.75 42.98 45.74
CA GLY B 908 -7.03 42.48 44.41
C GLY B 908 -8.41 41.86 44.22
N ILE B 909 -8.90 41.13 45.23
CA ILE B 909 -10.18 40.43 45.14
C ILE B 909 -11.28 41.15 45.92
N GLY B 910 -10.97 42.36 46.43
CA GLY B 910 -11.97 43.27 46.97
C GLY B 910 -12.10 43.22 48.50
N VAL B 911 -11.03 42.80 49.16
CA VAL B 911 -10.97 42.75 50.61
C VAL B 911 -9.95 43.78 51.07
N THR B 912 -10.30 44.57 52.08
CA THR B 912 -9.48 45.71 52.51
C THR B 912 -8.10 45.32 53.07
N GLN B 913 -7.15 46.28 53.05
CA GLN B 913 -5.78 46.09 53.53
C GLN B 913 -5.75 45.52 54.96
N ASN B 914 -6.48 46.17 55.83
CA ASN B 914 -6.61 45.85 57.24
C ASN B 914 -6.88 44.37 57.56
N VAL B 915 -7.77 43.70 56.84
CA VAL B 915 -8.22 42.36 57.18
C VAL B 915 -7.03 41.43 57.33
N LEU B 916 -6.11 41.43 56.36
CA LEU B 916 -4.96 40.55 56.42
C LEU B 916 -4.03 40.90 57.59
N TYR B 917 -3.76 42.20 57.79
CA TYR B 917 -2.85 42.64 58.82
C TYR B 917 -3.37 42.23 60.20
N GLU B 918 -4.68 42.43 60.39
CA GLU B 918 -5.33 42.09 61.64
C GLU B 918 -5.45 40.57 61.82
N ASN B 919 -5.39 39.82 60.71
CA ASN B 919 -5.53 38.37 60.76
C ASN B 919 -4.30 37.68 60.18
N GLN B 920 -3.13 38.26 60.44
CA GLN B 920 -1.87 37.77 59.88
C GLN B 920 -1.54 36.36 60.39
N LYS B 921 -1.58 36.15 61.71
CA LYS B 921 -1.14 34.89 62.28
C LYS B 921 -2.02 33.74 61.77
N LEU B 922 -3.33 34.00 61.75
CA LEU B 922 -4.31 33.02 61.31
C LEU B 922 -4.06 32.63 59.86
N ILE B 923 -3.80 33.64 59.03
CA ILE B 923 -3.60 33.42 57.61
C ILE B 923 -2.37 32.56 57.40
N ALA B 924 -1.29 32.90 58.11
CA ALA B 924 -0.04 32.17 57.91
C ALA B 924 -0.22 30.70 58.31
N ASN B 925 -0.94 30.49 59.41
CA ASN B 925 -1.13 29.14 59.92
C ASN B 925 -1.96 28.31 58.95
N GLN B 926 -3.01 28.94 58.39
CA GLN B 926 -3.86 28.26 57.43
C GLN B 926 -3.03 27.85 56.21
N PHE B 927 -2.15 28.77 55.78
CA PHE B 927 -1.35 28.56 54.60
C PHE B 927 -0.45 27.34 54.81
N ASN B 928 0.23 27.34 55.96
CA ASN B 928 1.16 26.28 56.29
C ASN B 928 0.45 24.93 56.38
N SER B 929 -0.73 24.94 57.03
CA SER B 929 -1.53 23.74 57.19
C SER B 929 -1.92 23.17 55.83
N ALA B 930 -2.27 24.07 54.91
CA ALA B 930 -2.69 23.66 53.58
C ALA B 930 -1.53 22.99 52.85
N ILE B 931 -0.34 23.56 53.03
CA ILE B 931 0.85 23.02 52.38
C ILE B 931 1.13 21.61 52.92
N GLY B 932 0.95 21.44 54.24
CA GLY B 932 1.10 20.13 54.86
C GLY B 932 0.13 19.10 54.29
N LYS B 933 -1.10 19.56 54.09
CA LYS B 933 -2.12 18.71 53.49
C LYS B 933 -1.72 18.30 52.07
N ILE B 934 -1.06 19.21 51.34
CA ILE B 934 -0.60 18.92 49.99
C ILE B 934 0.42 17.80 50.04
N GLN B 935 1.35 17.91 50.99
CA GLN B 935 2.35 16.88 51.18
C GLN B 935 1.67 15.53 51.36
N ASP B 936 0.68 15.48 52.26
CA ASP B 936 0.00 14.25 52.60
C ASP B 936 -0.74 13.69 51.39
N SER B 937 -1.44 14.55 50.65
CA SER B 937 -2.22 14.13 49.50
C SER B 937 -1.33 13.45 48.44
N LEU B 938 -0.19 14.08 48.17
CA LEU B 938 0.70 13.58 47.14
C LEU B 938 1.42 12.30 47.59
N SER B 939 1.75 12.24 48.89
CA SER B 939 2.43 11.07 49.47
C SER B 939 1.51 9.85 49.49
N SER B 940 0.20 10.07 49.70
CA SER B 940 -0.75 8.98 49.83
C SER B 940 -1.25 8.49 48.47
N THR B 941 -1.82 9.41 47.69
CA THR B 941 -2.54 9.04 46.47
C THR B 941 -1.67 9.29 45.26
N ALA B 942 -1.36 8.20 44.53
CA ALA B 942 -0.58 8.31 43.30
C ALA B 942 -1.45 8.75 42.13
N SER B 943 -2.72 8.36 42.13
CA SER B 943 -3.65 8.66 41.05
C SER B 943 -3.68 10.16 40.68
N ALA B 944 -3.27 11.02 41.63
CA ALA B 944 -3.18 12.48 41.44
C ALA B 944 -2.42 12.81 40.15
N LEU B 945 -1.40 12.02 39.83
CA LEU B 945 -0.50 12.31 38.72
C LEU B 945 -0.93 11.62 37.43
N GLY B 946 -2.16 11.10 37.39
CA GLY B 946 -2.67 10.33 36.26
C GLY B 946 -2.38 11.00 34.93
N LYS B 947 -2.71 12.29 34.86
CA LYS B 947 -2.60 13.05 33.62
C LYS B 947 -1.21 12.88 33.00
N LEU B 948 -0.19 12.81 33.87
CA LEU B 948 1.17 12.59 33.38
C LEU B 948 1.37 11.13 33.01
N GLN B 949 1.12 10.23 33.98
CA GLN B 949 1.37 8.81 33.77
C GLN B 949 0.71 8.33 32.49
N ASP B 950 -0.57 8.67 32.34
CA ASP B 950 -1.34 8.33 31.16
C ASP B 950 -0.49 8.52 29.91
N VAL B 951 0.02 9.74 29.77
CA VAL B 951 0.78 10.12 28.60
C VAL B 951 1.82 9.05 28.30
N VAL B 952 2.68 8.82 29.30
CA VAL B 952 3.76 7.88 29.14
C VAL B 952 3.22 6.57 28.60
N ASN B 953 2.22 6.03 29.31
CA ASN B 953 1.66 4.74 28.95
C ASN B 953 1.30 4.72 27.46
N GLN B 954 0.55 5.73 27.02
CA GLN B 954 0.11 5.77 25.64
C GLN B 954 1.32 5.55 24.71
N ASN B 955 2.34 6.39 24.89
CA ASN B 955 3.52 6.34 24.03
C ASN B 955 4.11 4.93 24.03
N ALA B 956 4.24 4.36 25.23
CA ALA B 956 4.74 3.01 25.36
C ALA B 956 3.98 2.06 24.43
N GLN B 957 2.66 2.08 24.53
CA GLN B 957 1.84 1.24 23.67
C GLN B 957 2.15 1.49 22.20
N ALA B 958 2.19 2.76 21.81
CA ALA B 958 2.41 3.12 20.42
C ALA B 958 3.74 2.56 19.91
N LEU B 959 4.66 2.29 20.83
CA LEU B 959 5.90 1.68 20.41
C LEU B 959 5.78 0.18 20.37
N ASN B 960 5.27 -0.40 21.47
CA ASN B 960 5.17 -1.84 21.55
C ASN B 960 4.41 -2.35 20.32
N THR B 961 3.24 -1.76 20.08
CA THR B 961 2.46 -2.08 18.90
C THR B 961 3.36 -2.09 17.68
N LEU B 962 4.06 -0.98 17.44
CA LEU B 962 4.95 -0.86 16.29
C LEU B 962 5.91 -2.05 16.20
N VAL B 963 6.59 -2.36 17.30
CA VAL B 963 7.53 -3.47 17.35
C VAL B 963 6.82 -4.78 17.03
N LYS B 964 5.62 -4.96 17.57
CA LYS B 964 4.89 -6.19 17.39
C LYS B 964 4.45 -6.38 15.94
N GLN B 965 4.28 -5.29 15.22
CA GLN B 965 3.89 -5.37 13.82
C GLN B 965 5.03 -5.91 12.94
N LEU B 966 6.23 -6.06 13.49
CA LEU B 966 7.31 -6.68 12.75
C LEU B 966 7.13 -8.19 12.70
N SER B 967 6.45 -8.74 13.72
CA SER B 967 6.29 -10.17 13.84
C SER B 967 5.19 -10.71 12.93
N SER B 968 4.56 -9.83 12.14
CA SER B 968 3.42 -10.21 11.30
C SER B 968 3.86 -10.45 9.85
N ASN B 969 3.06 -11.26 9.14
CA ASN B 969 3.43 -11.70 7.80
C ASN B 969 2.80 -10.84 6.73
N PHE B 970 1.61 -10.31 7.01
CA PHE B 970 0.86 -9.48 6.07
C PHE B 970 0.58 -10.25 4.77
N GLY B 971 0.45 -11.57 4.88
CA GLY B 971 0.20 -12.39 3.71
C GLY B 971 1.45 -13.07 3.17
N ALA B 972 2.61 -12.77 3.76
CA ALA B 972 3.87 -13.35 3.32
C ALA B 972 4.08 -14.73 3.93
N ILE B 973 5.18 -15.39 3.56
CA ILE B 973 5.43 -16.75 4.00
C ILE B 973 6.07 -16.74 5.38
N SER B 974 6.69 -15.62 5.77
CA SER B 974 7.27 -15.54 7.11
C SER B 974 7.54 -14.09 7.45
N SER B 975 7.50 -13.78 8.76
CA SER B 975 7.70 -12.43 9.27
C SER B 975 9.16 -12.03 9.28
N VAL B 976 10.05 -12.94 8.87
CA VAL B 976 11.49 -12.72 8.94
C VAL B 976 11.99 -12.57 7.52
N LEU B 977 12.78 -11.52 7.29
CA LEU B 977 13.24 -11.19 5.97
C LEU B 977 14.40 -12.10 5.56
N ASN B 978 15.30 -12.38 6.52
CA ASN B 978 16.45 -13.22 6.28
C ASN B 978 16.01 -14.63 5.87
N ASP B 979 14.94 -15.12 6.50
CA ASP B 979 14.38 -16.42 6.20
C ASP B 979 13.95 -16.50 4.75
N ILE B 980 13.27 -15.47 4.27
CA ILE B 980 12.81 -15.40 2.89
C ILE B 980 14.02 -15.37 1.95
N LEU B 981 15.01 -14.53 2.29
CA LEU B 981 16.20 -14.42 1.46
C LEU B 981 16.94 -15.74 1.38
N SER B 982 16.92 -16.51 2.49
CA SER B 982 17.65 -17.77 2.59
C SER B 982 16.85 -18.95 2.06
N ARG B 983 15.56 -18.74 1.70
CA ARG B 983 14.72 -19.81 1.20
C ARG B 983 14.40 -19.66 -0.29
N LEU B 984 14.24 -18.42 -0.77
CA LEU B 984 13.74 -18.18 -2.10
C LEU B 984 14.79 -17.45 -2.94
N ASP B 985 14.60 -17.54 -4.26
CA ASP B 985 15.31 -16.75 -5.25
C ASP B 985 14.70 -15.36 -5.35
N PRO B 986 15.45 -14.34 -5.84
CA PRO B 986 14.90 -13.00 -6.06
C PRO B 986 13.53 -12.93 -6.72
N PRO B 987 13.21 -13.70 -7.79
CA PRO B 987 11.92 -13.59 -8.48
C PRO B 987 10.68 -13.65 -7.58
N GLU B 988 10.77 -14.37 -6.46
CA GLU B 988 9.65 -14.59 -5.56
C GLU B 988 9.88 -13.94 -4.20
N ALA B 989 11.14 -13.92 -3.76
CA ALA B 989 11.52 -13.16 -2.57
C ALA B 989 11.11 -11.70 -2.76
N GLU B 990 11.15 -11.20 -4.00
CA GLU B 990 10.73 -9.84 -4.29
C GLU B 990 9.27 -9.63 -3.89
N VAL B 991 8.40 -10.58 -4.27
CA VAL B 991 6.98 -10.47 -4.00
C VAL B 991 6.74 -10.50 -2.50
N GLN B 992 7.38 -11.46 -1.82
CA GLN B 992 7.19 -11.59 -0.38
C GLN B 992 7.68 -10.33 0.34
N ILE B 993 8.82 -9.80 -0.11
CA ILE B 993 9.42 -8.62 0.48
C ILE B 993 8.53 -7.41 0.21
N ASP B 994 7.86 -7.41 -0.94
CA ASP B 994 6.96 -6.33 -1.29
C ASP B 994 5.79 -6.33 -0.30
N ARG B 995 5.29 -7.53 0.04
CA ARG B 995 4.20 -7.66 0.97
C ARG B 995 4.64 -7.14 2.34
N LEU B 996 5.84 -7.55 2.78
CA LEU B 996 6.35 -7.14 4.08
C LEU B 996 6.57 -5.63 4.13
N ILE B 997 7.11 -5.07 3.06
CA ILE B 997 7.38 -3.64 2.98
C ILE B 997 6.08 -2.88 3.11
N THR B 998 5.08 -3.28 2.32
CA THR B 998 3.81 -2.59 2.33
C THR B 998 3.29 -2.56 3.77
N GLY B 999 3.29 -3.73 4.40
CA GLY B 999 2.75 -3.89 5.74
C GLY B 999 3.43 -2.96 6.73
N ARG B 1000 4.76 -2.99 6.72
CA ARG B 1000 5.51 -2.27 7.73
C ARG B 1000 5.44 -0.75 7.49
N LEU B 1001 5.44 -0.37 6.22
CA LEU B 1001 5.37 1.04 5.90
C LEU B 1001 4.01 1.59 6.34
N GLN B 1002 2.96 0.79 6.13
CA GLN B 1002 1.63 1.19 6.57
C GLN B 1002 1.61 1.35 8.09
N SER B 1003 2.24 0.40 8.78
CA SER B 1003 2.29 0.41 10.24
C SER B 1003 3.03 1.66 10.74
N LEU B 1004 4.14 2.00 10.08
CA LEU B 1004 4.89 3.18 10.44
C LEU B 1004 4.08 4.45 10.22
N GLN B 1005 3.36 4.51 9.08
CA GLN B 1005 2.56 5.68 8.78
C GLN B 1005 1.51 5.89 9.86
N THR B 1006 0.89 4.78 10.28
CA THR B 1006 -0.13 4.82 11.32
C THR B 1006 0.47 5.40 12.60
N TYR B 1007 1.63 4.86 13.01
CA TYR B 1007 2.28 5.29 14.24
C TYR B 1007 2.61 6.77 14.20
N VAL B 1008 3.17 7.23 13.08
CA VAL B 1008 3.57 8.63 12.94
C VAL B 1008 2.35 9.53 13.05
N THR B 1009 1.25 9.17 12.35
CA THR B 1009 0.01 9.90 12.42
C THR B 1009 -0.46 10.07 13.87
N GLN B 1010 -0.49 8.96 14.61
CA GLN B 1010 -0.92 8.98 16.00
C GLN B 1010 -0.03 9.92 16.83
N GLN B 1011 1.29 9.85 16.62
CA GLN B 1011 2.23 10.67 17.36
C GLN B 1011 2.03 12.14 17.05
N LEU B 1012 1.72 12.47 15.79
CA LEU B 1012 1.44 13.85 15.40
C LEU B 1012 0.24 14.41 16.18
N ILE B 1013 -0.84 13.62 16.24
CA ILE B 1013 -2.09 14.02 16.87
C ILE B 1013 -1.95 14.33 18.36
N ARG B 1014 -1.30 13.44 19.12
CA ARG B 1014 -1.14 13.64 20.57
C ARG B 1014 -0.10 14.72 20.87
N ALA B 1015 0.82 14.90 19.90
CA ALA B 1015 1.80 15.99 20.04
C ALA B 1015 1.07 17.31 19.93
N ALA B 1016 0.05 17.34 19.04
CA ALA B 1016 -0.85 18.49 18.98
C ALA B 1016 -1.54 18.68 20.33
N GLU B 1017 -2.01 17.55 20.89
CA GLU B 1017 -2.69 17.61 22.17
C GLU B 1017 -1.76 18.13 23.28
N ILE B 1018 -0.54 17.60 23.28
CA ILE B 1018 0.40 17.95 24.33
C ILE B 1018 0.82 19.41 24.19
N ARG B 1019 0.96 19.87 22.96
CA ARG B 1019 1.30 21.27 22.73
C ARG B 1019 0.19 22.17 23.26
N ALA B 1020 -1.05 21.75 23.08
CA ALA B 1020 -2.17 22.52 23.61
C ALA B 1020 -2.05 22.63 25.12
N SER B 1021 -1.75 21.49 25.74
CA SER B 1021 -1.62 21.44 27.19
C SER B 1021 -0.51 22.37 27.65
N ALA B 1022 0.58 22.39 26.87
CA ALA B 1022 1.76 23.16 27.24
C ALA B 1022 1.49 24.65 27.11
N ASN B 1023 0.76 25.04 26.06
CA ASN B 1023 0.39 26.42 25.87
C ASN B 1023 -0.47 26.90 27.04
N LEU B 1024 -1.40 26.03 27.46
CA LEU B 1024 -2.22 26.39 28.59
C LEU B 1024 -1.38 26.58 29.83
N ALA B 1025 -0.40 25.69 30.02
CA ALA B 1025 0.45 25.73 31.20
C ALA B 1025 1.27 27.02 31.23
N ALA B 1026 1.77 27.41 30.06
CA ALA B 1026 2.54 28.64 29.98
C ALA B 1026 1.65 29.84 30.31
N THR B 1027 0.43 29.83 29.77
CA THR B 1027 -0.49 30.92 30.05
C THR B 1027 -0.74 31.00 31.55
N LYS B 1028 -0.84 29.82 32.19
CA LYS B 1028 -1.13 29.76 33.62
C LYS B 1028 0.05 30.32 34.39
N MET B 1029 1.27 29.98 33.97
CA MET B 1029 2.42 30.50 34.68
C MET B 1029 2.50 32.02 34.54
N SER B 1030 2.15 32.54 33.36
CA SER B 1030 2.17 33.98 33.18
C SER B 1030 1.09 34.69 34.00
N GLU B 1031 -0.17 34.26 33.84
CA GLU B 1031 -1.34 34.98 34.34
C GLU B 1031 -1.60 34.68 35.82
N CYS B 1032 -0.96 33.61 36.31
CA CYS B 1032 -1.32 33.07 37.60
C CYS B 1032 -0.14 33.14 38.56
N VAL B 1033 1.09 32.84 38.09
CA VAL B 1033 2.26 32.86 38.96
C VAL B 1033 2.84 34.27 39.00
N LEU B 1034 3.15 34.76 37.81
CA LEU B 1034 3.75 36.08 37.64
C LEU B 1034 2.76 37.20 37.90
N GLY B 1035 1.50 36.85 38.15
CA GLY B 1035 0.49 37.86 38.48
C GLY B 1035 -0.61 37.31 39.38
N GLN B 1036 -1.74 38.00 39.37
CA GLN B 1036 -2.92 37.63 40.13
C GLN B 1036 -4.11 37.75 39.20
N SER B 1037 -4.66 36.61 38.79
CA SER B 1037 -5.68 36.63 37.74
C SER B 1037 -7.05 36.82 38.37
N LYS B 1038 -7.87 37.62 37.69
CA LYS B 1038 -9.27 37.76 38.06
C LYS B 1038 -10.18 36.94 37.15
N ARG B 1039 -9.58 36.09 36.31
CA ARG B 1039 -10.39 35.14 35.56
C ARG B 1039 -10.81 34.02 36.50
N VAL B 1040 -12.11 33.71 36.52
CA VAL B 1040 -12.65 32.80 37.52
C VAL B 1040 -12.28 31.36 37.20
N ASP B 1041 -11.82 30.64 38.23
CA ASP B 1041 -11.57 29.21 38.08
C ASP B 1041 -10.44 28.90 37.11
N PHE B 1042 -9.74 29.95 36.67
CA PHE B 1042 -8.55 29.72 35.87
C PHE B 1042 -7.37 29.35 36.77
N CYS B 1043 -7.46 29.74 38.03
CA CYS B 1043 -6.37 29.52 38.99
C CYS B 1043 -6.90 28.84 40.25
N GLY B 1044 -7.74 27.80 40.08
CA GLY B 1044 -8.35 27.07 41.18
C GLY B 1044 -9.67 27.69 41.66
N LYS B 1045 -10.50 26.87 42.30
CA LYS B 1045 -11.80 27.33 42.79
C LYS B 1045 -11.60 28.21 44.03
N GLY B 1046 -11.86 29.50 43.87
CA GLY B 1046 -11.76 30.46 44.97
C GLY B 1046 -11.34 31.84 44.46
N TYR B 1047 -11.14 32.78 45.40
CA TYR B 1047 -10.62 34.09 45.03
C TYR B 1047 -9.11 34.00 44.93
N HIS B 1048 -8.56 34.12 43.71
CA HIS B 1048 -7.15 33.83 43.49
C HIS B 1048 -6.25 34.81 44.24
N LEU B 1049 -5.32 34.27 45.05
CA LEU B 1049 -4.32 35.10 45.71
C LEU B 1049 -2.98 34.99 45.00
N MET B 1050 -2.47 33.78 44.82
CA MET B 1050 -1.23 33.59 44.08
C MET B 1050 -1.07 32.13 43.73
N SER B 1051 0.07 31.82 43.11
CA SER B 1051 0.36 30.45 42.74
C SER B 1051 1.87 30.22 42.76
N PHE B 1052 2.26 28.96 43.01
CA PHE B 1052 3.64 28.55 43.06
C PHE B 1052 3.85 27.38 42.12
N PRO B 1053 4.84 27.44 41.21
CA PRO B 1053 5.09 26.32 40.28
C PRO B 1053 6.08 25.29 40.82
N GLN B 1054 5.91 24.03 40.42
CA GLN B 1054 6.76 22.93 40.81
C GLN B 1054 6.93 22.03 39.61
N SER B 1055 8.18 21.61 39.36
CA SER B 1055 8.49 20.72 38.26
C SER B 1055 7.82 19.36 38.46
N ALA B 1056 7.84 18.56 37.38
CA ALA B 1056 7.44 17.17 37.46
C ALA B 1056 7.85 16.50 36.16
N PRO B 1057 8.03 15.17 36.16
CA PRO B 1057 8.38 14.45 34.93
C PRO B 1057 7.44 14.79 33.77
N HIS B 1058 8.00 15.50 32.76
CA HIS B 1058 7.26 15.82 31.55
C HIS B 1058 6.05 16.71 31.82
N GLY B 1059 6.14 17.59 32.81
CA GLY B 1059 4.96 18.35 33.18
C GLY B 1059 5.20 19.26 34.38
N VAL B 1060 4.17 20.03 34.75
CA VAL B 1060 4.28 21.02 35.80
C VAL B 1060 3.09 20.91 36.74
N VAL B 1061 3.30 21.23 38.03
CA VAL B 1061 2.25 21.23 39.04
C VAL B 1061 2.13 22.65 39.60
N PHE B 1062 0.90 23.15 39.83
CA PHE B 1062 0.68 24.51 40.30
C PHE B 1062 -0.03 24.51 41.65
N LEU B 1063 0.55 25.18 42.65
CA LEU B 1063 -0.02 25.25 43.99
C LEU B 1063 -0.75 26.58 44.14
N HIS B 1064 -2.07 26.60 43.86
CA HIS B 1064 -2.81 27.84 43.84
C HIS B 1064 -3.27 28.21 45.26
N VAL B 1065 -2.87 29.40 45.74
CA VAL B 1065 -3.35 29.93 47.00
C VAL B 1065 -4.59 30.77 46.70
N THR B 1066 -5.73 30.45 47.33
CA THR B 1066 -6.97 31.17 47.07
C THR B 1066 -7.69 31.50 48.38
N TYR B 1067 -8.56 32.51 48.32
CA TYR B 1067 -9.31 32.98 49.48
C TYR B 1067 -10.74 32.50 49.34
N VAL B 1068 -11.18 31.69 50.30
CA VAL B 1068 -12.52 31.12 50.24
C VAL B 1068 -13.31 31.62 51.44
N PRO B 1069 -14.39 32.41 51.25
CA PRO B 1069 -15.23 32.82 52.37
C PRO B 1069 -15.89 31.61 53.04
N ALA B 1070 -15.98 31.65 54.38
CA ALA B 1070 -16.22 30.40 55.10
C ALA B 1070 -17.50 30.43 55.94
N GLN B 1071 -17.67 31.47 56.77
CA GLN B 1071 -18.80 31.55 57.67
C GLN B 1071 -19.67 32.71 57.23
N GLU B 1072 -20.96 32.47 57.13
CA GLU B 1072 -21.91 33.43 56.61
C GLU B 1072 -22.99 33.65 57.67
N LYS B 1073 -23.61 34.82 57.64
CA LYS B 1073 -24.74 35.16 58.50
C LYS B 1073 -25.73 36.01 57.70
N ASN B 1074 -27.04 35.89 57.99
CA ASN B 1074 -28.11 36.62 57.32
C ASN B 1074 -28.14 38.08 57.77
N PHE B 1075 -28.40 39.02 56.84
CA PHE B 1075 -28.56 40.43 57.17
C PHE B 1075 -29.64 41.06 56.30
N THR B 1076 -30.49 41.90 56.91
CA THR B 1076 -31.47 42.63 56.12
C THR B 1076 -30.76 43.77 55.42
N THR B 1077 -31.02 43.95 54.11
CA THR B 1077 -30.30 44.95 53.35
C THR B 1077 -31.25 45.98 52.75
N ALA B 1078 -30.70 46.92 51.96
CA ALA B 1078 -31.47 47.94 51.26
C ALA B 1078 -30.52 48.65 50.31
N PRO B 1079 -30.98 49.04 49.12
CA PRO B 1079 -30.09 49.62 48.12
C PRO B 1079 -29.72 51.07 48.40
N ALA B 1080 -30.47 51.74 49.29
CA ALA B 1080 -30.17 53.14 49.60
C ALA B 1080 -30.83 53.60 50.90
N ILE B 1081 -30.42 54.80 51.37
CA ILE B 1081 -30.96 55.43 52.57
C ILE B 1081 -31.57 56.80 52.26
N CYS B 1082 -32.63 57.20 52.99
CA CYS B 1082 -33.17 58.55 52.86
C CYS B 1082 -32.77 59.31 54.11
N HIS B 1083 -32.10 60.45 53.90
CA HIS B 1083 -31.68 61.27 55.02
C HIS B 1083 -32.51 62.55 55.10
N ASP B 1084 -32.44 63.34 54.02
CA ASP B 1084 -33.11 64.63 53.97
C ASP B 1084 -33.80 64.80 52.63
N GLY B 1085 -34.47 63.74 52.19
CA GLY B 1085 -35.06 63.67 50.87
C GLY B 1085 -34.04 63.34 49.79
N LYS B 1086 -32.77 63.25 50.18
CA LYS B 1086 -31.69 62.83 49.32
C LYS B 1086 -31.52 61.32 49.47
N ALA B 1087 -30.93 60.70 48.45
CA ALA B 1087 -30.70 59.26 48.43
C ALA B 1087 -29.20 58.98 48.49
N HIS B 1088 -28.82 58.19 49.50
CA HIS B 1088 -27.42 57.89 49.73
C HIS B 1088 -27.15 56.44 49.36
N PHE B 1089 -26.17 56.29 48.48
CA PHE B 1089 -25.70 54.98 48.07
C PHE B 1089 -24.30 54.79 48.65
N PRO B 1090 -23.90 53.52 48.87
CA PRO B 1090 -22.56 53.22 49.37
C PRO B 1090 -21.48 53.49 48.34
N ARG B 1091 -20.31 53.91 48.84
CA ARG B 1091 -19.16 54.12 47.97
C ARG B 1091 -18.51 52.79 47.65
N GLU B 1092 -18.09 52.08 48.70
CA GLU B 1092 -17.45 50.78 48.59
C GLU B 1092 -18.11 49.83 49.57
N GLY B 1093 -19.06 49.03 49.08
CA GLY B 1093 -19.73 48.04 49.91
C GLY B 1093 -21.25 48.06 49.77
N VAL B 1094 -21.92 47.76 50.87
CA VAL B 1094 -23.34 47.49 50.89
C VAL B 1094 -23.87 47.83 52.26
N PHE B 1095 -25.13 48.27 52.27
CA PHE B 1095 -25.88 48.56 53.47
C PHE B 1095 -26.48 47.29 54.04
N VAL B 1096 -26.47 47.19 55.36
CA VAL B 1096 -26.99 46.02 56.07
C VAL B 1096 -27.65 46.47 57.36
N SER B 1097 -28.42 45.55 57.91
CA SER B 1097 -29.09 45.74 59.17
C SER B 1097 -29.07 44.42 59.92
N ASN B 1098 -28.71 44.53 61.19
CA ASN B 1098 -28.69 43.40 62.10
C ASN B 1098 -30.04 43.27 62.81
N GLY B 1099 -30.99 44.17 62.50
CA GLY B 1099 -32.33 44.11 63.06
C GLY B 1099 -32.77 45.48 63.58
N THR B 1100 -31.79 46.27 64.07
CA THR B 1100 -32.10 47.52 64.76
C THR B 1100 -31.34 48.67 64.13
N HIS B 1101 -30.04 48.48 63.91
CA HIS B 1101 -29.17 49.53 63.42
C HIS B 1101 -28.70 49.17 62.01
N TRP B 1102 -28.50 50.21 61.21
CA TRP B 1102 -27.99 50.05 59.87
C TRP B 1102 -26.50 50.38 59.81
N PHE B 1103 -25.80 49.61 58.97
CA PHE B 1103 -24.38 49.82 58.75
C PHE B 1103 -24.05 49.67 57.28
N VAL B 1104 -22.78 49.95 56.98
CA VAL B 1104 -22.26 49.75 55.65
C VAL B 1104 -20.97 48.96 55.79
N THR B 1105 -20.85 47.91 54.98
CA THR B 1105 -19.70 47.03 55.02
C THR B 1105 -19.46 46.55 53.60
N GLN B 1106 -18.20 46.26 53.28
CA GLN B 1106 -17.82 45.73 51.97
C GLN B 1106 -18.32 44.30 51.81
N ARG B 1107 -18.56 43.85 50.57
CA ARG B 1107 -19.24 42.59 50.32
C ARG B 1107 -18.53 41.33 50.87
N ASN B 1108 -17.21 41.20 50.65
CA ASN B 1108 -16.47 39.99 51.01
C ASN B 1108 -16.26 39.67 52.50
N PHE B 1109 -16.12 40.67 53.40
CA PHE B 1109 -15.84 40.40 54.79
C PHE B 1109 -16.68 41.28 55.71
N TYR B 1110 -17.34 40.70 56.71
CA TYR B 1110 -18.25 41.48 57.54
C TYR B 1110 -17.49 42.36 58.52
N GLU B 1111 -17.38 43.65 58.18
CA GLU B 1111 -16.74 44.64 59.02
C GLU B 1111 -17.64 45.86 59.06
N PRO B 1112 -18.74 45.81 59.83
CA PRO B 1112 -19.74 46.88 59.83
C PRO B 1112 -19.15 48.22 60.29
N GLN B 1113 -19.57 49.31 59.65
CA GLN B 1113 -19.12 50.66 60.00
C GLN B 1113 -20.32 51.61 60.01
N ILE B 1114 -20.14 52.81 60.58
CA ILE B 1114 -21.23 53.75 60.69
C ILE B 1114 -21.43 54.47 59.37
N ILE B 1115 -22.70 54.71 59.01
CA ILE B 1115 -23.04 55.31 57.73
C ILE B 1115 -22.83 56.83 57.81
N THR B 1116 -22.01 57.34 56.88
CA THR B 1116 -21.63 58.74 56.88
C THR B 1116 -21.64 59.27 55.46
N THR B 1117 -21.14 60.50 55.28
CA THR B 1117 -20.94 61.06 53.96
C THR B 1117 -19.58 60.68 53.39
N ASP B 1118 -18.71 60.13 54.25
CA ASP B 1118 -17.40 59.65 53.82
C ASP B 1118 -17.52 58.24 53.22
N ASN B 1119 -18.59 57.54 53.59
CA ASN B 1119 -18.85 56.18 53.16
C ASN B 1119 -19.87 56.12 52.03
N THR B 1120 -20.51 57.24 51.71
CA THR B 1120 -21.61 57.23 50.74
C THR B 1120 -21.52 58.42 49.81
N PHE B 1121 -22.33 58.36 48.76
CA PHE B 1121 -22.48 59.47 47.85
C PHE B 1121 -23.96 59.66 47.59
N VAL B 1122 -24.28 60.88 47.15
CA VAL B 1122 -25.66 61.27 46.96
C VAL B 1122 -25.99 61.41 45.48
N SER B 1123 -27.23 61.07 45.13
CA SER B 1123 -27.76 61.13 43.79
C SER B 1123 -29.28 61.10 43.83
N GLY B 1124 -29.89 62.20 43.36
CA GLY B 1124 -31.33 62.27 43.20
C GLY B 1124 -32.06 62.39 44.54
N ASN B 1125 -33.29 61.86 44.61
CA ASN B 1125 -34.12 61.98 45.79
C ASN B 1125 -34.78 60.64 46.09
N CYS B 1126 -35.80 60.67 46.96
CA CYS B 1126 -36.38 59.46 47.53
C CYS B 1126 -37.68 59.05 46.84
N ASP B 1127 -38.05 59.76 45.76
CA ASP B 1127 -39.29 59.45 45.06
C ASP B 1127 -39.05 58.50 43.90
N VAL B 1128 -37.83 57.95 43.79
CA VAL B 1128 -37.42 57.28 42.57
C VAL B 1128 -37.04 55.84 42.89
N VAL B 1129 -36.16 55.70 43.88
CA VAL B 1129 -35.52 54.41 44.13
C VAL B 1129 -36.56 53.44 44.64
N ILE B 1130 -36.35 52.16 44.35
CA ILE B 1130 -37.21 51.07 44.78
C ILE B 1130 -36.56 50.34 45.94
N GLY B 1131 -37.34 50.15 47.01
CA GLY B 1131 -36.89 49.45 48.20
C GLY B 1131 -36.05 50.32 49.14
N ILE B 1132 -36.02 51.62 48.88
CA ILE B 1132 -35.22 52.52 49.71
C ILE B 1132 -35.82 52.55 51.12
N VAL B 1133 -34.98 52.93 52.09
CA VAL B 1133 -35.43 53.01 53.47
C VAL B 1133 -35.03 54.33 54.09
N ASN B 1134 -35.38 54.49 55.36
CA ASN B 1134 -35.07 55.66 56.14
C ASN B 1134 -34.09 55.29 57.24
N ASN B 1135 -33.14 56.19 57.45
CA ASN B 1135 -32.06 56.03 58.40
C ASN B 1135 -31.32 57.36 58.51
N THR B 1136 -30.42 57.47 59.49
CA THR B 1136 -29.68 58.69 59.74
C THR B 1136 -28.25 58.55 59.22
N VAL B 1137 -27.80 59.54 58.43
CA VAL B 1137 -26.43 59.60 57.97
C VAL B 1137 -25.68 60.61 58.83
N TYR B 1138 -24.56 60.17 59.40
CA TYR B 1138 -23.81 61.02 60.30
C TYR B 1138 -22.76 61.80 59.51
N ASP B 1139 -22.81 63.14 59.62
CA ASP B 1139 -21.82 64.00 59.00
C ASP B 1139 -20.72 64.34 60.01
N PRO B 1140 -19.45 63.94 59.76
CA PRO B 1140 -18.37 64.18 60.73
C PRO B 1140 -18.09 65.66 60.97
N LEU B 1141 -18.51 66.52 60.03
CA LEU B 1141 -18.10 67.91 60.08
C LEU B 1141 -18.90 68.70 61.13
N GLN B 1142 -20.22 68.43 61.25
CA GLN B 1142 -21.10 69.20 62.11
C GLN B 1142 -20.60 69.27 63.55
N PRO B 1143 -20.18 68.14 64.20
CA PRO B 1143 -19.66 68.22 65.57
C PRO B 1143 -18.64 69.26 66.01
N GLU B 1144 -17.51 69.45 65.29
CA GLU B 1144 -16.55 70.50 65.62
C GLU B 1144 -16.83 71.87 64.99
N LEU B 1145 -17.80 71.93 64.06
CA LEU B 1145 -18.22 73.23 63.53
C LEU B 1145 -18.62 74.17 64.66
N ASP B 1146 -19.56 73.75 65.53
CA ASP B 1146 -19.90 74.47 66.76
C ASP B 1146 -19.06 74.06 67.97
N SER B 1147 -18.21 73.04 67.77
CA SER B 1147 -17.14 72.77 68.72
C SER B 1147 -16.14 73.90 68.51
N ALA C 27 53.18 5.51 -9.27
CA ALA C 27 52.97 6.98 -9.06
C ALA C 27 51.47 7.26 -8.88
N TYR C 28 51.17 8.17 -7.95
CA TYR C 28 49.79 8.50 -7.60
C TYR C 28 49.62 10.01 -7.51
N THR C 29 48.43 10.49 -7.88
CA THR C 29 48.10 11.91 -7.81
C THR C 29 46.68 12.09 -7.30
N ASN C 30 46.30 13.36 -7.10
CA ASN C 30 45.03 13.71 -6.47
C ASN C 30 43.98 14.04 -7.54
N SER C 31 42.83 13.37 -7.43
CA SER C 31 41.65 13.68 -8.24
C SER C 31 40.83 14.74 -7.51
N PHE C 32 41.23 16.00 -7.63
CA PHE C 32 40.66 17.06 -6.81
C PHE C 32 39.14 17.12 -6.88
N THR C 33 38.65 17.47 -8.07
CA THR C 33 37.22 17.71 -8.33
C THR C 33 36.91 17.39 -9.79
N ARG C 34 37.81 16.67 -10.47
CA ARG C 34 37.58 16.24 -11.83
C ARG C 34 36.96 14.84 -11.88
N GLY C 35 36.37 14.50 -13.02
CA GLY C 35 35.71 13.22 -13.19
C GLY C 35 34.18 13.36 -13.12
N VAL C 36 33.69 14.56 -13.44
CA VAL C 36 32.28 14.87 -13.46
C VAL C 36 31.81 15.00 -14.91
N TYR C 37 30.72 14.29 -15.22
CA TYR C 37 30.16 14.23 -16.56
C TYR C 37 28.64 14.35 -16.43
N TYR C 38 28.02 14.83 -17.51
CA TYR C 38 26.56 14.99 -17.56
C TYR C 38 25.91 13.62 -17.54
N PRO C 39 25.27 13.25 -16.41
CA PRO C 39 24.80 11.87 -16.24
C PRO C 39 23.68 11.48 -17.21
N ASP C 40 23.01 12.48 -17.77
CA ASP C 40 21.90 12.27 -18.69
C ASP C 40 21.77 13.45 -19.64
N LYS C 41 20.86 13.30 -20.60
CA LYS C 41 20.70 14.22 -21.71
C LYS C 41 19.68 15.32 -21.39
N VAL C 42 19.41 15.53 -20.10
CA VAL C 42 18.35 16.44 -19.66
C VAL C 42 18.93 17.85 -19.48
N PHE C 43 18.11 18.87 -19.81
CA PHE C 43 18.42 20.25 -19.47
C PHE C 43 17.75 20.65 -18.17
N ARG C 44 18.54 21.24 -17.26
CA ARG C 44 18.04 21.75 -16.00
C ARG C 44 18.71 23.09 -15.75
N SER C 45 17.97 24.08 -15.23
CA SER C 45 18.51 25.42 -15.03
C SER C 45 18.30 25.88 -13.59
N SER C 46 19.28 26.58 -13.02
CA SER C 46 19.22 27.17 -11.69
C SER C 46 18.64 26.19 -10.66
N VAL C 47 19.34 25.05 -10.50
CA VAL C 47 18.83 23.98 -9.66
C VAL C 47 19.96 23.09 -9.16
N LEU C 48 19.71 22.46 -8.01
CA LEU C 48 20.62 21.45 -7.50
C LEU C 48 19.96 20.08 -7.66
N HIS C 49 20.65 19.19 -8.38
CA HIS C 49 20.10 17.87 -8.65
C HIS C 49 20.98 16.80 -8.01
N SER C 50 20.34 15.90 -7.26
CA SER C 50 21.01 14.76 -6.65
C SER C 50 20.83 13.54 -7.55
N THR C 51 21.95 12.86 -7.85
CA THR C 51 21.94 11.70 -8.73
C THR C 51 22.96 10.68 -8.21
N GLN C 52 22.56 9.41 -8.21
CA GLN C 52 23.47 8.32 -7.90
C GLN C 52 23.90 7.68 -9.20
N ASP C 53 25.21 7.66 -9.44
CA ASP C 53 25.77 7.10 -10.66
C ASP C 53 27.26 6.86 -10.45
N LEU C 54 27.93 6.43 -11.52
CA LEU C 54 29.34 6.09 -11.45
C LEU C 54 30.15 7.35 -11.68
N PHE C 55 30.74 7.86 -10.59
CA PHE C 55 31.55 9.06 -10.66
C PHE C 55 32.92 8.76 -10.09
N LEU C 56 33.85 9.68 -10.36
CA LEU C 56 35.16 9.62 -9.77
C LEU C 56 35.12 10.25 -8.39
N PRO C 57 35.42 9.50 -7.31
CA PRO C 57 35.42 10.09 -5.96
C PRO C 57 36.42 11.24 -5.88
N PHE C 58 35.99 12.36 -5.28
CA PHE C 58 36.82 13.53 -5.17
C PHE C 58 38.03 13.25 -4.27
N PHE C 59 39.15 13.89 -4.61
CA PHE C 59 40.39 13.80 -3.85
C PHE C 59 40.84 12.35 -3.67
N SER C 60 40.59 11.49 -4.67
CA SER C 60 40.98 10.10 -4.60
C SER C 60 42.34 9.93 -5.30
N ASN C 61 42.93 8.75 -5.12
CA ASN C 61 44.21 8.45 -5.75
C ASN C 61 43.97 7.99 -7.18
N VAL C 62 44.67 8.65 -8.11
CA VAL C 62 44.67 8.27 -9.51
C VAL C 62 46.08 7.85 -9.88
N THR C 63 46.18 6.73 -10.58
CA THR C 63 47.45 6.20 -11.05
C THR C 63 48.02 7.14 -12.11
N TRP C 64 49.33 7.40 -12.04
CA TRP C 64 50.04 8.28 -12.94
C TRP C 64 51.02 7.45 -13.77
N PHE C 65 50.94 7.60 -15.10
CA PHE C 65 51.86 6.96 -16.02
C PHE C 65 52.56 7.98 -16.90
N HIS C 66 53.79 7.66 -17.33
CA HIS C 66 54.57 8.48 -18.25
C HIS C 66 54.51 7.90 -19.66
N ASN C 81 53.02 0.48 -22.68
CA ASN C 81 51.55 0.32 -22.81
C ASN C 81 51.04 -0.79 -21.88
N PRO C 82 51.03 -0.64 -20.53
CA PRO C 82 50.52 -1.69 -19.63
C PRO C 82 49.01 -1.93 -19.75
N VAL C 83 48.57 -3.11 -19.32
CA VAL C 83 47.16 -3.47 -19.30
C VAL C 83 46.57 -3.12 -17.93
N LEU C 84 45.37 -2.50 -17.93
CA LEU C 84 44.72 -2.07 -16.71
C LEU C 84 43.32 -2.68 -16.63
N PRO C 85 42.80 -3.02 -15.42
CA PRO C 85 41.41 -3.43 -15.28
C PRO C 85 40.40 -2.34 -15.65
N PHE C 86 39.14 -2.78 -15.79
CA PHE C 86 38.02 -1.94 -16.17
C PHE C 86 36.86 -2.22 -15.22
N ASN C 87 37.10 -2.01 -13.93
CA ASN C 87 36.27 -2.62 -12.89
C ASN C 87 34.79 -2.27 -13.07
N ASP C 88 34.46 -0.99 -12.88
CA ASP C 88 33.10 -0.49 -13.06
C ASP C 88 33.07 0.48 -14.23
N GLY C 89 33.99 1.44 -14.21
CA GLY C 89 34.20 2.38 -15.30
C GLY C 89 35.59 3.01 -15.16
N VAL C 90 35.96 3.83 -16.14
CA VAL C 90 37.31 4.38 -16.20
C VAL C 90 37.23 5.88 -16.49
N TYR C 91 38.03 6.63 -15.73
CA TYR C 91 38.33 8.01 -16.03
C TYR C 91 39.76 8.06 -16.54
N PHE C 92 39.90 8.45 -17.80
CA PHE C 92 41.22 8.65 -18.37
C PHE C 92 41.46 10.14 -18.53
N ALA C 93 42.70 10.56 -18.29
CA ALA C 93 43.08 11.94 -18.55
C ALA C 93 44.47 11.93 -19.19
N SER C 94 44.67 12.89 -20.07
CA SER C 94 45.93 12.98 -20.79
C SER C 94 46.30 14.45 -20.96
N THR C 95 47.57 14.73 -20.70
CA THR C 95 48.17 16.03 -20.91
C THR C 95 49.04 15.94 -22.16
N GLU C 96 48.77 16.82 -23.12
CA GLU C 96 49.31 16.71 -24.46
C GLU C 96 49.94 18.03 -24.90
N LYS C 97 51.08 17.92 -25.60
CA LYS C 97 51.71 19.03 -26.29
C LYS C 97 52.16 18.59 -27.68
N SER C 98 52.05 17.29 -28.00
CA SER C 98 52.59 16.70 -29.22
C SER C 98 51.77 15.50 -29.71
N ASN C 99 50.56 15.31 -29.17
CA ASN C 99 49.62 14.26 -29.59
C ASN C 99 50.27 12.87 -29.57
N ILE C 100 50.87 12.51 -28.44
CA ILE C 100 51.54 11.21 -28.31
C ILE C 100 50.50 10.08 -28.31
N ILE C 101 49.51 10.21 -27.43
CA ILE C 101 48.47 9.19 -27.27
C ILE C 101 47.55 9.22 -28.48
N ARG C 102 47.14 8.03 -28.94
CA ARG C 102 46.34 7.89 -30.15
C ARG C 102 45.05 7.11 -29.93
N GLY C 103 45.04 6.12 -29.04
CA GLY C 103 43.89 5.23 -29.05
C GLY C 103 43.78 4.38 -27.79
N TRP C 104 42.74 3.54 -27.77
CA TRP C 104 42.43 2.68 -26.64
C TRP C 104 41.95 1.31 -27.15
N ILE C 105 42.25 0.28 -26.37
CA ILE C 105 41.76 -1.07 -26.61
C ILE C 105 40.98 -1.49 -25.37
N PHE C 106 39.82 -2.15 -25.56
CA PHE C 106 39.01 -2.65 -24.47
C PHE C 106 38.63 -4.10 -24.76
N GLY C 107 38.50 -4.89 -23.69
CA GLY C 107 38.00 -6.25 -23.85
C GLY C 107 38.22 -7.07 -22.59
N THR C 108 38.28 -8.40 -22.78
CA THR C 108 38.59 -9.34 -21.71
C THR C 108 39.99 -9.92 -21.91
N THR C 109 40.24 -10.45 -23.11
CA THR C 109 41.54 -11.01 -23.47
C THR C 109 42.17 -10.10 -24.52
N LEU C 110 41.32 -9.54 -25.41
CA LEU C 110 41.78 -8.83 -26.59
C LEU C 110 43.02 -9.51 -27.16
N ASP C 111 42.92 -10.83 -27.39
CA ASP C 111 44.04 -11.59 -27.96
C ASP C 111 43.58 -12.52 -29.08
N SER C 112 43.10 -11.96 -30.20
CA SER C 112 42.49 -12.71 -31.32
C SER C 112 41.68 -13.93 -30.88
N LYS C 113 40.88 -13.77 -29.83
CA LYS C 113 40.16 -14.89 -29.20
C LYS C 113 38.65 -14.63 -29.12
N THR C 114 38.24 -13.36 -28.96
CA THR C 114 36.84 -12.96 -28.83
C THR C 114 36.67 -11.51 -29.31
N GLN C 115 35.47 -10.96 -29.13
CA GLN C 115 35.18 -9.58 -29.50
C GLN C 115 35.93 -8.61 -28.58
N SER C 116 36.51 -7.56 -29.17
CA SER C 116 37.26 -6.52 -28.48
C SER C 116 37.08 -5.17 -29.18
N LEU C 117 37.07 -4.07 -28.41
CA LEU C 117 36.96 -2.75 -29.01
C LEU C 117 38.35 -2.16 -29.27
N LEU C 118 38.47 -1.57 -30.46
CA LEU C 118 39.65 -0.80 -30.81
C LEU C 118 39.23 0.57 -31.33
N ILE C 119 39.75 1.61 -30.67
CA ILE C 119 39.45 2.99 -31.03
C ILE C 119 40.77 3.71 -31.30
N VAL C 120 40.84 4.35 -32.48
CA VAL C 120 42.09 4.90 -32.97
C VAL C 120 41.83 6.23 -33.67
N ASN C 121 42.52 7.28 -33.21
CA ASN C 121 42.56 8.54 -33.91
C ASN C 121 43.94 8.64 -34.56
N ASN C 122 43.98 8.40 -35.87
CA ASN C 122 45.22 8.52 -36.63
C ASN C 122 45.35 9.96 -37.10
N ALA C 123 45.43 10.88 -36.14
CA ALA C 123 45.69 12.31 -36.34
C ALA C 123 44.46 13.07 -36.87
N THR C 124 43.94 12.69 -38.05
CA THR C 124 42.84 13.42 -38.68
C THR C 124 41.51 12.66 -38.69
N ASN C 125 41.55 11.34 -38.51
CA ASN C 125 40.35 10.51 -38.64
C ASN C 125 40.22 9.57 -37.44
N VAL C 126 39.01 9.46 -36.89
CA VAL C 126 38.74 8.48 -35.84
C VAL C 126 38.18 7.22 -36.49
N VAL C 127 38.62 6.07 -36.00
CA VAL C 127 38.20 4.76 -36.46
C VAL C 127 37.84 3.92 -35.23
N ILE C 128 36.69 3.24 -35.34
CA ILE C 128 36.18 2.36 -34.30
C ILE C 128 35.85 1.04 -34.98
N LYS C 129 36.41 -0.06 -34.46
CA LYS C 129 36.17 -1.41 -34.94
C LYS C 129 35.99 -2.34 -33.74
N VAL C 130 35.29 -3.48 -33.92
CA VAL C 130 34.97 -4.39 -32.83
C VAL C 130 35.38 -5.83 -33.15
N CYS C 131 36.40 -5.98 -33.99
CA CYS C 131 36.78 -7.28 -34.55
C CYS C 131 37.64 -8.11 -33.60
N GLU C 132 37.89 -9.38 -33.98
CA GLU C 132 38.89 -10.23 -33.36
C GLU C 132 40.32 -9.77 -33.71
N PHE C 133 40.78 -8.68 -33.08
CA PHE C 133 42.05 -8.09 -33.50
C PHE C 133 43.28 -8.81 -32.93
N GLN C 134 44.29 -8.99 -33.79
CA GLN C 134 45.56 -9.59 -33.42
C GLN C 134 46.48 -8.58 -32.74
N PHE C 135 46.53 -8.62 -31.39
CA PHE C 135 47.33 -7.63 -30.66
C PHE C 135 48.67 -8.25 -30.27
N CYS C 136 49.74 -7.60 -30.72
CA CYS C 136 51.11 -8.08 -30.47
C CYS C 136 51.50 -7.98 -28.99
N ASN C 137 52.74 -8.43 -28.67
CA ASN C 137 53.30 -8.35 -27.33
C ASN C 137 53.33 -6.88 -26.93
N ASP C 138 53.95 -6.03 -27.78
CA ASP C 138 53.94 -4.59 -27.59
C ASP C 138 53.23 -3.71 -28.63
N PRO C 139 51.85 -3.56 -28.64
CA PRO C 139 51.22 -2.70 -29.67
C PRO C 139 51.57 -1.24 -29.46
N PHE C 140 52.00 -0.57 -30.54
CA PHE C 140 52.45 0.81 -30.46
C PHE C 140 52.43 1.47 -31.84
N LEU C 141 52.47 2.81 -31.84
CA LEU C 141 52.54 3.59 -33.06
C LEU C 141 53.80 4.46 -33.06
N GLY C 142 54.39 4.59 -34.24
CA GLY C 142 55.67 5.28 -34.42
C GLY C 142 55.45 6.73 -34.86
N VAL C 143 56.32 7.21 -35.75
CA VAL C 143 56.23 8.56 -36.27
C VAL C 143 56.33 8.53 -37.80
N ASN C 165 36.16 -11.11 -38.24
CA ASN C 165 34.91 -11.24 -37.45
C ASN C 165 34.59 -9.90 -36.82
N CYS C 166 34.16 -8.98 -37.70
CA CYS C 166 33.86 -7.59 -37.37
C CYS C 166 32.35 -7.41 -37.36
N THR C 167 31.81 -6.88 -36.26
CA THR C 167 30.38 -6.66 -36.09
C THR C 167 29.99 -5.18 -36.19
N PHE C 168 30.97 -4.29 -36.27
CA PHE C 168 30.77 -2.85 -36.33
C PHE C 168 32.06 -2.21 -36.86
N GLU C 169 31.90 -1.11 -37.61
CA GLU C 169 32.99 -0.25 -38.04
C GLU C 169 32.42 1.16 -38.29
N TYR C 170 33.07 2.16 -37.68
CA TYR C 170 32.76 3.57 -37.89
C TYR C 170 34.05 4.35 -38.18
N VAL C 171 33.91 5.42 -38.98
CA VAL C 171 35.00 6.35 -39.28
C VAL C 171 34.47 7.78 -39.18
N SER C 172 35.23 8.65 -38.48
CA SER C 172 34.91 10.08 -38.43
C SER C 172 35.43 10.77 -39.70
N PHE C 186 52.57 20.78 -19.77
CA PHE C 186 51.81 20.53 -21.02
C PHE C 186 50.93 21.73 -21.35
N LYS C 187 50.30 21.68 -22.53
CA LYS C 187 49.53 22.79 -23.06
C LYS C 187 48.03 22.51 -23.10
N ASN C 188 47.67 21.26 -23.44
CA ASN C 188 46.28 20.85 -23.55
C ASN C 188 45.98 19.69 -22.62
N LEU C 189 44.76 19.69 -22.10
CA LEU C 189 44.27 18.61 -21.27
C LEU C 189 43.03 18.03 -21.93
N ARG C 190 43.05 16.71 -22.09
CA ARG C 190 41.93 15.96 -22.62
C ARG C 190 41.63 14.86 -21.60
N GLU C 191 40.43 14.91 -21.05
CA GLU C 191 39.95 13.94 -20.07
C GLU C 191 38.71 13.27 -20.67
N PHE C 192 38.63 11.95 -20.53
CA PHE C 192 37.57 11.15 -21.09
C PHE C 192 37.02 10.26 -19.99
N VAL C 193 35.76 9.86 -20.15
CA VAL C 193 35.16 8.86 -19.30
C VAL C 193 34.58 7.77 -20.18
N PHE C 194 34.99 6.53 -19.89
CA PHE C 194 34.50 5.36 -20.61
C PHE C 194 33.80 4.46 -19.60
N LYS C 195 32.56 4.12 -19.92
CA LYS C 195 31.84 3.15 -19.11
C LYS C 195 30.99 2.26 -20.00
N ASN C 196 30.57 1.12 -19.44
CA ASN C 196 29.91 0.07 -20.19
C ASN C 196 28.73 -0.45 -19.37
N ILE C 197 27.51 -0.08 -19.79
CA ILE C 197 26.32 -0.41 -19.01
C ILE C 197 25.26 -0.97 -19.94
N ASP C 198 24.71 -2.14 -19.60
CA ASP C 198 23.67 -2.82 -20.36
C ASP C 198 24.00 -2.85 -21.85
N GLY C 199 25.26 -3.19 -22.15
CA GLY C 199 25.73 -3.40 -23.51
C GLY C 199 26.14 -2.13 -24.25
N TYR C 200 25.79 -0.96 -23.70
CA TYR C 200 26.14 0.31 -24.32
C TYR C 200 27.46 0.82 -23.76
N PHE C 201 28.32 1.27 -24.67
CA PHE C 201 29.57 1.90 -24.36
C PHE C 201 29.42 3.42 -24.43
N LYS C 202 29.48 4.05 -23.25
CA LYS C 202 29.33 5.49 -23.14
C LYS C 202 30.69 6.14 -23.06
N ILE C 203 30.90 7.11 -23.95
CA ILE C 203 32.15 7.86 -24.01
C ILE C 203 31.84 9.35 -23.89
N TYR C 204 32.28 9.96 -22.78
CA TYR C 204 32.23 11.40 -22.57
C TYR C 204 33.64 11.95 -22.64
N SER C 205 33.76 13.24 -22.98
CA SER C 205 35.06 13.85 -23.13
C SER C 205 34.96 15.36 -22.97
N LYS C 206 36.12 15.98 -22.76
CA LYS C 206 36.25 17.43 -22.64
C LYS C 206 37.70 17.80 -22.87
N HIS C 207 37.87 18.89 -23.63
CA HIS C 207 39.16 19.45 -23.97
C HIS C 207 39.28 20.84 -23.35
N THR C 208 40.47 21.14 -22.83
CA THR C 208 40.74 22.44 -22.24
C THR C 208 42.20 22.81 -22.45
N PRO C 209 42.55 24.12 -22.49
CA PRO C 209 43.94 24.54 -22.39
C PRO C 209 44.40 24.62 -20.94
N ILE C 210 45.68 24.34 -20.72
CA ILE C 210 46.30 24.29 -19.40
C ILE C 210 47.76 24.70 -19.58
N ASN C 211 48.52 24.78 -18.45
CA ASN C 211 49.95 25.07 -18.45
C ASN C 211 50.71 24.22 -17.43
N LEU C 212 50.17 23.04 -17.08
CA LEU C 212 50.74 22.29 -15.97
C LEU C 212 51.70 21.21 -16.46
N VAL C 213 52.97 21.35 -16.09
CA VAL C 213 54.02 20.44 -16.51
C VAL C 213 54.13 19.25 -15.56
N ARG C 214 53.37 19.26 -14.46
CA ARG C 214 53.53 18.24 -13.41
C ARG C 214 52.25 17.41 -13.21
N ASP C 215 51.16 18.06 -12.74
CA ASP C 215 49.98 17.32 -12.28
C ASP C 215 48.74 17.72 -13.07
N LEU C 216 47.56 17.30 -12.63
CA LEU C 216 46.30 17.78 -13.15
C LEU C 216 46.03 19.15 -12.55
N PRO C 217 45.45 20.11 -13.31
CA PRO C 217 45.06 21.40 -12.72
C PRO C 217 43.86 21.22 -11.80
N GLN C 218 43.89 21.94 -10.68
CA GLN C 218 42.79 22.00 -9.74
C GLN C 218 41.74 22.99 -10.26
N GLY C 219 40.47 22.54 -10.23
CA GLY C 219 39.37 23.32 -10.77
C GLY C 219 38.15 22.45 -11.02
N PHE C 220 37.20 22.99 -11.80
CA PHE C 220 35.97 22.30 -12.06
C PHE C 220 35.44 22.59 -13.46
N SER C 221 35.08 21.51 -14.16
CA SER C 221 34.59 21.50 -15.53
C SER C 221 33.96 20.14 -15.81
N ALA C 222 32.86 20.14 -16.57
CA ALA C 222 32.07 18.93 -16.76
C ALA C 222 32.30 18.35 -18.15
N LEU C 223 32.08 17.04 -18.30
CA LEU C 223 32.34 16.37 -19.56
C LEU C 223 31.01 16.05 -20.23
N GLU C 224 30.80 16.58 -21.43
CA GLU C 224 29.64 16.29 -22.25
C GLU C 224 29.84 14.94 -22.95
N PRO C 225 28.75 14.15 -23.18
CA PRO C 225 28.90 12.91 -23.94
C PRO C 225 29.32 13.22 -25.38
N LEU C 226 30.08 12.29 -25.96
CA LEU C 226 30.39 12.30 -27.38
C LEU C 226 29.83 11.08 -28.12
N VAL C 227 29.94 9.90 -27.51
CA VAL C 227 29.63 8.68 -28.24
C VAL C 227 28.85 7.69 -27.37
N ASP C 228 27.93 6.97 -28.04
CA ASP C 228 27.16 5.89 -27.48
C ASP C 228 27.17 4.70 -28.44
N LEU C 229 27.98 3.68 -28.11
CA LEU C 229 28.15 2.54 -29.00
C LEU C 229 27.31 1.36 -28.52
N PRO C 230 26.39 0.77 -29.33
CA PRO C 230 25.70 -0.45 -28.92
C PRO C 230 26.51 -1.73 -29.17
N ILE C 231 27.68 -1.84 -28.55
CA ILE C 231 28.64 -2.90 -28.81
C ILE C 231 28.14 -4.26 -28.29
N GLY C 232 27.52 -4.31 -27.12
CA GLY C 232 27.10 -5.56 -26.51
C GLY C 232 28.29 -6.48 -26.21
N ILE C 233 29.41 -5.86 -25.78
CA ILE C 233 30.65 -6.58 -25.55
C ILE C 233 31.08 -6.48 -24.08
N ASN C 234 31.42 -7.62 -23.48
CA ASN C 234 32.01 -7.71 -22.15
C ASN C 234 33.36 -6.99 -22.12
N ILE C 235 33.63 -6.17 -21.09
CA ILE C 235 34.91 -5.49 -20.91
C ILE C 235 35.32 -5.59 -19.45
N THR C 236 36.54 -6.09 -19.17
CA THR C 236 37.10 -6.13 -17.83
C THR C 236 38.52 -5.57 -17.81
N ARG C 237 39.13 -5.41 -19.00
CA ARG C 237 40.49 -4.88 -19.10
C ARG C 237 40.58 -3.94 -20.29
N PHE C 238 41.57 -3.05 -20.25
CA PHE C 238 41.83 -2.14 -21.35
C PHE C 238 43.30 -1.73 -21.37
N GLN C 239 43.70 -1.07 -22.47
CA GLN C 239 45.04 -0.51 -22.58
C GLN C 239 45.04 0.70 -23.49
N THR C 240 46.12 1.50 -23.42
CA THR C 240 46.28 2.71 -24.19
C THR C 240 47.32 2.51 -25.30
N LEU C 241 47.15 3.27 -26.37
CA LEU C 241 48.01 3.21 -27.54
C LEU C 241 48.54 4.61 -27.84
N LEU C 242 49.86 4.76 -27.75
CA LEU C 242 50.53 6.02 -28.05
C LEU C 242 51.41 5.86 -29.30
N ALA C 264 52.45 11.44 -20.95
CA ALA C 264 51.94 11.01 -19.63
C ALA C 264 50.41 11.08 -19.58
N TYR C 265 49.82 10.35 -18.65
CA TYR C 265 48.39 10.31 -18.47
C TYR C 265 48.05 9.81 -17.06
N TYR C 266 46.76 9.86 -16.72
CA TYR C 266 46.28 9.46 -15.42
C TYR C 266 45.05 8.59 -15.57
N VAL C 267 44.91 7.61 -14.67
CA VAL C 267 43.79 6.70 -14.66
C VAL C 267 43.11 6.72 -13.29
N GLY C 268 41.77 6.82 -13.33
CA GLY C 268 40.93 6.62 -12.16
C GLY C 268 39.80 5.64 -12.47
N TYR C 269 39.23 5.11 -11.40
CA TYR C 269 38.17 4.13 -11.52
C TYR C 269 36.92 4.69 -10.86
N LEU C 270 35.82 4.63 -11.60
CA LEU C 270 34.57 5.18 -11.12
C LEU C 270 33.96 4.25 -10.09
N GLN C 271 33.06 4.81 -9.29
CA GLN C 271 32.35 4.07 -8.26
C GLN C 271 30.94 4.61 -8.21
N PRO C 272 29.98 3.79 -7.71
CA PRO C 272 28.59 4.23 -7.56
C PRO C 272 28.40 5.16 -6.36
N ARG C 273 28.59 6.46 -6.60
CA ARG C 273 28.46 7.47 -5.57
C ARG C 273 27.29 8.42 -5.87
N THR C 274 26.75 8.99 -4.80
CA THR C 274 25.74 10.03 -4.93
C THR C 274 26.43 11.38 -5.04
N PHE C 275 26.00 12.18 -6.02
CA PHE C 275 26.54 13.51 -6.22
C PHE C 275 25.42 14.53 -6.31
N LEU C 276 25.73 15.76 -5.88
CA LEU C 276 24.79 16.85 -5.96
C LEU C 276 25.27 17.87 -6.98
N LEU C 277 24.81 17.80 -8.24
CA LEU C 277 25.20 18.73 -9.29
C LEU C 277 24.54 20.10 -9.13
N LYS C 278 25.22 21.18 -9.58
CA LYS C 278 24.66 22.52 -9.60
C LYS C 278 24.54 22.95 -11.06
N TYR C 279 23.30 23.06 -11.56
CA TYR C 279 23.10 23.57 -12.90
C TYR C 279 22.79 25.06 -12.80
N ASN C 280 23.50 25.84 -13.63
CA ASN C 280 23.24 27.26 -13.79
C ASN C 280 22.11 27.55 -14.77
N GLU C 281 21.85 28.85 -14.99
CA GLU C 281 20.75 29.28 -15.85
C GLU C 281 20.85 28.62 -17.23
N ASN C 282 22.07 28.37 -17.72
CA ASN C 282 22.27 27.84 -19.05
C ASN C 282 22.38 26.32 -19.14
N GLY C 283 22.08 25.61 -18.05
CA GLY C 283 22.09 24.15 -18.06
C GLY C 283 23.47 23.55 -17.86
N THR C 284 24.49 24.41 -17.68
CA THR C 284 25.85 23.91 -17.51
C THR C 284 26.12 23.67 -16.04
N ILE C 285 26.90 22.62 -15.81
CA ILE C 285 27.27 22.26 -14.46
C ILE C 285 28.43 23.15 -14.04
N THR C 286 28.28 23.81 -12.89
CA THR C 286 29.29 24.76 -12.42
C THR C 286 29.95 24.32 -11.12
N ASP C 287 29.27 23.48 -10.33
CA ASP C 287 29.83 23.01 -9.08
C ASP C 287 29.20 21.67 -8.70
N ALA C 288 29.91 20.92 -7.86
CA ALA C 288 29.43 19.61 -7.44
C ALA C 288 29.89 19.28 -6.04
N VAL C 289 29.19 18.32 -5.43
CA VAL C 289 29.47 17.84 -4.10
C VAL C 289 29.40 16.31 -4.11
N ASP C 290 30.42 15.70 -3.52
CA ASP C 290 30.44 14.27 -3.28
C ASP C 290 29.81 14.01 -1.91
N CYS C 291 28.63 13.35 -1.93
CA CYS C 291 27.82 13.20 -0.73
C CYS C 291 28.44 12.26 0.29
N ALA C 292 29.62 11.72 -0.02
CA ALA C 292 30.26 10.74 0.86
C ALA C 292 31.71 11.09 1.18
N LEU C 293 32.20 12.23 0.67
CA LEU C 293 33.56 12.65 0.96
C LEU C 293 33.76 12.88 2.46
N ASP C 294 32.98 13.79 3.04
CA ASP C 294 33.12 14.17 4.44
C ASP C 294 31.76 14.56 5.00
N PRO C 295 31.61 14.62 6.34
CA PRO C 295 30.33 14.92 6.95
C PRO C 295 29.70 16.20 6.45
N LEU C 296 30.48 17.25 6.21
CA LEU C 296 29.87 18.46 5.69
C LEU C 296 29.18 18.24 4.34
N SER C 297 29.75 17.38 3.49
CA SER C 297 29.13 17.07 2.22
C SER C 297 27.85 16.26 2.39
N GLU C 298 27.83 15.36 3.38
CA GLU C 298 26.61 14.63 3.71
C GLU C 298 25.51 15.62 4.09
N THR C 299 25.89 16.63 4.87
CA THR C 299 24.97 17.67 5.30
C THR C 299 24.43 18.41 4.08
N LYS C 300 25.35 18.82 3.19
CA LYS C 300 24.97 19.58 2.01
C LYS C 300 23.98 18.79 1.16
N CYS C 301 24.21 17.48 1.05
CA CYS C 301 23.37 16.63 0.21
C CYS C 301 22.02 16.40 0.86
N THR C 302 21.99 16.32 2.20
CA THR C 302 20.75 16.14 2.93
C THR C 302 19.84 17.34 2.76
N LEU C 303 20.43 18.55 2.86
CA LEU C 303 19.70 19.80 2.67
C LEU C 303 19.50 20.13 1.19
N LYS C 304 20.26 19.48 0.29
CA LYS C 304 20.27 19.80 -1.13
C LYS C 304 20.61 21.27 -1.34
N SER C 305 21.71 21.69 -0.72
CA SER C 305 22.17 23.07 -0.83
C SER C 305 23.70 23.11 -0.67
N PHE C 306 24.30 24.17 -1.22
CA PHE C 306 25.73 24.36 -1.12
C PHE C 306 26.11 25.21 0.09
N THR C 307 25.13 25.93 0.65
CA THR C 307 25.39 26.74 1.82
C THR C 307 24.35 26.43 2.90
N VAL C 308 24.79 25.75 3.96
CA VAL C 308 23.92 25.36 5.05
C VAL C 308 24.08 26.37 6.18
N GLU C 309 22.95 26.73 6.81
CA GLU C 309 22.95 27.67 7.92
C GLU C 309 23.43 26.95 9.18
N LYS C 310 23.85 27.72 10.18
CA LYS C 310 24.29 27.15 11.45
C LYS C 310 23.20 26.26 12.04
N GLY C 311 23.65 25.28 12.83
CA GLY C 311 22.76 24.38 13.55
C GLY C 311 23.29 22.95 13.52
N ILE C 312 22.39 22.03 13.90
CA ILE C 312 22.74 20.62 13.98
C ILE C 312 21.76 19.86 13.10
N TYR C 313 22.29 19.01 12.21
CA TYR C 313 21.49 18.32 11.22
C TYR C 313 21.78 16.83 11.30
N GLN C 314 20.70 16.04 11.31
CA GLN C 314 20.81 14.59 11.38
C GLN C 314 21.03 14.07 9.96
N THR C 315 22.18 13.42 9.73
CA THR C 315 22.61 13.11 8.37
C THR C 315 22.50 11.62 8.09
N SER C 316 23.07 10.79 8.97
CA SER C 316 23.19 9.38 8.63
C SER C 316 22.94 8.49 9.85
N ASN C 317 23.28 7.21 9.69
CA ASN C 317 23.18 6.24 10.77
C ASN C 317 24.45 5.41 10.82
N PHE C 318 25.18 5.51 11.94
CA PHE C 318 26.36 4.70 12.18
C PHE C 318 25.93 3.30 12.61
N ARG C 319 26.55 2.27 12.02
CA ARG C 319 26.25 0.89 12.32
C ARG C 319 27.52 0.04 12.22
N VAL C 320 27.85 -0.66 13.30
CA VAL C 320 29.02 -1.54 13.33
C VAL C 320 28.75 -2.73 12.43
N GLN C 321 29.73 -3.05 11.58
CA GLN C 321 29.63 -4.20 10.71
C GLN C 321 30.15 -5.46 11.37
N PRO C 322 29.53 -6.64 11.12
CA PRO C 322 30.01 -7.90 11.70
C PRO C 322 31.40 -8.26 11.16
N THR C 323 32.27 -8.69 12.06
CA THR C 323 33.65 -8.99 11.75
C THR C 323 33.79 -10.46 11.36
N GLU C 324 32.96 -11.33 11.96
CA GLU C 324 33.05 -12.76 11.78
C GLU C 324 31.68 -13.33 11.46
N SER C 325 31.68 -14.48 10.80
CA SER C 325 30.49 -15.29 10.58
C SER C 325 30.64 -16.58 11.37
N ILE C 326 29.64 -16.87 12.21
CA ILE C 326 29.63 -18.07 13.02
C ILE C 326 28.55 -19.02 12.48
N VAL C 327 28.95 -20.25 12.18
CA VAL C 327 28.03 -21.30 11.77
C VAL C 327 28.20 -22.46 12.74
N ARG C 328 27.12 -22.89 13.38
CA ARG C 328 27.13 -24.00 14.33
C ARG C 328 25.96 -24.92 13.97
N PHE C 329 26.21 -26.24 13.94
CA PHE C 329 25.22 -27.22 13.49
C PHE C 329 25.06 -28.34 14.53
N PRO C 330 23.93 -29.09 14.52
CA PRO C 330 23.63 -30.03 15.59
C PRO C 330 24.62 -31.16 15.87
N ASN C 331 24.61 -31.60 17.15
CA ASN C 331 25.40 -32.72 17.65
C ASN C 331 25.35 -33.93 16.71
N ILE C 332 26.53 -34.48 16.42
CA ILE C 332 26.70 -35.55 15.45
C ILE C 332 26.40 -36.91 16.11
N THR C 333 25.90 -36.88 17.36
CA THR C 333 25.58 -38.09 18.11
C THR C 333 24.40 -38.82 17.46
N ASN C 334 24.32 -40.16 17.64
CA ASN C 334 23.34 -41.02 17.00
C ASN C 334 23.45 -40.87 15.48
N LEU C 335 24.66 -41.12 14.96
CA LEU C 335 24.92 -41.18 13.53
C LEU C 335 24.13 -42.34 12.89
N CYS C 336 23.84 -42.21 11.60
CA CYS C 336 23.02 -43.20 10.90
C CYS C 336 23.80 -44.50 10.69
N PRO C 337 23.12 -45.69 10.64
CA PRO C 337 23.84 -46.96 10.46
C PRO C 337 24.25 -47.22 9.01
N PHE C 338 25.17 -46.39 8.49
CA PHE C 338 25.73 -46.58 7.16
C PHE C 338 26.70 -47.75 7.12
N GLY C 339 27.42 -47.96 8.23
CA GLY C 339 28.34 -49.08 8.39
C GLY C 339 27.65 -50.42 8.13
N GLU C 340 26.43 -50.55 8.65
CA GLU C 340 25.64 -51.77 8.55
C GLU C 340 25.46 -52.15 7.09
N VAL C 341 25.15 -51.18 6.22
CA VAL C 341 24.79 -51.48 4.84
C VAL C 341 26.05 -51.72 4.02
N PHE C 342 26.97 -50.75 4.05
CA PHE C 342 28.12 -50.76 3.15
C PHE C 342 29.16 -51.80 3.58
N ASN C 343 29.32 -51.97 4.90
CA ASN C 343 30.32 -52.87 5.46
C ASN C 343 29.73 -54.22 5.82
N ALA C 344 28.53 -54.53 5.32
CA ALA C 344 27.89 -55.82 5.52
C ALA C 344 28.78 -56.95 4.97
N THR C 345 28.96 -58.02 5.76
CA THR C 345 29.70 -59.20 5.33
C THR C 345 29.05 -59.84 4.10
N ARG C 346 27.73 -60.05 4.15
CA ARG C 346 26.96 -60.67 3.08
C ARG C 346 25.94 -59.69 2.50
N PHE C 347 25.76 -59.75 1.18
CA PHE C 347 24.81 -58.94 0.44
C PHE C 347 23.71 -59.83 -0.12
N ALA C 348 22.61 -59.19 -0.56
CA ALA C 348 21.46 -59.91 -1.10
C ALA C 348 21.56 -60.02 -2.62
N SER C 349 20.88 -61.03 -3.18
CA SER C 349 20.80 -61.20 -4.63
C SER C 349 20.05 -60.04 -5.26
N VAL C 350 20.31 -59.82 -6.55
CA VAL C 350 19.66 -58.74 -7.30
C VAL C 350 18.14 -58.97 -7.36
N TYR C 351 17.71 -60.24 -7.50
CA TYR C 351 16.29 -60.56 -7.57
C TYR C 351 15.61 -60.32 -6.22
N ALA C 352 16.37 -60.46 -5.12
CA ALA C 352 15.88 -60.30 -3.76
C ALA C 352 16.67 -59.22 -3.02
N TRP C 353 16.90 -58.08 -3.69
CA TRP C 353 17.67 -56.99 -3.12
C TRP C 353 17.10 -56.58 -1.76
N ASN C 354 18.00 -56.41 -0.78
CA ASN C 354 17.61 -55.98 0.55
C ASN C 354 17.31 -54.48 0.57
N ARG C 355 16.44 -54.08 1.50
CA ARG C 355 16.07 -52.69 1.70
C ARG C 355 16.23 -52.34 3.18
N LYS C 356 17.25 -51.52 3.47
CA LYS C 356 17.46 -50.99 4.80
C LYS C 356 16.79 -49.62 4.90
N ARG C 357 16.06 -49.40 5.99
CA ARG C 357 15.41 -48.12 6.23
C ARG C 357 16.22 -47.30 7.23
N ILE C 358 16.47 -46.03 6.88
CA ILE C 358 17.22 -45.10 7.72
C ILE C 358 16.29 -43.97 8.10
N SER C 359 16.16 -43.75 9.42
CA SER C 359 15.28 -42.72 9.97
C SER C 359 15.77 -42.35 11.37
N ASN C 360 15.57 -41.08 11.74
CA ASN C 360 15.84 -40.58 13.09
C ASN C 360 17.32 -40.77 13.42
N CYS C 361 18.18 -40.09 12.66
CA CYS C 361 19.62 -40.14 12.87
C CYS C 361 20.30 -39.07 12.01
N VAL C 362 21.60 -38.85 12.29
CA VAL C 362 22.42 -37.90 11.55
C VAL C 362 23.11 -38.64 10.40
N ALA C 363 22.76 -38.27 9.18
CA ALA C 363 23.31 -38.90 7.98
C ALA C 363 24.62 -38.22 7.59
N ASP C 364 25.72 -38.95 7.81
CA ASP C 364 27.04 -38.45 7.47
C ASP C 364 27.43 -38.90 6.06
N TYR C 365 27.25 -38.00 5.09
CA TYR C 365 27.56 -38.29 3.69
C TYR C 365 29.02 -37.96 3.36
N SER C 366 29.72 -37.22 4.23
CA SER C 366 31.10 -36.84 3.99
C SER C 366 31.98 -38.09 3.87
N VAL C 367 31.76 -39.05 4.78
CA VAL C 367 32.52 -40.29 4.84
C VAL C 367 32.47 -41.01 3.49
N LEU C 368 31.41 -40.74 2.70
CA LEU C 368 31.11 -41.53 1.51
C LEU C 368 31.68 -40.87 0.25
N TYR C 369 31.25 -39.64 -0.06
CA TYR C 369 31.64 -39.00 -1.33
C TYR C 369 33.12 -38.64 -1.36
N ASN C 370 33.77 -38.63 -0.19
CA ASN C 370 35.19 -38.37 -0.07
C ASN C 370 36.01 -39.66 -0.02
N SER C 371 35.34 -40.81 0.16
CA SER C 371 36.00 -42.10 0.25
C SER C 371 36.53 -42.52 -1.11
N ALA C 372 37.68 -43.21 -1.09
CA ALA C 372 38.36 -43.66 -2.29
C ALA C 372 38.17 -45.16 -2.53
N SER C 373 37.12 -45.74 -1.94
CA SER C 373 36.81 -47.16 -2.04
C SER C 373 35.55 -47.42 -2.87
N PHE C 374 35.06 -46.38 -3.56
CA PHE C 374 33.89 -46.48 -4.42
C PHE C 374 34.28 -46.18 -5.86
N SER C 375 33.88 -47.08 -6.77
CA SER C 375 34.13 -46.91 -8.20
C SER C 375 33.07 -46.01 -8.83
N THR C 376 31.80 -46.23 -8.46
CA THR C 376 30.67 -45.43 -8.95
C THR C 376 29.98 -44.78 -7.76
N PHE C 377 29.75 -43.48 -7.88
CA PHE C 377 29.02 -42.72 -6.88
C PHE C 377 28.10 -41.71 -7.57
N LYS C 378 27.28 -42.22 -8.50
CA LYS C 378 26.46 -41.35 -9.33
C LYS C 378 25.29 -40.81 -8.52
N CYS C 379 24.85 -39.59 -8.84
CA CYS C 379 23.69 -38.98 -8.20
C CYS C 379 22.93 -38.16 -9.23
N TYR C 380 21.60 -38.26 -9.20
CA TYR C 380 20.75 -37.57 -10.17
C TYR C 380 19.89 -36.53 -9.46
N GLY C 381 19.94 -35.29 -9.99
CA GLY C 381 19.11 -34.19 -9.53
C GLY C 381 19.34 -33.84 -8.07
N VAL C 382 20.53 -34.21 -7.57
CA VAL C 382 20.92 -33.95 -6.19
C VAL C 382 22.43 -34.11 -6.06
N SER C 383 23.03 -33.27 -5.23
CA SER C 383 24.46 -33.33 -4.97
C SER C 383 24.71 -34.01 -3.63
N PRO C 384 25.72 -34.92 -3.53
CA PRO C 384 26.03 -35.58 -2.25
C PRO C 384 26.40 -34.59 -1.14
N THR C 385 27.07 -33.51 -1.56
CA THR C 385 27.52 -32.47 -0.63
C THR C 385 26.33 -31.74 -0.03
N LYS C 386 25.33 -31.46 -0.88
CA LYS C 386 24.16 -30.71 -0.48
C LYS C 386 23.29 -31.49 0.51
N LEU C 387 23.45 -32.81 0.58
CA LEU C 387 22.62 -33.65 1.42
C LEU C 387 22.83 -33.30 2.89
N ASN C 388 24.06 -32.90 3.25
CA ASN C 388 24.35 -32.50 4.62
C ASN C 388 23.50 -31.30 5.07
N ASP C 389 23.02 -30.52 4.09
CA ASP C 389 22.20 -29.34 4.34
C ASP C 389 20.71 -29.66 4.23
N LEU C 390 20.38 -30.93 3.97
CA LEU C 390 19.00 -31.32 3.74
C LEU C 390 18.57 -32.39 4.74
N CYS C 391 17.26 -32.42 5.00
CA CYS C 391 16.65 -33.41 5.88
C CYS C 391 15.59 -34.16 5.08
N PHE C 392 15.41 -35.44 5.39
CA PHE C 392 14.45 -36.29 4.70
C PHE C 392 13.74 -37.20 5.69
N THR C 393 12.49 -37.53 5.38
CA THR C 393 11.68 -38.33 6.28
C THR C 393 12.31 -39.71 6.46
N ASN C 394 12.62 -40.35 5.32
CA ASN C 394 13.16 -41.69 5.30
C ASN C 394 14.20 -41.78 4.19
N VAL C 395 15.19 -42.65 4.41
CA VAL C 395 16.20 -42.91 3.41
C VAL C 395 16.36 -44.42 3.30
N TYR C 396 16.08 -44.94 2.09
CA TYR C 396 16.17 -46.37 1.86
C TYR C 396 17.46 -46.68 1.12
N ALA C 397 18.27 -47.56 1.73
CA ALA C 397 19.45 -48.12 1.12
C ALA C 397 19.11 -49.51 0.59
N ASP C 398 18.94 -49.61 -0.73
CA ASP C 398 18.72 -50.89 -1.38
C ASP C 398 20.07 -51.50 -1.75
N SER C 399 20.37 -52.67 -1.18
CA SER C 399 21.65 -53.33 -1.33
C SER C 399 21.48 -54.61 -2.14
N PHE C 400 22.40 -54.82 -3.09
CA PHE C 400 22.44 -56.05 -3.88
C PHE C 400 23.78 -56.15 -4.61
N VAL C 401 24.08 -57.36 -5.10
CA VAL C 401 25.28 -57.65 -5.84
C VAL C 401 24.94 -57.95 -7.29
N ILE C 402 25.71 -57.36 -8.21
CA ILE C 402 25.60 -57.59 -9.64
C ILE C 402 27.01 -57.65 -10.23
N ARG C 403 27.11 -58.23 -11.43
CA ARG C 403 28.39 -58.27 -12.14
C ARG C 403 28.71 -56.89 -12.69
N GLY C 404 30.00 -56.67 -13.01
CA GLY C 404 30.53 -55.39 -13.47
C GLY C 404 29.76 -54.78 -14.64
N ASP C 405 29.56 -55.58 -15.70
CA ASP C 405 28.95 -55.09 -16.92
C ASP C 405 27.46 -54.76 -16.73
N GLU C 406 26.86 -55.22 -15.62
CA GLU C 406 25.47 -54.95 -15.34
C GLU C 406 25.29 -53.71 -14.45
N VAL C 407 26.41 -53.10 -14.02
CA VAL C 407 26.38 -51.94 -13.13
C VAL C 407 25.69 -50.75 -13.80
N ARG C 408 25.79 -50.69 -15.13
CA ARG C 408 25.22 -49.61 -15.95
C ARG C 408 23.69 -49.65 -15.94
N GLN C 409 23.08 -50.83 -15.69
CA GLN C 409 21.63 -50.98 -15.73
C GLN C 409 20.95 -50.27 -14.56
N ILE C 410 21.71 -49.96 -13.51
CA ILE C 410 21.15 -49.30 -12.33
C ILE C 410 21.23 -47.80 -12.53
N ALA C 411 20.22 -47.29 -13.23
CA ALA C 411 20.11 -45.88 -13.62
C ALA C 411 18.73 -45.66 -14.25
N PRO C 412 18.22 -44.41 -14.25
CA PRO C 412 16.99 -44.09 -14.98
C PRO C 412 17.14 -44.35 -16.48
N GLY C 413 16.07 -44.89 -17.07
CA GLY C 413 15.98 -45.13 -18.51
C GLY C 413 17.00 -46.17 -18.99
N GLN C 414 17.11 -47.26 -18.21
CA GLN C 414 17.97 -48.38 -18.57
C GLN C 414 17.10 -49.63 -18.78
N THR C 415 17.60 -50.52 -19.64
CA THR C 415 16.90 -51.76 -19.96
C THR C 415 17.88 -52.93 -19.85
N GLY C 416 17.31 -54.13 -19.68
CA GLY C 416 18.10 -55.34 -19.59
C GLY C 416 17.51 -56.29 -18.56
N LYS C 417 18.18 -57.43 -18.36
CA LYS C 417 17.76 -58.43 -17.40
C LYS C 417 17.57 -57.79 -16.03
N ILE C 418 18.60 -57.05 -15.58
CA ILE C 418 18.59 -56.48 -14.24
C ILE C 418 17.60 -55.33 -14.20
N ALA C 419 17.60 -54.47 -15.24
CA ALA C 419 16.74 -53.31 -15.28
C ALA C 419 15.24 -53.68 -15.30
N ASP C 420 14.93 -54.90 -15.78
CA ASP C 420 13.56 -55.28 -16.08
C ASP C 420 13.00 -56.33 -15.10
N TYR C 421 13.78 -57.35 -14.76
CA TYR C 421 13.28 -58.51 -14.03
C TYR C 421 13.75 -58.53 -12.58
N ASN C 422 14.79 -57.76 -12.25
CA ASN C 422 15.42 -57.84 -10.93
C ASN C 422 15.27 -56.53 -10.15
N TYR C 423 15.68 -55.42 -10.77
CA TYR C 423 15.66 -54.13 -10.12
C TYR C 423 15.47 -53.02 -11.14
N LYS C 424 14.49 -52.15 -10.87
CA LYS C 424 14.14 -51.06 -11.77
C LYS C 424 14.16 -49.74 -11.01
N LEU C 425 14.68 -48.69 -11.66
CA LEU C 425 14.63 -47.33 -11.15
C LEU C 425 13.65 -46.50 -11.96
N PRO C 426 13.02 -45.46 -11.35
CA PRO C 426 12.11 -44.59 -12.10
C PRO C 426 12.86 -43.64 -13.03
N ASP C 427 12.13 -43.13 -14.02
CA ASP C 427 12.66 -42.16 -14.98
C ASP C 427 13.01 -40.84 -14.30
N ASP C 428 12.41 -40.57 -13.14
CA ASP C 428 12.62 -39.32 -12.42
C ASP C 428 13.27 -39.60 -11.07
N PHE C 429 14.14 -40.63 -11.01
CA PHE C 429 14.87 -40.96 -9.80
C PHE C 429 15.73 -39.77 -9.36
N THR C 430 15.67 -39.45 -8.06
CA THR C 430 16.39 -38.31 -7.51
C THR C 430 17.17 -38.75 -6.26
N GLY C 431 17.87 -39.88 -6.37
CA GLY C 431 18.68 -40.38 -5.27
C GLY C 431 20.14 -40.51 -5.67
N CYS C 432 20.82 -41.54 -5.16
CA CYS C 432 22.20 -41.83 -5.52
C CYS C 432 22.39 -43.34 -5.73
N VAL C 433 23.36 -43.71 -6.57
CA VAL C 433 23.73 -45.09 -6.79
C VAL C 433 25.23 -45.21 -6.58
N ILE C 434 25.61 -46.07 -5.64
CA ILE C 434 27.00 -46.32 -5.27
C ILE C 434 27.32 -47.77 -5.57
N ALA C 435 28.50 -48.01 -6.14
CA ALA C 435 28.92 -49.35 -6.53
C ALA C 435 30.42 -49.47 -6.44
N TRP C 436 30.88 -50.64 -5.97
CA TRP C 436 32.31 -50.92 -5.85
C TRP C 436 32.54 -52.42 -6.02
N ASN C 437 33.72 -52.75 -6.57
CA ASN C 437 34.13 -54.13 -6.81
C ASN C 437 34.16 -54.91 -5.49
N SER C 438 33.70 -56.16 -5.57
CA SER C 438 33.67 -57.07 -4.44
C SER C 438 34.26 -58.42 -4.82
N ASN C 439 35.26 -58.43 -5.71
CA ASN C 439 35.89 -59.66 -6.13
C ASN C 439 36.57 -60.37 -4.96
N ASN C 440 37.18 -59.59 -4.06
CA ASN C 440 37.86 -60.13 -2.89
C ASN C 440 36.87 -60.75 -1.90
N LEU C 441 35.60 -60.31 -1.93
CA LEU C 441 34.60 -60.73 -0.96
C LEU C 441 33.60 -61.73 -1.55
N ASP C 442 33.09 -61.44 -2.76
CA ASP C 442 32.00 -62.17 -3.37
C ASP C 442 32.48 -63.15 -4.43
N SER C 443 33.72 -63.64 -4.28
CA SER C 443 34.26 -64.65 -5.18
C SER C 443 35.16 -65.59 -4.41
N LYS C 444 35.23 -66.83 -4.90
CA LYS C 444 36.03 -67.86 -4.27
C LYS C 444 36.49 -68.84 -5.35
N VAL C 445 37.59 -69.53 -5.04
CA VAL C 445 38.11 -70.56 -5.93
C VAL C 445 37.06 -71.67 -6.03
N GLY C 446 36.55 -71.86 -7.25
CA GLY C 446 35.47 -72.81 -7.50
C GLY C 446 34.22 -72.14 -8.09
N GLY C 447 34.02 -70.85 -7.77
CA GLY C 447 32.87 -70.10 -8.27
C GLY C 447 31.77 -69.98 -7.24
N ASN C 448 31.48 -68.73 -6.84
CA ASN C 448 30.44 -68.46 -5.88
C ASN C 448 29.10 -68.37 -6.61
N TYR C 449 28.16 -69.25 -6.24
CA TYR C 449 26.85 -69.33 -6.87
C TYR C 449 25.74 -68.92 -5.91
N ASN C 450 26.10 -68.26 -4.80
CA ASN C 450 25.13 -67.86 -3.79
C ASN C 450 24.32 -66.65 -4.26
N TYR C 451 24.85 -65.91 -5.25
CA TYR C 451 24.18 -64.76 -5.83
C TYR C 451 23.41 -65.19 -7.08
N LEU C 452 22.11 -64.90 -7.08
CA LEU C 452 21.22 -65.30 -8.16
C LEU C 452 20.64 -64.07 -8.84
N TYR C 453 20.00 -64.31 -10.00
CA TYR C 453 19.33 -63.27 -10.74
C TYR C 453 18.16 -63.89 -11.49
N ARG C 454 17.08 -63.11 -11.60
CA ARG C 454 15.88 -63.53 -12.32
C ARG C 454 16.13 -63.45 -13.83
N LEU C 455 15.90 -64.58 -14.51
CA LEU C 455 16.19 -64.70 -15.92
C LEU C 455 14.90 -64.60 -16.77
N PHE C 456 13.77 -64.96 -16.17
CA PHE C 456 12.48 -64.97 -16.87
C PHE C 456 11.42 -64.31 -16.02
N ARG C 457 10.50 -63.62 -16.70
CA ARG C 457 9.37 -62.95 -16.06
C ARG C 457 8.35 -62.60 -17.13
N LYS C 458 7.07 -62.60 -16.72
CA LYS C 458 5.94 -62.36 -17.62
C LYS C 458 5.85 -60.89 -18.03
N SER C 459 6.44 -59.97 -17.25
CA SER C 459 6.44 -58.54 -17.56
C SER C 459 7.60 -57.84 -16.86
N ASN C 460 7.87 -56.60 -17.27
CA ASN C 460 8.92 -55.79 -16.65
C ASN C 460 8.50 -55.36 -15.26
N LEU C 461 9.50 -55.11 -14.40
CA LEU C 461 9.26 -54.61 -13.05
C LEU C 461 8.91 -53.13 -13.10
N LYS C 462 8.22 -52.69 -12.04
CA LYS C 462 7.87 -51.30 -11.82
C LYS C 462 8.96 -50.64 -10.94
N PRO C 463 9.04 -49.29 -10.90
CA PRO C 463 10.03 -48.61 -10.06
C PRO C 463 9.99 -49.10 -8.61
N PHE C 464 11.14 -49.60 -8.13
CA PHE C 464 11.31 -50.10 -6.76
C PHE C 464 10.32 -51.23 -6.48
N GLU C 465 10.22 -52.16 -7.44
CA GLU C 465 9.43 -53.37 -7.28
C GLU C 465 10.37 -54.55 -7.07
N ARG C 466 9.96 -55.43 -6.15
CA ARG C 466 10.74 -56.59 -5.76
C ARG C 466 9.93 -57.86 -6.01
N ASP C 467 10.46 -58.71 -6.89
CA ASP C 467 9.85 -60.01 -7.20
C ASP C 467 10.81 -61.10 -6.72
N ILE C 468 10.36 -61.86 -5.73
CA ILE C 468 11.15 -62.94 -5.14
C ILE C 468 10.51 -64.30 -5.42
N SER C 469 9.52 -64.34 -6.32
CA SER C 469 8.81 -65.57 -6.64
C SER C 469 9.72 -66.56 -7.36
N THR C 470 9.48 -67.86 -7.10
CA THR C 470 10.23 -68.93 -7.73
C THR C 470 9.32 -69.81 -8.60
N GLU C 471 8.17 -69.28 -9.00
CA GLU C 471 7.23 -70.01 -9.85
C GLU C 471 7.91 -70.42 -11.16
N ILE C 472 7.63 -71.66 -11.61
CA ILE C 472 8.17 -72.15 -12.86
C ILE C 472 7.59 -71.33 -14.01
N TYR C 473 8.50 -70.79 -14.82
CA TYR C 473 8.15 -69.90 -15.92
C TYR C 473 7.55 -70.71 -17.06
N GLN C 474 6.33 -70.33 -17.47
CA GLN C 474 5.63 -71.00 -18.56
C GLN C 474 5.97 -70.28 -19.86
N ALA C 475 6.98 -70.78 -20.58
CA ALA C 475 7.43 -70.17 -21.82
C ALA C 475 6.45 -70.44 -22.96
N GLY C 476 5.72 -71.55 -22.87
CA GLY C 476 4.77 -71.94 -23.92
C GLY C 476 3.32 -71.81 -23.46
N SER C 477 2.44 -72.51 -24.17
CA SER C 477 1.01 -72.49 -23.91
C SER C 477 0.60 -73.60 -22.94
N THR C 478 1.51 -74.55 -22.68
CA THR C 478 1.21 -75.68 -21.82
C THR C 478 1.49 -75.31 -20.37
N PRO C 479 0.48 -75.37 -19.46
CA PRO C 479 0.73 -75.11 -18.03
C PRO C 479 1.78 -76.07 -17.49
N CYS C 480 2.68 -75.54 -16.65
CA CYS C 480 3.76 -76.32 -16.07
C CYS C 480 3.29 -77.08 -14.83
N ASN C 481 2.37 -76.49 -14.06
CA ASN C 481 1.82 -77.08 -12.85
C ASN C 481 2.95 -77.47 -11.88
N GLY C 482 3.91 -76.55 -11.72
CA GLY C 482 5.04 -76.72 -10.82
C GLY C 482 5.98 -77.86 -11.23
N VAL C 483 6.04 -78.15 -12.54
CA VAL C 483 6.89 -79.19 -13.09
C VAL C 483 7.74 -78.57 -14.19
N GLU C 484 9.06 -78.77 -14.09
CA GLU C 484 10.00 -78.23 -15.05
C GLU C 484 10.11 -79.20 -16.23
N GLY C 485 10.48 -78.64 -17.39
CA GLY C 485 10.66 -79.43 -18.60
C GLY C 485 10.67 -78.53 -19.83
N PHE C 486 10.07 -79.03 -20.91
CA PHE C 486 9.97 -78.28 -22.15
C PHE C 486 9.07 -77.07 -21.96
N ASN C 487 9.62 -75.87 -22.24
CA ASN C 487 8.94 -74.60 -22.05
C ASN C 487 8.53 -74.39 -20.60
N CYS C 488 9.29 -74.99 -19.68
CA CYS C 488 9.04 -74.87 -18.24
C CYS C 488 10.39 -74.83 -17.53
N TYR C 489 10.84 -73.60 -17.24
CA TYR C 489 12.18 -73.38 -16.70
C TYR C 489 12.07 -72.67 -15.35
N PHE C 490 13.15 -72.78 -14.57
CA PHE C 490 13.24 -72.08 -13.31
C PHE C 490 13.61 -70.62 -13.57
N PRO C 491 12.90 -69.64 -12.98
CA PRO C 491 13.10 -68.23 -13.34
C PRO C 491 14.46 -67.64 -12.93
N LEU C 492 15.15 -68.29 -11.98
CA LEU C 492 16.41 -67.79 -11.44
C LEU C 492 17.60 -68.54 -12.04
N GLN C 493 18.77 -67.88 -12.04
CA GLN C 493 20.04 -68.50 -12.40
C GLN C 493 21.17 -67.87 -11.60
N SER C 494 22.20 -68.68 -11.32
CA SER C 494 23.34 -68.28 -10.50
C SER C 494 24.33 -67.41 -11.27
N TYR C 495 25.17 -66.72 -10.50
CA TYR C 495 26.27 -65.94 -11.05
C TYR C 495 27.56 -66.76 -10.98
N GLY C 496 28.38 -66.67 -12.03
CA GLY C 496 29.69 -67.30 -12.02
C GLY C 496 30.77 -66.36 -11.50
N PHE C 497 30.80 -66.15 -10.18
CA PHE C 497 31.78 -65.25 -9.57
C PHE C 497 33.00 -66.04 -9.15
N GLN C 498 34.10 -65.88 -9.89
CA GLN C 498 35.38 -66.49 -9.59
C GLN C 498 36.44 -65.40 -9.44
N PRO C 499 37.51 -65.64 -8.66
CA PRO C 499 38.58 -64.65 -8.48
C PRO C 499 39.29 -64.28 -9.79
N THR C 500 39.27 -65.21 -10.74
CA THR C 500 39.98 -65.08 -12.00
C THR C 500 39.08 -64.50 -13.11
N ASN C 501 37.81 -64.23 -12.78
CA ASN C 501 36.85 -63.74 -13.76
C ASN C 501 37.20 -62.33 -14.22
N GLY C 502 36.76 -61.99 -15.45
CA GLY C 502 36.90 -60.66 -16.00
C GLY C 502 36.22 -59.60 -15.13
N VAL C 503 36.72 -58.36 -15.23
CA VAL C 503 36.20 -57.25 -14.44
C VAL C 503 34.70 -57.09 -14.68
N GLY C 504 34.28 -57.24 -15.94
CA GLY C 504 32.87 -57.15 -16.31
C GLY C 504 32.03 -58.21 -15.60
N TYR C 505 32.62 -59.40 -15.41
CA TYR C 505 31.92 -60.53 -14.83
C TYR C 505 32.20 -60.69 -13.34
N GLN C 506 33.15 -59.91 -12.81
CA GLN C 506 33.45 -59.94 -11.40
C GLN C 506 32.31 -59.32 -10.60
N PRO C 507 32.12 -59.73 -9.33
CA PRO C 507 31.04 -59.18 -8.50
C PRO C 507 31.28 -57.74 -8.10
N TYR C 508 30.17 -57.01 -7.95
CA TYR C 508 30.16 -55.61 -7.53
C TYR C 508 28.99 -55.41 -6.58
N ARG C 509 29.30 -54.83 -5.41
CA ARG C 509 28.28 -54.50 -4.42
C ARG C 509 27.74 -53.11 -4.72
N VAL C 510 26.40 -53.00 -4.67
CA VAL C 510 25.68 -51.82 -5.10
C VAL C 510 24.69 -51.43 -4.01
N VAL C 511 24.70 -50.14 -3.65
CA VAL C 511 23.75 -49.54 -2.74
C VAL C 511 23.07 -48.35 -3.42
N VAL C 512 21.74 -48.36 -3.41
CA VAL C 512 20.96 -47.27 -3.97
C VAL C 512 20.30 -46.52 -2.82
N LEU C 513 20.58 -45.21 -2.74
CA LEU C 513 20.01 -44.37 -1.71
C LEU C 513 18.85 -43.58 -2.29
N SER C 514 17.64 -43.86 -1.79
CA SER C 514 16.44 -43.17 -2.18
C SER C 514 15.94 -42.37 -0.99
N PHE C 515 15.55 -41.12 -1.29
CA PHE C 515 15.10 -40.19 -0.27
C PHE C 515 13.60 -39.99 -0.37
N GLU C 516 12.95 -39.88 0.79
CA GLU C 516 11.50 -39.79 0.87
C GLU C 516 11.10 -38.56 1.67
N LEU C 517 9.99 -37.95 1.24
CA LEU C 517 9.45 -36.76 1.89
C LEU C 517 7.94 -36.92 2.01
N LEU C 518 7.49 -37.45 3.15
CA LEU C 518 6.08 -37.72 3.39
C LEU C 518 5.46 -36.52 4.10
N HIS C 519 4.20 -36.65 4.50
CA HIS C 519 3.57 -35.72 5.42
C HIS C 519 3.97 -36.09 6.85
N ALA C 520 5.28 -35.99 7.11
CA ALA C 520 5.89 -36.43 8.36
C ALA C 520 7.15 -35.61 8.58
N PRO C 521 7.75 -35.58 9.79
CA PRO C 521 8.97 -34.80 10.02
C PRO C 521 10.17 -35.44 9.33
N ALA C 522 11.06 -34.59 8.84
CA ALA C 522 12.36 -35.04 8.35
C ALA C 522 13.28 -35.37 9.53
N THR C 523 13.54 -36.66 9.71
CA THR C 523 14.27 -37.20 10.84
C THR C 523 15.70 -37.61 10.44
N VAL C 524 16.03 -37.46 9.14
CA VAL C 524 17.35 -37.80 8.64
C VAL C 524 18.01 -36.53 8.11
N CYS C 525 18.88 -35.94 8.94
CA CYS C 525 19.52 -34.66 8.61
C CYS C 525 21.02 -34.83 8.42
N GLY C 526 21.81 -33.74 8.43
CA GLY C 526 23.24 -33.82 8.18
C GLY C 526 24.08 -33.01 9.18
N PRO C 527 25.37 -33.37 9.39
CA PRO C 527 26.21 -32.75 10.42
C PRO C 527 26.66 -31.31 10.20
N LYS C 528 27.00 -30.92 8.96
CA LYS C 528 27.59 -29.63 8.63
C LYS C 528 28.86 -29.40 9.44
N LYS C 529 29.12 -28.14 9.88
CA LYS C 529 30.43 -27.74 10.38
C LYS C 529 30.35 -26.76 11.55
N SER C 530 31.52 -26.20 11.92
CA SER C 530 31.65 -25.18 12.94
C SER C 530 32.72 -24.17 12.51
N THR C 531 32.45 -22.86 12.66
CA THR C 531 33.45 -21.84 12.36
C THR C 531 34.03 -21.29 13.67
N ASN C 532 33.81 -22.02 14.77
CA ASN C 532 34.22 -21.63 16.11
C ASN C 532 33.21 -20.64 16.71
N LEU C 533 33.44 -20.18 17.94
CA LEU C 533 32.50 -19.35 18.67
C LEU C 533 33.20 -18.10 19.21
N VAL C 534 33.50 -17.14 18.33
CA VAL C 534 34.10 -15.88 18.75
C VAL C 534 33.04 -15.05 19.47
N LYS C 535 33.36 -14.58 20.69
CA LYS C 535 32.42 -13.88 21.54
C LYS C 535 32.82 -12.41 21.69
N ASN C 536 31.94 -11.60 22.30
CA ASN C 536 32.22 -10.21 22.64
C ASN C 536 32.58 -9.40 21.40
N LYS C 537 31.96 -9.73 20.26
CA LYS C 537 32.19 -9.08 18.98
C LYS C 537 30.90 -9.16 18.17
N CYS C 538 30.76 -8.20 17.25
CA CYS C 538 29.66 -8.16 16.30
C CYS C 538 29.88 -9.24 15.25
N VAL C 539 28.94 -10.19 15.17
CA VAL C 539 29.05 -11.32 14.27
C VAL C 539 27.71 -11.61 13.61
N ASN C 540 27.79 -12.30 12.48
CA ASN C 540 26.62 -12.89 11.85
C ASN C 540 26.58 -14.36 12.24
N PHE C 541 25.68 -14.70 13.16
CA PHE C 541 25.60 -16.03 13.74
C PHE C 541 24.47 -16.84 13.12
N ASN C 542 24.69 -18.16 13.03
CA ASN C 542 23.72 -19.11 12.52
C ASN C 542 23.79 -20.35 13.38
N PHE C 543 22.81 -20.50 14.26
CA PHE C 543 22.69 -21.66 15.14
C PHE C 543 21.57 -22.57 14.65
N ASN C 544 21.93 -23.64 13.94
CA ASN C 544 20.99 -24.64 13.46
C ASN C 544 19.98 -24.01 12.52
N GLY C 545 20.35 -22.95 11.79
CA GLY C 545 19.44 -22.27 10.90
C GLY C 545 18.83 -21.01 11.52
N LEU C 546 18.93 -20.88 12.84
CA LEU C 546 18.51 -19.67 13.52
C LEU C 546 19.55 -18.59 13.27
N THR C 547 19.21 -17.66 12.37
CA THR C 547 20.18 -16.69 11.92
C THR C 547 19.95 -15.38 12.65
N GLY C 548 21.02 -14.60 12.72
CA GLY C 548 20.93 -13.23 13.18
C GLY C 548 22.29 -12.57 13.18
N THR C 549 22.30 -11.35 13.72
CA THR C 549 23.51 -10.55 13.84
C THR C 549 23.51 -9.94 15.24
N GLY C 550 24.64 -10.03 15.93
CA GLY C 550 24.74 -9.44 17.24
C GLY C 550 26.07 -9.77 17.92
N VAL C 551 26.10 -9.50 19.23
CA VAL C 551 27.23 -9.79 20.09
C VAL C 551 26.83 -10.91 21.06
N LEU C 552 27.63 -11.97 21.05
CA LEU C 552 27.38 -13.16 21.86
C LEU C 552 28.22 -13.08 23.12
N THR C 553 27.52 -13.16 24.26
CA THR C 553 28.14 -13.05 25.58
C THR C 553 27.62 -14.21 26.44
N GLU C 554 28.41 -14.54 27.46
CA GLU C 554 28.05 -15.57 28.41
C GLU C 554 26.79 -15.12 29.15
N SER C 555 25.80 -16.02 29.20
CA SER C 555 24.51 -15.72 29.81
C SER C 555 24.44 -16.22 31.25
N ASN C 556 23.47 -15.69 32.00
CA ASN C 556 23.14 -16.15 33.34
C ASN C 556 21.72 -16.74 33.38
N LYS C 557 21.18 -17.05 32.19
CA LYS C 557 19.82 -17.54 32.02
C LYS C 557 19.75 -18.99 32.51
N LYS C 558 18.52 -19.47 32.73
CA LYS C 558 18.31 -20.85 33.14
C LYS C 558 17.36 -21.54 32.18
N PHE C 559 17.88 -21.93 31.01
CA PHE C 559 17.14 -22.75 30.08
C PHE C 559 16.84 -24.10 30.71
N LEU C 560 15.66 -24.64 30.40
CA LEU C 560 15.29 -25.97 30.88
C LEU C 560 15.92 -27.04 30.00
N PRO C 561 15.97 -28.33 30.42
CA PRO C 561 16.64 -29.38 29.64
C PRO C 561 16.21 -29.47 28.18
N PHE C 562 14.96 -29.08 27.87
CA PHE C 562 14.41 -29.23 26.53
C PHE C 562 14.60 -27.98 25.67
N GLN C 563 14.99 -26.88 26.28
CA GLN C 563 15.00 -25.57 25.61
C GLN C 563 16.17 -25.43 24.65
N GLN C 564 15.98 -24.61 23.60
CA GLN C 564 17.00 -24.34 22.61
C GLN C 564 17.35 -22.84 22.57
N PHE C 565 16.32 -21.98 22.47
CA PHE C 565 16.56 -20.56 22.33
C PHE C 565 15.48 -19.77 23.06
N GLY C 566 15.88 -18.59 23.54
CA GLY C 566 14.99 -17.65 24.18
C GLY C 566 14.39 -16.69 23.17
N ARG C 567 13.48 -15.85 23.67
CA ARG C 567 12.85 -14.81 22.90
C ARG C 567 12.74 -13.58 23.79
N ASP C 568 12.54 -12.44 23.13
CA ASP C 568 12.21 -11.19 23.78
C ASP C 568 10.76 -10.85 23.49
N ILE C 569 10.27 -9.84 24.21
CA ILE C 569 8.93 -9.31 24.07
C ILE C 569 8.59 -9.00 22.61
N ALA C 570 9.62 -8.64 21.84
CA ALA C 570 9.50 -8.30 20.43
C ALA C 570 9.43 -9.51 19.53
N ASP C 571 9.46 -10.75 20.08
CA ASP C 571 9.49 -11.99 19.32
C ASP C 571 10.82 -12.18 18.61
N THR C 572 11.87 -11.50 19.08
CA THR C 572 13.22 -11.67 18.58
C THR C 572 14.00 -12.59 19.51
N THR C 573 14.92 -13.37 18.94
CA THR C 573 15.81 -14.22 19.70
C THR C 573 16.69 -13.36 20.61
N ASP C 574 16.64 -13.63 21.93
CA ASP C 574 17.44 -12.88 22.89
C ASP C 574 18.62 -13.71 23.41
N ALA C 575 18.50 -15.05 23.35
CA ALA C 575 19.55 -15.96 23.79
C ALA C 575 19.39 -17.33 23.15
N VAL C 576 20.49 -18.10 23.02
CA VAL C 576 20.47 -19.38 22.35
C VAL C 576 21.31 -20.40 23.11
N ARG C 577 21.19 -21.67 22.70
CA ARG C 577 22.00 -22.78 23.18
C ARG C 577 22.85 -23.30 22.02
N ASP C 578 24.16 -23.38 22.24
CA ASP C 578 25.06 -23.88 21.21
C ASP C 578 24.75 -25.36 20.92
N PRO C 579 24.52 -25.77 19.65
CA PRO C 579 24.30 -27.18 19.34
C PRO C 579 25.46 -28.11 19.73
N GLN C 580 26.70 -27.58 19.69
CA GLN C 580 27.88 -28.37 19.98
C GLN C 580 28.24 -28.33 21.47
N THR C 581 27.84 -27.27 22.20
CA THR C 581 28.12 -27.16 23.63
C THR C 581 26.84 -26.75 24.36
N LEU C 582 26.57 -27.40 25.50
CA LEU C 582 25.35 -27.14 26.24
C LEU C 582 25.50 -25.91 27.12
N GLU C 583 25.65 -24.76 26.47
CA GLU C 583 25.83 -23.47 27.15
C GLU C 583 24.89 -22.45 26.52
N ILE C 584 24.52 -21.44 27.31
CA ILE C 584 23.57 -20.43 26.89
C ILE C 584 24.29 -19.10 26.65
N LEU C 585 23.93 -18.44 25.54
CA LEU C 585 24.54 -17.18 25.17
C LEU C 585 23.48 -16.10 24.97
N ASP C 586 23.75 -14.93 25.56
CA ASP C 586 22.95 -13.74 25.40
C ASP C 586 23.39 -12.99 24.14
N ILE C 587 22.40 -12.49 23.38
CA ILE C 587 22.64 -11.71 22.19
C ILE C 587 22.33 -10.25 22.51
N THR C 588 23.33 -9.38 22.38
CA THR C 588 23.09 -7.95 22.37
C THR C 588 23.18 -7.41 20.94
N PRO C 589 22.18 -6.65 20.45
CA PRO C 589 22.25 -6.08 19.11
C PRO C 589 23.47 -5.18 18.92
N CYS C 590 24.04 -5.25 17.71
CA CYS C 590 25.22 -4.49 17.32
C CYS C 590 25.01 -2.99 17.49
N SER C 591 26.04 -2.35 18.05
CA SER C 591 26.03 -0.91 18.29
C SER C 591 25.63 -0.15 17.03
N PHE C 592 24.71 0.79 17.20
CA PHE C 592 24.26 1.66 16.14
C PHE C 592 23.76 2.97 16.74
N GLY C 593 23.64 4.00 15.89
CA GLY C 593 23.05 5.25 16.36
C GLY C 593 23.01 6.32 15.28
N GLY C 594 22.14 7.32 15.48
CA GLY C 594 22.06 8.47 14.60
C GLY C 594 23.39 9.20 14.52
N VAL C 595 23.65 9.79 13.35
CA VAL C 595 24.84 10.59 13.13
C VAL C 595 24.40 11.96 12.69
N SER C 596 24.65 12.92 13.58
CA SER C 596 24.30 14.32 13.37
C SER C 596 25.55 15.16 13.17
N VAL C 597 25.40 16.23 12.42
CA VAL C 597 26.53 17.10 12.11
C VAL C 597 26.25 18.47 12.71
N ILE C 598 27.21 18.97 13.50
CA ILE C 598 27.15 20.31 14.07
C ILE C 598 27.99 21.25 13.21
N THR C 599 27.34 22.32 12.76
CA THR C 599 27.95 23.20 11.80
C THR C 599 27.73 24.66 12.20
N PRO C 600 28.83 25.45 12.27
CA PRO C 600 28.70 26.87 12.54
C PRO C 600 28.03 27.63 11.41
N GLY C 601 27.98 27.01 10.23
CA GLY C 601 27.45 27.64 9.02
C GLY C 601 28.54 27.86 7.97
N THR C 602 28.30 27.35 6.76
CA THR C 602 29.32 27.42 5.71
C THR C 602 29.73 28.86 5.45
N ASN C 603 28.78 29.78 5.72
CA ASN C 603 29.01 31.20 5.53
C ASN C 603 30.18 31.66 6.41
N THR C 604 30.39 30.94 7.51
CA THR C 604 31.43 31.29 8.48
C THR C 604 32.66 30.38 8.32
N SER C 605 32.45 29.08 8.38
CA SER C 605 33.53 28.11 8.35
C SER C 605 33.01 26.78 7.84
N ASN C 606 33.95 26.00 7.29
CA ASN C 606 33.70 24.66 6.81
C ASN C 606 34.08 23.62 7.86
N GLN C 607 34.62 24.07 9.00
CA GLN C 607 35.09 23.17 10.05
C GLN C 607 33.95 22.82 11.01
N VAL C 608 33.74 21.52 11.25
CA VAL C 608 32.48 21.04 11.83
C VAL C 608 32.74 20.01 12.93
N ALA C 609 31.66 19.57 13.58
CA ALA C 609 31.72 18.55 14.62
C ALA C 609 30.67 17.47 14.33
N VAL C 610 30.85 16.31 14.94
CA VAL C 610 29.99 15.17 14.68
C VAL C 610 29.47 14.62 16.01
N LEU C 611 28.21 14.19 16.00
CA LEU C 611 27.61 13.55 17.15
C LEU C 611 27.12 12.17 16.74
N TYR C 612 27.66 11.16 17.43
CA TYR C 612 27.13 9.81 17.34
C TYR C 612 26.23 9.58 18.54
N GLN C 613 24.95 9.35 18.26
CA GLN C 613 23.91 9.46 19.29
C GLN C 613 23.81 8.16 20.08
N ASP C 614 23.66 8.31 21.41
CA ASP C 614 23.42 7.23 22.36
C ASP C 614 24.35 6.04 22.12
N VAL C 615 25.63 6.32 21.88
CA VAL C 615 26.64 5.28 21.78
C VAL C 615 27.79 5.68 22.69
N ASN C 616 28.86 4.89 22.68
CA ASN C 616 30.02 5.15 23.48
C ASN C 616 31.14 5.67 22.58
N CYS C 617 32.04 6.46 23.15
CA CYS C 617 33.21 6.93 22.44
C CYS C 617 34.21 5.81 22.14
N THR C 618 34.00 4.65 22.75
CA THR C 618 34.89 3.52 22.59
C THR C 618 34.65 2.85 21.25
N GLU C 619 33.36 2.72 20.87
CA GLU C 619 32.93 1.97 19.71
C GLU C 619 33.19 2.71 18.40
N VAL C 620 33.69 3.95 18.48
CA VAL C 620 33.87 4.75 17.27
C VAL C 620 35.27 4.51 16.73
N ASN C 641 40.58 14.83 20.91
CA ASN C 641 39.55 15.90 20.86
C ASN C 641 38.15 15.28 20.84
N VAL C 642 37.82 14.58 21.94
CA VAL C 642 36.62 13.78 22.01
C VAL C 642 35.94 14.02 23.35
N PHE C 643 34.61 14.02 23.34
CA PHE C 643 33.84 14.35 24.53
C PHE C 643 32.61 13.47 24.61
N GLN C 644 32.47 12.77 25.73
CA GLN C 644 31.28 11.96 25.98
C GLN C 644 30.24 12.77 26.75
N THR C 645 28.99 12.72 26.26
CA THR C 645 27.87 13.32 26.93
C THR C 645 26.69 12.36 26.93
N ARG C 646 25.64 12.69 27.68
CA ARG C 646 24.47 11.84 27.81
C ARG C 646 23.84 11.58 26.43
N ALA C 647 24.16 12.46 25.47
CA ALA C 647 23.60 12.40 24.11
C ALA C 647 24.40 11.44 23.23
N GLY C 648 25.70 11.35 23.51
CA GLY C 648 26.54 10.41 22.80
C GLY C 648 27.97 10.93 22.75
N CYS C 649 28.66 10.53 21.68
CA CYS C 649 30.05 10.86 21.48
C CYS C 649 30.15 12.04 20.52
N LEU C 650 30.85 13.07 20.99
CA LEU C 650 30.98 14.32 20.26
C LEU C 650 32.44 14.51 19.86
N ILE C 651 32.64 14.76 18.57
CA ILE C 651 33.96 14.70 17.98
C ILE C 651 34.16 15.99 17.19
N GLY C 652 35.29 16.64 17.45
CA GLY C 652 35.63 17.88 16.77
C GLY C 652 35.33 19.12 17.60
N ALA C 653 34.84 18.93 18.83
CA ALA C 653 34.49 20.05 19.69
C ALA C 653 35.30 20.01 20.97
N GLU C 654 35.83 21.17 21.38
CA GLU C 654 36.62 21.25 22.60
C GLU C 654 35.72 21.61 23.78
N HIS C 655 35.83 20.82 24.85
CA HIS C 655 35.01 21.01 26.01
C HIS C 655 35.54 22.19 26.82
N VAL C 656 34.63 22.97 27.41
CA VAL C 656 34.97 24.19 28.13
C VAL C 656 34.20 24.24 29.44
N ASN C 657 34.85 24.73 30.53
CA ASN C 657 34.16 25.00 31.78
C ASN C 657 33.16 26.16 31.69
N ASN C 658 33.54 27.24 31.00
CA ASN C 658 32.76 28.45 30.97
C ASN C 658 31.38 28.18 30.37
N SER C 659 30.35 28.76 31.00
CA SER C 659 28.97 28.56 30.60
C SER C 659 28.48 29.79 29.83
N TYR C 660 27.76 29.54 28.74
CA TYR C 660 27.27 30.59 27.88
C TYR C 660 25.79 30.32 27.62
N GLU C 661 25.15 31.25 26.92
CA GLU C 661 23.82 31.03 26.41
C GLU C 661 23.91 30.02 25.28
N CYS C 662 22.86 29.21 25.12
CA CYS C 662 22.85 28.11 24.17
C CYS C 662 22.70 28.65 22.74
N ASP C 663 23.65 28.27 21.88
CA ASP C 663 23.64 28.67 20.48
C ASP C 663 23.18 27.51 19.59
N ILE C 664 23.87 26.37 19.72
CA ILE C 664 23.48 25.19 18.98
C ILE C 664 23.19 24.10 19.99
N PRO C 665 21.92 23.73 20.22
CA PRO C 665 21.62 22.72 21.23
C PRO C 665 22.05 21.33 20.80
N ILE C 666 22.57 20.56 21.76
CA ILE C 666 22.92 19.16 21.55
C ILE C 666 22.03 18.26 22.40
N GLY C 667 22.05 18.47 23.73
CA GLY C 667 21.22 17.70 24.63
C GLY C 667 21.86 17.51 26.00
N ALA C 668 21.04 17.15 26.98
CA ALA C 668 21.49 16.92 28.34
C ALA C 668 22.14 18.18 28.91
N GLY C 669 21.67 19.33 28.41
CA GLY C 669 22.14 20.65 28.82
C GLY C 669 23.48 21.02 28.20
N ILE C 670 23.88 20.24 27.21
CA ILE C 670 25.08 20.53 26.46
C ILE C 670 24.67 21.24 25.18
N CYS C 671 25.28 22.40 24.97
CA CYS C 671 25.14 23.13 23.72
C CYS C 671 26.54 23.35 23.16
N ALA C 672 26.60 23.86 21.94
CA ALA C 672 27.86 24.12 21.27
C ALA C 672 27.79 25.43 20.51
N SER C 673 28.98 25.92 20.14
CA SER C 673 29.13 27.18 19.45
C SER C 673 30.51 27.27 18.81
N TYR C 674 30.74 28.35 18.08
CA TYR C 674 31.99 28.59 17.39
C TYR C 674 32.59 29.86 17.97
N GLN C 675 33.81 29.74 18.50
CA GLN C 675 34.45 30.83 19.22
C GLN C 675 35.95 30.79 18.99
N THR C 676 36.60 31.94 19.25
CA THR C 676 38.05 32.05 19.22
C THR C 676 38.64 31.28 20.41
N GLN C 690 40.44 30.02 15.98
CA GLN C 690 39.01 29.70 16.25
C GLN C 690 38.77 28.20 16.22
N SER C 691 37.68 27.76 16.85
CA SER C 691 37.28 26.36 16.92
C SER C 691 35.84 26.27 17.42
N ILE C 692 35.28 25.07 17.29
CA ILE C 692 34.00 24.75 17.88
C ILE C 692 34.20 24.26 19.31
N ILE C 693 33.29 24.67 20.20
CA ILE C 693 33.34 24.30 21.60
C ILE C 693 31.98 23.81 22.06
N ALA C 694 32.02 22.92 23.04
CA ALA C 694 30.82 22.46 23.71
C ALA C 694 30.90 22.82 25.19
N TYR C 695 29.73 23.11 25.76
CA TYR C 695 29.66 23.58 27.13
C TYR C 695 28.28 23.27 27.69
N THR C 696 28.25 23.19 29.02
CA THR C 696 27.00 23.22 29.75
C THR C 696 26.38 24.63 29.62
N MET C 697 25.11 24.66 29.24
CA MET C 697 24.46 25.93 28.92
C MET C 697 24.09 26.69 30.19
N SER C 698 24.17 28.03 30.07
CA SER C 698 23.79 28.92 31.15
C SER C 698 22.32 29.29 31.02
N LEU C 699 21.59 29.13 32.12
CA LEU C 699 20.20 29.56 32.20
C LEU C 699 20.09 31.08 32.20
N GLY C 700 21.07 31.76 32.81
CA GLY C 700 21.17 33.21 32.79
C GLY C 700 21.96 33.75 33.98
N ALA C 701 21.91 35.07 34.14
CA ALA C 701 22.62 35.77 35.20
C ALA C 701 22.04 35.41 36.57
N GLU C 702 22.92 35.06 37.51
CA GLU C 702 22.51 34.97 38.91
C GLU C 702 22.24 36.37 39.47
N ASN C 703 21.16 36.52 40.24
CA ASN C 703 20.77 37.81 40.80
C ASN C 703 20.00 37.63 42.11
N SER C 704 20.71 37.73 43.23
CA SER C 704 20.10 37.80 44.55
C SER C 704 19.28 39.09 44.68
N VAL C 705 18.16 39.04 45.42
CA VAL C 705 17.35 40.23 45.67
C VAL C 705 17.62 40.68 47.10
N ALA C 706 17.71 42.00 47.32
CA ALA C 706 17.92 42.58 48.65
C ALA C 706 16.60 42.58 49.43
N TYR C 707 16.19 41.40 49.92
CA TYR C 707 14.90 41.28 50.60
C TYR C 707 15.05 41.56 52.09
N SER C 708 14.25 42.51 52.60
CA SER C 708 14.09 42.72 54.03
C SER C 708 12.65 43.09 54.32
N ASN C 709 12.25 42.83 55.56
CA ASN C 709 10.86 42.99 55.96
C ASN C 709 10.43 44.45 56.02
N ASN C 710 11.38 45.38 55.86
CA ASN C 710 11.06 46.80 56.01
C ASN C 710 11.70 47.64 54.91
N SER C 711 11.95 47.02 53.76
CA SER C 711 12.51 47.72 52.60
C SER C 711 11.65 47.46 51.38
N ILE C 712 11.50 48.48 50.55
CA ILE C 712 10.75 48.38 49.30
C ILE C 712 11.48 49.16 48.22
N ALA C 713 11.47 48.59 47.01
CA ALA C 713 12.00 49.21 45.82
C ALA C 713 10.82 49.78 45.01
N ILE C 714 10.88 51.09 44.75
CA ILE C 714 9.86 51.74 43.96
C ILE C 714 10.49 52.41 42.75
N PRO C 715 9.85 52.35 41.56
CA PRO C 715 10.34 53.11 40.42
C PRO C 715 10.11 54.61 40.51
N THR C 716 11.11 55.35 40.06
CA THR C 716 11.08 56.79 39.94
C THR C 716 10.76 57.23 38.51
N ASN C 717 10.62 56.27 37.59
CA ASN C 717 10.56 56.62 36.17
C ASN C 717 9.93 55.51 35.36
N PHE C 718 10.01 55.58 34.02
CA PHE C 718 9.42 54.56 33.14
C PHE C 718 9.98 54.67 31.73
N THR C 719 9.53 53.74 30.86
CA THR C 719 9.86 53.68 29.46
C THR C 719 8.69 53.06 28.70
N ILE C 720 8.65 53.37 27.40
CA ILE C 720 7.58 52.87 26.55
C ILE C 720 8.20 51.86 25.59
N SER C 721 7.81 50.59 25.73
CA SER C 721 8.30 49.57 24.81
C SER C 721 7.24 49.24 23.76
N VAL C 722 7.73 49.03 22.54
CA VAL C 722 6.89 48.57 21.45
C VAL C 722 7.42 47.25 20.93
N THR C 723 6.66 46.19 21.21
CA THR C 723 7.08 44.84 20.88
C THR C 723 6.25 44.31 19.72
N THR C 724 6.93 43.54 18.88
CA THR C 724 6.33 42.98 17.68
C THR C 724 5.99 41.51 17.91
N GLU C 725 4.74 41.15 17.62
CA GLU C 725 4.26 39.78 17.71
C GLU C 725 3.75 39.36 16.33
N ILE C 726 4.31 38.26 15.80
CA ILE C 726 3.90 37.73 14.51
C ILE C 726 3.07 36.46 14.73
N LEU C 727 1.89 36.38 14.09
CA LEU C 727 1.03 35.22 14.16
C LEU C 727 0.53 34.82 12.78
N PRO C 728 0.65 33.53 12.37
CA PRO C 728 0.06 33.06 11.12
C PRO C 728 -1.46 32.98 11.27
N VAL C 729 -2.16 33.22 10.15
CA VAL C 729 -3.61 33.22 10.16
C VAL C 729 -4.19 32.18 9.21
N SER C 730 -3.62 32.07 8.00
CA SER C 730 -4.22 31.28 6.95
C SER C 730 -3.13 30.53 6.19
N MET C 731 -3.54 29.51 5.44
CA MET C 731 -2.65 28.73 4.60
C MET C 731 -3.01 28.97 3.14
N THR C 732 -2.43 28.17 2.25
CA THR C 732 -2.76 28.22 0.85
C THR C 732 -3.98 27.33 0.60
N LYS C 733 -4.98 27.86 -0.12
CA LYS C 733 -6.22 27.12 -0.36
C LYS C 733 -6.02 26.16 -1.54
N THR C 734 -5.37 25.05 -1.25
CA THR C 734 -5.10 24.07 -2.28
C THR C 734 -6.35 23.25 -2.58
N SER C 735 -6.51 22.82 -3.83
CA SER C 735 -7.42 21.74 -4.18
C SER C 735 -6.76 20.82 -5.21
N VAL C 736 -7.17 19.54 -5.23
CA VAL C 736 -6.59 18.56 -6.12
C VAL C 736 -7.70 17.72 -6.77
N ASP C 737 -7.55 17.47 -8.08
CA ASP C 737 -8.36 16.49 -8.80
C ASP C 737 -7.66 15.14 -8.74
N CYS C 738 -8.10 14.32 -7.78
CA CYS C 738 -7.52 13.01 -7.52
C CYS C 738 -7.45 12.17 -8.80
N THR C 739 -8.50 12.25 -9.64
CA THR C 739 -8.53 11.47 -10.87
C THR C 739 -7.38 11.86 -11.80
N MET C 740 -7.26 13.17 -12.03
CA MET C 740 -6.26 13.70 -12.93
C MET C 740 -4.86 13.50 -12.37
N TYR C 741 -4.74 13.47 -11.04
CA TYR C 741 -3.45 13.26 -10.42
C TYR C 741 -3.01 11.81 -10.56
N ILE C 742 -3.95 10.89 -10.40
CA ILE C 742 -3.61 9.47 -10.46
C ILE C 742 -3.54 8.98 -11.90
N CYS C 743 -4.60 9.23 -12.66
CA CYS C 743 -4.75 8.58 -13.94
C CYS C 743 -4.78 9.60 -15.07
N GLY C 744 -3.81 10.51 -15.08
CA GLY C 744 -3.79 11.62 -16.03
C GLY C 744 -3.77 11.16 -17.50
N ASP C 745 -4.77 11.61 -18.27
CA ASP C 745 -4.94 11.32 -19.69
C ASP C 745 -4.93 9.82 -20.01
N SER C 746 -5.60 9.01 -19.18
CA SER C 746 -5.65 7.56 -19.38
C SER C 746 -6.99 6.91 -18.98
N THR C 747 -7.54 6.11 -19.91
CA THR C 747 -8.86 5.52 -19.71
C THR C 747 -8.71 4.19 -18.99
N GLU C 748 -7.69 3.40 -19.36
CA GLU C 748 -7.46 2.11 -18.73
C GLU C 748 -7.32 2.29 -17.23
N CYS C 749 -6.50 3.27 -16.83
CA CYS C 749 -6.22 3.61 -15.44
C CYS C 749 -7.50 4.02 -14.70
N SER C 750 -8.33 4.86 -15.34
CA SER C 750 -9.55 5.38 -14.73
C SER C 750 -10.54 4.26 -14.46
N ASN C 751 -10.68 3.33 -15.42
CA ASN C 751 -11.62 2.23 -15.27
C ASN C 751 -11.19 1.33 -14.12
N LEU C 752 -9.88 1.17 -13.92
CA LEU C 752 -9.38 0.43 -12.78
C LEU C 752 -9.68 1.18 -11.48
N LEU C 753 -9.48 2.50 -11.53
CA LEU C 753 -9.64 3.34 -10.36
C LEU C 753 -11.08 3.30 -9.84
N LEU C 754 -12.05 3.17 -10.74
CA LEU C 754 -13.45 3.09 -10.38
C LEU C 754 -13.72 1.98 -9.36
N GLN C 755 -12.84 0.96 -9.34
CA GLN C 755 -13.02 -0.14 -8.40
C GLN C 755 -12.59 0.26 -7.00
N TYR C 756 -11.64 1.19 -6.87
CA TYR C 756 -11.15 1.61 -5.56
C TYR C 756 -12.24 2.31 -4.76
N GLY C 757 -13.08 3.11 -5.43
CA GLY C 757 -14.31 3.61 -4.81
C GLY C 757 -14.31 5.12 -4.54
N SER C 758 -14.82 5.49 -3.37
CA SER C 758 -15.13 6.88 -3.03
C SER C 758 -13.91 7.70 -2.57
N PHE C 759 -12.73 7.05 -2.59
CA PHE C 759 -11.49 7.65 -2.14
C PHE C 759 -11.30 9.03 -2.77
N CYS C 760 -11.61 9.10 -4.07
CA CYS C 760 -11.38 10.33 -4.82
C CYS C 760 -12.19 11.48 -4.22
N THR C 761 -13.48 11.25 -4.00
CA THR C 761 -14.40 12.29 -3.59
C THR C 761 -14.14 12.75 -2.16
N GLN C 762 -13.71 11.81 -1.30
CA GLN C 762 -13.50 12.17 0.09
C GLN C 762 -12.25 13.02 0.25
N LEU C 763 -11.24 12.74 -0.59
CA LEU C 763 -10.04 13.56 -0.56
C LEU C 763 -10.39 14.98 -0.98
N ASN C 764 -11.17 15.09 -2.06
CA ASN C 764 -11.60 16.39 -2.57
C ASN C 764 -12.38 17.13 -1.48
N ARG C 765 -13.25 16.37 -0.80
CA ARG C 765 -14.10 16.92 0.23
C ARG C 765 -13.27 17.49 1.38
N ALA C 766 -12.27 16.72 1.82
CA ALA C 766 -11.43 17.15 2.92
C ALA C 766 -10.71 18.46 2.58
N LEU C 767 -10.15 18.51 1.37
CA LEU C 767 -9.41 19.68 0.98
C LEU C 767 -10.31 20.91 0.86
N THR C 768 -11.54 20.71 0.37
CA THR C 768 -12.50 21.80 0.33
C THR C 768 -12.73 22.36 1.74
N GLY C 769 -12.93 21.45 2.70
CA GLY C 769 -13.10 21.82 4.10
C GLY C 769 -11.98 22.74 4.59
N ILE C 770 -10.76 22.36 4.24
CA ILE C 770 -9.58 23.10 4.64
C ILE C 770 -9.62 24.53 4.10
N ALA C 771 -9.94 24.66 2.81
CA ALA C 771 -9.92 25.97 2.18
C ALA C 771 -10.97 26.89 2.78
N VAL C 772 -12.16 26.34 3.03
CA VAL C 772 -13.23 27.10 3.69
C VAL C 772 -12.78 27.58 5.07
N GLU C 773 -12.11 26.69 5.80
CA GLU C 773 -11.61 27.02 7.12
C GLU C 773 -10.65 28.22 7.04
N GLN C 774 -9.78 28.23 6.03
CA GLN C 774 -8.81 29.31 5.89
C GLN C 774 -9.49 30.65 5.74
N ASP C 775 -10.52 30.68 4.88
CA ASP C 775 -11.26 31.90 4.65
C ASP C 775 -11.93 32.38 5.94
N LYS C 776 -12.47 31.40 6.68
CA LYS C 776 -13.13 31.71 7.93
C LYS C 776 -12.17 32.30 8.97
N ASN C 777 -10.94 31.77 8.99
CA ASN C 777 -9.92 32.26 9.92
C ASN C 777 -9.68 33.73 9.65
N THR C 778 -9.49 34.06 8.36
CA THR C 778 -9.17 35.43 8.00
C THR C 778 -10.30 36.36 8.42
N GLN C 779 -11.52 35.92 8.12
CA GLN C 779 -12.71 36.68 8.48
C GLN C 779 -12.75 36.98 9.99
N GLU C 780 -12.58 35.91 10.77
CA GLU C 780 -12.66 35.98 12.22
C GLU C 780 -11.64 36.97 12.76
N VAL C 781 -10.45 37.04 12.15
CA VAL C 781 -9.41 37.91 12.66
C VAL C 781 -9.68 39.37 12.25
N PHE C 782 -9.50 39.69 10.97
CA PHE C 782 -9.51 41.08 10.53
C PHE C 782 -10.89 41.75 10.60
N ALA C 783 -11.94 41.00 10.24
CA ALA C 783 -13.28 41.58 10.18
C ALA C 783 -13.91 41.54 11.57
N GLN C 784 -13.32 42.28 12.52
CA GLN C 784 -13.83 42.34 13.89
C GLN C 784 -14.63 43.61 14.11
N VAL C 785 -14.70 44.48 13.08
CA VAL C 785 -15.35 45.78 13.23
C VAL C 785 -16.46 45.95 12.19
N LYS C 786 -17.56 46.62 12.62
CA LYS C 786 -18.75 46.79 11.79
C LYS C 786 -18.50 47.84 10.72
N GLN C 787 -17.95 48.99 11.13
CA GLN C 787 -17.78 50.12 10.23
C GLN C 787 -16.32 50.30 9.83
N ILE C 788 -16.10 51.02 8.74
CA ILE C 788 -14.77 51.29 8.25
C ILE C 788 -14.43 52.72 8.63
N TYR C 789 -13.79 52.85 9.78
CA TYR C 789 -13.35 54.17 10.20
C TYR C 789 -12.15 54.58 9.36
N LYS C 790 -11.99 55.89 9.13
CA LYS C 790 -10.77 56.42 8.54
C LYS C 790 -10.40 57.69 9.30
N THR C 791 -9.11 58.02 9.26
CA THR C 791 -8.54 59.08 10.05
C THR C 791 -8.87 60.43 9.43
N PRO C 792 -8.95 61.49 10.26
CA PRO C 792 -9.12 62.85 9.74
C PRO C 792 -7.81 63.33 9.11
N PRO C 793 -7.85 64.36 8.24
CA PRO C 793 -6.64 64.84 7.55
C PRO C 793 -5.56 65.43 8.47
N ILE C 794 -6.00 65.89 9.64
CA ILE C 794 -5.16 66.50 10.64
C ILE C 794 -4.52 65.39 11.46
N LYS C 795 -3.25 65.56 11.80
CA LYS C 795 -2.53 64.54 12.56
C LYS C 795 -2.01 65.10 13.87
N ASP C 796 -2.87 65.79 14.62
CA ASP C 796 -2.49 66.44 15.87
C ASP C 796 -2.80 65.51 17.04
N PHE C 797 -1.98 64.46 17.16
CA PHE C 797 -2.22 63.42 18.14
C PHE C 797 -1.35 63.63 19.38
N GLY C 798 -1.32 64.89 19.86
CA GLY C 798 -0.70 65.25 21.12
C GLY C 798 0.80 64.92 21.14
N GLY C 799 1.39 64.88 19.95
CA GLY C 799 2.81 64.65 19.82
C GLY C 799 3.14 63.24 19.36
N PHE C 800 2.18 62.33 19.46
CA PHE C 800 2.37 60.98 18.94
C PHE C 800 2.35 61.02 17.42
N ASN C 801 3.21 60.21 16.82
CA ASN C 801 3.35 60.14 15.38
C ASN C 801 2.97 58.72 14.95
N PHE C 802 2.00 58.60 14.04
CA PHE C 802 1.59 57.29 13.56
C PHE C 802 1.79 57.06 12.06
N SER C 803 2.66 57.89 11.49
CA SER C 803 2.83 57.93 10.05
C SER C 803 3.38 56.60 9.54
N GLN C 804 4.12 55.90 10.40
CA GLN C 804 4.80 54.68 9.97
C GLN C 804 3.86 53.47 10.04
N ILE C 805 2.64 53.66 10.56
CA ILE C 805 1.69 52.54 10.61
C ILE C 805 0.41 52.89 9.88
N LEU C 806 0.13 54.19 9.71
CA LEU C 806 -1.08 54.55 8.97
C LEU C 806 -0.85 54.37 7.48
N PRO C 807 -1.93 54.25 6.67
CA PRO C 807 -1.75 53.95 5.25
C PRO C 807 -1.09 55.10 4.50
N ASP C 808 -0.20 54.74 3.56
CA ASP C 808 0.47 55.70 2.71
C ASP C 808 -0.33 55.84 1.42
N PRO C 809 -1.10 56.95 1.24
CA PRO C 809 -1.98 57.11 0.07
C PRO C 809 -1.25 57.05 -1.27
N SER C 810 0.05 57.35 -1.27
CA SER C 810 0.85 57.46 -2.49
C SER C 810 1.13 56.08 -3.08
N LYS C 811 1.39 55.11 -2.19
CA LYS C 811 1.74 53.76 -2.61
C LYS C 811 0.61 53.17 -3.46
N PRO C 812 0.90 52.20 -4.39
CA PRO C 812 -0.18 51.54 -5.14
C PRO C 812 -1.21 50.86 -4.25
N SER C 813 -0.76 49.98 -3.36
CA SER C 813 -1.66 49.39 -2.37
C SER C 813 -1.92 50.36 -1.22
N LYS C 814 -3.09 50.24 -0.58
CA LYS C 814 -3.41 51.07 0.57
C LYS C 814 -2.75 50.56 1.85
N ARG C 815 -1.43 50.58 1.87
CA ARG C 815 -0.65 49.97 2.95
C ARG C 815 0.33 50.95 3.61
N SER C 816 0.72 50.64 4.85
CA SER C 816 1.65 51.45 5.62
C SER C 816 3.07 51.03 5.31
N PHE C 817 3.98 51.85 5.83
CA PHE C 817 5.41 51.63 5.66
C PHE C 817 5.78 50.23 6.12
N ILE C 818 5.30 49.92 7.33
CA ILE C 818 5.64 48.68 7.99
C ILE C 818 5.03 47.49 7.26
N GLU C 819 3.80 47.68 6.77
CA GLU C 819 3.14 46.62 6.02
C GLU C 819 3.94 46.30 4.76
N ASP C 820 4.48 47.33 4.10
CA ASP C 820 5.31 47.14 2.92
C ASP C 820 6.57 46.35 3.27
N LEU C 821 7.19 46.71 4.39
CA LEU C 821 8.37 45.98 4.82
C LEU C 821 8.03 44.50 5.00
N LEU C 822 6.90 44.21 5.67
CA LEU C 822 6.50 42.84 5.96
C LEU C 822 6.24 42.07 4.66
N PHE C 823 5.60 42.73 3.69
CA PHE C 823 5.29 42.09 2.42
C PHE C 823 6.56 41.82 1.63
N ASN C 824 7.59 42.63 1.84
CA ASN C 824 8.85 42.45 1.15
C ASN C 824 9.78 41.45 1.85
N LYS C 825 9.51 41.15 3.12
CA LYS C 825 10.35 40.23 3.89
C LYS C 825 9.80 38.79 3.85
N VAL C 826 8.98 38.50 2.84
CA VAL C 826 8.38 37.18 2.67
C VAL C 826 8.49 36.77 1.22
N THR C 827 8.77 35.47 1.01
CA THR C 827 8.82 34.85 -0.31
C THR C 827 8.20 33.44 -0.23
N ASN C 856 -0.83 19.17 -13.12
CA ASN C 856 -0.84 17.79 -12.57
C ASN C 856 -2.13 17.50 -11.79
N GLY C 857 -3.07 18.44 -11.91
CA GLY C 857 -4.36 18.39 -11.22
C GLY C 857 -4.37 19.18 -9.92
N LEU C 858 -3.28 19.89 -9.64
CA LEU C 858 -3.17 20.72 -8.45
C LEU C 858 -3.59 22.13 -8.82
N THR C 859 -4.48 22.69 -8.02
CA THR C 859 -4.86 24.09 -8.20
C THR C 859 -4.71 24.79 -6.86
N VAL C 860 -4.47 26.10 -6.97
CA VAL C 860 -4.45 26.97 -5.81
C VAL C 860 -5.62 27.94 -5.94
N LEU C 861 -6.56 27.79 -5.02
CA LEU C 861 -7.70 28.67 -5.01
C LEU C 861 -7.30 29.98 -4.34
N PRO C 862 -7.73 31.12 -4.89
CA PRO C 862 -7.40 32.41 -4.29
C PRO C 862 -8.27 32.66 -3.05
N PRO C 863 -7.80 33.39 -2.02
CA PRO C 863 -8.66 33.69 -0.88
C PRO C 863 -9.74 34.72 -1.21
N LEU C 864 -10.85 34.68 -0.46
CA LEU C 864 -11.93 35.64 -0.63
C LEU C 864 -11.43 37.06 -0.38
N LEU C 865 -10.65 37.26 0.68
CA LEU C 865 -10.23 38.60 1.08
C LEU C 865 -8.83 38.87 0.54
N THR C 866 -8.68 39.98 -0.21
CA THR C 866 -7.44 40.34 -0.88
C THR C 866 -6.58 41.26 -0.01
N ASP C 867 -5.30 41.42 -0.36
CA ASP C 867 -4.36 42.17 0.46
C ASP C 867 -4.90 43.55 0.81
N GLU C 868 -5.56 44.20 -0.16
CA GLU C 868 -6.06 45.56 0.02
C GLU C 868 -7.21 45.58 1.01
N MET C 869 -8.03 44.50 1.01
CA MET C 869 -9.17 44.43 1.90
C MET C 869 -8.67 44.22 3.32
N ILE C 870 -7.64 43.38 3.46
CA ILE C 870 -7.05 43.17 4.77
C ILE C 870 -6.49 44.50 5.25
N ALA C 871 -5.84 45.22 4.34
CA ALA C 871 -5.25 46.51 4.66
C ALA C 871 -6.33 47.51 5.09
N GLN C 872 -7.48 47.44 4.40
CA GLN C 872 -8.57 48.33 4.75
C GLN C 872 -9.10 48.02 6.15
N TYR C 873 -9.21 46.72 6.47
CA TYR C 873 -9.67 46.34 7.79
C TYR C 873 -8.70 46.83 8.86
N THR C 874 -7.41 46.67 8.61
CA THR C 874 -6.42 47.08 9.58
C THR C 874 -6.42 48.59 9.75
N SER C 875 -6.60 49.31 8.65
CA SER C 875 -6.71 50.76 8.72
C SER C 875 -7.90 51.17 9.57
N ALA C 876 -9.03 50.49 9.38
CA ALA C 876 -10.23 50.79 10.15
C ALA C 876 -9.96 50.57 11.64
N LEU C 877 -9.37 49.42 11.99
CA LEU C 877 -9.10 49.13 13.38
C LEU C 877 -8.17 50.17 13.98
N LEU C 878 -7.17 50.57 13.20
CA LEU C 878 -6.15 51.49 13.67
C LEU C 878 -6.77 52.87 13.94
N ALA C 879 -7.58 53.31 12.99
CA ALA C 879 -8.24 54.59 13.12
C ALA C 879 -9.18 54.62 14.34
N GLY C 880 -9.89 53.52 14.53
CA GLY C 880 -10.75 53.40 15.71
C GLY C 880 -9.96 53.47 17.00
N THR C 881 -8.87 52.71 17.05
CA THR C 881 -8.04 52.68 18.24
C THR C 881 -7.47 54.06 18.54
N ILE C 882 -7.25 54.85 17.48
CA ILE C 882 -6.67 56.18 17.63
C ILE C 882 -7.71 57.19 18.11
N THR C 883 -8.86 57.25 17.41
CA THR C 883 -9.81 58.34 17.62
C THR C 883 -10.81 58.06 18.73
N SER C 884 -11.06 56.79 19.01
CA SER C 884 -12.11 56.42 19.94
C SER C 884 -11.59 55.52 21.07
N GLY C 885 -10.36 55.01 20.95
CA GLY C 885 -9.81 54.17 22.00
C GLY C 885 -10.39 52.76 21.95
N TRP C 886 -11.26 52.42 22.91
CA TRP C 886 -11.85 51.09 22.98
C TRP C 886 -13.36 51.15 22.75
N THR C 887 -13.96 52.34 22.61
CA THR C 887 -15.41 52.44 22.56
C THR C 887 -15.98 51.83 21.28
N PHE C 888 -15.12 51.69 20.27
CA PHE C 888 -15.60 51.20 18.99
C PHE C 888 -15.65 49.68 18.97
N GLY C 889 -15.14 49.03 20.03
CA GLY C 889 -15.28 47.60 20.23
C GLY C 889 -16.58 47.26 20.95
N ALA C 890 -16.92 48.09 21.94
CA ALA C 890 -18.18 48.01 22.65
C ALA C 890 -19.35 48.30 21.71
N GLY C 891 -19.17 49.25 20.80
CA GLY C 891 -20.30 49.68 19.98
C GLY C 891 -19.95 50.88 19.14
N ALA C 892 -20.74 51.96 19.29
CA ALA C 892 -20.53 53.21 18.58
C ALA C 892 -19.16 53.81 18.93
N ALA C 893 -18.46 54.33 17.91
CA ALA C 893 -17.18 54.97 18.16
C ALA C 893 -17.45 56.37 18.74
N LEU C 894 -16.87 56.63 19.90
CA LEU C 894 -17.01 57.93 20.56
C LEU C 894 -15.63 58.62 20.55
N GLN C 895 -15.53 59.81 19.95
CA GLN C 895 -14.25 60.49 19.82
C GLN C 895 -13.66 60.83 21.18
N ILE C 896 -12.32 60.74 21.28
CA ILE C 896 -11.59 61.05 22.51
C ILE C 896 -10.22 61.62 22.13
N PRO C 897 -9.74 62.76 22.71
CA PRO C 897 -8.36 63.21 22.44
C PRO C 897 -7.34 62.14 22.83
N PHE C 898 -6.27 62.01 22.04
CA PHE C 898 -5.34 60.89 22.23
C PHE C 898 -4.65 60.95 23.59
N ALA C 899 -4.31 62.18 24.02
CA ALA C 899 -3.74 62.42 25.34
C ALA C 899 -4.66 61.86 26.44
N MET C 900 -5.93 62.21 26.36
CA MET C 900 -6.93 61.76 27.32
C MET C 900 -7.08 60.25 27.28
N GLN C 901 -7.00 59.67 26.07
CA GLN C 901 -7.04 58.22 25.92
C GLN C 901 -5.92 57.58 26.74
N MET C 902 -4.68 58.07 26.54
CA MET C 902 -3.53 57.49 27.21
C MET C 902 -3.63 57.66 28.72
N ALA C 903 -4.33 58.71 29.16
CA ALA C 903 -4.52 58.92 30.59
C ALA C 903 -5.33 57.79 31.18
N TYR C 904 -6.38 57.40 30.43
CA TYR C 904 -7.20 56.28 30.85
C TYR C 904 -6.38 54.99 30.84
N ARG C 905 -5.54 54.82 29.83
CA ARG C 905 -4.75 53.61 29.71
C ARG C 905 -3.74 53.56 30.86
N PHE C 906 -3.36 54.71 31.40
CA PHE C 906 -2.45 54.78 32.53
C PHE C 906 -3.19 54.45 33.82
N ASN C 907 -4.38 55.02 33.98
CA ASN C 907 -5.22 54.67 35.11
C ASN C 907 -5.49 53.17 35.14
N GLY C 908 -5.40 52.53 33.97
CA GLY C 908 -5.60 51.09 33.84
C GLY C 908 -4.39 50.27 34.28
N ILE C 909 -3.20 50.89 34.41
CA ILE C 909 -2.01 50.17 34.86
C ILE C 909 -1.67 50.53 36.31
N GLY C 910 -2.55 51.29 36.96
CA GLY C 910 -2.39 51.73 38.34
C GLY C 910 -1.43 52.92 38.49
N VAL C 911 -1.34 53.73 37.44
CA VAL C 911 -0.50 54.92 37.41
C VAL C 911 -1.43 56.12 37.22
N THR C 912 -1.30 57.16 38.08
CA THR C 912 -2.30 58.24 38.06
C THR C 912 -2.29 59.09 36.78
N GLN C 913 -3.47 59.63 36.40
CA GLN C 913 -3.70 60.45 35.20
C GLN C 913 -2.62 61.51 34.98
N ASN C 914 -2.33 62.24 36.05
CA ASN C 914 -1.41 63.35 36.07
C ASN C 914 -0.02 63.07 35.46
N VAL C 915 0.58 61.93 35.82
CA VAL C 915 1.95 61.58 35.40
C VAL C 915 2.11 61.76 33.89
N LEU C 916 1.18 61.22 33.10
CA LEU C 916 1.30 61.28 31.64
C LEU C 916 1.22 62.72 31.14
N TYR C 917 0.28 63.51 31.67
CA TYR C 917 0.13 64.89 31.21
C TYR C 917 1.40 65.67 31.53
N GLU C 918 1.96 65.42 32.72
CA GLU C 918 3.18 66.06 33.16
C GLU C 918 4.40 65.58 32.38
N ASN C 919 4.32 64.38 31.79
CA ASN C 919 5.42 63.77 31.07
C ASN C 919 5.02 63.44 29.63
N GLN C 920 4.24 64.34 29.04
CA GLN C 920 3.67 64.12 27.72
C GLN C 920 4.75 64.04 26.63
N LYS C 921 5.65 65.03 26.61
CA LYS C 921 6.61 65.13 25.53
C LYS C 921 7.53 63.92 25.53
N LEU C 922 7.97 63.53 26.74
CA LEU C 922 8.87 62.40 26.90
C LEU C 922 8.21 61.12 26.38
N ILE C 923 6.94 60.95 26.74
CA ILE C 923 6.21 59.75 26.36
C ILE C 923 6.11 59.67 24.85
N ALA C 924 5.75 60.80 24.23
CA ALA C 924 5.54 60.82 22.80
C ALA C 924 6.85 60.49 22.08
N ASN C 925 7.95 61.05 22.60
CA ASN C 925 9.25 60.87 21.97
C ASN C 925 9.69 59.41 22.05
N GLN C 926 9.46 58.80 23.21
CA GLN C 926 9.84 57.40 23.40
C GLN C 926 9.02 56.54 22.44
N PHE C 927 7.74 56.89 22.28
CA PHE C 927 6.83 56.12 21.43
C PHE C 927 7.37 56.14 19.99
N ASN C 928 7.69 57.34 19.53
CA ASN C 928 8.17 57.54 18.18
C ASN C 928 9.49 56.80 17.96
N SER C 929 10.38 56.90 18.96
CA SER C 929 11.68 56.23 18.91
C SER C 929 11.50 54.72 18.77
N ALA C 930 10.53 54.19 19.52
CA ALA C 930 10.30 52.75 19.49
C ALA C 930 9.80 52.32 18.11
N ILE C 931 8.94 53.16 17.52
CA ILE C 931 8.42 52.86 16.21
C ILE C 931 9.56 52.82 15.18
N GLY C 932 10.49 53.78 15.31
CA GLY C 932 11.66 53.82 14.45
C GLY C 932 12.50 52.55 14.57
N LYS C 933 12.66 52.12 15.81
CA LYS C 933 13.41 50.90 16.09
C LYS C 933 12.73 49.69 15.45
N ILE C 934 11.38 49.70 15.41
CA ILE C 934 10.64 48.61 14.78
C ILE C 934 10.98 48.55 13.30
N GLN C 935 10.98 49.73 12.67
CA GLN C 935 11.34 49.84 11.27
C GLN C 935 12.71 49.18 11.04
N ASP C 936 13.68 49.59 11.86
CA ASP C 936 15.05 49.13 11.73
C ASP C 936 15.14 47.62 11.93
N SER C 937 14.46 47.10 12.95
CA SER C 937 14.50 45.67 13.26
C SER C 937 14.01 44.82 12.09
N LEU C 938 12.88 45.27 11.50
CA LEU C 938 12.26 44.52 10.42
C LEU C 938 13.09 44.63 9.13
N SER C 939 13.71 45.79 8.91
CA SER C 939 14.49 46.05 7.71
C SER C 939 15.76 45.19 7.59
N SER C 940 16.46 44.96 8.70
CA SER C 940 17.77 44.28 8.59
C SER C 940 17.61 42.76 8.67
N THR C 941 16.96 42.29 9.74
CA THR C 941 16.84 40.85 9.99
C THR C 941 15.46 40.37 9.54
N ALA C 942 15.51 39.44 8.57
CA ALA C 942 14.31 38.79 8.06
C ALA C 942 13.81 37.70 9.01
N SER C 943 14.72 37.08 9.78
CA SER C 943 14.39 35.97 10.67
C SER C 943 13.19 36.27 11.57
N ALA C 944 12.90 37.57 11.82
CA ALA C 944 11.79 37.97 12.67
C ALA C 944 10.47 37.34 12.21
N LEU C 945 10.33 37.18 10.90
CA LEU C 945 9.09 36.70 10.29
C LEU C 945 9.11 35.20 10.04
N GLY C 946 10.03 34.47 10.70
CA GLY C 946 10.17 33.03 10.49
C GLY C 946 8.84 32.30 10.52
N LYS C 947 8.05 32.59 11.56
CA LYS C 947 6.78 31.93 11.81
C LYS C 947 5.93 31.93 10.54
N LEU C 948 5.98 33.03 9.79
CA LEU C 948 5.23 33.09 8.55
C LEU C 948 5.96 32.32 7.45
N GLN C 949 7.23 32.66 7.20
CA GLN C 949 7.98 32.08 6.11
C GLN C 949 7.89 30.55 6.18
N ASP C 950 8.18 30.02 7.37
CA ASP C 950 8.12 28.59 7.64
C ASP C 950 6.87 28.01 6.99
N VAL C 951 5.72 28.59 7.37
CA VAL C 951 4.43 28.10 6.91
C VAL C 951 4.48 27.86 5.41
N VAL C 952 4.80 28.94 4.68
CA VAL C 952 4.81 28.89 3.24
C VAL C 952 5.63 27.68 2.80
N ASN C 953 6.87 27.65 3.28
CA ASN C 953 7.79 26.59 2.89
C ASN C 953 7.14 25.22 3.04
N GLN C 954 6.58 24.97 4.22
CA GLN C 954 5.96 23.68 4.49
C GLN C 954 5.03 23.31 3.34
N ASN C 955 4.06 24.19 3.06
CA ASN C 955 3.07 23.92 2.03
C ASN C 955 3.74 23.61 0.70
N ALA C 956 4.69 24.47 0.35
CA ALA C 956 5.43 24.27 -0.88
C ALA C 956 6.00 22.85 -0.93
N GLN C 957 6.72 22.50 0.15
CA GLN C 957 7.32 21.19 0.24
C GLN C 957 6.26 20.11 0.08
N ALA C 958 5.15 20.24 0.81
CA ALA C 958 4.10 19.24 0.80
C ALA C 958 3.57 19.03 -0.62
N LEU C 959 3.71 20.06 -1.45
CA LEU C 959 3.25 19.94 -2.81
C LEU C 959 4.32 19.32 -3.68
N ASN C 960 5.54 19.86 -3.59
CA ASN C 960 6.64 19.33 -4.38
C ASN C 960 6.74 17.83 -4.16
N THR C 961 6.79 17.43 -2.89
CA THR C 961 6.81 16.02 -2.54
C THR C 961 5.75 15.27 -3.33
N LEU C 962 4.49 15.74 -3.24
CA LEU C 962 3.38 15.12 -3.94
C LEU C 962 3.70 14.93 -5.43
N VAL C 963 4.13 16.01 -6.09
CA VAL C 963 4.45 15.95 -7.51
C VAL C 963 5.60 14.96 -7.75
N LYS C 964 6.57 14.92 -6.84
CA LYS C 964 7.73 14.07 -6.98
C LYS C 964 7.34 12.59 -6.90
N GLN C 965 6.29 12.27 -6.13
CA GLN C 965 5.83 10.90 -6.02
C GLN C 965 5.27 10.34 -7.33
N LEU C 966 5.01 11.24 -8.29
CA LEU C 966 4.56 10.81 -9.61
C LEU C 966 5.69 10.13 -10.38
N SER C 967 6.93 10.49 -10.04
CA SER C 967 8.09 9.96 -10.72
C SER C 967 8.48 8.57 -10.20
N SER C 968 7.68 7.99 -9.29
CA SER C 968 8.06 6.74 -8.63
C SER C 968 7.32 5.55 -9.23
N ASN C 969 7.93 4.35 -9.12
CA ASN C 969 7.39 3.15 -9.72
C ASN C 969 6.56 2.33 -8.73
N PHE C 970 6.89 2.44 -7.45
CA PHE C 970 6.20 1.75 -6.38
C PHE C 970 6.25 0.24 -6.59
N GLY C 971 7.33 -0.23 -7.24
CA GLY C 971 7.51 -1.65 -7.50
C GLY C 971 6.99 -2.09 -8.88
N ALA C 972 6.54 -1.11 -9.68
CA ALA C 972 6.04 -1.41 -11.01
C ALA C 972 7.19 -1.35 -12.00
N ILE C 973 6.88 -1.71 -13.25
CA ILE C 973 7.88 -1.80 -14.31
C ILE C 973 8.34 -0.41 -14.74
N SER C 974 7.50 0.59 -14.51
CA SER C 974 7.79 1.95 -14.93
C SER C 974 6.93 2.92 -14.14
N SER C 975 7.28 4.21 -14.22
CA SER C 975 6.52 5.29 -13.60
C SER C 975 5.48 5.81 -14.59
N VAL C 976 5.76 5.69 -15.89
CA VAL C 976 4.89 6.27 -16.92
C VAL C 976 3.82 5.25 -17.25
N LEU C 977 2.55 5.67 -17.24
CA LEU C 977 1.42 4.81 -17.54
C LEU C 977 1.39 4.40 -19.01
N ASN C 978 1.73 5.35 -19.88
CA ASN C 978 1.68 5.17 -21.32
C ASN C 978 2.68 4.07 -21.72
N ASP C 979 3.86 4.07 -21.07
CA ASP C 979 4.89 3.09 -21.34
C ASP C 979 4.37 1.69 -21.05
N ILE C 980 3.69 1.53 -19.91
CA ILE C 980 3.11 0.25 -19.53
C ILE C 980 2.03 -0.15 -20.53
N LEU C 981 1.17 0.81 -20.88
CA LEU C 981 0.07 0.55 -21.79
C LEU C 981 0.60 0.09 -23.15
N SER C 982 1.71 0.69 -23.60
CA SER C 982 2.13 0.54 -25.00
C SER C 982 3.04 -0.67 -25.21
N ARG C 983 3.59 -1.21 -24.11
CA ARG C 983 4.48 -2.37 -24.19
C ARG C 983 3.83 -3.60 -23.54
N LEU C 984 3.53 -3.51 -22.23
CA LEU C 984 2.81 -4.62 -21.62
C LEU C 984 1.40 -4.63 -22.18
N ASP C 985 0.92 -5.83 -22.54
CA ASP C 985 -0.46 -6.10 -22.94
C ASP C 985 -1.38 -6.03 -21.72
N PRO C 986 -2.72 -5.88 -21.89
CA PRO C 986 -3.61 -5.63 -20.77
C PRO C 986 -3.50 -6.54 -19.55
N PRO C 987 -3.47 -7.90 -19.64
CA PRO C 987 -3.38 -8.74 -18.46
C PRO C 987 -2.32 -8.35 -17.43
N GLU C 988 -1.07 -8.12 -17.89
CA GLU C 988 0.03 -7.72 -17.02
C GLU C 988 0.04 -6.21 -16.77
N ALA C 989 -0.41 -5.47 -17.79
CA ALA C 989 -0.46 -4.01 -17.70
C ALA C 989 -1.36 -3.63 -16.53
N GLU C 990 -2.47 -4.38 -16.36
CA GLU C 990 -3.42 -4.12 -15.31
C GLU C 990 -2.77 -4.20 -13.93
N VAL C 991 -1.93 -5.22 -13.74
CA VAL C 991 -1.25 -5.43 -12.48
C VAL C 991 -0.31 -4.25 -12.18
N GLN C 992 0.48 -3.88 -13.19
CA GLN C 992 1.40 -2.77 -13.04
C GLN C 992 0.66 -1.47 -12.71
N ILE C 993 -0.47 -1.26 -13.40
CA ILE C 993 -1.25 -0.05 -13.19
C ILE C 993 -1.88 -0.07 -11.80
N ASP C 994 -2.21 -1.26 -11.32
CA ASP C 994 -2.73 -1.39 -9.97
C ASP C 994 -1.69 -0.95 -8.96
N ARG C 995 -0.44 -1.33 -9.22
CA ARG C 995 0.67 -0.95 -8.35
C ARG C 995 0.82 0.57 -8.37
N LEU C 996 0.80 1.17 -9.57
CA LEU C 996 0.94 2.61 -9.71
C LEU C 996 -0.20 3.35 -9.01
N ILE C 997 -1.43 2.86 -9.18
CA ILE C 997 -2.60 3.50 -8.58
C ILE C 997 -2.46 3.45 -7.07
N THR C 998 -2.17 2.25 -6.54
CA THR C 998 -2.07 2.08 -5.11
C THR C 998 -1.09 3.10 -4.55
N GLY C 999 0.08 3.19 -5.19
CA GLY C 999 1.12 4.09 -4.74
C GLY C 999 0.67 5.52 -4.63
N ARG C 1000 0.12 6.06 -5.71
CA ARG C 1000 -0.23 7.47 -5.71
C ARG C 1000 -1.45 7.75 -4.85
N LEU C 1001 -2.38 6.78 -4.75
CA LEU C 1001 -3.52 6.94 -3.89
C LEU C 1001 -3.05 7.05 -2.45
N GLN C 1002 -2.07 6.21 -2.07
CA GLN C 1002 -1.47 6.28 -0.75
C GLN C 1002 -0.80 7.64 -0.58
N SER C 1003 -0.10 8.11 -1.62
CA SER C 1003 0.60 9.38 -1.58
C SER C 1003 -0.38 10.53 -1.34
N LEU C 1004 -1.52 10.50 -2.05
CA LEU C 1004 -2.52 11.53 -1.90
C LEU C 1004 -3.13 11.49 -0.51
N GLN C 1005 -3.39 10.28 0.01
CA GLN C 1005 -3.97 10.15 1.33
C GLN C 1005 -3.04 10.76 2.37
N THR C 1006 -1.73 10.48 2.23
CA THR C 1006 -0.72 10.99 3.13
C THR C 1006 -0.74 12.52 3.10
N TYR C 1007 -0.75 13.09 1.89
CA TYR C 1007 -0.75 14.54 1.73
C TYR C 1007 -1.95 15.17 2.43
N VAL C 1008 -3.14 14.59 2.18
CA VAL C 1008 -4.37 15.13 2.74
C VAL C 1008 -4.30 15.10 4.27
N THR C 1009 -3.90 13.95 4.83
CA THR C 1009 -3.82 13.79 6.27
C THR C 1009 -2.93 14.87 6.91
N GLN C 1010 -1.73 15.06 6.31
CA GLN C 1010 -0.78 16.04 6.81
C GLN C 1010 -1.40 17.44 6.78
N GLN C 1011 -2.06 17.77 5.65
CA GLN C 1011 -2.66 19.09 5.49
C GLN C 1011 -3.77 19.32 6.50
N LEU C 1012 -4.54 18.28 6.82
CA LEU C 1012 -5.58 18.37 7.84
C LEU C 1012 -4.99 18.77 9.20
N ILE C 1013 -3.90 18.10 9.60
CA ILE C 1013 -3.23 18.38 10.86
C ILE C 1013 -2.61 19.79 10.85
N ARG C 1014 -2.00 20.18 9.72
CA ARG C 1014 -1.40 21.48 9.55
C ARG C 1014 -2.47 22.55 9.68
N ALA C 1015 -3.67 22.27 9.17
CA ALA C 1015 -4.75 23.23 9.17
C ALA C 1015 -5.31 23.42 10.56
N ALA C 1016 -5.34 22.31 11.33
CA ALA C 1016 -5.74 22.38 12.73
C ALA C 1016 -4.83 23.33 13.51
N GLU C 1017 -3.52 23.17 13.27
CA GLU C 1017 -2.54 24.04 13.91
C GLU C 1017 -2.80 25.51 13.59
N ILE C 1018 -2.99 25.78 12.30
CA ILE C 1018 -3.10 27.15 11.83
C ILE C 1018 -4.38 27.76 12.36
N ARG C 1019 -5.45 26.94 12.43
CA ARG C 1019 -6.70 27.44 12.98
C ARG C 1019 -6.53 27.83 14.45
N ALA C 1020 -5.74 27.04 15.18
CA ALA C 1020 -5.49 27.39 16.57
C ALA C 1020 -4.80 28.74 16.65
N SER C 1021 -3.82 28.92 15.77
CA SER C 1021 -3.05 30.16 15.73
C SER C 1021 -3.98 31.33 15.45
N ALA C 1022 -4.91 31.10 14.52
CA ALA C 1022 -5.79 32.16 14.06
C ALA C 1022 -6.80 32.55 15.15
N ASN C 1023 -7.28 31.54 15.89
CA ASN C 1023 -8.18 31.81 17.00
C ASN C 1023 -7.47 32.67 18.05
N LEU C 1024 -6.21 32.33 18.30
CA LEU C 1024 -5.43 33.11 19.26
C LEU C 1024 -5.30 34.55 18.77
N ALA C 1025 -5.05 34.70 17.46
CA ALA C 1025 -4.84 36.02 16.90
C ALA C 1025 -6.11 36.87 17.01
N ALA C 1026 -7.24 36.23 16.77
CA ALA C 1026 -8.50 36.93 16.89
C ALA C 1026 -8.73 37.38 18.34
N THR C 1027 -8.44 36.47 19.27
CA THR C 1027 -8.60 36.80 20.68
C THR C 1027 -7.72 38.00 21.02
N LYS C 1028 -6.52 38.05 20.44
CA LYS C 1028 -5.58 39.13 20.72
C LYS C 1028 -6.12 40.43 20.16
N MET C 1029 -6.66 40.37 18.94
CA MET C 1029 -7.18 41.58 18.33
C MET C 1029 -8.36 42.11 19.13
N SER C 1030 -9.07 41.21 19.82
CA SER C 1030 -10.19 41.64 20.64
C SER C 1030 -9.74 42.22 21.99
N GLU C 1031 -8.99 41.41 22.76
CA GLU C 1031 -8.64 41.74 24.14
C GLU C 1031 -7.51 42.76 24.22
N CYS C 1032 -6.85 42.99 23.08
CA CYS C 1032 -5.64 43.76 23.06
C CYS C 1032 -5.81 45.04 22.24
N VAL C 1033 -6.32 44.93 21.01
CA VAL C 1033 -6.46 46.08 20.13
C VAL C 1033 -7.70 46.89 20.51
N LEU C 1034 -8.82 46.17 20.51
CA LEU C 1034 -10.10 46.78 20.80
C LEU C 1034 -10.24 47.14 22.27
N GLY C 1035 -9.28 46.72 23.11
CA GLY C 1035 -9.35 47.04 24.53
C GLY C 1035 -7.96 47.20 25.16
N GLN C 1036 -7.90 46.98 26.47
CA GLN C 1036 -6.68 47.06 27.26
C GLN C 1036 -6.71 45.88 28.22
N SER C 1037 -5.86 44.88 27.97
CA SER C 1037 -5.93 43.63 28.71
C SER C 1037 -5.12 43.76 29.99
N LYS C 1038 -5.64 43.15 31.06
CA LYS C 1038 -4.89 43.02 32.29
C LYS C 1038 -4.32 41.62 32.45
N ARG C 1039 -4.45 40.78 31.41
CA ARG C 1039 -3.81 39.47 31.45
C ARG C 1039 -2.32 39.66 31.17
N VAL C 1040 -1.47 39.17 32.07
CA VAL C 1040 -0.04 39.42 31.99
C VAL C 1040 0.56 38.66 30.83
N ASP C 1041 1.48 39.32 30.09
CA ASP C 1041 2.25 38.61 29.08
C ASP C 1041 1.37 38.12 27.93
N PHE C 1042 0.14 38.63 27.89
CA PHE C 1042 -0.74 38.33 26.79
C PHE C 1042 -0.56 39.34 25.67
N CYS C 1043 -0.12 40.55 26.04
CA CYS C 1043 0.01 41.65 25.10
C CYS C 1043 1.42 42.24 25.19
N GLY C 1044 2.45 41.39 25.15
CA GLY C 1044 3.85 41.81 25.22
C GLY C 1044 4.36 41.93 26.67
N LYS C 1045 5.69 42.00 26.80
CA LYS C 1045 6.32 42.09 28.11
C LYS C 1045 6.17 43.52 28.63
N GLY C 1046 5.32 43.69 29.65
CA GLY C 1046 5.14 44.97 30.33
C GLY C 1046 3.69 45.19 30.76
N TYR C 1047 3.40 46.34 31.37
CA TYR C 1047 2.02 46.73 31.60
C TYR C 1047 1.44 47.26 30.28
N HIS C 1048 0.43 46.54 29.79
CA HIS C 1048 -0.20 46.82 28.51
C HIS C 1048 -0.81 48.21 28.47
N LEU C 1049 -0.50 48.96 27.40
CA LEU C 1049 -1.21 50.19 27.12
C LEU C 1049 -2.16 50.00 25.93
N MET C 1050 -1.61 49.57 24.80
CA MET C 1050 -2.45 49.36 23.61
C MET C 1050 -1.70 48.51 22.60
N SER C 1051 -2.38 48.23 21.48
CA SER C 1051 -1.75 47.48 20.39
C SER C 1051 -2.30 47.91 19.04
N PHE C 1052 -1.46 47.79 18.00
CA PHE C 1052 -1.83 48.22 16.65
C PHE C 1052 -1.68 47.06 15.67
N PRO C 1053 -2.71 46.75 14.88
CA PRO C 1053 -2.64 45.63 13.93
C PRO C 1053 -2.13 46.01 12.54
N GLN C 1054 -1.30 45.12 11.98
CA GLN C 1054 -0.71 45.32 10.66
C GLN C 1054 -0.80 43.99 9.91
N SER C 1055 -1.30 44.05 8.67
CA SER C 1055 -1.44 42.85 7.86
C SER C 1055 -0.07 42.26 7.55
N ALA C 1056 -0.07 41.04 7.00
CA ALA C 1056 1.13 40.42 6.49
C ALA C 1056 0.72 39.22 5.67
N PRO C 1057 1.58 38.73 4.77
CA PRO C 1057 1.27 37.54 3.99
C PRO C 1057 0.81 36.37 4.87
N HIS C 1058 -0.48 36.00 4.73
CA HIS C 1058 -1.06 34.86 5.43
C HIS C 1058 -1.01 35.04 6.95
N GLY C 1059 -1.11 36.26 7.45
CA GLY C 1059 -0.91 36.45 8.88
C GLY C 1059 -1.08 37.89 9.34
N VAL C 1060 -0.91 38.11 10.66
CA VAL C 1060 -1.08 39.43 11.26
C VAL C 1060 0.12 39.75 12.13
N VAL C 1061 0.44 41.05 12.29
CA VAL C 1061 1.51 41.55 13.15
C VAL C 1061 0.91 42.51 14.18
N PHE C 1062 1.33 42.41 15.46
CA PHE C 1062 0.76 43.26 16.50
C PHE C 1062 1.86 44.08 17.16
N LEU C 1063 1.74 45.43 17.09
CA LEU C 1063 2.71 46.31 17.72
C LEU C 1063 2.23 46.71 19.11
N HIS C 1064 2.49 45.85 20.10
CA HIS C 1064 2.04 46.09 21.47
C HIS C 1064 2.81 47.23 22.14
N VAL C 1065 2.10 48.23 22.66
CA VAL C 1065 2.70 49.37 23.35
C VAL C 1065 2.49 49.13 24.85
N THR C 1066 3.61 49.12 25.62
CA THR C 1066 3.57 48.74 27.02
C THR C 1066 4.41 49.71 27.85
N TYR C 1067 4.06 49.80 29.13
CA TYR C 1067 4.76 50.64 30.10
C TYR C 1067 5.53 49.66 30.97
N VAL C 1068 6.85 49.86 31.10
CA VAL C 1068 7.66 49.06 31.99
C VAL C 1068 8.46 50.01 32.88
N PRO C 1069 8.44 49.82 34.20
CA PRO C 1069 9.19 50.68 35.13
C PRO C 1069 10.68 50.63 34.85
N ALA C 1070 11.36 51.77 34.99
CA ALA C 1070 12.76 51.83 34.56
C ALA C 1070 13.74 52.09 35.70
N GLN C 1071 13.56 53.17 36.47
CA GLN C 1071 14.60 53.56 37.42
C GLN C 1071 14.01 53.41 38.82
N GLU C 1072 14.70 52.68 39.70
CA GLU C 1072 14.13 52.41 41.02
C GLU C 1072 15.06 52.90 42.12
N LYS C 1073 14.48 53.13 43.32
CA LYS C 1073 15.23 53.57 44.48
C LYS C 1073 14.80 52.78 45.72
N ASN C 1074 15.71 52.64 46.70
CA ASN C 1074 15.42 51.98 47.97
C ASN C 1074 14.64 52.93 48.88
N PHE C 1075 13.63 52.40 49.60
CA PHE C 1075 12.92 53.16 50.61
C PHE C 1075 12.59 52.25 51.78
N THR C 1076 12.73 52.77 52.99
CA THR C 1076 12.19 52.08 54.16
C THR C 1076 10.67 52.14 54.09
N THR C 1077 10.00 51.07 54.55
CA THR C 1077 8.56 50.99 54.46
C THR C 1077 7.96 50.53 55.78
N ALA C 1078 6.62 50.43 55.81
CA ALA C 1078 5.84 50.02 56.96
C ALA C 1078 4.39 49.86 56.52
N PRO C 1079 3.64 48.89 57.08
CA PRO C 1079 2.28 48.65 56.59
C PRO C 1079 1.27 49.67 57.11
N ALA C 1080 1.60 50.34 58.21
CA ALA C 1080 0.69 51.27 58.84
C ALA C 1080 1.46 52.22 59.74
N ILE C 1081 0.80 53.27 60.24
CA ILE C 1081 1.40 54.22 61.17
C ILE C 1081 0.42 54.49 62.32
N CYS C 1082 0.94 55.07 63.39
CA CYS C 1082 0.16 55.42 64.57
C CYS C 1082 0.18 56.93 64.72
N HIS C 1083 -1.00 57.47 65.01
CA HIS C 1083 -1.17 58.89 65.25
C HIS C 1083 -1.65 59.13 66.68
N ASP C 1084 -2.76 58.51 67.06
CA ASP C 1084 -3.34 58.68 68.37
C ASP C 1084 -3.79 57.33 68.93
N GLY C 1085 -2.99 56.30 68.67
CA GLY C 1085 -3.36 54.93 69.00
C GLY C 1085 -4.30 54.32 67.96
N LYS C 1086 -4.70 55.13 66.97
CA LYS C 1086 -5.37 54.62 65.79
C LYS C 1086 -4.32 54.12 64.79
N ALA C 1087 -4.75 53.22 63.91
CA ALA C 1087 -3.89 52.65 62.89
C ALA C 1087 -4.34 53.14 61.53
N HIS C 1088 -3.40 53.77 60.82
CA HIS C 1088 -3.71 54.38 59.54
C HIS C 1088 -3.12 53.54 58.43
N PHE C 1089 -4.00 53.16 57.51
CA PHE C 1089 -3.60 52.47 56.31
C PHE C 1089 -3.78 53.41 55.15
N PRO C 1090 -2.96 53.23 54.09
CA PRO C 1090 -3.14 53.95 52.82
C PRO C 1090 -4.44 53.55 52.12
N ARG C 1091 -5.01 54.48 51.36
CA ARG C 1091 -6.19 54.15 50.58
C ARG C 1091 -5.80 53.36 49.33
N GLU C 1092 -4.99 54.00 48.49
CA GLU C 1092 -4.44 53.39 47.28
C GLU C 1092 -2.99 53.87 47.20
N GLY C 1093 -2.09 53.06 47.75
CA GLY C 1093 -0.67 53.41 47.76
C GLY C 1093 0.07 52.64 48.84
N VAL C 1094 1.20 53.19 49.27
CA VAL C 1094 2.06 52.55 50.24
C VAL C 1094 2.84 53.64 50.96
N PHE C 1095 3.12 53.37 52.23
CA PHE C 1095 3.92 54.25 53.07
C PHE C 1095 5.39 53.99 52.85
N VAL C 1096 6.16 55.09 52.80
CA VAL C 1096 7.58 55.00 52.52
C VAL C 1096 8.32 56.03 53.36
N SER C 1097 9.64 55.86 53.44
CA SER C 1097 10.48 56.76 54.20
C SER C 1097 11.84 56.81 53.52
N ASN C 1098 12.35 58.03 53.35
CA ASN C 1098 13.67 58.23 52.78
C ASN C 1098 14.72 58.24 53.90
N GLY C 1099 14.28 58.15 55.15
CA GLY C 1099 15.18 58.09 56.30
C GLY C 1099 14.74 59.00 57.42
N THR C 1100 14.03 60.10 57.08
CA THR C 1100 13.71 61.13 58.06
C THR C 1100 12.21 61.39 58.09
N HIS C 1101 11.62 61.54 56.91
CA HIS C 1101 10.21 61.83 56.78
C HIS C 1101 9.48 60.66 56.14
N TRP C 1102 8.23 60.47 56.53
CA TRP C 1102 7.37 59.45 55.95
C TRP C 1102 6.42 60.08 54.96
N PHE C 1103 6.14 59.33 53.89
CA PHE C 1103 5.17 59.74 52.88
C PHE C 1103 4.33 58.55 52.47
N VAL C 1104 3.38 58.83 51.58
CA VAL C 1104 2.58 57.82 50.95
C VAL C 1104 2.61 58.08 49.45
N THR C 1105 2.83 57.01 48.69
CA THR C 1105 2.98 57.14 47.24
C THR C 1105 2.29 55.94 46.59
N GLN C 1106 1.86 56.17 45.34
CA GLN C 1106 1.26 55.20 44.46
C GLN C 1106 2.22 54.05 44.12
N ARG C 1107 1.67 52.86 43.85
CA ARG C 1107 2.51 51.67 43.90
C ARG C 1107 3.57 51.60 42.80
N ASN C 1108 3.26 52.11 41.60
CA ASN C 1108 4.12 51.94 40.43
C ASN C 1108 4.84 53.20 39.95
N PHE C 1109 5.01 54.21 40.80
CA PHE C 1109 5.68 55.44 40.42
C PHE C 1109 5.94 56.29 41.66
N TYR C 1110 7.18 56.76 41.83
CA TYR C 1110 7.53 57.53 43.01
C TYR C 1110 6.96 58.95 42.93
N GLU C 1111 5.84 59.16 43.63
CA GLU C 1111 5.19 60.47 43.72
C GLU C 1111 4.86 60.71 45.19
N PRO C 1112 5.86 61.01 46.04
CA PRO C 1112 5.63 61.10 47.48
C PRO C 1112 4.66 62.23 47.83
N GLN C 1113 3.76 61.98 48.80
CA GLN C 1113 2.82 62.99 49.26
C GLN C 1113 2.75 62.96 50.77
N ILE C 1114 2.31 64.06 51.38
CA ILE C 1114 2.22 64.14 52.83
C ILE C 1114 1.05 63.29 53.33
N ILE C 1115 1.24 62.65 54.47
CA ILE C 1115 0.26 61.70 54.98
C ILE C 1115 -0.86 62.46 55.69
N THR C 1116 -2.10 62.17 55.28
CA THR C 1116 -3.26 62.89 55.78
C THR C 1116 -4.40 61.90 56.02
N THR C 1117 -5.57 62.44 56.32
CA THR C 1117 -6.78 61.63 56.46
C THR C 1117 -7.47 61.46 55.11
N ASP C 1118 -7.01 62.18 54.09
CA ASP C 1118 -7.56 62.05 52.75
C ASP C 1118 -6.82 60.99 51.95
N ASN C 1119 -5.57 60.71 52.36
CA ASN C 1119 -4.75 59.67 51.77
C ASN C 1119 -4.92 58.32 52.47
N THR C 1120 -5.57 58.33 53.64
CA THR C 1120 -5.56 57.14 54.48
C THR C 1120 -6.92 56.95 55.11
N PHE C 1121 -7.08 55.76 55.67
CA PHE C 1121 -8.26 55.44 56.45
C PHE C 1121 -7.80 54.73 57.72
N VAL C 1122 -8.75 54.58 58.64
CA VAL C 1122 -8.48 54.07 59.97
C VAL C 1122 -9.22 52.77 60.18
N SER C 1123 -8.59 51.87 60.96
CA SER C 1123 -9.17 50.60 61.35
C SER C 1123 -8.41 50.06 62.56
N GLY C 1124 -9.08 50.01 63.70
CA GLY C 1124 -8.53 49.44 64.92
C GLY C 1124 -7.42 50.31 65.53
N ASN C 1125 -6.50 49.65 66.22
CA ASN C 1125 -5.48 50.34 66.99
C ASN C 1125 -4.10 49.75 66.70
N CYS C 1126 -3.10 50.20 67.46
CA CYS C 1126 -1.71 49.91 67.15
C CYS C 1126 -1.16 48.75 67.99
N ASP C 1127 -2.03 48.05 68.73
CA ASP C 1127 -1.57 46.92 69.54
C ASP C 1127 -1.69 45.60 68.78
N VAL C 1128 -2.03 45.67 67.48
CA VAL C 1128 -2.44 44.49 66.74
C VAL C 1128 -1.51 44.30 65.56
N VAL C 1129 -1.39 45.35 64.75
CA VAL C 1129 -0.63 45.27 63.51
C VAL C 1129 0.84 45.02 63.84
N ILE C 1130 1.52 44.32 62.93
CA ILE C 1130 2.92 43.97 63.06
C ILE C 1130 3.75 44.88 62.16
N GLY C 1131 4.82 45.43 62.75
CA GLY C 1131 5.72 46.34 62.06
C GLY C 1131 5.20 47.76 61.99
N ILE C 1132 4.12 48.05 62.73
CA ILE C 1132 3.56 49.39 62.72
C ILE C 1132 4.55 50.36 63.36
N VAL C 1133 4.43 51.63 63.01
CA VAL C 1133 5.37 52.65 63.45
C VAL C 1133 4.57 53.90 63.83
N ASN C 1134 5.29 54.98 64.17
CA ASN C 1134 4.62 56.22 64.56
C ASN C 1134 4.91 57.34 63.56
N ASN C 1135 3.85 57.89 62.94
CA ASN C 1135 4.04 59.10 62.13
C ASN C 1135 2.84 60.01 62.31
N THR C 1136 3.09 61.32 62.18
CA THR C 1136 2.04 62.30 62.40
C THR C 1136 1.19 62.44 61.15
N VAL C 1137 -0.14 62.31 61.32
CA VAL C 1137 -1.08 62.44 60.21
C VAL C 1137 -1.68 63.84 60.24
N TYR C 1138 -1.53 64.54 59.12
CA TYR C 1138 -1.92 65.94 59.07
C TYR C 1138 -3.39 66.01 58.66
N ASP C 1139 -4.16 66.75 59.47
CA ASP C 1139 -5.57 66.97 59.18
C ASP C 1139 -5.75 68.31 58.48
N PRO C 1140 -6.22 68.36 57.21
CA PRO C 1140 -6.38 69.63 56.49
C PRO C 1140 -7.40 70.57 57.13
N LEU C 1141 -8.28 70.03 57.96
CA LEU C 1141 -9.38 70.81 58.51
C LEU C 1141 -8.91 71.80 59.58
N GLN C 1142 -8.01 71.37 60.47
CA GLN C 1142 -7.59 72.19 61.62
C GLN C 1142 -7.08 73.57 61.21
N PRO C 1143 -6.18 73.70 60.20
CA PRO C 1143 -5.74 75.02 59.75
C PRO C 1143 -6.86 75.96 59.32
N GLU C 1144 -7.91 75.40 58.71
CA GLU C 1144 -9.06 76.19 58.29
C GLU C 1144 -9.86 76.71 59.48
N LEU C 1145 -10.06 75.86 60.50
CA LEU C 1145 -10.87 76.17 61.67
C LEU C 1145 -10.36 77.40 62.42
N ASP C 1146 -9.06 77.44 62.75
CA ASP C 1146 -8.47 78.60 63.43
C ASP C 1146 -8.33 79.79 62.48
N SER C 1147 -8.15 79.49 61.17
CA SER C 1147 -8.11 80.52 60.14
C SER C 1147 -9.51 81.13 60.03
N VAL D 2 -17.44 -39.97 -53.54
CA VAL D 2 -17.34 -38.71 -54.34
C VAL D 2 -16.73 -39.03 -55.70
N GLN D 3 -17.43 -38.62 -56.77
CA GLN D 3 -16.95 -38.81 -58.13
C GLN D 3 -16.93 -37.49 -58.89
N LEU D 4 -15.89 -37.33 -59.71
CA LEU D 4 -15.76 -36.25 -60.69
C LEU D 4 -16.01 -36.85 -62.07
N VAL D 5 -17.07 -36.35 -62.73
CA VAL D 5 -17.55 -36.84 -64.02
C VAL D 5 -17.32 -35.74 -65.05
N GLU D 6 -16.35 -35.97 -65.96
CA GLU D 6 -16.00 -35.01 -66.99
C GLU D 6 -16.81 -35.31 -68.24
N SER D 7 -17.02 -34.28 -69.07
CA SER D 7 -17.71 -34.37 -70.35
C SER D 7 -17.30 -33.19 -71.23
N GLY D 8 -17.76 -33.21 -72.49
CA GLY D 8 -17.34 -32.25 -73.49
C GLY D 8 -15.99 -32.60 -74.10
N GLY D 9 -15.41 -31.67 -74.86
CA GLY D 9 -14.13 -31.86 -75.51
C GLY D 9 -14.27 -32.69 -76.78
N GLY D 10 -13.25 -33.51 -77.05
CA GLY D 10 -13.15 -34.27 -78.29
C GLY D 10 -12.35 -33.52 -79.34
N LEU D 11 -12.74 -33.71 -80.61
CA LEU D 11 -12.04 -33.21 -81.78
C LEU D 11 -12.54 -31.81 -82.15
N MET D 12 -11.61 -30.90 -82.45
CA MET D 12 -11.91 -29.55 -82.95
C MET D 12 -10.72 -29.06 -83.77
N GLN D 13 -11.00 -28.34 -84.88
CA GLN D 13 -9.95 -27.75 -85.68
C GLN D 13 -9.36 -26.53 -84.95
N ALA D 14 -8.05 -26.31 -85.13
CA ALA D 14 -7.31 -25.17 -84.60
C ALA D 14 -8.06 -23.86 -84.84
N GLY D 15 -8.05 -22.98 -83.82
CA GLY D 15 -8.75 -21.71 -83.85
C GLY D 15 -10.15 -21.78 -83.24
N GLY D 16 -10.71 -23.00 -83.18
CA GLY D 16 -12.03 -23.25 -82.62
C GLY D 16 -12.06 -23.18 -81.09
N SER D 17 -13.25 -23.43 -80.52
CA SER D 17 -13.49 -23.37 -79.08
C SER D 17 -14.24 -24.64 -78.65
N LEU D 18 -13.84 -25.20 -77.50
CA LEU D 18 -14.53 -26.33 -76.85
C LEU D 18 -14.78 -25.95 -75.40
N ARG D 19 -15.82 -26.55 -74.80
CA ARG D 19 -16.07 -26.42 -73.38
C ARG D 19 -16.03 -27.80 -72.72
N LEU D 20 -15.22 -27.93 -71.67
CA LEU D 20 -15.20 -29.11 -70.81
C LEU D 20 -16.06 -28.81 -69.58
N SER D 21 -16.76 -29.86 -69.11
CA SER D 21 -17.54 -29.85 -67.88
C SER D 21 -16.99 -30.91 -66.93
N CYS D 22 -17.11 -30.63 -65.63
CA CYS D 22 -16.81 -31.64 -64.64
C CYS D 22 -17.78 -31.48 -63.47
N ALA D 23 -18.67 -32.48 -63.32
CA ALA D 23 -19.71 -32.52 -62.31
C ALA D 23 -19.24 -33.36 -61.12
N VAL D 24 -19.44 -32.82 -59.91
CA VAL D 24 -19.13 -33.48 -58.66
C VAL D 24 -20.43 -34.13 -58.15
N SER D 25 -20.39 -35.46 -57.97
CA SER D 25 -21.50 -36.25 -57.46
C SER D 25 -21.08 -36.91 -56.13
N GLY D 26 -22.08 -37.28 -55.32
CA GLY D 26 -21.84 -37.82 -53.98
C GLY D 26 -21.77 -36.71 -52.93
N ARG D 27 -21.96 -37.10 -51.66
CA ARG D 27 -22.01 -36.17 -50.53
C ARG D 27 -20.63 -35.55 -50.30
N THR D 28 -20.58 -34.22 -50.40
CA THR D 28 -19.42 -33.40 -50.08
C THR D 28 -19.73 -32.60 -48.82
N PHE D 29 -18.72 -32.50 -47.94
CA PHE D 29 -18.78 -31.66 -46.74
C PHE D 29 -18.60 -30.19 -47.14
N SER D 30 -17.65 -29.97 -48.07
CA SER D 30 -17.18 -28.66 -48.52
C SER D 30 -16.26 -28.85 -49.74
N THR D 31 -16.20 -27.82 -50.59
CA THR D 31 -15.26 -27.71 -51.70
C THR D 31 -14.47 -26.41 -51.55
N ALA D 32 -13.13 -26.49 -51.58
CA ALA D 32 -12.29 -25.30 -51.52
C ALA D 32 -12.03 -24.75 -52.92
N ALA D 33 -11.64 -25.63 -53.84
CA ALA D 33 -11.23 -25.23 -55.17
C ALA D 33 -11.38 -26.42 -56.10
N MET D 34 -11.56 -26.11 -57.40
CA MET D 34 -11.52 -27.05 -58.51
C MET D 34 -10.41 -26.63 -59.46
N GLY D 35 -9.86 -27.61 -60.19
CA GLY D 35 -8.77 -27.37 -61.13
C GLY D 35 -8.91 -28.24 -62.36
N TRP D 36 -8.28 -27.79 -63.45
CA TRP D 36 -8.05 -28.57 -64.66
C TRP D 36 -6.55 -28.76 -64.84
N PHE D 37 -6.17 -30.00 -65.17
CA PHE D 37 -4.82 -30.42 -65.55
C PHE D 37 -4.91 -31.09 -66.92
N ARG D 38 -3.75 -31.27 -67.58
CA ARG D 38 -3.72 -31.98 -68.85
C ARG D 38 -2.43 -32.79 -68.94
N GLN D 39 -2.51 -33.92 -69.66
CA GLN D 39 -1.38 -34.79 -69.94
C GLN D 39 -1.38 -35.11 -71.43
N ALA D 40 -0.37 -34.58 -72.15
CA ALA D 40 -0.11 -34.90 -73.54
C ALA D 40 0.70 -36.19 -73.62
N PRO D 41 0.56 -37.02 -74.69
CA PRO D 41 1.18 -38.34 -74.73
C PRO D 41 2.68 -38.27 -74.44
N GLY D 42 3.15 -39.11 -73.51
CA GLY D 42 4.56 -39.24 -73.17
C GLY D 42 5.12 -38.10 -72.32
N LYS D 43 4.27 -37.11 -71.97
CA LYS D 43 4.66 -35.93 -71.22
C LYS D 43 4.05 -35.98 -69.81
N GLU D 44 4.58 -35.14 -68.90
CA GLU D 44 4.10 -35.02 -67.54
C GLU D 44 2.75 -34.30 -67.55
N ARG D 45 1.89 -34.69 -66.60
CA ARG D 45 0.64 -33.99 -66.31
C ARG D 45 0.99 -32.59 -65.81
N GLU D 46 0.22 -31.60 -66.27
CA GLU D 46 0.58 -30.19 -66.19
C GLU D 46 -0.67 -29.40 -65.78
N PHE D 47 -0.48 -28.44 -64.85
CA PHE D 47 -1.54 -27.55 -64.39
C PHE D 47 -2.04 -26.67 -65.55
N VAL D 48 -3.36 -26.46 -65.60
CA VAL D 48 -4.02 -25.61 -66.58
C VAL D 48 -4.68 -24.40 -65.92
N ALA D 49 -5.60 -24.65 -64.97
CA ALA D 49 -6.38 -23.59 -64.34
C ALA D 49 -7.00 -24.08 -63.04
N ALA D 50 -7.19 -23.15 -62.10
CA ALA D 50 -7.87 -23.39 -60.83
C ALA D 50 -8.86 -22.25 -60.55
N ILE D 51 -9.90 -22.58 -59.79
CA ILE D 51 -10.92 -21.62 -59.38
C ILE D 51 -11.25 -21.90 -57.91
N ARG D 52 -11.29 -20.83 -57.11
CA ARG D 52 -11.77 -20.94 -55.74
C ARG D 52 -13.29 -21.04 -55.77
N TRP D 53 -13.83 -22.02 -55.04
CA TRP D 53 -15.27 -22.24 -54.99
C TRP D 53 -15.99 -21.01 -54.43
N SER D 54 -15.49 -20.48 -53.32
CA SER D 54 -15.93 -19.21 -52.74
C SER D 54 -15.31 -18.04 -53.49
N GLY D 55 -16.16 -17.20 -54.11
CA GLY D 55 -15.71 -15.96 -54.73
C GLY D 55 -15.40 -16.11 -56.22
N GLY D 56 -14.88 -17.28 -56.62
CA GLY D 56 -14.70 -17.60 -58.04
C GLY D 56 -13.45 -17.00 -58.69
N SER D 57 -12.49 -16.51 -57.88
CA SER D 57 -11.20 -16.08 -58.38
C SER D 57 -10.49 -17.25 -59.07
N ALA D 58 -9.83 -16.96 -60.20
CA ALA D 58 -9.23 -17.96 -61.07
C ALA D 58 -7.73 -17.73 -61.20
N TYR D 59 -6.98 -18.84 -61.35
CA TYR D 59 -5.54 -18.85 -61.56
C TYR D 59 -5.21 -19.74 -62.75
N TYR D 60 -4.34 -19.24 -63.64
CA TYR D 60 -4.08 -19.84 -64.95
C TYR D 60 -2.59 -20.12 -65.16
N ALA D 61 -2.29 -21.25 -65.80
CA ALA D 61 -0.99 -21.49 -66.41
C ALA D 61 -0.75 -20.44 -67.49
N ASP D 62 0.51 -20.02 -67.64
CA ASP D 62 0.90 -18.98 -68.59
C ASP D 62 0.52 -19.36 -70.02
N SER D 63 0.59 -20.66 -70.34
CA SER D 63 0.37 -21.22 -71.66
C SER D 63 -1.08 -21.07 -72.16
N VAL D 64 -2.03 -20.76 -71.25
CA VAL D 64 -3.45 -20.73 -71.61
C VAL D 64 -4.08 -19.35 -71.33
N LYS D 65 -3.31 -18.41 -70.74
CA LYS D 65 -3.78 -17.06 -70.45
C LYS D 65 -4.26 -16.38 -71.73
N GLY D 66 -5.42 -15.72 -71.63
CA GLY D 66 -6.05 -15.02 -72.75
C GLY D 66 -6.83 -15.95 -73.69
N ARG D 67 -6.76 -17.26 -73.44
CA ARG D 67 -7.37 -18.25 -74.33
C ARG D 67 -8.42 -19.08 -73.59
N PHE D 68 -8.08 -19.52 -72.37
CA PHE D 68 -8.96 -20.40 -71.61
C PHE D 68 -9.60 -19.60 -70.48
N THR D 69 -10.85 -19.95 -70.15
CA THR D 69 -11.56 -19.42 -68.99
C THR D 69 -12.09 -20.58 -68.15
N ILE D 70 -11.77 -20.58 -66.85
CA ILE D 70 -12.36 -21.50 -65.89
C ILE D 70 -13.51 -20.75 -65.20
N SER D 71 -14.61 -21.47 -64.96
CA SER D 71 -15.82 -20.95 -64.31
C SER D 71 -16.49 -22.03 -63.45
N ARG D 72 -17.36 -21.61 -62.52
CA ARG D 72 -18.03 -22.54 -61.63
C ARG D 72 -19.52 -22.23 -61.46
N ASP D 73 -20.34 -23.30 -61.39
CA ASP D 73 -21.74 -23.26 -61.01
C ASP D 73 -21.87 -24.04 -59.71
N LYS D 74 -21.93 -23.30 -58.59
CA LYS D 74 -21.99 -23.87 -57.24
C LYS D 74 -23.21 -24.79 -57.08
N ALA D 75 -24.39 -24.32 -57.53
CA ALA D 75 -25.65 -25.03 -57.38
C ALA D 75 -25.64 -26.37 -58.12
N LYS D 76 -24.94 -26.44 -59.26
CA LYS D 76 -24.83 -27.65 -60.05
C LYS D 76 -23.57 -28.45 -59.67
N ASN D 77 -22.75 -27.92 -58.74
CA ASN D 77 -21.50 -28.53 -58.33
C ASN D 77 -20.68 -28.93 -59.54
N THR D 78 -20.55 -27.99 -60.50
CA THR D 78 -19.88 -28.23 -61.78
C THR D 78 -18.86 -27.13 -62.05
N VAL D 79 -17.67 -27.54 -62.53
CA VAL D 79 -16.63 -26.64 -63.03
C VAL D 79 -16.52 -26.83 -64.54
N TYR D 80 -16.21 -25.73 -65.24
CA TYR D 80 -16.12 -25.66 -66.69
C TYR D 80 -14.76 -25.10 -67.10
N LEU D 81 -14.26 -25.56 -68.25
CA LEU D 81 -13.13 -24.96 -68.91
C LEU D 81 -13.55 -24.60 -70.34
N GLN D 82 -13.65 -23.28 -70.60
CA GLN D 82 -13.90 -22.76 -71.93
C GLN D 82 -12.54 -22.62 -72.63
N MET D 83 -12.33 -23.45 -73.67
CA MET D 83 -11.04 -23.55 -74.33
C MET D 83 -11.15 -22.86 -75.68
N ASN D 84 -10.76 -21.58 -75.75
CA ASN D 84 -10.85 -20.79 -76.98
C ASN D 84 -9.49 -20.79 -77.67
N SER D 85 -9.50 -20.42 -78.97
CA SER D 85 -8.29 -20.26 -79.77
C SER D 85 -7.40 -21.50 -79.65
N LEU D 86 -7.99 -22.69 -79.87
CA LEU D 86 -7.32 -23.97 -79.71
C LEU D 86 -6.11 -24.06 -80.63
N LYS D 87 -5.01 -24.61 -80.09
CA LYS D 87 -3.76 -24.85 -80.80
C LYS D 87 -3.42 -26.33 -80.67
N TYR D 88 -2.57 -26.84 -81.57
CA TYR D 88 -2.14 -28.24 -81.56
C TYR D 88 -1.57 -28.63 -80.20
N GLU D 89 -0.87 -27.67 -79.55
CA GLU D 89 -0.23 -27.78 -78.23
C GLU D 89 -1.24 -28.12 -77.13
N ASP D 90 -2.54 -27.86 -77.38
CA ASP D 90 -3.62 -28.10 -76.43
C ASP D 90 -4.12 -29.55 -76.46
N THR D 91 -3.71 -30.33 -77.47
CA THR D 91 -4.04 -31.75 -77.57
C THR D 91 -3.49 -32.48 -76.34
N ALA D 92 -4.39 -33.13 -75.57
CA ALA D 92 -4.08 -33.80 -74.32
C ALA D 92 -5.34 -34.44 -73.75
N VAL D 93 -5.16 -35.35 -72.77
CA VAL D 93 -6.21 -35.76 -71.85
C VAL D 93 -6.29 -34.70 -70.76
N TYR D 94 -7.51 -34.15 -70.55
CA TYR D 94 -7.78 -33.13 -69.56
C TYR D 94 -8.43 -33.78 -68.34
N TYR D 95 -7.91 -33.46 -67.14
CA TYR D 95 -8.37 -34.03 -65.89
C TYR D 95 -8.93 -32.92 -65.00
N CYS D 96 -10.12 -33.18 -64.47
CA CYS D 96 -10.74 -32.42 -63.40
C CYS D 96 -10.13 -32.84 -62.06
N ALA D 97 -9.96 -31.86 -61.16
CA ALA D 97 -9.49 -32.13 -59.80
C ALA D 97 -10.23 -31.26 -58.79
N ARG D 98 -10.33 -31.77 -57.56
CA ARG D 98 -11.06 -31.15 -56.48
C ARG D 98 -10.23 -31.26 -55.20
N THR D 99 -10.32 -30.23 -54.35
CA THR D 99 -9.71 -30.26 -53.04
C THR D 99 -10.62 -29.55 -52.03
N GLU D 100 -10.52 -29.97 -50.76
CA GLU D 100 -11.15 -29.30 -49.64
C GLU D 100 -10.16 -28.39 -48.92
N TYR D 101 -8.89 -28.38 -49.40
CA TYR D 101 -7.84 -27.58 -48.81
C TYR D 101 -8.01 -26.11 -49.21
N VAL D 102 -8.22 -25.25 -48.21
CA VAL D 102 -8.35 -23.81 -48.38
C VAL D 102 -7.00 -23.16 -48.07
N SER D 103 -6.34 -22.63 -49.11
CA SER D 103 -5.17 -21.79 -48.95
C SER D 103 -5.58 -20.33 -49.10
N TYR D 104 -5.00 -19.44 -48.27
CA TYR D 104 -5.16 -18.01 -48.40
C TYR D 104 -4.65 -17.51 -49.75
N LEU D 105 -3.75 -18.30 -50.38
CA LEU D 105 -2.96 -17.89 -51.53
C LEU D 105 -3.38 -18.70 -52.75
N LEU D 106 -4.05 -18.03 -53.69
CA LEU D 106 -4.67 -18.69 -54.84
C LEU D 106 -3.65 -19.46 -55.67
N SER D 107 -2.44 -18.90 -55.82
CA SER D 107 -1.39 -19.49 -56.65
C SER D 107 -0.99 -20.88 -56.15
N ASP D 108 -1.27 -21.20 -54.87
CA ASP D 108 -0.98 -22.52 -54.30
C ASP D 108 -1.74 -23.62 -55.05
N TYR D 109 -2.87 -23.30 -55.67
CA TYR D 109 -3.69 -24.28 -56.39
C TYR D 109 -3.00 -24.78 -57.67
N ALA D 110 -1.93 -24.11 -58.11
CA ALA D 110 -1.15 -24.53 -59.26
C ALA D 110 -0.27 -25.74 -58.94
N THR D 111 0.11 -25.89 -57.65
CA THR D 111 1.12 -26.85 -57.21
C THR D 111 0.59 -27.80 -56.13
N TRP D 112 -0.59 -27.51 -55.57
CA TRP D 112 -1.19 -28.32 -54.53
C TRP D 112 -1.51 -29.72 -55.06
N PRO D 113 -1.19 -30.82 -54.34
CA PRO D 113 -1.63 -32.14 -54.76
C PRO D 113 -3.12 -32.24 -54.43
N TYR D 114 -3.95 -32.48 -55.45
CA TYR D 114 -5.40 -32.58 -55.26
C TYR D 114 -5.78 -33.99 -54.80
N ASP D 115 -6.92 -34.06 -54.07
CA ASP D 115 -7.43 -35.23 -53.38
C ASP D 115 -8.25 -36.13 -54.31
N TYR D 116 -9.02 -35.50 -55.20
CA TYR D 116 -9.97 -36.19 -56.09
C TYR D 116 -9.68 -35.81 -57.54
N TRP D 117 -9.78 -36.82 -58.43
CA TRP D 117 -9.46 -36.74 -59.85
C TRP D 117 -10.58 -37.38 -60.68
N GLY D 118 -10.90 -36.74 -61.82
CA GLY D 118 -11.76 -37.33 -62.84
C GLY D 118 -10.99 -38.36 -63.68
N GLN D 119 -11.71 -39.03 -64.59
CA GLN D 119 -11.20 -40.12 -65.41
C GLN D 119 -10.36 -39.61 -66.58
N GLY D 120 -10.55 -38.33 -66.94
CA GLY D 120 -9.85 -37.68 -68.04
C GLY D 120 -10.69 -37.65 -69.32
N THR D 121 -10.67 -36.52 -70.05
CA THR D 121 -11.38 -36.32 -71.30
C THR D 121 -10.40 -35.87 -72.37
N GLN D 122 -10.38 -36.58 -73.52
CA GLN D 122 -9.48 -36.29 -74.63
C GLN D 122 -9.94 -35.01 -75.33
N VAL D 123 -8.97 -34.11 -75.60
CA VAL D 123 -9.14 -33.01 -76.53
C VAL D 123 -8.10 -33.19 -77.63
N THR D 124 -8.55 -33.18 -78.89
CA THR D 124 -7.68 -33.32 -80.05
C THR D 124 -7.89 -32.11 -80.95
N VAL D 125 -6.82 -31.36 -81.19
CA VAL D 125 -6.85 -30.19 -82.05
C VAL D 125 -6.21 -30.56 -83.40
N SER D 126 -7.00 -30.41 -84.49
CA SER D 126 -6.59 -30.73 -85.85
C SER D 126 -6.25 -29.46 -86.63
N SER D 127 -5.70 -29.63 -87.84
CA SER D 127 -5.25 -28.53 -88.70
C SER D 127 -6.41 -27.70 -89.28
N VAL E 2 38.72 -18.46 -71.92
CA VAL E 2 39.42 -19.64 -71.31
C VAL E 2 40.10 -20.44 -72.41
N GLN E 3 41.39 -20.69 -72.23
CA GLN E 3 42.17 -21.50 -73.16
C GLN E 3 42.87 -22.65 -72.45
N LEU E 4 42.90 -23.80 -73.13
CA LEU E 4 43.67 -24.97 -72.74
C LEU E 4 44.87 -25.06 -73.69
N VAL E 5 46.08 -24.97 -73.11
CA VAL E 5 47.34 -24.95 -73.84
C VAL E 5 48.10 -26.23 -73.50
N GLU E 6 48.20 -27.13 -74.48
CA GLU E 6 48.86 -28.41 -74.32
C GLU E 6 50.33 -28.26 -74.75
N SER E 7 51.18 -29.12 -74.19
CA SER E 7 52.61 -29.18 -74.49
C SER E 7 53.14 -30.56 -74.11
N GLY E 8 54.41 -30.82 -74.46
CA GLY E 8 55.02 -32.13 -74.31
C GLY E 8 54.63 -33.07 -75.46
N GLY E 9 54.95 -34.36 -75.28
CA GLY E 9 54.67 -35.38 -76.28
C GLY E 9 55.69 -35.34 -77.41
N GLY E 10 55.21 -35.64 -78.63
CA GLY E 10 56.07 -35.78 -79.80
C GLY E 10 56.48 -37.24 -80.00
N LEU E 11 57.70 -37.44 -80.51
CA LEU E 11 58.21 -38.74 -80.92
C LEU E 11 58.93 -39.42 -79.76
N MET E 12 58.66 -40.73 -79.58
CA MET E 12 59.34 -41.57 -78.60
C MET E 12 59.30 -43.02 -79.08
N GLN E 13 60.39 -43.76 -78.85
CA GLN E 13 60.43 -45.18 -79.20
C GLN E 13 59.59 -45.98 -78.19
N ALA E 14 58.95 -47.05 -78.68
CA ALA E 14 58.16 -47.99 -77.89
C ALA E 14 58.91 -48.40 -76.62
N GLY E 15 58.17 -48.48 -75.50
CA GLY E 15 58.72 -48.82 -74.19
C GLY E 15 59.09 -47.59 -73.37
N GLY E 16 59.30 -46.45 -74.05
CA GLY E 16 59.64 -45.18 -73.42
C GLY E 16 58.47 -44.51 -72.71
N SER E 17 58.73 -43.33 -72.14
CA SER E 17 57.75 -42.56 -71.38
C SER E 17 57.78 -41.11 -71.86
N LEU E 18 56.58 -40.49 -72.00
CA LEU E 18 56.40 -39.08 -72.31
C LEU E 18 55.44 -38.49 -71.29
N ARG E 19 55.57 -37.18 -71.04
CA ARG E 19 54.60 -36.45 -70.22
C ARG E 19 53.97 -35.35 -71.05
N LEU E 20 52.62 -35.32 -71.07
CA LEU E 20 51.84 -34.23 -71.62
C LEU E 20 51.44 -33.29 -70.50
N SER E 21 51.41 -31.98 -70.81
CA SER E 21 50.93 -30.93 -69.93
C SER E 21 49.76 -30.21 -70.61
N CYS E 22 48.83 -29.73 -69.80
CA CYS E 22 47.78 -28.87 -70.30
C CYS E 22 47.47 -27.79 -69.26
N ALA E 23 47.83 -26.54 -69.59
CA ALA E 23 47.66 -25.37 -68.72
C ALA E 23 46.37 -24.65 -69.10
N VAL E 24 45.58 -24.29 -68.07
CA VAL E 24 44.35 -23.53 -68.20
C VAL E 24 44.70 -22.06 -67.94
N SER E 25 44.42 -21.19 -68.93
CA SER E 25 44.61 -19.76 -68.83
C SER E 25 43.25 -19.06 -68.97
N GLY E 26 43.16 -17.82 -68.48
CA GLY E 26 41.92 -17.05 -68.49
C GLY E 26 41.10 -17.28 -67.22
N ARG E 27 40.18 -16.36 -66.95
CA ARG E 27 39.37 -16.34 -65.72
C ARG E 27 38.40 -17.51 -65.73
N THR E 28 38.56 -18.38 -64.72
CA THR E 28 37.69 -19.52 -64.43
C THR E 28 36.93 -19.23 -63.13
N PHE E 29 35.64 -19.59 -63.12
CA PHE E 29 34.80 -19.53 -61.94
C PHE E 29 35.15 -20.68 -61.00
N SER E 30 35.36 -21.87 -61.61
CA SER E 30 35.55 -23.17 -60.95
C SER E 30 35.95 -24.20 -62.01
N THR E 31 36.68 -25.24 -61.59
CA THR E 31 36.97 -26.42 -62.40
C THR E 31 36.46 -27.66 -61.66
N ALA E 32 35.65 -28.50 -62.32
CA ALA E 32 35.19 -29.74 -61.73
C ALA E 32 36.17 -30.87 -62.00
N ALA E 33 36.57 -31.02 -63.26
CA ALA E 33 37.40 -32.12 -63.70
C ALA E 33 38.14 -31.73 -64.97
N MET E 34 39.29 -32.38 -65.18
CA MET E 34 40.07 -32.33 -66.41
C MET E 34 40.18 -33.74 -66.98
N GLY E 35 40.33 -33.84 -68.31
CA GLY E 35 40.43 -35.12 -68.98
C GLY E 35 41.41 -35.06 -70.14
N TRP E 36 41.91 -36.24 -70.53
CA TRP E 36 42.67 -36.46 -71.74
C TRP E 36 41.88 -37.41 -72.63
N PHE E 37 41.81 -37.06 -73.92
CA PHE E 37 41.25 -37.85 -75.00
C PHE E 37 42.32 -38.01 -76.09
N ARG E 38 42.11 -38.95 -77.01
CA ARG E 38 43.04 -39.12 -78.13
C ARG E 38 42.26 -39.51 -79.38
N GLN E 39 42.78 -39.11 -80.55
CA GLN E 39 42.24 -39.44 -81.85
C GLN E 39 43.39 -39.93 -82.74
N ALA E 40 43.36 -41.23 -83.04
CA ALA E 40 44.27 -41.86 -83.99
C ALA E 40 43.75 -41.66 -85.40
N PRO E 41 44.62 -41.59 -86.44
CA PRO E 41 44.17 -41.26 -87.80
C PRO E 41 43.03 -42.16 -88.26
N GLY E 42 41.95 -41.55 -88.76
CA GLY E 42 40.80 -42.25 -89.33
C GLY E 42 39.88 -42.90 -88.29
N LYS E 43 40.20 -42.73 -86.99
CA LYS E 43 39.44 -43.35 -85.90
C LYS E 43 38.72 -42.26 -85.11
N GLU E 44 37.73 -42.68 -84.30
CA GLU E 44 36.97 -41.79 -83.43
C GLU E 44 37.84 -41.37 -82.26
N ARG E 45 37.62 -40.13 -81.79
CA ARG E 45 38.20 -39.61 -80.57
C ARG E 45 37.70 -40.46 -79.40
N GLU E 46 38.61 -40.77 -78.47
CA GLU E 46 38.43 -41.82 -77.48
C GLU E 46 38.94 -41.29 -76.13
N PHE E 47 38.18 -41.57 -75.06
CA PHE E 47 38.54 -41.22 -73.70
C PHE E 47 39.83 -41.94 -73.27
N VAL E 48 40.70 -41.22 -72.54
CA VAL E 48 41.95 -41.76 -72.00
C VAL E 48 41.92 -41.74 -70.47
N ALA E 49 41.72 -40.56 -69.86
CA ALA E 49 41.79 -40.42 -68.41
C ALA E 49 41.10 -39.13 -67.98
N ALA E 50 40.55 -39.14 -66.75
CA ALA E 50 39.95 -37.98 -66.10
C ALA E 50 40.43 -37.91 -64.66
N ILE E 51 40.45 -36.68 -64.13
CA ILE E 51 40.82 -36.41 -62.76
C ILE E 51 39.85 -35.36 -62.21
N ARG E 52 39.33 -35.62 -61.01
CA ARG E 52 38.54 -34.61 -60.31
C ARG E 52 39.48 -33.58 -59.72
N TRP E 53 39.17 -32.30 -59.96
CA TRP E 53 39.98 -31.20 -59.47
C TRP E 53 40.08 -31.23 -57.94
N SER E 54 38.93 -31.37 -57.28
CA SER E 54 38.83 -31.59 -55.84
C SER E 54 39.14 -33.06 -55.50
N GLY E 55 40.20 -33.28 -54.72
CA GLY E 55 40.52 -34.61 -54.20
C GLY E 55 41.49 -35.39 -55.08
N GLY E 56 41.41 -35.20 -56.41
CA GLY E 56 42.39 -35.77 -57.33
C GLY E 56 42.18 -37.23 -57.69
N SER E 57 40.99 -37.78 -57.39
CA SER E 57 40.61 -39.13 -57.83
C SER E 57 40.64 -39.20 -59.35
N ALA E 58 41.16 -40.32 -59.89
CA ALA E 58 41.40 -40.50 -61.31
C ALA E 58 40.60 -41.69 -61.85
N TYR E 59 40.18 -41.56 -63.12
CA TYR E 59 39.45 -42.59 -63.85
C TYR E 59 40.12 -42.81 -65.21
N TYR E 60 40.31 -44.08 -65.58
CA TYR E 60 41.14 -44.48 -66.72
C TYR E 60 40.36 -45.38 -67.68
N ALA E 61 40.60 -45.17 -68.99
CA ALA E 61 40.26 -46.16 -70.00
C ALA E 61 41.06 -47.44 -69.75
N ASP E 62 40.42 -48.58 -70.04
CA ASP E 62 41.01 -49.91 -69.83
C ASP E 62 42.34 -50.06 -70.56
N SER E 63 42.44 -49.44 -71.75
CA SER E 63 43.58 -49.56 -72.67
C SER E 63 44.86 -48.92 -72.12
N VAL E 64 44.76 -48.08 -71.07
CA VAL E 64 45.91 -47.35 -70.56
C VAL E 64 46.19 -47.64 -69.08
N LYS E 65 45.33 -48.45 -68.43
CA LYS E 65 45.50 -48.83 -67.03
C LYS E 65 46.85 -49.52 -66.82
N GLY E 66 47.55 -49.12 -65.75
CA GLY E 66 48.86 -49.64 -65.40
C GLY E 66 50.01 -48.99 -66.17
N ARG E 67 49.68 -48.12 -67.15
CA ARG E 67 50.67 -47.52 -68.04
C ARG E 67 50.66 -46.00 -67.92
N PHE E 68 49.46 -45.40 -67.89
CA PHE E 68 49.33 -43.95 -67.86
C PHE E 68 48.89 -43.51 -66.48
N THR E 69 49.37 -42.32 -66.06
CA THR E 69 48.94 -41.67 -64.83
C THR E 69 48.52 -40.23 -65.15
N ILE E 70 47.30 -39.87 -64.73
CA ILE E 70 46.84 -38.49 -64.78
C ILE E 70 47.06 -37.88 -63.39
N SER E 71 47.49 -36.61 -63.37
CA SER E 71 47.76 -35.84 -62.16
C SER E 71 47.40 -34.37 -62.34
N ARG E 72 47.22 -33.64 -61.23
CA ARG E 72 46.86 -32.22 -61.29
C ARG E 72 47.66 -31.37 -60.31
N ASP E 73 48.03 -30.15 -60.77
CA ASP E 73 48.61 -29.09 -59.96
C ASP E 73 47.60 -27.95 -59.96
N LYS E 74 46.83 -27.84 -58.89
CA LYS E 74 45.76 -26.85 -58.73
C LYS E 74 46.31 -25.41 -58.86
N ALA E 75 47.43 -25.14 -58.16
CA ALA E 75 48.03 -23.82 -58.10
C ALA E 75 48.51 -23.33 -59.47
N LYS E 76 48.96 -24.28 -60.33
CA LYS E 76 49.42 -23.97 -61.68
C LYS E 76 48.29 -24.13 -62.70
N ASN E 77 47.11 -24.56 -62.25
CA ASN E 77 45.95 -24.82 -63.10
C ASN E 77 46.38 -25.68 -64.30
N THR E 78 47.12 -26.76 -64.02
CA THR E 78 47.69 -27.63 -65.04
C THR E 78 47.36 -29.09 -64.74
N VAL E 79 46.97 -29.84 -65.79
CA VAL E 79 46.80 -31.29 -65.75
C VAL E 79 47.91 -31.92 -66.59
N TYR E 80 48.35 -33.12 -66.15
CA TYR E 80 49.44 -33.87 -66.75
C TYR E 80 48.98 -35.28 -67.09
N LEU E 81 49.54 -35.84 -68.16
CA LEU E 81 49.41 -37.25 -68.46
C LEU E 81 50.82 -37.83 -68.60
N GLN E 82 51.19 -38.68 -67.64
CA GLN E 82 52.43 -39.45 -67.68
C GLN E 82 52.16 -40.73 -68.48
N MET E 83 52.79 -40.83 -69.65
CA MET E 83 52.50 -41.91 -70.59
C MET E 83 53.69 -42.86 -70.57
N ASN E 84 53.60 -43.93 -69.76
CA ASN E 84 54.68 -44.90 -69.63
C ASN E 84 54.39 -46.11 -70.52
N SER E 85 55.43 -46.92 -70.77
CA SER E 85 55.34 -48.16 -71.52
C SER E 85 54.59 -47.93 -72.85
N LEU E 86 55.04 -46.93 -73.62
CA LEU E 86 54.40 -46.52 -74.86
C LEU E 86 54.39 -47.66 -75.85
N LYS E 87 53.25 -47.81 -76.55
CA LYS E 87 53.02 -48.79 -77.60
C LYS E 87 52.58 -48.06 -78.86
N TYR E 88 52.74 -48.72 -80.03
CA TYR E 88 52.37 -48.13 -81.31
C TYR E 88 50.91 -47.65 -81.31
N GLU E 89 50.05 -48.39 -80.59
CA GLU E 89 48.62 -48.15 -80.40
C GLU E 89 48.34 -46.79 -79.74
N ASP E 90 49.35 -46.21 -79.07
CA ASP E 90 49.26 -44.94 -78.36
C ASP E 90 49.48 -43.74 -79.30
N THR E 91 49.96 -44.00 -80.53
CA THR E 91 50.12 -42.95 -81.54
C THR E 91 48.76 -42.32 -81.83
N ALA E 92 48.66 -41.00 -81.63
CA ALA E 92 47.43 -40.23 -81.76
C ALA E 92 47.69 -38.76 -81.46
N VAL E 93 46.74 -37.90 -81.85
CA VAL E 93 46.63 -36.54 -81.31
C VAL E 93 45.90 -36.64 -79.97
N TYR E 94 46.52 -36.08 -78.92
CA TYR E 94 46.00 -36.08 -77.56
C TYR E 94 45.39 -34.71 -77.26
N TYR E 95 44.15 -34.71 -76.74
CA TYR E 95 43.40 -33.50 -76.44
C TYR E 95 43.14 -33.40 -74.95
N CYS E 96 43.43 -32.22 -74.40
CA CYS E 96 43.02 -31.80 -73.07
C CYS E 96 41.57 -31.34 -73.10
N ALA E 97 40.82 -31.63 -72.02
CA ALA E 97 39.45 -31.18 -71.88
C ALA E 97 39.17 -30.75 -70.43
N ARG E 98 38.23 -29.82 -70.27
CA ARG E 98 37.87 -29.23 -69.00
C ARG E 98 36.34 -29.14 -68.90
N THR E 99 35.81 -29.31 -67.69
CA THR E 99 34.40 -29.10 -67.43
C THR E 99 34.22 -28.48 -66.04
N GLU E 100 33.13 -27.71 -65.88
CA GLU E 100 32.69 -27.19 -64.59
C GLU E 100 31.59 -28.08 -64.01
N TYR E 101 31.18 -29.12 -64.76
CA TYR E 101 30.13 -30.03 -64.33
C TYR E 101 30.66 -31.00 -63.27
N VAL E 102 30.08 -30.92 -62.06
CA VAL E 102 30.40 -31.79 -60.94
C VAL E 102 29.38 -32.92 -60.90
N SER E 103 29.83 -34.15 -61.21
CA SER E 103 29.06 -35.37 -60.99
C SER E 103 29.54 -36.04 -59.70
N TYR E 104 28.61 -36.60 -58.92
CA TYR E 104 28.93 -37.41 -57.76
C TYR E 104 29.74 -38.65 -58.17
N LEU E 105 29.61 -39.04 -59.45
CA LEU E 105 30.06 -40.33 -59.96
C LEU E 105 31.21 -40.11 -60.94
N LEU E 106 32.43 -40.49 -60.52
CA LEU E 106 33.65 -40.20 -61.25
C LEU E 106 33.62 -40.79 -62.66
N SER E 107 33.04 -41.99 -62.81
CA SER E 107 33.01 -42.70 -64.08
C SER E 107 32.25 -41.90 -65.15
N ASP E 108 31.39 -40.94 -64.74
CA ASP E 108 30.67 -40.09 -65.67
C ASP E 108 31.63 -39.26 -66.53
N TYR E 109 32.84 -38.98 -66.04
CA TYR E 109 33.82 -38.18 -66.76
C TYR E 109 34.36 -38.90 -68.01
N ALA E 110 34.11 -40.21 -68.13
CA ALA E 110 34.50 -40.99 -69.30
C ALA E 110 33.62 -40.67 -70.50
N THR E 111 32.36 -40.27 -70.24
CA THR E 111 31.32 -40.15 -71.27
C THR E 111 30.69 -38.75 -71.32
N TRP E 112 31.01 -37.90 -70.32
CA TRP E 112 30.50 -36.54 -70.26
C TRP E 112 31.01 -35.73 -71.45
N PRO E 113 30.16 -34.94 -72.16
CA PRO E 113 30.66 -34.04 -73.20
C PRO E 113 31.31 -32.86 -72.48
N TYR E 114 32.60 -32.63 -72.73
CA TYR E 114 33.33 -31.54 -72.10
C TYR E 114 33.09 -30.23 -72.85
N ASP E 115 33.21 -29.11 -72.10
CA ASP E 115 32.87 -27.76 -72.52
C ASP E 115 34.04 -27.10 -73.26
N TYR E 116 35.27 -27.37 -72.79
CA TYR E 116 36.49 -26.73 -73.29
C TYR E 116 37.49 -27.79 -73.74
N TRP E 117 38.17 -27.51 -74.86
CA TRP E 117 39.10 -28.41 -75.54
C TRP E 117 40.39 -27.67 -75.91
N GLY E 118 41.53 -28.36 -75.75
CA GLY E 118 42.82 -27.90 -76.27
C GLY E 118 42.91 -28.16 -77.78
N GLN E 119 44.02 -27.70 -78.39
CA GLN E 119 44.26 -27.74 -79.83
C GLN E 119 44.71 -29.14 -80.29
N GLY E 120 45.22 -29.95 -79.34
CA GLY E 120 45.71 -31.29 -79.60
C GLY E 120 47.22 -31.32 -79.75
N THR E 121 47.87 -32.36 -79.18
CA THR E 121 49.32 -32.57 -79.24
C THR E 121 49.60 -33.97 -79.78
N GLN E 122 50.44 -34.05 -80.82
CA GLN E 122 50.79 -35.32 -81.46
C GLN E 122 51.71 -36.11 -80.54
N VAL E 123 51.41 -37.41 -80.39
CA VAL E 123 52.32 -38.40 -79.82
C VAL E 123 52.54 -39.46 -80.90
N THR E 124 53.82 -39.73 -81.23
CA THR E 124 54.17 -40.74 -82.21
C THR E 124 55.12 -41.74 -81.56
N VAL E 125 54.70 -43.02 -81.54
CA VAL E 125 55.50 -44.10 -80.96
C VAL E 125 56.14 -44.88 -82.11
N SER E 126 57.48 -44.95 -82.11
CA SER E 126 58.29 -45.61 -83.13
C SER E 126 58.80 -46.96 -82.60
N SER E 127 59.42 -47.75 -83.50
CA SER E 127 59.91 -49.11 -83.21
C SER E 127 61.13 -49.11 -82.28
N VAL F 2 31.03 -79.26 5.39
CA VAL F 2 29.78 -79.88 4.83
C VAL F 2 30.06 -81.34 4.47
N GLN F 3 29.23 -82.24 5.00
CA GLN F 3 29.34 -83.66 4.71
C GLN F 3 28.02 -84.22 4.20
N LEU F 4 28.14 -85.14 3.23
CA LEU F 4 27.04 -85.94 2.71
C LEU F 4 27.21 -87.35 3.24
N VAL F 5 26.21 -87.81 4.02
CA VAL F 5 26.22 -89.09 4.71
C VAL F 5 25.13 -89.96 4.09
N GLU F 6 25.55 -90.99 3.35
CA GLU F 6 24.64 -91.90 2.68
C GLU F 6 24.34 -93.09 3.60
N SER F 7 23.19 -93.72 3.39
CA SER F 7 22.74 -94.90 4.11
C SER F 7 21.69 -95.63 3.28
N GLY F 8 21.28 -96.81 3.76
CA GLY F 8 20.38 -97.70 3.02
C GLY F 8 21.15 -98.51 1.97
N GLY F 9 20.39 -99.17 1.08
CA GLY F 9 20.95 -100.00 0.03
C GLY F 9 21.40 -101.35 0.57
N GLY F 10 22.50 -101.87 0.00
CA GLY F 10 22.99 -103.21 0.28
C GLY F 10 22.42 -104.22 -0.71
N LEU F 11 22.19 -105.45 -0.22
CA LEU F 11 21.81 -106.61 -1.02
C LEU F 11 20.29 -106.68 -1.13
N MET F 12 19.79 -106.95 -2.36
CA MET F 12 18.38 -107.19 -2.63
C MET F 12 18.26 -108.07 -3.88
N GLN F 13 17.30 -109.00 -3.88
CA GLN F 13 17.02 -109.83 -5.05
C GLN F 13 16.34 -108.99 -6.12
N ALA F 14 16.63 -109.31 -7.40
CA ALA F 14 16.03 -108.69 -8.58
C ALA F 14 14.50 -108.63 -8.44
N GLY F 15 13.92 -107.50 -8.87
CA GLY F 15 12.49 -107.25 -8.77
C GLY F 15 12.09 -106.50 -7.50
N GLY F 16 12.97 -106.55 -6.47
CA GLY F 16 12.76 -105.89 -5.20
C GLY F 16 12.98 -104.37 -5.26
N SER F 17 12.81 -103.71 -4.10
CA SER F 17 12.94 -102.27 -3.97
C SER F 17 13.85 -101.96 -2.77
N LEU F 18 14.74 -100.96 -2.93
CA LEU F 18 15.58 -100.42 -1.87
C LEU F 18 15.44 -98.91 -1.87
N ARG F 19 15.66 -98.29 -0.70
CA ARG F 19 15.72 -96.84 -0.59
C ARG F 19 17.09 -96.41 -0.07
N LEU F 20 17.74 -95.50 -0.79
CA LEU F 20 18.95 -94.83 -0.35
C LEU F 20 18.57 -93.49 0.25
N SER F 21 19.31 -93.10 1.31
CA SER F 21 19.23 -91.80 1.96
C SER F 21 20.57 -91.10 1.87
N CYS F 22 20.53 -89.77 1.79
CA CYS F 22 21.74 -88.98 1.90
C CYS F 22 21.43 -87.70 2.67
N ALA F 23 21.99 -87.60 3.88
CA ALA F 23 21.79 -86.48 4.80
C ALA F 23 22.96 -85.51 4.67
N VAL F 24 22.63 -84.22 4.57
CA VAL F 24 23.59 -83.12 4.52
C VAL F 24 23.74 -82.58 5.94
N SER F 25 24.98 -82.61 6.45
CA SER F 25 25.34 -82.06 7.76
C SER F 25 26.32 -80.91 7.58
N GLY F 26 26.41 -80.04 8.59
CA GLY F 26 27.26 -78.86 8.54
C GLY F 26 26.52 -77.65 7.96
N ARG F 27 27.03 -76.44 8.25
CA ARG F 27 26.41 -75.18 7.87
C ARG F 27 26.49 -75.00 6.36
N THR F 28 25.29 -74.88 5.75
CA THR F 28 25.10 -74.59 4.33
C THR F 28 24.52 -73.18 4.20
N PHE F 29 24.98 -72.45 3.18
CA PHE F 29 24.46 -71.13 2.82
C PHE F 29 23.13 -71.31 2.09
N SER F 30 23.08 -72.32 1.21
CA SER F 30 21.99 -72.62 0.27
C SER F 30 22.27 -73.96 -0.40
N THR F 31 21.21 -74.65 -0.84
CA THR F 31 21.29 -75.84 -1.69
C THR F 31 20.47 -75.58 -2.96
N ALA F 32 21.07 -75.78 -4.14
CA ALA F 32 20.36 -75.63 -5.40
C ALA F 32 19.71 -76.95 -5.80
N ALA F 33 20.49 -78.04 -5.76
CA ALA F 33 20.05 -79.33 -6.24
C ALA F 33 20.88 -80.43 -5.56
N MET F 34 20.28 -81.62 -5.48
CA MET F 34 20.92 -82.85 -5.07
C MET F 34 20.83 -83.86 -6.21
N GLY F 35 21.79 -84.79 -6.28
CA GLY F 35 21.82 -85.81 -7.32
C GLY F 35 22.32 -87.13 -6.78
N TRP F 36 21.97 -88.21 -7.49
CA TRP F 36 22.50 -89.54 -7.32
C TRP F 36 23.25 -89.92 -8.60
N PHE F 37 24.45 -90.49 -8.41
CA PHE F 37 25.30 -91.08 -9.44
C PHE F 37 25.62 -92.51 -9.03
N ARG F 38 26.11 -93.32 -9.97
CA ARG F 38 26.52 -94.68 -9.65
C ARG F 38 27.75 -95.05 -10.48
N GLN F 39 28.59 -95.93 -9.91
CA GLN F 39 29.77 -96.47 -10.55
C GLN F 39 29.78 -97.99 -10.36
N ALA F 40 29.57 -98.72 -11.46
CA ALA F 40 29.68 -100.17 -11.51
C ALA F 40 31.15 -100.54 -11.69
N PRO F 41 31.62 -101.72 -11.19
CA PRO F 41 33.06 -102.05 -11.22
C PRO F 41 33.63 -101.94 -12.63
N GLY F 42 34.75 -101.22 -12.77
CA GLY F 42 35.49 -101.07 -14.02
C GLY F 42 34.85 -100.11 -15.01
N LYS F 43 33.70 -99.51 -14.65
CA LYS F 43 32.94 -98.62 -15.52
C LYS F 43 33.02 -97.18 -15.01
N GLU F 44 32.67 -96.22 -15.87
CA GLU F 44 32.64 -94.80 -15.54
C GLU F 44 31.45 -94.53 -14.62
N ARG F 45 31.63 -93.56 -13.71
CA ARG F 45 30.56 -93.02 -12.89
C ARG F 45 29.53 -92.35 -13.81
N GLU F 46 28.25 -92.56 -13.50
CA GLU F 46 27.16 -92.30 -14.41
C GLU F 46 26.03 -91.62 -13.63
N PHE F 47 25.42 -90.58 -14.23
CA PHE F 47 24.27 -89.88 -13.67
C PHE F 47 23.08 -90.81 -13.53
N VAL F 48 22.34 -90.68 -12.41
CA VAL F 48 21.13 -91.45 -12.13
C VAL F 48 19.91 -90.52 -12.06
N ALA F 49 19.95 -89.53 -11.16
CA ALA F 49 18.79 -88.66 -10.92
C ALA F 49 19.23 -87.38 -10.21
N ALA F 50 18.49 -86.29 -10.47
CA ALA F 50 18.68 -85.00 -9.81
C ALA F 50 17.32 -84.44 -9.39
N ILE F 51 17.33 -83.62 -8.34
CA ILE F 51 16.15 -82.95 -7.83
C ILE F 51 16.53 -81.52 -7.47
N ARG F 52 15.72 -80.56 -7.93
CA ARG F 52 15.89 -79.18 -7.50
C ARG F 52 15.34 -79.03 -6.08
N TRP F 53 16.15 -78.41 -5.21
CA TRP F 53 15.78 -78.22 -3.82
C TRP F 53 14.49 -77.40 -3.71
N SER F 54 14.44 -76.28 -4.44
CA SER F 54 13.24 -75.47 -4.59
C SER F 54 12.30 -76.10 -5.62
N GLY F 55 11.09 -76.46 -5.17
CA GLY F 55 10.04 -76.93 -6.07
C GLY F 55 10.01 -78.46 -6.22
N GLY F 56 11.19 -79.10 -6.18
CA GLY F 56 11.27 -80.56 -6.15
C GLY F 56 11.12 -81.25 -7.50
N SER F 57 11.24 -80.49 -8.60
CA SER F 57 11.27 -81.06 -9.95
C SER F 57 12.47 -82.01 -10.07
N ALA F 58 12.25 -83.16 -10.75
CA ALA F 58 13.21 -84.25 -10.83
C ALA F 58 13.59 -84.53 -12.28
N TYR F 59 14.86 -84.92 -12.49
CA TYR F 59 15.42 -85.28 -13.78
C TYR F 59 16.12 -86.64 -13.66
N TYR F 60 15.87 -87.53 -14.62
CA TYR F 60 16.26 -88.94 -14.55
C TYR F 60 17.07 -89.36 -15.78
N ALA F 61 18.09 -90.21 -15.55
CA ALA F 61 18.71 -90.98 -16.61
C ALA F 61 17.67 -91.91 -17.22
N ASP F 62 17.77 -92.14 -18.53
CA ASP F 62 16.85 -92.97 -19.30
C ASP F 62 16.76 -94.39 -18.73
N SER F 63 17.90 -94.89 -18.22
CA SER F 63 18.06 -96.26 -17.73
C SER F 63 17.25 -96.55 -16.47
N VAL F 64 16.75 -95.50 -15.77
CA VAL F 64 16.08 -95.68 -14.49
C VAL F 64 14.65 -95.13 -14.50
N LYS F 65 14.23 -94.49 -15.62
CA LYS F 65 12.88 -93.94 -15.77
C LYS F 65 11.84 -95.03 -15.57
N GLY F 66 10.79 -94.70 -14.79
CA GLY F 66 9.71 -95.61 -14.46
C GLY F 66 10.04 -96.60 -13.34
N ARG F 67 11.29 -96.57 -12.86
CA ARG F 67 11.76 -97.53 -11.86
C ARG F 67 12.22 -96.81 -10.59
N PHE F 68 12.98 -95.72 -10.75
CA PHE F 68 13.55 -95.01 -9.62
C PHE F 68 12.79 -93.70 -9.43
N THR F 69 12.66 -93.27 -8.16
CA THR F 69 12.12 -91.98 -7.78
C THR F 69 13.09 -91.27 -6.84
N ILE F 70 13.46 -90.03 -7.20
CA ILE F 70 14.21 -89.16 -6.32
C ILE F 70 13.22 -88.24 -5.62
N SER F 71 13.46 -87.98 -4.32
CA SER F 71 12.64 -87.13 -3.48
C SER F 71 13.50 -86.36 -2.46
N ARG F 72 12.95 -85.28 -1.90
CA ARG F 72 13.69 -84.46 -0.93
C ARG F 72 12.83 -84.07 0.28
N ASP F 73 13.47 -84.08 1.47
CA ASP F 73 12.93 -83.54 2.71
C ASP F 73 13.83 -82.37 3.09
N LYS F 74 13.36 -81.14 2.80
CA LYS F 74 14.09 -79.91 3.04
C LYS F 74 14.46 -79.75 4.52
N ALA F 75 13.47 -79.99 5.41
CA ALA F 75 13.62 -79.81 6.85
C ALA F 75 14.68 -80.74 7.44
N LYS F 76 14.81 -81.95 6.88
CA LYS F 76 15.80 -82.93 7.32
C LYS F 76 17.10 -82.83 6.49
N ASN F 77 17.13 -81.93 5.50
CA ASN F 77 18.26 -81.76 4.60
C ASN F 77 18.72 -83.11 4.07
N THR F 78 17.75 -83.92 3.59
CA THR F 78 17.99 -85.29 3.14
C THR F 78 17.36 -85.50 1.75
N VAL F 79 18.12 -86.17 0.87
CA VAL F 79 17.65 -86.65 -0.42
C VAL F 79 17.57 -88.17 -0.37
N TYR F 80 16.58 -88.72 -1.09
CA TYR F 80 16.27 -90.14 -1.14
C TYR F 80 16.25 -90.64 -2.59
N LEU F 81 16.65 -91.89 -2.79
CA LEU F 81 16.44 -92.58 -4.06
C LEU F 81 15.68 -93.87 -3.76
N GLN F 82 14.41 -93.92 -4.20
CA GLN F 82 13.59 -95.12 -4.16
C GLN F 82 13.89 -95.94 -5.41
N MET F 83 14.51 -97.10 -5.21
CA MET F 83 15.00 -97.92 -6.31
C MET F 83 14.08 -99.14 -6.44
N ASN F 84 13.08 -99.04 -7.33
CA ASN F 84 12.12 -100.12 -7.54
C ASN F 84 12.54 -100.95 -8.74
N SER F 85 11.96 -102.16 -8.84
CA SER F 85 12.16 -103.07 -9.97
C SER F 85 13.65 -103.24 -10.26
N LEU F 86 14.42 -103.57 -9.22
CA LEU F 86 15.87 -103.69 -9.29
C LEU F 86 16.27 -104.76 -10.30
N LYS F 87 17.31 -104.44 -11.09
CA LYS F 87 17.89 -105.33 -12.09
C LYS F 87 19.39 -105.47 -11.78
N TYR F 88 20.02 -106.54 -12.31
CA TYR F 88 21.44 -106.79 -12.09
C TYR F 88 22.29 -105.59 -12.52
N GLU F 89 21.84 -104.88 -13.57
CA GLU F 89 22.44 -103.68 -14.15
C GLU F 89 22.53 -102.53 -13.15
N ASP F 90 21.74 -102.59 -12.07
CA ASP F 90 21.68 -101.56 -11.03
C ASP F 90 22.76 -101.75 -9.97
N THR F 91 23.44 -102.92 -9.97
CA THR F 91 24.56 -103.18 -9.06
C THR F 91 25.66 -102.15 -9.31
N ALA F 92 26.02 -101.40 -8.26
CA ALA F 92 26.98 -100.31 -8.32
C ALA F 92 27.15 -99.70 -6.93
N VAL F 93 28.22 -98.90 -6.77
CA VAL F 93 28.34 -97.93 -5.68
C VAL F 93 27.56 -96.69 -6.09
N TYR F 94 26.63 -96.26 -5.23
CA TYR F 94 25.79 -95.09 -5.45
C TYR F 94 26.33 -93.92 -4.64
N TYR F 95 26.49 -92.75 -5.30
CA TYR F 95 27.04 -91.56 -4.70
C TYR F 95 25.99 -90.44 -4.70
N CYS F 96 25.84 -89.83 -3.53
CA CYS F 96 25.11 -88.58 -3.33
C CYS F 96 25.99 -87.41 -3.77
N ALA F 97 25.36 -86.38 -4.37
CA ALA F 97 26.04 -85.15 -4.75
C ALA F 97 25.15 -83.93 -4.48
N ARG F 98 25.81 -82.80 -4.22
CA ARG F 98 25.17 -81.55 -3.86
C ARG F 98 25.83 -80.41 -4.63
N THR F 99 25.04 -79.39 -5.01
CA THR F 99 25.56 -78.18 -5.61
C THR F 99 24.75 -76.98 -5.11
N GLU F 100 25.41 -75.81 -5.09
CA GLU F 100 24.76 -74.53 -4.83
C GLU F 100 24.47 -73.81 -6.16
N TYR F 101 24.88 -74.41 -7.28
CA TYR F 101 24.68 -73.83 -8.60
C TYR F 101 23.23 -73.98 -9.05
N VAL F 102 22.56 -72.83 -9.24
CA VAL F 102 21.18 -72.77 -9.72
C VAL F 102 21.21 -72.52 -11.23
N SER F 103 20.80 -73.53 -12.01
CA SER F 103 20.54 -73.38 -13.44
C SER F 103 19.04 -73.25 -13.67
N TYR F 104 18.64 -72.38 -14.61
CA TYR F 104 17.25 -72.27 -15.04
C TYR F 104 16.77 -73.59 -15.65
N LEU F 105 17.72 -74.42 -16.11
CA LEU F 105 17.46 -75.58 -16.95
C LEU F 105 17.79 -76.86 -16.17
N LEU F 106 16.75 -77.60 -15.79
CA LEU F 106 16.87 -78.76 -14.91
C LEU F 106 17.81 -79.82 -15.48
N SER F 107 17.77 -80.02 -16.80
CA SER F 107 18.56 -81.04 -17.47
C SER F 107 20.06 -80.81 -17.29
N ASP F 108 20.47 -79.58 -16.95
CA ASP F 108 21.87 -79.25 -16.69
C ASP F 108 22.43 -80.07 -15.52
N TYR F 109 21.56 -80.50 -14.59
CA TYR F 109 21.97 -81.26 -13.42
C TYR F 109 22.47 -82.67 -13.77
N ALA F 110 22.21 -83.12 -15.01
CA ALA F 110 22.69 -84.41 -15.49
C ALA F 110 24.19 -84.38 -15.79
N THR F 111 24.72 -83.19 -16.14
CA THR F 111 26.07 -83.03 -16.67
C THR F 111 26.90 -82.03 -15.86
N TRP F 112 26.27 -81.30 -14.93
CA TRP F 112 26.95 -80.34 -14.08
C TRP F 112 27.97 -81.04 -13.19
N PRO F 113 29.21 -80.54 -13.06
CA PRO F 113 30.15 -81.10 -12.08
C PRO F 113 29.71 -80.62 -10.70
N TYR F 114 29.39 -81.57 -9.81
CA TYR F 114 28.95 -81.23 -8.47
C TYR F 114 30.14 -80.96 -7.55
N ASP F 115 29.89 -80.13 -6.52
CA ASP F 115 30.87 -79.56 -5.60
C ASP F 115 31.16 -80.52 -4.45
N TYR F 116 30.12 -81.21 -3.96
CA TYR F 116 30.18 -82.07 -2.78
C TYR F 116 29.70 -83.48 -3.13
N TRP F 117 30.39 -84.49 -2.57
CA TRP F 117 30.17 -85.90 -2.84
C TRP F 117 30.13 -86.70 -1.53
N GLY F 118 29.22 -87.68 -1.46
CA GLY F 118 29.20 -88.67 -0.39
C GLY F 118 30.27 -89.74 -0.61
N GLN F 119 30.41 -90.65 0.36
CA GLN F 119 31.44 -91.69 0.40
C GLN F 119 31.10 -92.86 -0.54
N GLY F 120 29.80 -92.99 -0.89
CA GLY F 120 29.30 -94.05 -1.74
C GLY F 120 28.70 -95.20 -0.93
N THR F 121 27.57 -95.75 -1.40
CA THR F 121 26.85 -96.86 -0.78
C THR F 121 26.65 -97.98 -1.81
N GLN F 122 27.07 -99.21 -1.47
CA GLN F 122 26.95 -100.36 -2.36
C GLN F 122 25.50 -100.80 -2.45
N VAL F 123 25.04 -101.04 -3.69
CA VAL F 123 23.80 -101.76 -3.96
C VAL F 123 24.18 -102.99 -4.79
N THR F 124 23.75 -104.17 -4.32
CA THR F 124 24.01 -105.43 -5.01
C THR F 124 22.67 -106.11 -5.27
N VAL F 125 22.39 -106.35 -6.56
CA VAL F 125 21.17 -107.02 -6.98
C VAL F 125 21.50 -108.47 -7.33
N SER F 126 20.85 -109.42 -6.64
CA SER F 126 21.05 -110.85 -6.79
C SER F 126 19.90 -111.47 -7.61
N SER F 127 20.06 -112.76 -7.97
CA SER F 127 19.09 -113.52 -8.77
C SER F 127 17.79 -113.82 -8.01
C1 NAG G . -54.88 -13.82 -33.39
C2 NAG G . -56.21 -14.52 -33.27
C3 NAG G . -56.07 -16.02 -33.14
C4 NAG G . -54.65 -16.59 -33.39
C5 NAG G . -53.63 -15.67 -34.08
C6 NAG G . -52.99 -16.32 -35.30
C7 NAG G . -58.03 -13.20 -32.30
C8 NAG G . -58.71 -13.19 -33.65
N2 NAG G . -56.95 -13.97 -32.15
O3 NAG G . -56.97 -16.66 -34.05
O4 NAG G . -54.11 -17.07 -32.16
O5 NAG G . -54.19 -14.42 -34.48
O6 NAG G . -53.41 -17.69 -35.39
O7 NAG G . -58.46 -12.53 -31.38
C1 NAG G . -54.42 -18.47 -32.05
C2 NAG G . -53.16 -19.34 -31.90
C3 NAG G . -53.52 -20.82 -31.83
C4 NAG G . -54.66 -21.09 -30.86
C5 NAG G . -55.81 -20.09 -31.06
C6 NAG G . -56.92 -20.26 -30.02
C7 NAG G . -51.11 -18.51 -32.87
C8 NAG G . -49.98 -18.99 -33.74
N2 NAG G . -52.26 -19.15 -33.02
O3 NAG G . -52.36 -21.53 -31.41
O4 NAG G . -55.14 -22.42 -31.07
O5 NAG G . -55.32 -18.75 -30.97
O6 NAG G . -56.33 -20.55 -28.74
O7 NAG G . -50.98 -17.60 -32.07
C1 NAG H . -26.37 -6.41 -38.37
C2 NAG H . -24.87 -6.30 -38.05
C3 NAG H . -24.01 -6.13 -39.31
C4 NAG H . -24.67 -5.21 -40.35
C5 NAG H . -26.14 -5.60 -40.60
C6 NAG H . -26.36 -6.00 -42.05
C7 NAG H . -24.54 -5.32 -35.86
C8 NAG H . -24.88 -4.10 -35.04
N2 NAG H . -24.65 -5.17 -37.18
O3 NAG H . -23.77 -7.42 -39.90
O4 NAG H . -24.63 -3.86 -39.89
O5 NAG H . -26.50 -6.70 -39.76
O6 NAG H . -25.90 -4.95 -42.93
O7 NAG H . -24.19 -6.37 -35.34
C1 NAG H . -23.85 -3.06 -40.79
C2 NAG H . -24.63 -1.79 -41.14
C3 NAG H . -23.82 -0.79 -41.96
C4 NAG H . -22.39 -0.64 -41.45
C5 NAG H . -21.75 -2.00 -41.12
C6 NAG H . -20.41 -1.82 -40.42
C7 NAG H . -27.04 -1.66 -41.54
C8 NAG H . -28.19 -2.22 -42.34
N2 NAG H . -25.83 -2.13 -41.87
O3 NAG H . -24.44 0.49 -41.87
O4 NAG H . -21.60 0.02 -42.43
O5 NAG H . -22.59 -2.72 -40.22
O6 NAG H . -20.41 -0.58 -39.70
O7 NAG H . -27.20 -0.82 -40.67
C1 NAG I . -48.17 2.80 -0.92
C2 NAG I . -48.46 4.27 -1.19
C3 NAG I . -49.58 4.78 -0.30
C4 NAG I . -50.78 3.82 -0.30
C5 NAG I . -50.33 2.37 -0.09
C6 NAG I . -51.46 1.34 -0.18
C7 NAG I . -46.75 5.79 -1.94
C8 NAG I . -46.19 7.11 -1.52
N2 NAG I . -47.26 5.06 -0.96
O3 NAG I . -49.97 6.07 -0.77
O4 NAG I . -51.72 4.20 0.71
O5 NAG I . -49.37 2.04 -1.09
O6 NAG I . -52.18 1.51 -1.40
O7 NAG I . -46.75 5.43 -3.10
C1 NAG I . -52.93 4.65 0.09
C2 NAG I . -54.10 4.54 1.07
C3 NAG I . -55.41 4.98 0.42
C4 NAG I . -55.27 6.30 -0.36
C5 NAG I . -53.98 6.33 -1.21
C6 NAG I . -53.74 7.70 -1.81
C7 NAG I . -53.93 2.83 2.78
C8 NAG I . -53.95 1.36 3.06
N2 NAG I . -54.22 3.18 1.53
O3 NAG I . -56.40 5.12 1.43
O4 NAG I . -56.41 6.44 -1.20
O5 NAG I . -52.86 5.99 -0.39
O6 NAG I . -52.33 7.97 -1.79
O7 NAG I . -53.67 3.65 3.64
C1 NAG J . 16.80 16.91 -41.30
C2 NAG J . 18.02 17.41 -40.52
C3 NAG J . 18.18 18.92 -40.53
C4 NAG J . 17.43 19.68 -41.62
C5 NAG J . 16.43 18.87 -42.49
C6 NAG J . 16.31 19.44 -43.89
C7 NAG J . 18.81 16.18 -38.56
C8 NAG J . 18.29 14.97 -37.85
N2 NAG J . 17.90 16.96 -39.14
O3 NAG J . 19.58 19.21 -40.64
O4 NAG J . 16.75 20.77 -41.01
O5 NAG J . 16.84 17.52 -42.59
O6 NAG J . 17.55 20.03 -44.29
O7 NAG J . 20.01 16.46 -38.59
C1 NAG J . 17.49 21.98 -41.25
C2 NAG J . 16.57 23.16 -41.53
C3 NAG J . 17.39 24.42 -41.86
C4 NAG J . 18.49 24.64 -40.81
C5 NAG J . 19.26 23.35 -40.50
C6 NAG J . 20.23 23.53 -39.34
C7 NAG J . 14.38 22.65 -42.40
C8 NAG J . 13.47 23.31 -43.40
N2 NAG J . 15.67 22.85 -42.61
O3 NAG J . 16.52 25.54 -41.85
O4 NAG J . 19.40 25.63 -41.28
O5 NAG J . 18.35 22.31 -40.16
O6 NAG J . 19.59 24.28 -38.30
O7 NAG J . 13.93 21.98 -41.47
C1 NAG K . -32.86 55.42 26.36
C2 NAG K . -34.04 56.38 26.26
C3 NAG K . -35.35 55.61 26.49
C4 NAG K . -35.44 54.41 25.54
C5 NAG K . -34.13 53.61 25.46
C6 NAG K . -34.10 52.60 24.31
C7 NAG K . -33.63 58.67 26.78
C8 NAG K . -32.72 59.47 27.67
N2 NAG K . -33.90 57.45 27.21
O3 NAG K . -36.43 56.51 26.27
O4 NAG K . -36.47 53.52 26.00
O5 NAG K . -33.01 54.47 25.28
O6 NAG K . -34.58 53.24 23.13
O7 NAG K . -34.08 59.13 25.75
C1 NAG K . -37.60 53.57 25.12
C2 NAG K . -38.33 52.23 25.15
C3 NAG K . -39.54 52.26 24.22
C4 NAG K . -40.40 53.53 24.37
C5 NAG K . -39.53 54.79 24.49
C6 NAG K . -40.36 56.00 24.90
C7 NAG K . -37.31 50.05 25.47
C8 NAG K . -37.03 48.81 24.66
N2 NAG K . -37.43 51.18 24.75
O3 NAG K . -40.35 51.11 24.47
O4 NAG K . -41.24 53.62 23.23
O5 NAG K . -38.52 54.60 25.47
O6 NAG K . -39.82 56.56 26.10
O7 NAG K . -37.43 50.01 26.67
C1 NAG L . -42.79 36.91 31.58
C2 NAG L . -43.94 36.56 32.53
C3 NAG L . -45.11 35.87 31.84
C4 NAG L . -45.07 35.74 30.30
C5 NAG L . -43.70 36.05 29.68
C6 NAG L . -43.77 36.26 28.17
C7 NAG L . -43.20 36.18 34.79
C8 NAG L . -42.11 35.45 35.56
N2 NAG L . -43.42 35.69 33.56
O3 NAG L . -46.32 36.54 32.20
O4 NAG L . -45.43 34.40 29.93
O5 NAG L . -43.25 37.26 30.28
O6 NAG L . -42.45 36.35 27.64
O7 NAG L . -43.81 37.13 35.27
C1 NAG L . -46.78 34.43 29.42
C2 NAG L . -46.99 33.32 28.40
C3 NAG L . -48.40 33.37 27.82
C4 NAG L . -49.49 33.65 28.87
C5 NAG L . -49.04 34.68 29.93
C6 NAG L . -50.01 34.76 31.10
C7 NAG L . -45.09 32.54 27.11
C8 NAG L . -44.82 32.17 25.67
N2 NAG L . -46.03 33.46 27.32
O3 NAG L . -48.67 32.13 27.18
O4 NAG L . -50.65 34.13 28.19
O5 NAG L . -47.76 34.30 30.43
O6 NAG L . -49.32 35.34 32.21
O7 NAG L . -44.48 32.01 28.02
C1 NAG M . -24.51 74.06 30.40
C2 NAG M . -25.77 74.79 29.91
C3 NAG M . -25.90 76.05 30.71
C4 NAG M . -26.13 75.70 32.18
C5 NAG M . -25.32 74.50 32.68
C6 NAG M . -26.18 73.72 33.68
C7 NAG M . -26.54 74.55 27.63
C8 NAG M . -26.16 74.81 26.20
N2 NAG M . -25.73 75.13 28.52
O3 NAG M . -26.98 76.81 30.17
O4 NAG M . -25.84 76.83 33.00
O5 NAG M . -24.87 73.54 31.69
O6 NAG M . -27.56 73.87 33.35
O7 NAG M . -27.49 73.86 27.96
C1 NAG M . -27.08 77.42 33.41
C2 NAG M . -27.02 77.96 34.84
C3 NAG M . -28.38 78.50 35.27
C4 NAG M . -29.14 79.28 34.19
C5 NAG M . -28.96 78.65 32.80
C6 NAG M . -29.51 79.53 31.68
C7 NAG M . -25.53 76.99 36.49
C8 NAG M . -24.85 75.68 36.79
N2 NAG M . -26.63 76.90 35.75
O3 NAG M . -28.20 79.34 36.42
O4 NAG M . -30.51 79.32 34.56
O5 NAG M . -27.57 78.43 32.56
O6 NAG M . -29.23 78.90 30.42
O7 NAG M . -25.11 78.06 36.90
C1 NAG N . -6.34 81.26 32.34
C2 NAG N . -5.93 81.12 30.86
C3 NAG N . -4.64 81.85 30.50
C4 NAG N . -4.35 83.11 31.32
C5 NAG N . -4.91 83.05 32.75
C6 NAG N . -4.87 84.39 33.47
C7 NAG N . -6.56 79.05 29.72
C8 NAG N . -5.87 78.59 28.46
N2 NAG N . -5.77 79.71 30.57
O3 NAG N . -4.73 82.20 29.11
O4 NAG N . -2.94 83.28 31.37
O5 NAG N . -6.27 82.64 32.69
O6 NAG N . -5.27 85.44 32.58
O7 NAG N . -7.75 78.86 29.95
C1 NAG N . -2.53 84.39 30.54
C2 NAG N . -1.26 85.03 31.10
C3 NAG N . -0.86 86.25 30.29
C4 NAG N . -0.89 85.97 28.79
C5 NAG N . -2.16 85.22 28.37
C6 NAG N . -2.13 84.81 26.90
C7 NAG N . -0.92 84.75 33.51
C8 NAG N . -0.54 85.60 34.69
N2 NAG N . -1.48 85.40 32.48
O3 NAG N . 0.45 86.66 30.68
O4 NAG N . -0.80 87.20 28.08
O5 NAG N . -2.32 84.05 29.17
O6 NAG N . -0.78 84.48 26.54
O7 NAG N . -0.73 83.54 33.50
C1 NAG O . -12.74 32.45 61.89
C2 NAG O . -13.25 32.52 63.33
C3 NAG O . -12.16 32.11 64.32
C4 NAG O . -11.29 30.93 63.85
C5 NAG O . -11.13 30.83 62.33
C6 NAG O . -10.69 29.45 61.86
C7 NAG O . -15.05 34.08 63.78
C8 NAG O . -15.64 35.26 63.04
N2 NAG O . -13.72 33.85 63.63
O3 NAG O . -12.85 31.74 65.52
O4 NAG O . -9.97 31.04 64.42
O5 NAG O . -12.35 31.11 61.69
O6 NAG O . -10.32 29.53 60.49
O7 NAG O . -15.76 33.35 64.48
C1 NAG O . -9.91 30.23 65.62
C2 NAG O . -8.61 29.43 65.68
C3 NAG O . -8.54 28.57 66.94
C4 NAG O . -8.96 29.35 68.19
C5 NAG O . -10.24 30.16 67.95
C6 NAG O . -10.58 31.03 69.15
C7 NAG O . -7.35 28.52 63.82
C8 NAG O . -7.35 27.55 62.68
N2 NAG O . -8.48 28.57 64.53
O3 NAG O . -7.21 28.10 67.12
O4 NAG O . -9.16 28.44 69.27
O5 NAG O . -10.05 31.00 66.80
O6 NAG O . -9.41 31.75 69.55
O7 NAG O . -6.36 29.19 64.09
C1 NAG P . 8.24 25.87 58.82
C2 NAG P . 9.57 26.49 59.25
C3 NAG P . 10.30 25.63 60.28
C4 NAG P . 9.91 24.15 60.14
C5 NAG P . 8.39 23.92 60.09
C6 NAG P . 7.85 23.18 61.31
C7 NAG P . 10.98 27.79 57.81
C8 NAG P . 12.48 27.81 57.74
N2 NAG P . 10.40 26.61 58.08
O3 NAG P . 9.94 26.11 61.59
O4 NAG P . 10.51 23.63 58.95
O5 NAG P . 7.68 25.16 59.94
O6 NAG P . 8.91 22.43 61.89
O7 NAG P . 10.35 28.83 57.64
C1 NAG P . 11.45 22.63 59.34
C2 NAG P . 11.38 21.44 58.38
C3 NAG P . 12.26 20.32 58.91
C4 NAG P . 13.68 20.82 59.20
C5 NAG P . 13.67 22.14 59.98
C6 NAG P . 15.06 22.76 60.05
C7 NAG P . 9.36 21.17 57.07
C8 NAG P . 9.30 19.99 56.15
N2 NAG P . 10.02 20.98 58.22
O3 NAG P . 12.34 19.28 57.94
O4 NAG P . 14.37 19.81 59.94
O5 NAG P . 12.78 23.10 59.40
O6 NAG P . 15.08 23.71 61.12
O7 NAG P . 8.83 22.24 56.80
C1 NAG Q . -27.10 45.69 66.24
C2 NAG Q . -27.68 45.23 67.57
C3 NAG Q . -27.78 46.38 68.56
C4 NAG Q . -26.55 47.31 68.54
C5 NAG Q . -25.89 47.47 67.15
C6 NAG Q . -24.47 48.02 67.26
C7 NAG Q . -29.23 43.38 67.34
C8 NAG Q . -30.67 42.96 67.18
N2 NAG Q . -29.00 44.69 67.34
O3 NAG Q . -27.91 45.82 69.87
O4 NAG Q . -26.94 48.62 68.96
O5 NAG Q . -25.79 46.20 66.49
O6 NAG Q . -23.83 47.51 68.43
O7 NAG Q . -28.34 42.55 67.47
C1 NAG Q . -26.46 48.83 70.31
C2 NAG Q . -26.12 50.30 70.55
C3 NAG Q . -25.59 50.52 71.97
C4 NAG Q . -26.30 49.70 73.05
C5 NAG Q . -26.61 48.27 72.57
C6 NAG Q . -27.43 47.47 73.56
C7 NAG Q . -25.21 51.84 68.90
C8 NAG Q . -24.26 51.95 67.75
N2 NAG Q . -25.10 50.71 69.61
O3 NAG Q . -25.68 51.91 72.28
O4 NAG Q . -25.46 49.68 74.21
O5 NAG Q . -27.32 48.34 71.34
O6 NAG Q . -27.85 46.25 72.93
O7 NAG Q . -26.02 52.70 69.17
C1 NAG R . -39.28 58.37 55.66
C2 NAG R . -40.69 58.09 56.22
C3 NAG R . -41.58 59.33 56.25
C4 NAG R . -41.31 60.28 55.07
C5 NAG R . -39.82 60.50 54.80
C6 NAG R . -39.45 61.98 54.85
C7 NAG R . -41.17 55.79 55.57
C8 NAG R . -40.97 54.95 54.33
N2 NAG R . -41.34 57.09 55.38
O3 NAG R . -41.36 60.05 57.47
O4 NAG R . -41.93 59.80 53.87
O5 NAG R . -39.05 59.78 55.76
O6 NAG R . -40.64 62.76 54.97
O7 NAG R . -41.15 55.30 56.69
C1 NAG R . -43.21 60.41 53.74
C2 NAG R . -43.32 61.17 52.42
C3 NAG R . -44.67 61.87 52.32
C4 NAG R . -45.81 60.92 52.62
C5 NAG R . -45.55 60.08 53.87
C6 NAG R . -46.59 58.97 54.02
C7 NAG R . -41.32 62.03 51.33
C8 NAG R . -40.84 63.31 50.72
N2 NAG R . -42.26 62.14 52.28
O3 NAG R . -44.82 62.40 51.00
O4 NAG R . -47.01 61.67 52.80
O5 NAG R . -44.27 59.45 53.81
O6 NAG R . -47.04 58.57 52.72
O7 NAG R . -40.86 60.94 50.99
C1 NAG S . 43.45 6.33 -40.72
C2 NAG S . 43.05 7.21 -41.90
C3 NAG S . 41.61 6.84 -42.23
C4 NAG S . 41.41 5.32 -42.39
C5 NAG S . 42.17 4.49 -41.33
C6 NAG S . 42.23 3.00 -41.66
C7 NAG S . 44.00 9.37 -42.36
C8 NAG S . 45.39 9.62 -41.85
N2 NAG S . 43.22 8.61 -41.60
O3 NAG S . 41.21 7.56 -43.40
O4 NAG S . 40.01 4.99 -42.31
O5 NAG S . 43.50 4.97 -41.12
O6 NAG S . 42.07 2.28 -40.43
O7 NAG S . 43.63 9.83 -43.43
C1 NAG S . 39.50 4.69 -43.62
C2 NAG S . 38.42 3.62 -43.61
C3 NAG S . 37.91 3.34 -45.03
C4 NAG S . 37.66 4.61 -45.85
C5 NAG S . 38.80 5.61 -45.66
C6 NAG S . 38.53 6.94 -46.37
C7 NAG S . 38.21 1.63 -42.18
C8 NAG S . 39.03 0.72 -41.29
N2 NAG S . 38.92 2.39 -43.01
O3 NAG S . 36.68 2.60 -44.95
O4 NAG S . 37.58 4.24 -47.22
O5 NAG S . 38.98 5.86 -44.26
O6 NAG S . 39.74 7.70 -46.34
O7 NAG S . 37.00 1.64 -42.14
C1 NAG T . 24.76 31.94 -20.47
C2 NAG T . 25.34 32.74 -19.31
C3 NAG T . 25.41 34.22 -19.66
C4 NAG T . 25.64 34.55 -21.15
C5 NAG T . 25.46 33.39 -22.16
C6 NAG T . 26.38 33.53 -23.35
C7 NAG T . 25.01 31.81 -17.09
C8 NAG T . 24.38 32.08 -15.76
N2 NAG T . 24.55 32.55 -18.12
O3 NAG T . 26.46 34.83 -18.89
O4 NAG T . 24.74 35.60 -21.48
O5 NAG T . 25.66 32.11 -21.57
O6 NAG T . 27.56 34.24 -22.97
O7 NAG T . 25.88 30.98 -17.23
C1 NAG T . 25.48 36.82 -21.70
C2 NAG T . 24.81 37.65 -22.80
C3 NAG T . 25.58 38.93 -23.07
C4 NAG T . 25.94 39.65 -21.78
C5 NAG T . 26.55 38.69 -20.75
C6 NAG T . 26.82 39.37 -19.42
C7 NAG T . 23.55 36.37 -24.42
C8 NAG T . 23.59 35.56 -25.69
N2 NAG T . 24.71 36.87 -24.02
O3 NAG T . 24.76 39.79 -23.86
O4 NAG T . 26.87 40.70 -22.06
O5 NAG T . 25.65 37.60 -20.52
O6 NAG T . 25.61 39.98 -18.95
O7 NAG T . 22.50 36.52 -23.80
C1 NAG U . 12.13 42.52 60.80
C2 NAG U . 11.14 42.67 61.96
C3 NAG U . 11.87 43.06 63.22
C4 NAG U . 13.18 42.27 63.44
C5 NAG U . 13.91 41.80 62.18
C6 NAG U . 14.79 40.59 62.44
C7 NAG U . 8.84 43.41 61.67
C8 NAG U . 8.08 43.57 60.39
N2 NAG U . 10.14 43.68 61.64
O3 NAG U . 11.01 42.83 64.34
O4 NAG U . 14.10 43.08 64.19
O5 NAG U . 12.98 41.43 61.16
O6 NAG U . 14.17 39.72 63.40
O7 NAG U . 8.26 43.09 62.69
C1 NAG U . 14.18 42.63 65.55
C2 NAG U . 15.58 42.91 66.09
C3 NAG U . 15.69 42.50 67.56
C4 NAG U . 14.51 42.98 68.40
C5 NAG U . 13.18 42.70 67.69
C6 NAG U . 11.99 43.30 68.44
C7 NAG U . 17.38 42.86 64.48
C8 NAG U . 18.50 42.03 63.92
N2 NAG U . 16.57 42.22 65.31
O3 NAG U . 16.91 43.04 68.10
O4 NAG U . 14.55 42.29 69.65
O5 NAG U . 13.22 43.26 66.38
O6 NAG U . 11.07 43.83 67.49
O7 NAG U . 17.25 44.04 64.20
C1 NAG V . 13.50 58.87 32.77
C2 NAG V . 14.47 60.02 33.06
C3 NAG V . 14.69 60.84 31.78
C4 NAG V . 15.00 59.96 30.55
C5 NAG V . 14.17 58.67 30.52
C6 NAG V . 14.67 57.65 29.51
C7 NAG V . 14.55 60.83 35.31
C8 NAG V . 13.59 60.84 36.46
N2 NAG V . 13.96 60.86 34.12
O3 NAG V . 15.79 61.72 32.00
O4 NAG V . 14.70 60.70 29.35
O5 NAG V . 14.14 58.05 31.80
O6 NAG V . 13.91 57.81 28.29
O7 NAG V . 15.76 60.81 35.46
C1 NAG V . 15.91 61.04 28.65
C2 NAG V . 15.66 61.21 27.15
C3 NAG V . 16.95 61.61 26.44
C4 NAG V . 17.80 62.65 27.18
C5 NAG V . 17.80 62.44 28.69
C6 NAG V . 18.37 63.64 29.42
C7 NAG V . 14.22 60.01 25.60
C8 NAG V . 14.07 58.75 24.80
N2 NAG V . 15.12 60.00 26.60
O3 NAG V . 16.65 62.13 25.14
O4 NAG V . 19.14 62.57 26.69
O5 NAG V . 16.47 62.25 29.16
O6 NAG V . 17.73 63.78 30.68
O7 NAG V . 13.54 61.00 25.35
C1 NAG W . 6.59 61.57 11.87
C2 NAG W . 6.80 62.98 11.33
C3 NAG W . 7.30 62.90 9.89
C4 NAG W . 8.25 61.74 9.54
C5 NAG W . 8.07 60.49 10.42
C6 NAG W . 9.27 59.55 10.37
C7 NAG W . 5.35 64.63 12.32
C8 NAG W . 3.98 64.65 12.92
N2 NAG W . 5.56 63.72 11.38
O3 NAG W . 7.93 64.15 9.57
O4 NAG W . 8.02 61.38 8.18
O5 NAG W . 7.83 60.88 11.77
O6 NAG W . 10.47 60.33 10.34
O7 NAG W . 6.23 65.41 12.66
C1 NAG W . 9.18 61.75 7.41
C2 NAG W . 9.35 60.81 6.22
C3 NAG W . 10.59 61.16 5.40
C4 NAG W . 10.77 62.67 5.20
C5 NAG W . 10.49 63.45 6.49
C6 NAG W . 10.56 64.96 6.29
C7 NAG W . 8.62 58.49 6.23
C8 NAG W . 9.25 57.26 5.67
N2 NAG W . 9.45 59.43 6.67
O3 NAG W . 10.52 60.50 4.14
O4 NAG W . 12.10 62.89 4.76
O5 NAG W . 9.20 63.10 6.96
O6 NAG W . 9.58 65.57 7.12
O7 NAG W . 7.40 58.62 6.26
C1 NAG X . 18.84 49.15 47.02
C2 NAG X . 18.55 48.45 45.71
C3 NAG X . 19.08 47.03 45.84
C4 NAG X . 20.55 47.00 46.35
C5 NAG X . 20.94 48.13 47.33
C6 NAG X . 22.42 48.48 47.22
C7 NAG X . 16.74 49.40 44.43
C8 NAG X . 17.80 49.80 43.44
N2 NAG X . 17.16 48.51 45.34
O3 NAG X . 19.01 46.37 44.57
O4 NAG X . 20.76 45.77 47.03
O5 NAG X . 20.24 49.35 47.08
O6 NAG X . 23.14 47.89 48.31
O7 NAG X . 15.61 49.88 44.44
C1 NAG X . 21.80 44.97 46.42
C2 NAG X . 22.38 44.00 47.46
C3 NAG X . 23.59 43.28 46.86
C4 NAG X . 23.26 42.66 45.51
C5 NAG X . 22.46 43.61 44.60
C6 NAG X . 21.91 42.90 43.37
C7 NAG X . 22.04 44.43 49.81
C8 NAG X . 21.63 45.61 50.64
N2 NAG X . 22.70 44.69 48.68
O3 NAG X . 24.03 42.27 47.76
O4 NAG X . 24.46 42.30 44.86
O5 NAG X . 21.36 44.21 45.31
O6 NAG X . 22.01 41.47 43.53
O7 NAG X . 21.75 43.28 50.14
C1 NAG Y . 13.51 63.28 52.75
C2 NAG Y . 14.70 64.10 53.22
C3 NAG Y . 14.20 65.30 54.02
C4 NAG Y . 12.99 66.03 53.37
C5 NAG Y . 12.10 65.16 52.49
C6 NAG Y . 11.36 65.99 51.45
C7 NAG Y . 16.78 62.99 53.61
C8 NAG Y . 17.26 61.66 54.05
N2 NAG Y . 15.57 63.30 54.03
O3 NAG Y . 15.28 66.22 54.17
O4 NAG Y . 12.16 66.54 54.42
O5 NAG Y . 12.81 64.11 51.82
O6 NAG Y . 10.99 65.13 50.36
O7 NAG Y . 17.47 63.75 52.94
C1 NAG Y . 12.35 67.95 54.57
C2 NAG Y . 11.09 68.57 55.16
C3 NAG Y . 11.24 70.08 55.27
C4 NAG Y . 12.55 70.49 55.95
C5 NAG Y . 13.72 69.70 55.35
C6 NAG Y . 15.03 70.01 56.05
C7 NAG Y . 8.84 67.74 54.87
C8 NAG Y . 8.03 66.90 53.93
N2 NAG Y . 9.93 68.26 54.34
O3 NAG Y . 10.13 70.63 55.99
O4 NAG Y . 12.71 71.89 55.77
O5 NAG Y . 13.44 68.29 55.43
O6 NAG Y . 15.71 68.77 56.28
O7 NAG Y . 8.49 67.95 56.02
C1 NAG Z . 5.50 55.03 69.24
C2 NAG Z . 6.79 54.64 69.96
C3 NAG Z . 6.53 54.01 71.33
C4 NAG Z . 5.07 53.82 71.74
C5 NAG Z . 4.00 54.61 70.96
C6 NAG Z . 2.99 55.26 71.91
C7 NAG Z . 8.64 54.17 68.48
C8 NAG Z . 8.74 53.80 67.03
N2 NAG Z . 7.56 53.75 69.12
O3 NAG Z . 7.18 54.83 72.32
O4 NAG Z . 4.75 52.42 71.69
O5 NAG Z . 4.62 55.63 70.18
O6 NAG Z . 3.60 55.48 73.19
O7 NAG Z . 9.51 54.82 69.04
C1 NAG Z . 4.57 51.97 73.04
C2 NAG Z . 3.61 50.78 73.07
C3 NAG Z . 3.41 50.24 74.49
C4 NAG Z . 4.69 50.24 75.35
C5 NAG Z . 5.49 51.54 75.16
C6 NAG Z . 6.79 51.54 75.94
C7 NAG Z . 1.82 50.66 71.42
C8 NAG Z . 0.97 51.60 70.66
N2 NAG Z . 2.32 51.17 72.54
O3 NAG Z . 2.90 48.91 74.39
O4 NAG Z . 4.31 50.08 76.71
O5 NAG Z . 5.77 51.69 73.77
O6 NAG Z . 7.64 52.55 75.41
O7 NAG Z . 2.05 49.52 71.04
C1 NAG AA . -36.75 21.21 -31.53
C2 NAG AA . -35.57 20.48 -30.86
C3 NAG AA . -34.23 20.59 -31.60
C4 NAG AA . -34.36 20.68 -33.11
C5 NAG AA . -35.54 21.58 -33.49
C6 NAG AA . -35.68 21.77 -35.00
C7 NAG AA . -35.53 20.16 -28.44
C8 NAG AA . -34.27 19.96 -27.66
N2 NAG AA . -35.42 20.97 -29.50
O3 NAG AA . -33.44 19.43 -31.31
O4 NAG AA . -33.15 21.21 -33.64
O5 NAG AA . -36.72 21.00 -32.94
O6 NAG AA . -35.01 20.70 -35.69
O7 NAG AA . -36.60 19.65 -28.12
C1 NAG BA . -39.12 27.91 1.14
C2 NAG BA . -39.42 27.02 2.36
C3 NAG BA . -40.55 27.60 3.21
C4 NAG BA . -40.39 29.10 3.45
C5 NAG BA . -40.01 29.85 2.17
C6 NAG BA . -39.69 31.31 2.44
C7 NAG BA . -38.98 24.66 2.07
C8 NAG BA . -39.01 23.64 0.98
N2 NAG BA . -39.79 25.70 1.93
O3 NAG BA . -40.59 26.92 4.46
O4 NAG BA . -41.63 29.62 3.96
O5 NAG BA . -38.86 29.25 1.58
O6 NAG BA . -38.27 31.50 2.48
O7 NAG BA . -38.25 24.55 3.05
C1 NAG CA . -7.56 35.77 -22.14
C2 NAG CA . -6.05 36.02 -22.02
C3 NAG CA . -5.63 37.33 -22.67
C4 NAG CA . -6.18 37.43 -24.09
C5 NAG CA . -7.67 37.11 -24.13
C6 NAG CA . -8.19 37.09 -25.56
C7 NAG CA . -4.98 34.96 -20.14
C8 NAG CA . -5.16 34.69 -18.67
N2 NAG CA . -5.65 35.99 -20.63
O3 NAG CA . -4.21 37.39 -22.72
O4 NAG CA . -5.98 38.75 -24.59
O5 NAG CA . -7.92 35.84 -23.53
O6 NAG CA . -8.30 35.73 -25.99
O7 NAG CA . -4.25 34.25 -20.83
C1 NAG DA . -19.81 50.86 -13.89
C2 NAG DA . -20.73 50.82 -15.11
C3 NAG DA . -19.97 51.07 -16.41
C4 NAG DA . -19.03 52.28 -16.29
C5 NAG DA . -18.22 52.24 -14.99
C6 NAG DA . -17.40 53.49 -14.77
C7 NAG DA . -22.65 49.35 -14.85
C8 NAG DA . -22.98 48.00 -14.29
N2 NAG DA . -21.38 49.52 -15.20
O3 NAG DA . -20.89 51.28 -17.47
O4 NAG DA . -18.15 52.29 -17.42
O5 NAG DA . -19.12 52.13 -13.89
O6 NAG DA . -18.19 54.64 -15.10
O7 NAG DA . -23.49 50.24 -14.96
C1 NAG EA . -5.95 72.42 18.97
C2 NAG EA . -4.93 73.17 19.85
C3 NAG EA . -4.79 74.63 19.43
C4 NAG EA . -4.52 74.73 17.93
C5 NAG EA . -5.50 73.87 17.13
C6 NAG EA . -5.11 73.80 15.65
C7 NAG EA . -4.58 72.41 22.13
C8 NAG EA . -5.34 71.48 23.04
N2 NAG EA . -5.32 73.09 21.25
O3 NAG EA . -3.71 75.24 20.13
O4 NAG EA . -4.63 76.08 17.50
O5 NAG EA . -5.51 72.53 17.62
O6 NAG EA . -3.69 73.72 15.54
O7 NAG EA . -3.36 72.53 22.19
C1 NAG FA . -20.84 66.30 16.59
C2 NAG FA . -21.65 65.07 16.22
C3 NAG FA . -21.35 64.62 14.79
C4 NAG FA . -21.31 65.76 13.77
C5 NAG FA . -20.47 66.93 14.31
C6 NAG FA . -20.49 68.13 13.38
C7 NAG FA . -22.09 63.52 18.08
C8 NAG FA . -21.38 62.63 19.05
N2 NAG FA . -21.32 63.97 17.09
O3 NAG FA . -22.31 63.63 14.40
O4 NAG FA . -20.72 65.25 12.57
O5 NAG FA . -20.97 67.33 15.59
O6 NAG FA . -19.56 67.95 12.32
O7 NAG FA . -23.27 63.80 18.19
C1 NAG GA . -32.85 -21.73 -43.26
C2 NAG GA . -32.54 -20.73 -44.37
C3 NAG GA . -32.00 -21.46 -45.59
C4 NAG GA . -30.86 -22.41 -45.20
C5 NAG GA . -31.22 -23.28 -43.99
C6 NAG GA . -30.01 -24.05 -43.49
C7 NAG GA . -33.68 -18.68 -45.02
C8 NAG GA . -34.87 -18.16 -45.79
N2 NAG GA . -33.74 -19.98 -44.70
O3 NAG GA . -31.50 -20.52 -46.54
O4 NAG GA . -30.54 -23.24 -46.30
O5 NAG GA . -31.68 -22.46 -42.92
O6 NAG GA . -28.86 -23.19 -43.49
O7 NAG GA . -32.74 -17.97 -44.71
C1 NAG HA . 17.62 -3.35 -56.85
C2 NAG HA . 16.91 -2.77 -55.62
C3 NAG HA . 15.57 -2.16 -56.01
C4 NAG HA . 15.68 -1.25 -57.24
C5 NAG HA . 16.52 -1.90 -58.34
C6 NAG HA . 16.77 -0.93 -59.50
C7 NAG HA . 16.95 -3.56 -53.32
C8 NAG HA . 16.51 -4.65 -52.39
N2 NAG HA . 16.72 -3.80 -54.61
O3 NAG HA . 15.04 -1.41 -54.92
O4 NAG HA . 14.37 -0.98 -57.72
O5 NAG HA . 17.78 -2.31 -57.82
O6 NAG HA . 17.75 0.03 -59.08
O7 NAG HA . 17.46 -2.53 -52.91
C1 NAG IA . -19.92 -32.68 34.94
C2 NAG IA . -20.79 -31.78 34.05
C3 NAG IA . -22.11 -31.44 34.75
C4 NAG IA . -22.80 -32.67 35.35
C5 NAG IA . -21.79 -33.59 36.06
C6 NAG IA . -22.42 -34.94 36.43
C7 NAG IA . -19.71 -30.30 32.47
C8 NAG IA . -18.35 -29.71 32.30
N2 NAG IA . -20.10 -30.56 33.72
O3 NAG IA . -23.00 -30.84 33.81
O4 NAG IA . -23.80 -32.24 36.26
O5 NAG IA . -20.67 -33.85 35.22
O6 NAG IA . -21.54 -36.02 36.06
O7 NAG IA . -20.44 -30.53 31.52
C1 NAG JA . 12.64 -54.15 30.86
C2 NAG JA . 14.05 -54.42 31.44
C3 NAG JA . 15.08 -53.93 30.43
C4 NAG JA . 14.86 -54.61 29.09
C5 NAG JA . 13.39 -54.51 28.64
C6 NAG JA . 13.11 -55.29 27.37
C7 NAG JA . 14.19 -54.54 33.85
C8 NAG JA . 14.67 -53.88 35.10
N2 NAG JA . 14.26 -53.81 32.74
O3 NAG JA . 16.40 -54.22 30.92
O4 NAG JA . 15.69 -53.94 28.12
O5 NAG JA . 12.49 -54.93 29.68
O6 NAG JA . 13.31 -54.42 26.25
O7 NAG JA . 13.76 -55.68 33.86
C1 NAG KA . 14.70 -18.55 41.94
C2 NAG KA . 13.78 -17.97 43.01
C3 NAG KA . 14.56 -17.72 44.30
C4 NAG KA . 15.33 -18.96 44.73
C5 NAG KA . 16.09 -19.62 43.58
C6 NAG KA . 16.57 -21.01 43.97
C7 NAG KA . 11.89 -16.63 42.20
C8 NAG KA . 11.03 -15.85 43.15
N2 NAG KA . 13.18 -16.73 42.54
O3 NAG KA . 13.66 -17.34 45.34
O4 NAG KA . 16.25 -18.61 45.77
O5 NAG KA . 15.26 -19.78 42.43
O6 NAG KA . 15.44 -21.85 44.15
O7 NAG KA . 11.44 -17.14 41.19
C1 NAG LA . -43.30 -26.66 -7.51
C2 NAG LA . -44.07 -26.96 -6.21
C3 NAG LA . -45.49 -26.43 -6.26
C4 NAG LA . -45.50 -24.95 -6.65
C5 NAG LA . -44.67 -24.72 -7.92
C6 NAG LA . -44.53 -23.25 -8.27
C7 NAG LA . -43.41 -28.87 -4.88
C8 NAG LA . -43.82 -30.25 -4.46
N2 NAG LA . -44.05 -28.38 -5.94
O3 NAG LA . -46.10 -26.62 -4.99
O4 NAG LA . -46.86 -24.58 -6.89
O5 NAG LA . -43.37 -25.26 -7.75
O6 NAG LA . -45.56 -22.88 -9.19
O7 NAG LA . -42.54 -28.25 -4.29
C1 NAG MA . -5.01 -4.62 47.73
C2 NAG MA . -3.84 -5.58 47.95
C3 NAG MA . -3.07 -5.26 49.22
C4 NAG MA . -2.80 -3.75 49.39
C5 NAG MA . -4.05 -2.94 49.09
C6 NAG MA . -3.80 -1.45 49.16
C7 NAG MA . -4.16 -7.81 46.97
C8 NAG MA . -3.05 -8.80 47.10
N2 NAG MA . -4.31 -6.95 47.98
O3 NAG MA . -1.82 -5.97 49.20
O4 NAG MA . -2.36 -3.54 50.73
O5 NAG MA . -4.50 -3.27 47.77
O6 NAG MA . -4.69 -0.77 48.27
O7 NAG MA . -4.90 -7.78 45.99
C1 NAG NA . -37.73 -5.60 23.65
C2 NAG NA . -37.83 -4.12 23.27
C3 NAG NA . -39.25 -3.57 23.43
C4 NAG NA . -40.31 -4.53 22.87
C5 NAG NA . -40.06 -5.96 23.36
C6 NAG NA . -41.05 -6.96 22.82
C7 NAG NA . -35.78 -2.85 23.60
C8 NAG NA . -35.01 -1.99 24.56
N2 NAG NA . -36.92 -3.35 24.08
O3 NAG NA . -39.34 -2.31 22.75
O4 NAG NA . -41.59 -4.10 23.30
O5 NAG NA . -38.74 -6.35 22.96
O6 NAG NA . -40.48 -7.66 21.71
O7 NAG NA . -35.37 -3.08 22.46
C1 NAG OA . -38.66 1.38 44.16
C2 NAG OA . -39.49 1.08 45.43
C3 NAG OA . -40.68 0.19 45.11
C4 NAG OA . -41.45 0.65 43.88
C5 NAG OA . -40.50 1.00 42.73
C6 NAG OA . -41.23 1.60 41.54
C7 NAG OA . -38.10 1.16 47.44
C8 NAG OA . -37.01 0.46 48.18
N2 NAG OA . -38.66 0.47 46.45
O3 NAG OA . -41.55 0.16 46.24
O4 NAG OA . -42.32 -0.41 43.47
O5 NAG OA . -39.53 1.95 43.17
O6 NAG OA . -41.29 0.63 40.48
O7 NAG OA . -38.43 2.31 47.70
C1 NAG PA . -40.76 42.32 48.62
C2 NAG PA . -41.35 43.68 48.18
C3 NAG PA . -42.71 43.94 48.82
C4 NAG PA . -43.64 42.73 48.72
C5 NAG PA . -42.92 41.44 49.12
C6 NAG PA . -43.79 40.22 48.94
C7 NAG PA . -39.78 45.44 47.59
C8 NAG PA . -38.33 45.72 47.90
N2 NAG PA . -40.44 44.76 48.53
O3 NAG PA . -43.31 45.07 48.18
O4 NAG PA . -44.76 42.96 49.58
O5 NAG PA . -41.74 41.31 48.33
O6 NAG PA . -43.03 39.16 48.34
O7 NAG PA . -40.31 45.81 46.56
C1 NAG QA . -31.13 32.70 57.15
C2 NAG QA . -30.49 31.42 57.70
C3 NAG QA . -31.17 30.16 57.18
C4 NAG QA . -32.70 30.25 57.16
C5 NAG QA . -33.13 31.60 56.57
C6 NAG QA . -34.65 31.81 56.54
C7 NAG QA . -28.11 31.80 58.15
C8 NAG QA . -26.78 32.05 57.50
N2 NAG QA . -29.08 31.38 57.34
O3 NAG QA . -30.78 29.05 57.99
O4 NAG QA . -33.20 29.19 56.36
O5 NAG QA . -32.56 32.66 57.32
O6 NAG QA . -34.92 32.80 55.54
O7 NAG QA . -28.28 32.00 59.35
C1 NAG RA . -21.98 -38.58 -23.83
C2 NAG RA . -22.50 -37.98 -22.52
C3 NAG RA . -22.11 -38.81 -21.29
C4 NAG RA . -21.67 -40.27 -21.52
C5 NAG RA . -21.33 -40.62 -22.98
C6 NAG RA . -21.37 -42.12 -23.20
C7 NAG RA . -21.76 -35.89 -21.36
C8 NAG RA . -22.94 -35.17 -20.75
N2 NAG RA . -22.03 -36.60 -22.46
O3 NAG RA . -23.22 -38.82 -20.37
O4 NAG RA . -20.54 -40.53 -20.69
O5 NAG RA . -22.25 -39.98 -23.85
O6 NAG RA . -22.55 -42.46 -23.92
O7 NAG RA . -20.64 -35.81 -20.88
C1 NAG SA . -3.36 -40.03 9.55
C2 NAG SA . -1.86 -39.77 9.58
C3 NAG SA . -1.38 -39.49 8.17
C4 NAG SA . -1.79 -40.62 7.22
C5 NAG SA . -3.30 -40.92 7.36
C6 NAG SA . -3.72 -42.11 6.50
C7 NAG SA . -1.28 -38.71 11.72
C8 NAG SA . -1.97 -37.70 12.59
N2 NAG SA . -1.58 -38.63 10.42
O3 NAG SA . 0.03 -39.34 8.17
O4 NAG SA . -1.47 -40.22 5.89
O5 NAG SA . -3.65 -41.16 8.72
O6 NAG SA . -3.72 -41.71 5.12
O7 NAG SA . -0.54 -39.54 12.16
C1 NAG TA . 46.74 7.60 -1.55
C2 NAG TA . 46.09 7.05 -0.27
C3 NAG TA . 46.95 7.30 0.96
C4 NAG TA . 48.42 6.94 0.74
C5 NAG TA . 48.93 7.46 -0.62
C6 NAG TA . 50.31 6.93 -0.97
C7 NAG TA . 43.68 6.89 -0.19
C8 NAG TA . 42.64 7.38 -1.16
N2 NAG TA . 44.77 7.63 -0.06
O3 NAG TA . 46.45 6.53 2.05
O4 NAG TA . 49.18 7.50 1.81
O5 NAG TA . 48.05 7.04 -1.65
O6 NAG TA . 50.30 6.40 -2.31
O7 NAG TA . 43.51 5.88 0.46
C1 NAG UA . 30.42 -11.40 -19.18
C2 NAG UA . 30.57 -12.92 -19.35
C3 NAG UA . 29.69 -13.69 -18.38
C4 NAG UA . 29.71 -13.14 -16.97
C5 NAG UA . 29.56 -11.61 -16.97
C6 NAG UA . 29.68 -11.02 -15.58
C7 NAG UA . 31.17 -13.60 -21.61
C8 NAG UA . 30.76 -13.39 -23.04
N2 NAG UA . 30.24 -13.28 -20.71
O3 NAG UA . 30.11 -15.06 -18.38
O4 NAG UA . 28.63 -13.71 -16.25
O5 NAG UA . 30.58 -11.05 -17.80
O6 NAG UA . 30.81 -11.61 -14.93
O7 NAG UA . 32.27 -14.01 -21.30
C1 NAG VA . 27.51 35.84 6.12
C2 NAG VA . 26.16 36.55 6.35
C3 NAG VA . 26.31 38.08 6.43
C4 NAG VA . 27.51 38.53 7.27
C5 NAG VA . 28.75 37.72 6.88
C6 NAG VA . 29.96 38.10 7.70
C7 NAG VA . 25.28 35.79 4.10
C8 NAG VA . 25.43 36.83 3.03
N2 NAG VA . 25.12 36.23 5.36
O3 NAG VA . 25.09 38.64 6.96
O4 NAG VA . 27.71 39.92 7.00
O5 NAG VA . 28.47 36.34 7.08
O6 NAG VA . 30.46 36.94 8.37
O7 NAG VA . 25.29 34.61 3.83
C1 NAG WA . 31.16 2.81 27.81
C2 NAG WA . 29.96 2.29 28.63
C3 NAG WA . 30.34 2.13 30.11
C4 NAG WA . 31.67 1.43 30.31
C5 NAG WA . 32.75 2.00 29.38
C6 NAG WA . 34.05 1.21 29.46
C7 NAG WA . 27.79 2.92 27.74
C8 NAG WA . 27.22 4.08 26.98
N2 NAG WA . 28.84 3.19 28.52
O3 NAG WA . 29.29 1.40 30.77
O4 NAG WA . 32.07 1.59 31.68
O5 NAG WA . 32.28 1.94 28.04
O6 NAG WA . 34.46 0.78 28.16
O7 NAG WA . 27.32 1.80 27.67
C1 NAG XA . 37.80 22.73 34.01
C2 NAG XA . 38.44 21.82 32.94
C3 NAG XA . 39.22 20.66 33.57
C4 NAG XA . 40.13 21.12 34.70
C5 NAG XA . 39.38 22.07 35.66
C6 NAG XA . 40.31 22.64 36.71
C7 NAG XA . 37.40 21.56 30.75
C8 NAG XA . 37.88 20.45 29.84
N2 NAG XA . 37.43 21.27 32.06
O3 NAG XA . 40.04 20.05 32.56
O4 NAG XA . 40.57 19.97 35.42
O5 NAG XA . 38.83 23.15 34.92
O6 NAG XA . 41.53 23.02 36.08
O7 NAG XA . 37.04 22.65 30.34
C1 NAG YA . 32.37 -14.31 -34.36
C2 NAG YA . 32.85 -14.74 -32.96
C3 NAG YA . 31.72 -15.21 -32.03
C4 NAG YA . 30.51 -14.30 -32.09
C5 NAG YA . 30.12 -14.08 -33.54
C6 NAG YA . 28.90 -13.17 -33.65
C7 NAG YA . 35.10 -15.64 -32.83
C8 NAG YA . 36.01 -16.27 -33.85
N2 NAG YA . 33.81 -15.82 -33.06
O3 NAG YA . 32.21 -15.26 -30.69
O4 NAG YA . 29.43 -14.93 -31.38
O5 NAG YA . 31.22 -13.47 -34.22
O6 NAG YA . 29.16 -12.10 -34.57
O7 NAG YA . 35.51 -15.01 -31.86
C1 NAG ZA . 28.96 -32.08 19.89
C2 NAG ZA . 30.07 -32.66 19.02
C3 NAG ZA . 30.40 -34.08 19.43
C4 NAG ZA . 30.65 -34.21 20.93
C5 NAG ZA . 29.53 -33.54 21.74
C6 NAG ZA . 29.93 -33.43 23.20
C7 NAG ZA . 29.75 -31.70 16.78
C8 NAG ZA . 31.14 -31.20 16.53
N2 NAG ZA . 29.63 -32.70 17.65
O3 NAG ZA . 31.55 -34.53 18.71
O4 NAG ZA . 30.70 -35.61 21.24
O5 NAG ZA . 29.26 -32.22 21.28
O6 NAG ZA . 28.82 -32.91 23.94
O7 NAG ZA . 28.78 -31.22 16.23
#